data_9MK3
#
_entry.id   9MK3
#
_cell.length_a   81.916
_cell.length_b   198.585
_cell.length_c   140.363
_cell.angle_alpha   90
_cell.angle_beta   95.272
_cell.angle_gamma   90
#
_symmetry.space_group_name_H-M   'P 1 21 1'
#
loop_
_entity.id
_entity.type
_entity.pdbx_description
1 polymer 'CRISPR-associated endonuclease Cas12a'
2 polymer 'gRNA (41-MER)'
3 polymer 'TS DNA (31-MER)'
4 polymer "NTS DNA (5'-D(*CP*AP*GP*TP*CP*CP*TP*TP*TP*T)-3')"
5 non-polymer 'SODIUM ION'
6 non-polymer 'CHLORIDE ION'
7 non-polymer 1,2-ETHANEDIOL
8 water water
#
loop_
_entity_poly.entity_id
_entity_poly.type
_entity_poly.pdbx_seq_one_letter_code
_entity_poly.pdbx_strand_id
1 'polypeptide(L)'
;MTQFEGFTNLYQVSKTLRFELIPQGKTLKHIQEQGFIEEDKARNDHYKELKPIIDRIYKTYADQCLQLVQLDWENLSAAI
DSYRKEKTEETRNALIEEQATYRNAIHDYFIGRTDNLTDAINKRHAEIYKGLFKAELFNGKVLKQLGTVTTTEHENALLR
SFDKFTTYFSGFYENRKNVFSAEDISTAIPHRIVQDNFPKFKENCHIFTRLITAVPSLREHFENVKKAIGIFVSTSIEEV
FSFPFYNQLLTQTQIDLYNQLLGGISREAGTEKIKGLNEVLNLAIQKNDETAHIIASLPHRFIPLFKQILSDRNTLSFIL
EEFKSDEEVIQSFCKYKTLLRNENVLETAEALFNELNSIDLTHIFISHKKLETISSALCDHWDTLRNALYERRISELTGK
ITKSAKEKVQRSLKHEDINLQEIISAAGKELSEAFKQKTSEILSHAHAALDQPLPTTLKKQEEKEILKSQLDSLLGLYHL
LDWFAVDESNEVDPEFSARLTGIKLEMEPSLSFYNKARNYATKKPYSVEKFKLNFQRPTLASGWDVNKEKNNGAILFVKN
GLYYLGIMPKQKGRYKALSFEPTEKTSEGFDKMYYDYFPDAAKMIPKCSTQLKAVTAHFQTHTTPILLSNNFIEPLEITK
EIYDLNNPEKEPKKFQTAYAKKTGDQKGYREALCKWIDFTRDFLSKYTKTTSIDLSSLRPSSQYKDLGEYYAELNPLLYH
ISFQRIAEKEIMDAVETGKLYLFQIYNKDFAKGHHGKPNLHTLYWTGLFSPENLAKTSIKLNGQAELFYRPKSRMKRMAH
RLGEKMLNKKLKDQKTPIPDTLYQELYDYVNHRLSHDLSDEARALLPNVITKEVSHEIIKDRRFTSDKFLFHVPITLNYQ
AANSPSKFNQRVNAYLKEHPETPIIGIDRGERNLIYITVIDSTGKILEQRSLNTIQQFDYQKKLDNREKERVAARQAWSV
VGTIKDLKQGYLSQVIHEIVDLMIHYQAVVVLENLNFGFKSKRTGIAEKAVYQQFEKMLIDKLNCLVLKDYPAEKVGGVL
NPYQLTDQFTSFAKMGTQSGFLFYVPAPYTSKIDPLTGFVDPFVWKTIKNHESRKHFLEGFDFLHYDVKTGDFILHFKMN
RNLSFQRGLPGFMPAWDIVFEKNETQFDAKGTPFIAGKRIVPVIENHRFTGRYRDLYPANELIALLEEKGIVFRDGSNIL
PKLLENDDSHAIDTMVALIRSVLQMRNSNAATGEDYINSPVRDLNGVCFDSRFQNPEWPMDADANGAYHIALKGQLLLNH
LKESKDLKLQNGISNQDWLAYIQELRN
;
A,E
2 'polyribonucleotide' UAAUUUCUACUCUUGUAGAUGGAAAUUAGGUGCGCUUGGCAACC B,F
3 'polydeoxyribonucleotide'
;(DG)(DG)(DT)(DT)(DG)(DC)(DC)(DA)(DA)(DG)(DC)(DG)(DC)(DA)(DC)(DC)(DT)(DA)(DA)(DT)
(DT)(DT)(DC)(DC)(DA)(DA)(DA)(DA)(DG)(DG)(DA)(DC)(DT)(DG)
;
C,G
4 'polydeoxyribonucleotide' (DC)(DA)(DG)(DT)(DC)(DC)(DT)(DT)(DT)(DT) D,H
#
# COMPACT_ATOMS: atom_id res chain seq x y z
N MET A 1 -57.76 24.36 -17.66
CA MET A 1 -56.80 23.71 -16.72
C MET A 1 -55.62 24.65 -16.48
N THR A 2 -54.68 24.21 -15.63
CA THR A 2 -53.49 24.98 -15.29
C THR A 2 -52.37 24.70 -16.29
N GLN A 3 -51.34 25.55 -16.26
CA GLN A 3 -50.21 25.46 -17.16
C GLN A 3 -48.94 25.97 -16.49
N PHE A 4 -47.80 25.44 -16.96
CA PHE A 4 -46.49 25.79 -16.43
C PHE A 4 -46.26 27.27 -16.66
N GLU A 5 -46.66 27.76 -17.85
CA GLU A 5 -46.52 29.15 -18.24
C GLU A 5 -47.39 30.05 -17.36
N GLY A 6 -48.23 29.44 -16.51
CA GLY A 6 -49.06 30.20 -15.57
C GLY A 6 -48.35 30.52 -14.27
N PHE A 7 -47.03 30.24 -14.20
CA PHE A 7 -46.25 30.55 -13.01
C PHE A 7 -45.47 31.83 -13.29
N THR A 8 -46.21 32.94 -13.32
CA THR A 8 -45.61 34.25 -13.50
C THR A 8 -46.59 35.31 -12.98
N ASN A 9 -46.03 36.47 -12.60
CA ASN A 9 -46.79 37.62 -12.14
C ASN A 9 -47.63 37.25 -10.92
N LEU A 10 -47.02 36.49 -10.00
CA LEU A 10 -47.68 36.06 -8.77
C LEU A 10 -47.21 36.88 -7.57
N TYR A 11 -46.00 37.46 -7.64
CA TYR A 11 -45.59 38.36 -6.57
C TYR A 11 -44.39 39.21 -6.98
N GLN A 12 -44.31 40.39 -6.36
CA GLN A 12 -43.24 41.34 -6.63
C GLN A 12 -41.93 40.82 -6.07
N VAL A 13 -40.85 41.11 -6.82
CA VAL A 13 -39.50 40.72 -6.46
C VAL A 13 -38.62 41.95 -6.66
N SER A 14 -37.89 42.36 -5.62
CA SER A 14 -37.06 43.54 -5.70
C SER A 14 -35.60 43.15 -5.90
N LYS A 15 -34.90 43.93 -6.75
CA LYS A 15 -33.49 43.68 -7.01
C LYS A 15 -32.74 45.00 -7.11
N THR A 16 -31.42 44.93 -6.94
CA THR A 16 -30.54 46.07 -7.16
C THR A 16 -29.63 45.79 -8.36
N LEU A 17 -29.59 46.75 -9.29
CA LEU A 17 -28.65 46.70 -10.39
C LEU A 17 -27.44 47.55 -10.01
N ARG A 18 -26.27 47.19 -10.52
CA ARG A 18 -25.06 47.94 -10.23
C ARG A 18 -24.37 48.30 -11.54
N PHE A 19 -24.02 49.60 -11.67
CA PHE A 19 -23.37 50.12 -12.85
C PHE A 19 -22.18 50.98 -12.45
N GLU A 20 -21.32 51.24 -13.46
CA GLU A 20 -20.32 52.29 -13.41
C GLU A 20 -20.91 53.55 -14.04
N LEU A 21 -20.55 54.71 -13.48
CA LEU A 21 -20.89 56.02 -14.03
C LEU A 21 -19.63 56.62 -14.63
N ILE A 22 -19.72 57.02 -15.91
CA ILE A 22 -18.61 57.65 -16.59
C ILE A 22 -18.94 59.13 -16.76
N PRO A 23 -18.23 60.05 -16.08
CA PRO A 23 -18.50 61.47 -16.23
C PRO A 23 -18.26 61.96 -17.65
N GLN A 24 -19.10 62.91 -18.09
CA GLN A 24 -19.04 63.45 -19.44
C GLN A 24 -18.69 64.93 -19.36
N GLY A 25 -18.10 65.46 -20.45
CA GLY A 25 -17.79 66.88 -20.54
C GLY A 25 -16.94 67.34 -19.36
N LYS A 26 -17.25 68.52 -18.82
CA LYS A 26 -16.45 69.11 -17.76
C LYS A 26 -16.91 68.61 -16.39
N THR A 27 -17.64 67.50 -16.34
CA THR A 27 -18.25 67.04 -15.10
C THR A 27 -17.16 66.74 -14.08
N LEU A 28 -16.13 65.99 -14.50
CA LEU A 28 -15.08 65.62 -13.56
C LEU A 28 -14.37 66.87 -13.06
N LYS A 29 -14.11 67.84 -13.94
CA LYS A 29 -13.39 69.05 -13.56
C LYS A 29 -14.18 69.80 -12.49
N HIS A 30 -15.49 69.97 -12.71
CA HIS A 30 -16.34 70.68 -11.76
C HIS A 30 -16.39 69.95 -10.42
N ILE A 31 -16.47 68.61 -10.46
CA ILE A 31 -16.49 67.82 -9.24
C ILE A 31 -15.21 68.07 -8.45
N GLN A 32 -14.06 68.16 -9.14
CA GLN A 32 -12.78 68.36 -8.51
C GLN A 32 -12.67 69.79 -7.94
N GLU A 33 -13.09 70.78 -8.73
CA GLU A 33 -13.02 72.18 -8.32
C GLU A 33 -13.82 72.39 -7.04
N GLN A 34 -15.02 71.81 -6.99
CA GLN A 34 -15.93 71.97 -5.86
C GLN A 34 -15.47 71.18 -4.64
N GLY A 35 -14.62 70.16 -4.86
CA GLY A 35 -14.05 69.34 -3.79
C GLY A 35 -15.10 68.47 -3.10
N PHE A 36 -15.94 67.81 -3.90
CA PHE A 36 -17.06 67.03 -3.39
C PHE A 36 -16.61 65.65 -2.91
N ILE A 37 -15.66 65.03 -3.61
CA ILE A 37 -15.20 63.70 -3.24
C ILE A 37 -14.62 63.74 -1.82
N GLU A 38 -13.76 64.72 -1.56
CA GLU A 38 -13.13 64.86 -0.25
C GLU A 38 -14.21 65.14 0.80
N GLU A 39 -15.21 65.94 0.42
CA GLU A 39 -16.27 66.36 1.32
C GLU A 39 -17.11 65.16 1.74
N ASP A 40 -17.41 64.29 0.77
CA ASP A 40 -18.25 63.12 0.99
C ASP A 40 -17.45 62.02 1.70
N LYS A 41 -16.16 61.87 1.37
CA LYS A 41 -15.30 60.98 2.13
C LYS A 41 -15.25 61.43 3.60
N ALA A 42 -15.17 62.75 3.83
CA ALA A 42 -15.06 63.28 5.18
C ALA A 42 -16.35 63.03 5.98
N ARG A 43 -17.51 63.11 5.32
CA ARG A 43 -18.77 62.82 5.99
CA ARG A 43 -18.79 62.82 5.97
C ARG A 43 -18.75 61.37 6.45
N ASN A 44 -18.26 60.47 5.59
CA ASN A 44 -18.27 59.04 5.86
C ASN A 44 -17.48 58.75 7.13
N ASP A 45 -16.28 59.35 7.24
CA ASP A 45 -15.41 59.18 8.40
C ASP A 45 -16.06 59.79 9.65
N HIS A 46 -16.75 60.92 9.49
CA HIS A 46 -17.45 61.56 10.59
C HIS A 46 -18.58 60.67 11.08
N TYR A 47 -19.24 59.97 10.14
CA TYR A 47 -20.30 59.04 10.49
C TYR A 47 -19.75 57.91 11.35
N LYS A 48 -18.56 57.42 10.98
CA LYS A 48 -17.97 56.26 11.65
C LYS A 48 -17.49 56.59 13.06
N GLU A 49 -16.92 57.80 13.26
CA GLU A 49 -16.51 58.25 14.58
C GLU A 49 -17.72 58.50 15.47
N LEU A 50 -18.77 59.08 14.88
CA LEU A 50 -19.92 59.55 15.62
C LEU A 50 -20.82 58.39 16.07
N LYS A 51 -20.93 57.34 15.22
CA LYS A 51 -21.85 56.23 15.45
C LYS A 51 -21.69 55.64 16.85
N PRO A 52 -20.47 55.25 17.30
CA PRO A 52 -20.27 54.75 18.65
C PRO A 52 -20.68 55.72 19.75
N ILE A 53 -20.47 57.02 19.50
CA ILE A 53 -20.77 58.06 20.49
C ILE A 53 -22.28 58.13 20.66
N ILE A 54 -22.99 58.25 19.54
CA ILE A 54 -24.44 58.28 19.54
C ILE A 54 -24.98 56.99 20.15
N ASP A 55 -24.36 55.87 19.80
CA ASP A 55 -24.75 54.56 20.31
C ASP A 55 -24.72 54.53 21.84
N ARG A 56 -23.90 55.39 22.47
CA ARG A 56 -23.82 55.44 23.93
C ARG A 56 -25.17 55.87 24.51
N ILE A 57 -25.92 56.69 23.76
CA ILE A 57 -27.23 57.13 24.21
C ILE A 57 -28.15 55.91 24.34
N TYR A 58 -28.19 55.08 23.31
CA TYR A 58 -29.12 53.95 23.26
C TYR A 58 -28.71 52.93 24.32
N LYS A 59 -27.40 52.64 24.41
CA LYS A 59 -26.91 51.61 25.30
C LYS A 59 -27.28 51.92 26.76
N THR A 60 -27.15 53.20 27.15
CA THR A 60 -27.41 53.63 28.52
C THR A 60 -28.91 53.54 28.80
N TYR A 61 -29.72 54.16 27.92
CA TYR A 61 -31.15 54.22 28.12
C TYR A 61 -31.71 52.80 28.20
N ALA A 62 -31.18 51.90 27.37
CA ALA A 62 -31.66 50.52 27.30
C ALA A 62 -31.36 49.79 28.61
N ASP A 63 -30.17 50.03 29.17
CA ASP A 63 -29.75 49.38 30.41
C ASP A 63 -30.52 49.96 31.59
N GLN A 64 -30.81 51.28 31.54
CA GLN A 64 -31.51 51.94 32.62
C GLN A 64 -32.93 51.40 32.73
N CYS A 65 -33.56 51.17 31.57
CA CYS A 65 -34.88 50.56 31.49
C CYS A 65 -34.83 49.10 31.95
N LEU A 66 -33.79 48.37 31.53
CA LEU A 66 -33.72 46.93 31.75
C LEU A 66 -33.35 46.59 33.19
N GLN A 67 -32.84 47.55 33.95
CA GLN A 67 -32.49 47.30 35.34
C GLN A 67 -33.73 47.26 36.21
N LEU A 68 -34.80 47.91 35.75
CA LEU A 68 -36.02 48.09 36.54
C LEU A 68 -37.01 46.96 36.28
N VAL A 69 -36.73 46.09 35.30
CA VAL A 69 -37.68 45.09 34.84
C VAL A 69 -37.83 43.99 35.91
N GLN A 70 -39.10 43.76 36.30
CA GLN A 70 -39.45 42.61 37.12
C GLN A 70 -40.74 42.00 36.57
N LEU A 71 -40.62 40.84 35.91
CA LEU A 71 -41.75 40.10 35.39
C LEU A 71 -41.87 38.77 36.12
N ASP A 72 -43.02 38.11 35.93
CA ASP A 72 -43.22 36.74 36.35
C ASP A 72 -43.17 35.87 35.10
N TRP A 73 -42.30 34.86 35.07
CA TRP A 73 -42.00 34.17 33.83
C TRP A 73 -42.77 32.86 33.71
N GLU A 74 -43.67 32.59 34.68
CA GLU A 74 -44.29 31.28 34.81
C GLU A 74 -45.17 30.99 33.59
N ASN A 75 -45.91 32.00 33.14
CA ASN A 75 -46.91 31.81 32.10
C ASN A 75 -46.24 31.47 30.78
N LEU A 76 -45.11 32.15 30.49
CA LEU A 76 -44.32 31.86 29.31
C LEU A 76 -43.72 30.45 29.42
N SER A 77 -43.19 30.12 30.60
CA SER A 77 -42.67 28.79 30.85
C SER A 77 -43.73 27.75 30.51
N ALA A 78 -44.96 27.97 31.01
CA ALA A 78 -46.06 27.03 30.82
C ALA A 78 -46.37 26.84 29.34
N ALA A 79 -46.51 27.96 28.61
CA ALA A 79 -46.82 27.92 27.19
C ALA A 79 -45.77 27.12 26.43
N ILE A 80 -44.50 27.28 26.82
CA ILE A 80 -43.39 26.56 26.22
C ILE A 80 -43.55 25.07 26.50
N ASP A 81 -43.96 24.74 27.73
CA ASP A 81 -44.09 23.36 28.17
C ASP A 81 -45.25 22.69 27.45
N SER A 82 -46.36 23.43 27.26
CA SER A 82 -47.52 22.93 26.54
C SER A 82 -47.12 22.54 25.12
N TYR A 83 -46.58 23.51 24.37
CA TYR A 83 -46.25 23.33 22.96
C TYR A 83 -45.20 22.22 22.79
N ARG A 84 -44.31 22.05 23.77
CA ARG A 84 -43.28 21.02 23.69
C ARG A 84 -43.91 19.63 23.85
N LYS A 85 -44.74 19.44 24.88
CA LYS A 85 -45.26 18.12 25.19
C LYS A 85 -46.31 17.72 24.15
N GLU A 86 -47.17 18.68 23.74
CA GLU A 86 -48.22 18.44 22.76
C GLU A 86 -47.99 19.39 21.57
N LYS A 87 -47.77 18.82 20.38
CA LYS A 87 -47.16 19.55 19.27
C LYS A 87 -48.22 20.17 18.35
N THR A 88 -49.29 20.73 18.92
CA THR A 88 -50.48 21.09 18.16
C THR A 88 -50.37 22.54 17.69
N GLU A 89 -51.33 22.94 16.85
CA GLU A 89 -51.38 24.30 16.31
C GLU A 89 -51.88 25.28 17.38
N GLU A 90 -52.75 24.80 18.27
CA GLU A 90 -53.40 25.67 19.25
C GLU A 90 -52.41 26.04 20.35
N THR A 91 -51.53 25.09 20.71
CA THR A 91 -50.52 25.33 21.72
C THR A 91 -49.43 26.25 21.17
N ARG A 92 -49.08 26.05 19.90
CA ARG A 92 -48.19 26.97 19.20
C ARG A 92 -48.73 28.39 19.31
N ASN A 93 -49.97 28.58 18.84
CA ASN A 93 -50.55 29.91 18.77
C ASN A 93 -50.61 30.54 20.17
N ALA A 94 -50.73 29.70 21.20
CA ALA A 94 -50.75 30.18 22.57
C ALA A 94 -49.36 30.72 22.96
N LEU A 95 -48.32 29.99 22.56
CA LEU A 95 -46.94 30.40 22.82
C LEU A 95 -46.65 31.70 22.09
N ILE A 96 -47.07 31.77 20.82
CA ILE A 96 -46.88 32.94 19.98
C ILE A 96 -47.55 34.15 20.62
N GLU A 97 -48.73 33.93 21.20
CA GLU A 97 -49.50 34.99 21.84
C GLU A 97 -48.76 35.42 23.10
N GLU A 98 -48.31 34.43 23.88
CA GLU A 98 -47.65 34.69 25.15
C GLU A 98 -46.33 35.40 24.89
N GLN A 99 -45.53 34.84 23.97
CA GLN A 99 -44.30 35.48 23.53
C GLN A 99 -44.54 36.97 23.29
N ALA A 100 -45.59 37.29 22.53
CA ALA A 100 -45.88 38.67 22.17
C ALA A 100 -46.31 39.48 23.39
N THR A 101 -46.97 38.82 24.36
CA THR A 101 -47.31 39.48 25.61
C THR A 101 -46.02 39.91 26.31
N TYR A 102 -45.11 38.96 26.51
CA TYR A 102 -43.87 39.22 27.25
C TYR A 102 -43.05 40.30 26.55
N ARG A 103 -42.99 40.25 25.22
CA ARG A 103 -42.24 41.26 24.48
C ARG A 103 -42.82 42.64 24.78
N ASN A 104 -44.15 42.77 24.72
CA ASN A 104 -44.81 44.05 24.92
C ASN A 104 -44.58 44.56 26.34
N ALA A 105 -44.51 43.63 27.30
CA ALA A 105 -44.24 43.98 28.69
C ALA A 105 -42.84 44.59 28.81
N ILE A 106 -41.84 43.99 28.13
CA ILE A 106 -40.48 44.53 28.15
C ILE A 106 -40.49 45.89 27.46
N HIS A 107 -41.18 45.99 26.32
CA HIS A 107 -41.21 47.19 25.50
C HIS A 107 -41.89 48.35 26.25
N ASP A 108 -42.86 48.04 27.11
CA ASP A 108 -43.59 49.02 27.88
C ASP A 108 -42.64 49.82 28.79
N TYR A 109 -41.52 49.21 29.20
CA TYR A 109 -40.53 49.89 30.03
C TYR A 109 -39.82 50.97 29.21
N PHE A 110 -39.63 50.71 27.91
CA PHE A 110 -38.93 51.64 27.04
C PHE A 110 -39.80 52.85 26.69
N ILE A 111 -41.11 52.62 26.52
CA ILE A 111 -41.99 53.66 26.00
C ILE A 111 -42.77 54.35 27.12
N GLY A 112 -42.62 53.88 28.37
CA GLY A 112 -43.24 54.53 29.51
C GLY A 112 -44.74 54.26 29.59
N ARG A 113 -45.10 52.98 29.50
CA ARG A 113 -46.49 52.53 29.51
C ARG A 113 -46.55 51.19 30.25
N THR A 114 -45.84 51.10 31.37
CA THR A 114 -45.84 49.90 32.21
C THR A 114 -46.38 50.27 33.59
N ASP A 115 -47.21 49.38 34.16
CA ASP A 115 -47.86 49.64 35.44
C ASP A 115 -46.90 49.36 36.60
N ASN A 116 -45.76 48.73 36.30
CA ASN A 116 -44.80 48.31 37.32
C ASN A 116 -43.94 49.49 37.77
N LEU A 117 -44.05 50.64 37.08
CA LEU A 117 -43.33 51.85 37.44
C LEU A 117 -44.30 52.93 37.89
N THR A 118 -43.75 54.05 38.40
CA THR A 118 -44.57 55.18 38.81
C THR A 118 -44.83 56.06 37.58
N ASP A 119 -45.75 57.03 37.73
CA ASP A 119 -46.17 57.89 36.63
C ASP A 119 -45.05 58.84 36.23
N ALA A 120 -44.13 59.13 37.16
CA ALA A 120 -43.05 60.07 36.94
C ALA A 120 -41.99 59.47 36.04
N ILE A 121 -41.64 58.19 36.28
CA ILE A 121 -40.62 57.52 35.48
C ILE A 121 -41.19 57.26 34.08
N ASN A 122 -42.45 56.81 34.01
CA ASN A 122 -43.09 56.54 32.72
C ASN A 122 -43.20 57.82 31.89
N LYS A 123 -43.33 58.98 32.55
CA LYS A 123 -43.38 60.26 31.88
C LYS A 123 -41.99 60.63 31.35
N ARG A 124 -40.94 60.35 32.14
CA ARG A 124 -39.58 60.64 31.73
C ARG A 124 -39.17 59.74 30.57
N HIS A 125 -39.59 58.46 30.61
CA HIS A 125 -39.18 57.48 29.61
C HIS A 125 -39.79 57.83 28.25
N ALA A 126 -41.12 57.95 28.19
CA ALA A 126 -41.82 58.26 26.95
C ALA A 126 -41.25 59.53 26.32
N GLU A 127 -40.74 60.44 27.16
CA GLU A 127 -40.20 61.71 26.71
C GLU A 127 -38.84 61.49 26.02
N ILE A 128 -38.02 60.61 26.60
CA ILE A 128 -36.74 60.24 26.00
C ILE A 128 -36.99 59.47 24.71
N TYR A 129 -37.89 58.48 24.77
CA TYR A 129 -38.15 57.59 23.65
C TYR A 129 -38.67 58.39 22.46
N LYS A 130 -39.40 59.47 22.74
CA LYS A 130 -39.99 60.31 21.71
C LYS A 130 -38.93 60.95 20.83
N GLY A 131 -37.65 60.96 21.27
CA GLY A 131 -36.60 61.68 20.56
C GLY A 131 -35.39 60.83 20.18
N LEU A 132 -35.52 59.50 20.18
CA LEU A 132 -34.38 58.62 19.98
C LEU A 132 -34.09 58.40 18.49
N PHE A 133 -35.08 58.62 17.61
CA PHE A 133 -34.94 58.27 16.22
C PHE A 133 -35.09 59.51 15.34
N LYS A 134 -34.84 60.69 15.92
CA LYS A 134 -34.91 61.96 15.22
C LYS A 134 -33.62 62.75 15.49
N ALA A 135 -33.55 63.98 14.98
CA ALA A 135 -32.38 64.82 15.13
C ALA A 135 -32.24 65.35 16.56
N GLU A 136 -33.18 64.95 17.44
CA GLU A 136 -33.09 65.22 18.86
C GLU A 136 -31.86 64.53 19.48
N LEU A 137 -31.33 63.50 18.82
CA LEU A 137 -30.08 62.89 19.24
C LEU A 137 -28.96 63.94 19.20
N PHE A 138 -28.96 64.74 18.14
CA PHE A 138 -27.82 65.59 17.80
C PHE A 138 -27.88 66.93 18.52
N ASN A 139 -28.93 67.17 19.32
CA ASN A 139 -29.12 68.47 19.95
C ASN A 139 -28.66 68.43 21.42
N GLY A 140 -28.77 67.27 22.08
CA GLY A 140 -28.31 67.11 23.45
C GLY A 140 -29.46 67.00 24.45
N LYS A 141 -30.70 67.15 23.96
CA LYS A 141 -31.89 67.06 24.80
C LYS A 141 -32.01 65.66 25.39
N VAL A 142 -31.93 64.64 24.52
CA VAL A 142 -32.03 63.25 24.93
C VAL A 142 -30.89 62.90 25.88
N LEU A 143 -29.75 63.59 25.76
CA LEU A 143 -28.62 63.38 26.65
C LEU A 143 -28.77 64.26 27.89
N LYS A 144 -29.60 65.31 27.80
CA LYS A 144 -29.88 66.19 28.93
C LYS A 144 -30.86 65.53 29.92
N GLN A 145 -31.75 64.67 29.41
CA GLN A 145 -32.78 64.03 30.23
C GLN A 145 -32.31 62.69 30.76
N LEU A 146 -31.19 62.18 30.25
CA LEU A 146 -30.78 60.80 30.46
C LEU A 146 -29.84 60.71 31.66
N GLY A 147 -28.82 61.58 31.69
CA GLY A 147 -27.97 61.74 32.86
C GLY A 147 -27.44 63.16 32.94
N THR A 148 -26.53 63.40 33.89
CA THR A 148 -25.68 64.58 33.89
C THR A 148 -24.37 64.22 33.19
N VAL A 149 -24.44 63.26 32.24
CA VAL A 149 -23.33 62.92 31.36
C VAL A 149 -23.28 64.02 30.29
N THR A 150 -22.08 64.28 29.74
CA THR A 150 -21.93 65.30 28.71
C THR A 150 -20.79 64.90 27.76
N THR A 151 -20.62 65.70 26.69
CA THR A 151 -19.77 65.35 25.57
C THR A 151 -18.55 66.28 25.51
N THR A 152 -17.43 65.74 25.00
CA THR A 152 -16.20 66.49 24.87
C THR A 152 -16.29 67.38 23.62
N GLU A 153 -15.43 68.41 23.53
CA GLU A 153 -15.46 69.38 22.45
C GLU A 153 -15.42 68.65 21.10
N HIS A 154 -14.49 67.69 20.96
CA HIS A 154 -14.34 66.92 19.73
C HIS A 154 -15.65 66.25 19.34
N GLU A 155 -16.39 65.73 20.32
CA GLU A 155 -17.64 65.02 20.08
C GLU A 155 -18.70 66.02 19.58
N ASN A 156 -18.66 67.24 20.12
CA ASN A 156 -19.56 68.31 19.72
C ASN A 156 -19.21 68.78 18.31
N ALA A 157 -17.91 68.79 17.98
CA ALA A 157 -17.46 69.15 16.65
C ALA A 157 -18.02 68.17 15.62
N LEU A 158 -18.05 66.88 15.98
CA LEU A 158 -18.58 65.84 15.11
C LEU A 158 -20.09 66.03 14.94
N LEU A 159 -20.80 66.12 16.07
CA LEU A 159 -22.25 66.27 16.06
C LEU A 159 -22.65 67.45 15.17
N ARG A 160 -21.89 68.55 15.20
CA ARG A 160 -22.24 69.74 14.43
C ARG A 160 -21.80 69.60 12.98
N SER A 161 -21.01 68.57 12.66
CA SER A 161 -20.60 68.32 11.28
C SER A 161 -21.75 67.76 10.44
N PHE A 162 -22.84 67.32 11.08
CA PHE A 162 -24.01 66.80 10.39
C PHE A 162 -25.17 67.80 10.47
N ASP A 163 -24.83 69.06 10.74
CA ASP A 163 -25.82 70.13 10.80
C ASP A 163 -26.42 70.29 9.40
N LYS A 164 -27.75 70.44 9.32
CA LYS A 164 -28.45 70.55 8.05
C LYS A 164 -28.24 69.28 7.21
N PHE A 165 -27.85 68.18 7.85
CA PHE A 165 -27.50 66.97 7.12
C PHE A 165 -27.74 65.73 8.01
N THR A 166 -28.70 65.81 8.92
CA THR A 166 -28.95 64.74 9.85
C THR A 166 -29.66 63.58 9.16
N THR A 167 -30.14 63.82 7.94
CA THR A 167 -30.88 62.81 7.19
C THR A 167 -29.95 61.70 6.72
N TYR A 168 -28.63 61.95 6.74
CA TYR A 168 -27.64 60.92 6.46
C TYR A 168 -27.84 59.72 7.40
N PHE A 169 -28.43 59.99 8.58
CA PHE A 169 -28.68 58.98 9.60
C PHE A 169 -30.08 58.36 9.54
N SER A 170 -30.86 58.63 8.48
CA SER A 170 -32.26 58.23 8.46
C SER A 170 -32.42 56.71 8.33
N GLY A 171 -31.40 56.04 7.78
CA GLY A 171 -31.35 54.59 7.78
C GLY A 171 -30.90 54.02 9.13
N PHE A 172 -29.93 54.71 9.76
CA PHE A 172 -29.50 54.38 11.10
C PHE A 172 -30.70 54.36 12.05
N TYR A 173 -31.58 55.35 11.92
CA TYR A 173 -32.76 55.44 12.77
C TYR A 173 -33.58 54.15 12.71
N GLU A 174 -33.72 53.61 11.50
CA GLU A 174 -34.47 52.38 11.28
C GLU A 174 -33.76 51.21 11.97
N ASN A 175 -32.43 51.15 11.81
CA ASN A 175 -31.60 50.11 12.41
C ASN A 175 -31.75 50.09 13.94
N ARG A 176 -32.08 51.25 14.52
CA ARG A 176 -32.12 51.39 15.98
C ARG A 176 -33.54 51.19 16.50
N LYS A 177 -34.55 51.51 15.69
CA LYS A 177 -35.90 51.06 15.97
C LYS A 177 -35.92 49.54 16.02
N ASN A 178 -35.15 48.90 15.13
CA ASN A 178 -35.03 47.46 15.05
C ASN A 178 -34.43 46.89 16.35
N VAL A 179 -33.83 47.74 17.19
CA VAL A 179 -33.31 47.30 18.47
C VAL A 179 -34.40 47.34 19.53
N PHE A 180 -35.24 48.39 19.51
CA PHE A 180 -36.20 48.63 20.58
C PHE A 180 -37.58 48.09 20.22
N SER A 181 -37.72 47.49 19.03
CA SER A 181 -38.99 46.98 18.55
C SER A 181 -39.53 45.90 19.49
N ALA A 182 -40.86 45.79 19.51
CA ALA A 182 -41.55 44.75 20.26
C ALA A 182 -41.97 43.62 19.33
N GLU A 183 -41.78 43.84 18.02
CA GLU A 183 -42.10 42.84 17.00
C GLU A 183 -41.25 41.59 17.22
N ASP A 184 -41.70 40.48 16.63
CA ASP A 184 -40.96 39.23 16.63
C ASP A 184 -39.85 39.31 15.57
N ILE A 185 -38.81 40.12 15.85
CA ILE A 185 -37.68 40.27 14.95
C ILE A 185 -36.37 40.08 15.70
N SER A 186 -35.38 39.46 15.02
CA SER A 186 -34.11 39.03 15.61
C SER A 186 -33.30 40.18 16.18
N THR A 187 -33.47 41.39 15.65
CA THR A 187 -32.59 42.51 15.96
C THR A 187 -32.96 43.14 17.30
N ALA A 188 -34.07 42.70 17.90
CA ALA A 188 -34.73 43.46 18.95
C ALA A 188 -34.41 42.91 20.34
N ILE A 189 -34.26 43.84 21.28
CA ILE A 189 -33.95 43.54 22.67
C ILE A 189 -35.02 42.62 23.26
N PRO A 190 -36.34 42.95 23.15
CA PRO A 190 -37.38 42.08 23.69
C PRO A 190 -37.30 40.65 23.14
N HIS A 191 -37.20 40.51 21.82
CA HIS A 191 -37.06 39.20 21.21
C HIS A 191 -35.88 38.44 21.82
N ARG A 192 -34.77 39.14 22.07
CA ARG A 192 -33.56 38.52 22.61
C ARG A 192 -33.83 38.04 24.02
N ILE A 193 -34.56 38.86 24.79
CA ILE A 193 -34.90 38.52 26.15
C ILE A 193 -35.91 37.38 26.18
N VAL A 194 -36.90 37.40 25.28
CA VAL A 194 -38.07 36.54 25.44
C VAL A 194 -37.87 35.20 24.72
N GLN A 195 -37.45 35.24 23.46
CA GLN A 195 -37.51 34.07 22.61
C GLN A 195 -36.14 33.40 22.46
N ASP A 196 -35.06 34.13 22.74
CA ASP A 196 -33.70 33.61 22.66
C ASP A 196 -33.21 33.13 24.02
N ASN A 197 -32.95 34.09 24.92
CA ASN A 197 -32.23 33.83 26.15
C ASN A 197 -33.10 33.13 27.20
N PHE A 198 -34.38 33.49 27.29
CA PHE A 198 -35.20 32.97 28.38
C PHE A 198 -35.35 31.45 28.23
N PRO A 199 -35.66 30.91 27.03
CA PRO A 199 -35.69 29.47 26.82
C PRO A 199 -34.44 28.75 27.34
N LYS A 200 -33.28 29.30 27.00
CA LYS A 200 -32.01 28.78 27.46
C LYS A 200 -32.00 28.80 28.99
N PHE A 201 -32.30 29.96 29.58
CA PHE A 201 -32.22 30.12 31.02
C PHE A 201 -33.20 29.17 31.71
N LYS A 202 -34.34 28.95 31.06
CA LYS A 202 -35.34 28.00 31.53
C LYS A 202 -34.75 26.60 31.48
N GLU A 203 -34.21 26.23 30.33
CA GLU A 203 -33.61 24.92 30.16
C GLU A 203 -32.54 24.70 31.22
N ASN A 204 -31.80 25.75 31.57
CA ASN A 204 -30.72 25.62 32.54
C ASN A 204 -31.30 25.24 33.89
N CYS A 205 -32.39 25.92 34.29
CA CYS A 205 -33.11 25.59 35.50
C CYS A 205 -33.45 24.10 35.53
N HIS A 206 -34.01 23.60 34.41
CA HIS A 206 -34.43 22.21 34.33
C HIS A 206 -33.25 21.27 34.52
N ILE A 207 -32.15 21.56 33.82
CA ILE A 207 -30.94 20.75 33.91
C ILE A 207 -30.42 20.71 35.34
N PHE A 208 -30.41 21.88 36.01
CA PHE A 208 -29.90 21.99 37.37
C PHE A 208 -30.72 21.09 38.28
N THR A 209 -32.05 21.28 38.24
CA THR A 209 -32.99 20.48 38.99
C THR A 209 -32.68 19.00 38.81
N ARG A 210 -32.76 18.50 37.57
CA ARG A 210 -32.68 17.07 37.33
C ARG A 210 -31.33 16.52 37.79
N LEU A 211 -30.28 17.33 37.66
CA LEU A 211 -28.93 16.89 38.01
C LEU A 211 -28.80 16.73 39.53
N ILE A 212 -29.19 17.75 40.30
CA ILE A 212 -28.97 17.74 41.74
C ILE A 212 -29.97 16.81 42.41
N THR A 213 -31.00 16.36 41.68
CA THR A 213 -31.91 15.34 42.19
C THR A 213 -31.21 13.99 42.09
N ALA A 214 -30.74 13.64 40.89
CA ALA A 214 -30.03 12.39 40.67
C ALA A 214 -28.77 12.31 41.52
N VAL A 215 -28.06 13.43 41.68
CA VAL A 215 -26.76 13.47 42.34
C VAL A 215 -26.68 14.69 43.23
N PRO A 216 -27.17 14.63 44.49
CA PRO A 216 -27.20 15.81 45.36
C PRO A 216 -25.83 16.33 45.82
N SER A 217 -24.77 15.57 45.58
CA SER A 217 -23.41 16.01 45.87
C SER A 217 -23.03 17.21 45.01
N LEU A 218 -23.63 17.32 43.82
CA LEU A 218 -23.32 18.37 42.86
C LEU A 218 -23.72 19.74 43.39
N ARG A 219 -24.80 19.82 44.18
CA ARG A 219 -25.31 21.09 44.66
C ARG A 219 -24.17 21.95 45.21
N GLU A 220 -23.31 21.34 46.04
CA GLU A 220 -22.31 22.11 46.77
C GLU A 220 -21.10 22.35 45.87
N HIS A 221 -20.76 21.37 45.03
CA HIS A 221 -19.70 21.54 44.04
C HIS A 221 -19.97 22.80 43.21
N PHE A 222 -21.21 22.96 42.75
CA PHE A 222 -21.60 24.12 41.95
C PHE A 222 -21.50 25.40 42.78
N GLU A 223 -22.03 25.39 44.00
CA GLU A 223 -21.93 26.52 44.90
C GLU A 223 -20.47 26.90 45.10
N ASN A 224 -19.61 25.88 45.22
CA ASN A 224 -18.17 26.06 45.44
C ASN A 224 -17.51 26.72 44.24
N VAL A 225 -17.97 26.36 43.03
CA VAL A 225 -17.45 26.97 41.81
C VAL A 225 -17.78 28.46 41.83
N LYS A 226 -18.99 28.80 42.26
CA LYS A 226 -19.45 30.18 42.32
C LYS A 226 -18.60 30.97 43.31
N LYS A 227 -18.32 30.37 44.48
CA LYS A 227 -17.41 30.94 45.46
C LYS A 227 -16.05 31.22 44.83
N ALA A 228 -15.52 30.24 44.07
CA ALA A 228 -14.20 30.34 43.47
C ALA A 228 -14.17 31.39 42.36
N ILE A 229 -15.34 31.77 41.84
CA ILE A 229 -15.42 32.72 40.73
C ILE A 229 -15.72 34.13 41.26
N GLY A 230 -16.41 34.23 42.39
CA GLY A 230 -16.52 35.49 43.11
C GLY A 230 -17.63 36.38 42.55
N ILE A 231 -18.73 35.73 42.14
CA ILE A 231 -19.86 36.42 41.53
C ILE A 231 -21.14 35.97 42.23
N PHE A 232 -22.18 36.80 42.14
CA PHE A 232 -23.50 36.49 42.68
C PHE A 232 -23.38 36.04 44.14
N VAL A 233 -22.91 36.93 45.01
CA VAL A 233 -22.59 36.58 46.38
C VAL A 233 -23.88 36.44 47.20
N SER A 234 -24.87 37.31 46.95
CA SER A 234 -26.08 37.34 47.76
C SER A 234 -27.12 36.35 47.21
N THR A 235 -26.77 35.58 46.18
CA THR A 235 -27.70 34.68 45.53
C THR A 235 -27.14 33.26 45.63
N SER A 236 -27.90 32.36 46.26
CA SER A 236 -27.53 30.95 46.34
C SER A 236 -27.67 30.32 44.95
N ILE A 237 -27.00 29.17 44.76
CA ILE A 237 -26.98 28.48 43.48
C ILE A 237 -28.40 28.12 43.06
N GLU A 238 -29.27 27.82 44.04
CA GLU A 238 -30.66 27.49 43.75
C GLU A 238 -31.36 28.68 43.10
N GLU A 239 -31.18 29.87 43.69
CA GLU A 239 -31.85 31.09 43.24
C GLU A 239 -31.37 31.45 41.84
N VAL A 240 -30.09 31.22 41.56
CA VAL A 240 -29.49 31.47 40.25
C VAL A 240 -30.24 30.66 39.20
N PHE A 241 -30.70 29.46 39.57
CA PHE A 241 -31.43 28.61 38.66
C PHE A 241 -32.94 28.62 38.97
N SER A 242 -33.44 29.76 39.47
CA SER A 242 -34.87 29.99 39.66
CA SER A 242 -34.87 29.97 39.64
C SER A 242 -35.32 31.10 38.72
N PHE A 243 -36.59 31.07 38.31
CA PHE A 243 -37.13 31.96 37.30
C PHE A 243 -37.01 33.44 37.72
N PRO A 244 -37.29 33.82 38.99
CA PRO A 244 -37.22 35.23 39.37
C PRO A 244 -35.86 35.89 39.10
N PHE A 245 -34.77 35.12 39.14
CA PHE A 245 -33.42 35.64 38.92
C PHE A 245 -33.22 36.08 37.47
N TYR A 246 -33.96 35.49 36.53
CA TYR A 246 -33.85 35.83 35.12
C TYR A 246 -34.12 37.32 34.89
N ASN A 247 -34.83 37.98 35.83
CA ASN A 247 -35.06 39.42 35.77
C ASN A 247 -33.75 40.17 36.04
N GLN A 248 -32.75 39.47 36.56
CA GLN A 248 -31.48 40.06 36.91
C GLN A 248 -30.44 39.72 35.83
N LEU A 249 -30.86 39.08 34.74
CA LEU A 249 -29.98 38.62 33.68
C LEU A 249 -30.38 39.22 32.33
N LEU A 250 -30.80 40.49 32.33
CA LEU A 250 -31.23 41.16 31.11
C LEU A 250 -30.13 42.08 30.56
N THR A 251 -29.19 42.47 31.42
CA THR A 251 -28.12 43.38 31.06
C THR A 251 -26.87 42.58 30.77
N GLN A 252 -26.06 43.08 29.82
CA GLN A 252 -24.85 42.40 29.37
C GLN A 252 -23.94 42.06 30.55
N THR A 253 -23.68 43.04 31.43
CA THR A 253 -22.75 42.84 32.54
C THR A 253 -23.11 41.56 33.28
N GLN A 254 -24.41 41.35 33.52
CA GLN A 254 -24.89 40.22 34.29
C GLN A 254 -24.91 38.93 33.46
N ILE A 255 -25.19 39.04 32.15
CA ILE A 255 -25.21 37.90 31.25
C ILE A 255 -23.82 37.28 31.16
N ASP A 256 -22.79 38.14 31.06
CA ASP A 256 -21.42 37.68 30.99
C ASP A 256 -21.02 37.02 32.30
N LEU A 257 -21.46 37.58 33.43
CA LEU A 257 -21.17 36.97 34.72
C LEU A 257 -21.80 35.57 34.75
N TYR A 258 -23.08 35.49 34.35
CA TYR A 258 -23.79 34.21 34.24
C TYR A 258 -22.98 33.25 33.37
N ASN A 259 -22.52 33.74 32.21
CA ASN A 259 -21.86 32.87 31.24
C ASN A 259 -20.53 32.37 31.79
N GLN A 260 -19.88 33.16 32.64
CA GLN A 260 -18.58 32.77 33.18
C GLN A 260 -18.74 31.80 34.34
N LEU A 261 -19.93 31.74 34.94
CA LEU A 261 -20.27 30.71 35.91
C LEU A 261 -20.27 29.36 35.20
N LEU A 262 -20.84 29.33 33.99
CA LEU A 262 -20.86 28.14 33.16
C LEU A 262 -19.44 27.90 32.61
N GLY A 263 -18.73 28.99 32.31
CA GLY A 263 -17.60 28.96 31.41
C GLY A 263 -16.24 28.88 32.12
N GLY A 264 -16.10 29.60 33.24
CA GLY A 264 -14.85 29.67 33.96
C GLY A 264 -14.01 30.87 33.53
N ILE A 265 -12.85 31.05 34.17
CA ILE A 265 -11.99 32.20 33.95
C ILE A 265 -10.56 31.72 33.71
N SER A 266 -10.00 32.11 32.56
CA SER A 266 -8.59 31.88 32.27
C SER A 266 -7.76 33.05 32.79
N ARG A 267 -6.55 32.72 33.26
CA ARG A 267 -5.56 33.68 33.68
C ARG A 267 -4.50 33.74 32.59
N GLU A 268 -3.24 34.03 32.95
CA GLU A 268 -2.17 34.07 31.97
C GLU A 268 -1.96 32.67 31.39
N ALA A 269 -1.56 32.64 30.11
CA ALA A 269 -1.31 31.37 29.44
C ALA A 269 -0.18 30.64 30.17
N GLY A 270 -0.43 29.37 30.52
CA GLY A 270 0.51 28.57 31.27
C GLY A 270 0.05 28.35 32.71
N THR A 271 -0.93 29.13 33.18
CA THR A 271 -1.44 28.97 34.54
C THR A 271 -2.76 28.22 34.52
N GLU A 272 -3.12 27.60 35.65
CA GLU A 272 -4.30 26.76 35.74
C GLU A 272 -5.55 27.62 35.54
N LYS A 273 -6.48 27.11 34.73
CA LYS A 273 -7.73 27.80 34.47
C LYS A 273 -8.76 27.40 35.53
N ILE A 274 -9.47 28.39 36.06
CA ILE A 274 -10.57 28.17 36.99
C ILE A 274 -11.73 27.54 36.22
N LYS A 275 -12.25 26.41 36.73
CA LYS A 275 -13.26 25.65 36.02
C LYS A 275 -14.64 26.22 36.36
N GLY A 276 -15.54 26.19 35.34
CA GLY A 276 -16.94 26.50 35.52
C GLY A 276 -17.77 25.22 35.67
N LEU A 277 -19.09 25.36 35.68
CA LEU A 277 -19.99 24.25 35.95
C LEU A 277 -19.83 23.19 34.85
N ASN A 278 -19.76 23.63 33.59
CA ASN A 278 -19.77 22.73 32.45
C ASN A 278 -18.51 21.87 32.44
N GLU A 279 -17.38 22.42 32.88
CA GLU A 279 -16.13 21.68 32.96
C GLU A 279 -16.19 20.65 34.08
N VAL A 280 -16.66 21.10 35.25
CA VAL A 280 -16.79 20.24 36.41
C VAL A 280 -17.63 19.02 36.07
N LEU A 281 -18.71 19.25 35.30
CA LEU A 281 -19.57 18.17 34.82
C LEU A 281 -18.80 17.24 33.89
N ASN A 282 -18.11 17.82 32.89
CA ASN A 282 -17.33 17.04 31.93
C ASN A 282 -16.28 16.21 32.68
N LEU A 283 -15.57 16.83 33.61
CA LEU A 283 -14.54 16.12 34.37
C LEU A 283 -15.16 14.90 35.04
N ALA A 284 -16.33 15.11 35.67
CA ALA A 284 -17.02 14.09 36.44
C ALA A 284 -17.46 12.94 35.54
N ILE A 285 -17.87 13.24 34.30
CA ILE A 285 -18.27 12.22 33.36
C ILE A 285 -17.06 11.36 32.97
N GLN A 286 -15.88 11.99 32.81
CA GLN A 286 -14.74 11.31 32.24
C GLN A 286 -14.07 10.41 33.28
N LYS A 287 -14.59 10.38 34.51
CA LYS A 287 -14.05 9.49 35.53
C LYS A 287 -14.55 8.07 35.31
N ASN A 288 -15.70 7.94 34.65
CA ASN A 288 -16.25 6.67 34.20
C ASN A 288 -16.66 5.79 35.39
N ASP A 289 -16.86 6.41 36.57
CA ASP A 289 -17.36 5.72 37.76
C ASP A 289 -18.89 5.64 37.64
N GLU A 290 -19.59 5.40 38.75
CA GLU A 290 -21.04 5.28 38.70
C GLU A 290 -21.69 6.66 38.58
N THR A 291 -21.16 7.62 39.34
CA THR A 291 -21.63 9.00 39.29
C THR A 291 -21.56 9.52 37.86
N ALA A 292 -20.59 9.03 37.07
CA ALA A 292 -20.40 9.48 35.70
C ALA A 292 -21.59 9.10 34.82
N HIS A 293 -22.03 7.83 34.93
CA HIS A 293 -23.06 7.29 34.05
C HIS A 293 -24.39 7.98 34.33
N ILE A 294 -24.69 8.19 35.62
CA ILE A 294 -25.87 8.92 36.06
C ILE A 294 -25.89 10.31 35.41
N ILE A 295 -24.73 10.97 35.40
CA ILE A 295 -24.63 12.33 34.87
C ILE A 295 -24.66 12.27 33.35
N ALA A 296 -23.99 11.27 32.77
CA ALA A 296 -23.91 11.13 31.33
C ALA A 296 -25.29 10.86 30.72
N SER A 297 -26.18 10.24 31.50
CA SER A 297 -27.49 9.87 30.99
C SER A 297 -28.47 11.04 31.08
N LEU A 298 -28.17 12.03 31.95
CA LEU A 298 -28.92 13.27 32.02
C LEU A 298 -28.33 14.29 31.04
N PRO A 299 -29.02 15.43 30.79
CA PRO A 299 -28.39 16.60 30.22
C PRO A 299 -27.33 17.20 31.14
N HIS A 300 -26.09 17.35 30.62
CA HIS A 300 -24.92 17.62 31.44
C HIS A 300 -24.10 18.77 30.87
N ARG A 301 -24.78 19.84 30.43
CA ARG A 301 -24.12 20.96 29.78
C ARG A 301 -25.07 22.15 29.76
N PHE A 302 -24.79 23.14 30.61
CA PHE A 302 -25.60 24.34 30.69
C PHE A 302 -25.38 25.18 29.44
N ILE A 303 -26.44 25.91 29.04
CA ILE A 303 -26.46 26.64 27.78
C ILE A 303 -26.13 28.10 28.08
N PRO A 304 -25.04 28.69 27.51
CA PRO A 304 -24.78 30.10 27.69
C PRO A 304 -25.79 30.98 26.96
N LEU A 305 -26.01 32.19 27.50
CA LEU A 305 -26.98 33.10 26.95
C LEU A 305 -26.34 33.92 25.83
N PHE A 306 -27.17 34.37 24.89
CA PHE A 306 -26.72 35.30 23.88
C PHE A 306 -26.62 36.68 24.51
N LYS A 307 -25.90 37.57 23.82
CA LYS A 307 -25.60 38.89 24.35
C LYS A 307 -26.78 39.82 24.10
N GLN A 308 -26.82 40.91 24.86
CA GLN A 308 -27.86 41.91 24.71
C GLN A 308 -27.50 42.79 23.52
N ILE A 309 -28.52 43.22 22.77
CA ILE A 309 -28.29 43.93 21.52
C ILE A 309 -27.60 45.25 21.83
N LEU A 310 -26.43 45.44 21.20
CA LEU A 310 -25.66 46.69 21.22
C LEU A 310 -24.56 46.64 22.28
N SER A 311 -24.71 45.82 23.33
CA SER A 311 -23.92 46.01 24.53
C SER A 311 -22.48 45.52 24.33
N ASP A 312 -21.54 46.24 24.94
CA ASP A 312 -20.13 45.85 24.93
C ASP A 312 -19.94 44.65 25.85
N ARG A 313 -19.16 43.67 25.39
CA ARG A 313 -18.88 42.46 26.14
CA ARG A 313 -18.90 42.47 26.16
C ARG A 313 -17.87 42.76 27.24
N ASN A 314 -17.91 41.98 28.33
CA ASN A 314 -16.90 42.07 29.38
C ASN A 314 -16.46 40.65 29.74
N THR A 315 -15.23 40.55 30.29
CA THR A 315 -14.63 39.28 30.64
C THR A 315 -13.73 39.45 31.86
N LEU A 316 -13.78 38.45 32.76
CA LEU A 316 -12.96 38.40 33.96
C LEU A 316 -11.63 37.73 33.63
N SER A 317 -11.58 37.01 32.50
CA SER A 317 -10.38 36.31 32.04
C SER A 317 -9.31 37.33 31.64
N PHE A 318 -8.05 36.89 31.70
CA PHE A 318 -6.91 37.74 31.37
C PHE A 318 -6.88 38.05 29.88
N ILE A 319 -6.63 39.33 29.55
CA ILE A 319 -6.44 39.75 28.17
C ILE A 319 -5.03 40.32 28.02
N LEU A 320 -4.34 39.83 26.99
CA LEU A 320 -2.97 40.20 26.68
C LEU A 320 -2.97 41.54 25.97
N GLU A 321 -2.06 42.45 26.33
CA GLU A 321 -2.07 43.78 25.74
C GLU A 321 -1.44 43.69 24.36
N GLU A 322 -1.88 44.56 23.45
CA GLU A 322 -1.58 44.42 22.04
C GLU A 322 -0.29 45.18 21.70
N PHE A 323 0.42 44.70 20.68
CA PHE A 323 1.44 45.49 19.99
C PHE A 323 0.75 46.45 19.02
N LYS A 324 1.35 47.62 18.82
CA LYS A 324 0.72 48.69 18.05
C LYS A 324 1.43 48.90 16.72
N SER A 325 2.73 48.58 16.64
CA SER A 325 3.49 48.80 15.41
C SER A 325 4.50 47.67 15.18
N ASP A 326 4.85 47.47 13.90
CA ASP A 326 5.99 46.64 13.54
C ASP A 326 7.18 46.96 14.45
N GLU A 327 7.39 48.25 14.71
CA GLU A 327 8.57 48.73 15.40
C GLU A 327 8.56 48.24 16.84
N GLU A 328 7.39 48.28 17.48
CA GLU A 328 7.25 47.95 18.89
C GLU A 328 7.55 46.47 19.14
N VAL A 329 7.04 45.58 18.28
CA VAL A 329 7.25 44.15 18.45
C VAL A 329 8.73 43.82 18.21
N ILE A 330 9.33 44.40 17.17
CA ILE A 330 10.70 44.10 16.84
C ILE A 330 11.64 44.54 17.96
N GLN A 331 11.37 45.70 18.58
CA GLN A 331 12.20 46.21 19.66
C GLN A 331 12.10 45.28 20.86
N SER A 332 10.86 45.01 21.30
CA SER A 332 10.59 44.19 22.47
C SER A 332 11.30 42.85 22.35
N PHE A 333 11.03 42.16 21.23
CA PHE A 333 11.54 40.82 21.04
C PHE A 333 13.06 40.87 20.93
N CYS A 334 13.59 41.93 20.30
CA CYS A 334 15.03 42.08 20.17
C CYS A 334 15.68 42.19 21.56
N LYS A 335 15.01 42.91 22.47
CA LYS A 335 15.48 43.06 23.84
C LYS A 335 15.40 41.70 24.55
N TYR A 336 14.26 41.02 24.44
CA TYR A 336 14.06 39.73 25.10
C TYR A 336 15.12 38.73 24.64
N LYS A 337 15.47 38.78 23.34
CA LYS A 337 16.48 37.89 22.78
C LYS A 337 17.84 38.16 23.42
N THR A 338 18.18 39.44 23.59
CA THR A 338 19.44 39.85 24.18
C THR A 338 19.51 39.39 25.63
N LEU A 339 18.39 39.53 26.35
CA LEU A 339 18.28 39.04 27.71
C LEU A 339 18.64 37.55 27.74
N LEU A 340 18.03 36.76 26.83
CA LEU A 340 18.25 35.33 26.79
C LEU A 340 19.73 35.03 26.49
N ARG A 341 20.37 35.87 25.67
CA ARG A 341 21.79 35.72 25.39
C ARG A 341 22.60 35.98 26.67
N ASN A 342 22.44 37.17 27.25
CA ASN A 342 23.18 37.57 28.43
C ASN A 342 22.90 36.63 29.60
N GLU A 343 21.66 36.12 29.67
CA GLU A 343 21.26 35.23 30.74
C GLU A 343 21.94 33.86 30.61
N ASN A 344 22.36 33.48 29.40
CA ASN A 344 23.03 32.21 29.16
C ASN A 344 22.07 31.05 29.37
N VAL A 345 21.00 31.00 28.59
CA VAL A 345 19.94 30.03 28.83
C VAL A 345 20.22 28.77 28.01
N LEU A 346 20.76 28.94 26.80
CA LEU A 346 20.96 27.82 25.91
C LEU A 346 22.12 26.97 26.39
N GLU A 347 23.07 27.61 27.08
CA GLU A 347 24.29 26.95 27.52
C GLU A 347 24.01 26.24 28.84
N THR A 348 23.12 26.83 29.65
CA THR A 348 22.61 26.20 30.85
C THR A 348 21.78 24.97 30.47
N ALA A 349 20.82 25.19 29.56
CA ALA A 349 19.91 24.16 29.10
C ALA A 349 20.68 22.94 28.59
N GLU A 350 21.69 23.18 27.76
CA GLU A 350 22.52 22.12 27.22
C GLU A 350 23.24 21.38 28.34
N ALA A 351 23.69 22.12 29.37
CA ALA A 351 24.38 21.52 30.49
C ALA A 351 23.42 20.66 31.32
N LEU A 352 22.20 21.16 31.51
CA LEU A 352 21.15 20.44 32.21
C LEU A 352 20.86 19.10 31.52
N PHE A 353 20.69 19.12 30.21
CA PHE A 353 20.31 17.93 29.47
C PHE A 353 21.47 16.93 29.52
N ASN A 354 22.71 17.43 29.44
CA ASN A 354 23.88 16.59 29.64
C ASN A 354 23.83 15.90 31.00
N GLU A 355 23.52 16.65 32.06
CA GLU A 355 23.39 16.11 33.40
C GLU A 355 22.67 14.75 33.36
N LEU A 356 21.67 14.61 32.48
CA LEU A 356 20.83 13.41 32.40
C LEU A 356 21.66 12.17 32.03
N ASN A 357 22.77 12.36 31.31
CA ASN A 357 23.60 11.23 30.88
C ASN A 357 24.27 10.54 32.06
N SER A 358 24.56 11.28 33.14
CA SER A 358 25.30 10.71 34.25
C SER A 358 24.74 11.20 35.58
N ILE A 359 23.48 10.83 35.84
CA ILE A 359 22.80 11.18 37.08
C ILE A 359 21.73 10.12 37.30
N ASP A 360 21.29 9.94 38.55
CA ASP A 360 20.32 8.92 38.89
C ASP A 360 18.98 9.26 38.24
N LEU A 361 18.65 8.52 37.16
CA LEU A 361 17.44 8.78 36.38
C LEU A 361 16.19 8.36 37.16
N THR A 362 16.38 7.84 38.38
CA THR A 362 15.28 7.56 39.29
C THR A 362 14.82 8.86 39.93
N HIS A 363 15.71 9.86 39.98
CA HIS A 363 15.40 11.15 40.59
C HIS A 363 15.20 12.23 39.54
N ILE A 364 14.71 11.82 38.35
CA ILE A 364 14.22 12.74 37.33
C ILE A 364 12.85 12.22 36.90
N PHE A 365 11.84 13.09 36.92
CA PHE A 365 10.47 12.66 36.68
C PHE A 365 9.87 13.40 35.50
N ILE A 366 9.02 12.68 34.76
CA ILE A 366 8.29 13.19 33.62
C ILE A 366 6.84 13.38 34.04
N SER A 367 6.29 14.55 33.72
CA SER A 367 4.93 14.90 34.12
C SER A 367 3.94 13.95 33.46
N HIS A 368 3.04 13.37 34.27
CA HIS A 368 2.00 12.50 33.75
C HIS A 368 1.24 13.21 32.63
N LYS A 369 1.17 14.54 32.72
CA LYS A 369 0.41 15.36 31.79
C LYS A 369 1.12 15.49 30.44
N LYS A 370 2.39 15.07 30.35
CA LYS A 370 3.19 15.25 29.16
C LYS A 370 3.62 13.92 28.54
N LEU A 371 3.29 12.80 29.20
CA LEU A 371 3.82 11.50 28.81
C LEU A 371 3.48 11.22 27.34
N GLU A 372 2.27 11.60 26.92
CA GLU A 372 1.77 11.31 25.58
C GLU A 372 2.36 12.27 24.56
N THR A 373 2.60 13.53 24.96
CA THR A 373 3.27 14.49 24.11
C THR A 373 4.69 14.00 23.80
N ILE A 374 5.38 13.52 24.83
CA ILE A 374 6.73 12.99 24.69
C ILE A 374 6.71 11.74 23.81
N SER A 375 5.66 10.92 23.98
CA SER A 375 5.53 9.71 23.17
C SER A 375 5.57 10.08 21.69
N SER A 376 4.64 10.94 21.25
CA SER A 376 4.55 11.38 19.87
C SER A 376 5.90 11.89 19.36
N ALA A 377 6.57 12.69 20.19
CA ALA A 377 7.82 13.34 19.80
C ALA A 377 8.93 12.32 19.53
N LEU A 378 8.98 11.23 20.31
CA LEU A 378 10.16 10.36 20.35
C LEU A 378 9.85 8.94 19.85
N CYS A 379 8.58 8.64 19.60
CA CYS A 379 8.15 7.30 19.27
C CYS A 379 7.21 7.34 18.08
N ASP A 380 6.81 6.14 17.63
CA ASP A 380 5.96 6.01 16.46
C ASP A 380 4.56 6.52 16.74
N HIS A 381 4.03 6.24 17.95
CA HIS A 381 2.67 6.62 18.28
C HIS A 381 2.62 7.35 19.62
N TRP A 382 1.44 7.87 19.94
CA TRP A 382 1.20 8.61 21.17
C TRP A 382 1.08 7.66 22.37
N ASP A 383 0.70 6.41 22.12
CA ASP A 383 0.46 5.46 23.19
C ASP A 383 1.67 4.56 23.39
N THR A 384 2.73 4.71 22.58
CA THR A 384 3.88 3.84 22.68
C THR A 384 4.38 3.78 24.13
N LEU A 385 4.63 4.95 24.74
CA LEU A 385 5.27 5.03 26.04
C LEU A 385 4.38 4.48 27.13
N ARG A 386 3.11 4.89 27.14
CA ARG A 386 2.14 4.35 28.09
C ARG A 386 2.16 2.83 28.02
N ASN A 387 1.98 2.29 26.81
CA ASN A 387 1.81 0.86 26.61
C ASN A 387 3.03 0.09 27.11
N ALA A 388 4.24 0.58 26.79
CA ALA A 388 5.45 -0.07 27.23
C ALA A 388 5.53 -0.07 28.75
N LEU A 389 5.07 1.03 29.37
CA LEU A 389 5.05 1.16 30.82
C LEU A 389 4.05 0.16 31.40
N TYR A 390 2.86 0.10 30.79
CA TYR A 390 1.83 -0.84 31.20
C TYR A 390 2.42 -2.26 31.18
N GLU A 391 2.87 -2.71 30.00
CA GLU A 391 3.28 -4.09 29.80
C GLU A 391 4.42 -4.48 30.75
N ARG A 392 5.32 -3.53 31.03
CA ARG A 392 6.46 -3.80 31.90
C ARG A 392 5.98 -4.03 33.33
N ARG A 393 5.05 -3.20 33.80
CA ARG A 393 4.58 -3.30 35.17
C ARG A 393 3.84 -4.62 35.37
N ILE A 394 2.93 -4.93 34.44
CA ILE A 394 2.25 -6.22 34.39
C ILE A 394 3.24 -7.35 34.60
N SER A 395 4.38 -7.28 33.91
CA SER A 395 5.38 -8.34 33.96
C SER A 395 6.05 -8.41 35.34
N GLU A 396 5.90 -7.37 36.17
CA GLU A 396 6.60 -7.28 37.45
C GLU A 396 5.72 -7.74 38.60
N LEU A 397 4.40 -7.88 38.37
CA LEU A 397 3.44 -8.27 39.38
C LEU A 397 3.80 -9.61 40.01
N THR A 398 3.27 -9.85 41.21
CA THR A 398 3.53 -11.08 41.97
C THR A 398 2.23 -11.88 42.08
N GLY A 399 2.38 -13.21 42.12
CA GLY A 399 1.26 -14.12 42.21
C GLY A 399 0.56 -14.30 40.87
N LYS A 400 -0.59 -14.97 40.90
CA LYS A 400 -1.45 -15.13 39.73
C LYS A 400 -1.95 -13.75 39.32
N ILE A 401 -1.71 -13.39 38.05
CA ILE A 401 -2.00 -12.07 37.54
C ILE A 401 -3.50 -11.98 37.24
N THR A 402 -4.28 -11.53 38.22
CA THR A 402 -5.72 -11.35 38.08
C THR A 402 -6.01 -10.17 37.17
N LYS A 403 -7.26 -10.05 36.72
CA LYS A 403 -7.69 -8.92 35.92
C LYS A 403 -7.71 -7.66 36.77
N SER A 404 -8.04 -7.80 38.07
CA SER A 404 -8.12 -6.66 38.97
C SER A 404 -6.75 -6.01 39.14
N ALA A 405 -5.68 -6.83 39.10
CA ALA A 405 -4.33 -6.34 39.27
C ALA A 405 -3.93 -5.49 38.06
N LYS A 406 -4.22 -5.99 36.86
CA LYS A 406 -3.96 -5.27 35.63
C LYS A 406 -4.71 -3.93 35.67
N GLU A 407 -5.99 -4.01 36.02
CA GLU A 407 -6.82 -2.83 36.19
C GLU A 407 -6.11 -1.83 37.10
N LYS A 408 -5.58 -2.32 38.23
CA LYS A 408 -4.88 -1.50 39.21
C LYS A 408 -3.67 -0.80 38.60
N VAL A 409 -2.91 -1.53 37.76
CA VAL A 409 -1.73 -0.97 37.12
C VAL A 409 -2.16 0.15 36.17
N GLN A 410 -3.19 -0.11 35.36
CA GLN A 410 -3.71 0.89 34.43
C GLN A 410 -4.06 2.17 35.17
N ARG A 411 -4.75 2.03 36.30
CA ARG A 411 -5.18 3.17 37.09
C ARG A 411 -3.98 3.91 37.66
N SER A 412 -2.90 3.18 38.00
CA SER A 412 -1.71 3.82 38.55
C SER A 412 -1.08 4.76 37.53
N LEU A 413 -1.14 4.38 36.24
CA LEU A 413 -0.42 5.08 35.19
C LEU A 413 -1.10 6.39 34.81
N LYS A 414 -2.40 6.50 35.09
CA LYS A 414 -3.17 7.70 34.77
C LYS A 414 -2.58 8.91 35.49
N HIS A 415 -2.27 8.78 36.78
CA HIS A 415 -1.94 9.93 37.61
C HIS A 415 -0.44 10.07 37.85
N GLU A 416 0.28 8.95 37.96
CA GLU A 416 1.64 8.95 38.45
C GLU A 416 2.58 9.66 37.47
N ASP A 417 3.48 10.51 37.99
CA ASP A 417 4.62 11.02 37.24
C ASP A 417 5.68 9.93 37.19
N ILE A 418 6.14 9.59 35.98
CA ILE A 418 7.02 8.44 35.79
C ILE A 418 8.47 8.93 35.76
N ASN A 419 9.36 8.22 36.48
CA ASN A 419 10.76 8.59 36.46
C ASN A 419 11.35 8.23 35.10
N LEU A 420 12.49 8.84 34.77
CA LEU A 420 13.07 8.68 33.45
C LEU A 420 13.73 7.30 33.34
N GLN A 421 14.15 6.72 34.47
CA GLN A 421 14.78 5.42 34.46
C GLN A 421 13.76 4.35 34.06
N GLU A 422 12.53 4.48 34.56
CA GLU A 422 11.48 3.55 34.23
C GLU A 422 11.07 3.71 32.76
N ILE A 423 10.94 4.97 32.30
CA ILE A 423 10.54 5.21 30.92
C ILE A 423 11.54 4.52 29.99
N ILE A 424 12.83 4.77 30.23
CA ILE A 424 13.89 4.19 29.41
C ILE A 424 13.84 2.67 29.47
N SER A 425 13.76 2.10 30.68
CA SER A 425 13.73 0.66 30.85
C SER A 425 12.58 0.03 30.05
N ALA A 426 11.42 0.70 30.02
CA ALA A 426 10.23 0.15 29.40
C ALA A 426 10.29 0.28 27.88
N ALA A 427 10.91 1.34 27.37
CA ALA A 427 10.84 1.66 25.95
C ALA A 427 12.10 1.19 25.21
N GLY A 428 13.26 1.26 25.87
CA GLY A 428 14.52 0.78 25.31
C GLY A 428 15.51 1.93 25.14
N LYS A 429 16.77 1.58 24.82
CA LYS A 429 17.82 2.56 24.62
C LYS A 429 17.48 3.47 23.44
N GLU A 430 16.73 2.94 22.46
CA GLU A 430 16.19 3.74 21.36
C GLU A 430 15.64 5.07 21.88
N LEU A 431 14.92 4.99 23.01
CA LEU A 431 14.29 6.15 23.63
C LEU A 431 15.35 7.15 24.08
N SER A 432 16.44 6.68 24.71
CA SER A 432 17.54 7.55 25.11
C SER A 432 18.05 8.35 23.92
N GLU A 433 18.19 7.68 22.76
CA GLU A 433 18.73 8.32 21.57
C GLU A 433 17.73 9.36 21.06
N ALA A 434 16.45 8.99 20.98
CA ALA A 434 15.43 9.89 20.47
C ALA A 434 15.36 11.16 21.34
N PHE A 435 15.59 10.99 22.64
CA PHE A 435 15.59 12.10 23.59
C PHE A 435 16.75 13.04 23.28
N LYS A 436 17.96 12.47 23.16
CA LYS A 436 19.18 13.23 22.89
C LYS A 436 19.08 13.93 21.54
N GLN A 437 18.51 13.23 20.54
CA GLN A 437 18.41 13.80 19.21
C GLN A 437 17.52 15.04 19.29
N LYS A 438 16.35 14.87 19.91
CA LYS A 438 15.32 15.90 19.98
C LYS A 438 15.82 17.13 20.75
N THR A 439 16.58 16.91 21.83
CA THR A 439 17.08 18.04 22.61
C THR A 439 18.10 18.80 21.77
N SER A 440 18.83 18.07 20.90
CA SER A 440 19.82 18.68 20.03
C SER A 440 19.14 19.60 19.03
N GLU A 441 18.07 19.12 18.41
CA GLU A 441 17.37 19.90 17.41
C GLU A 441 16.87 21.19 18.05
N ILE A 442 16.20 21.05 19.20
CA ILE A 442 15.53 22.17 19.84
C ILE A 442 16.56 23.20 20.28
N LEU A 443 17.69 22.74 20.82
CA LEU A 443 18.74 23.67 21.20
C LEU A 443 19.37 24.27 19.95
N SER A 444 19.57 23.45 18.91
CA SER A 444 20.19 23.91 17.67
C SER A 444 19.36 25.01 17.02
N HIS A 445 18.04 24.84 16.97
CA HIS A 445 17.16 25.81 16.34
C HIS A 445 17.05 27.07 17.19
N ALA A 446 17.08 26.89 18.53
CA ALA A 446 17.00 28.00 19.47
C ALA A 446 18.22 28.89 19.33
N HIS A 447 19.40 28.25 19.30
CA HIS A 447 20.67 28.94 19.11
C HIS A 447 20.62 29.70 17.79
N ALA A 448 20.22 29.00 16.72
CA ALA A 448 20.11 29.60 15.39
C ALA A 448 19.29 30.88 15.42
N ALA A 449 18.16 30.83 16.15
CA ALA A 449 17.21 31.92 16.19
C ALA A 449 17.76 33.14 16.94
N LEU A 450 18.55 32.91 18.00
CA LEU A 450 19.07 33.99 18.81
C LEU A 450 20.20 34.70 18.06
N ASP A 451 20.92 33.94 17.22
CA ASP A 451 21.99 34.46 16.39
C ASP A 451 21.41 35.19 15.18
N GLN A 452 20.38 34.61 14.55
CA GLN A 452 19.78 35.19 13.35
C GLN A 452 19.22 36.57 13.69
N PRO A 453 19.63 37.64 12.97
CA PRO A 453 19.12 38.98 13.25
C PRO A 453 17.67 39.15 12.79
N LEU A 454 16.99 40.07 13.45
CA LEU A 454 15.57 40.31 13.23
C LEU A 454 15.42 41.17 11.98
N PRO A 455 14.26 41.14 11.28
CA PRO A 455 14.03 42.05 10.17
C PRO A 455 13.84 43.51 10.63
N THR A 456 13.65 44.41 9.67
CA THR A 456 13.56 45.84 9.97
C THR A 456 12.10 46.29 10.00
N THR A 457 11.22 45.62 9.25
CA THR A 457 9.78 45.72 9.44
C THR A 457 9.16 44.33 9.27
N LEU A 458 7.84 44.25 9.44
CA LEU A 458 7.07 43.04 9.20
C LEU A 458 6.11 43.29 8.05
N LYS A 459 6.58 44.04 7.04
CA LYS A 459 5.71 44.53 5.99
C LYS A 459 5.56 43.48 4.89
N LYS A 460 6.53 42.58 4.78
CA LYS A 460 6.49 41.53 3.78
C LYS A 460 6.36 40.20 4.52
N GLN A 461 5.73 39.22 3.84
CA GLN A 461 5.44 37.93 4.46
C GLN A 461 6.73 37.20 4.80
N GLU A 462 7.79 37.46 4.05
CA GLU A 462 9.07 36.80 4.24
C GLU A 462 9.65 37.25 5.59
N GLU A 463 9.31 38.49 5.99
CA GLU A 463 9.80 39.07 7.23
C GLU A 463 9.02 38.50 8.42
N LYS A 464 7.69 38.51 8.33
CA LYS A 464 6.86 37.86 9.33
C LYS A 464 7.31 36.42 9.57
N GLU A 465 7.76 35.74 8.50
CA GLU A 465 8.18 34.36 8.60
C GLU A 465 9.48 34.28 9.40
N ILE A 466 10.38 35.25 9.23
CA ILE A 466 11.59 35.28 10.03
C ILE A 466 11.19 35.38 11.50
N LEU A 467 10.28 36.31 11.82
CA LEU A 467 9.78 36.50 13.18
C LEU A 467 9.15 35.21 13.72
N LYS A 468 8.27 34.60 12.91
CA LYS A 468 7.51 33.43 13.33
C LYS A 468 8.45 32.27 13.69
N SER A 469 9.45 31.99 12.86
CA SER A 469 10.30 30.82 13.06
C SER A 469 11.13 30.98 14.33
N GLN A 470 11.56 32.21 14.63
CA GLN A 470 12.38 32.47 15.81
C GLN A 470 11.54 32.22 17.06
N LEU A 471 10.27 32.61 17.02
CA LEU A 471 9.37 32.39 18.14
C LEU A 471 9.09 30.89 18.28
N ASP A 472 8.85 30.23 17.13
CA ASP A 472 8.65 28.78 17.09
C ASP A 472 9.80 28.07 17.80
N SER A 473 11.03 28.47 17.50
CA SER A 473 12.21 27.83 18.05
C SER A 473 12.25 27.97 19.57
N LEU A 474 12.00 29.20 20.05
CA LEU A 474 12.01 29.50 21.47
C LEU A 474 10.86 28.78 22.16
N LEU A 475 9.67 28.76 21.53
CA LEU A 475 8.54 28.03 22.09
C LEU A 475 8.88 26.55 22.23
N GLY A 476 9.66 26.03 21.27
CA GLY A 476 10.12 24.65 21.31
C GLY A 476 10.92 24.33 22.57
N LEU A 477 11.78 25.28 22.98
CA LEU A 477 12.62 25.08 24.15
C LEU A 477 11.74 25.11 25.40
N TYR A 478 10.85 26.10 25.45
CA TYR A 478 9.88 26.23 26.53
C TYR A 478 9.10 24.93 26.70
N HIS A 479 8.62 24.36 25.59
CA HIS A 479 7.89 23.10 25.61
C HIS A 479 8.75 21.97 26.17
N LEU A 480 10.03 21.93 25.80
CA LEU A 480 10.91 20.86 26.22
C LEU A 480 11.13 20.89 27.73
N LEU A 481 11.34 22.09 28.27
CA LEU A 481 11.60 22.27 29.70
C LEU A 481 10.36 21.90 30.50
N ASP A 482 9.19 22.06 29.88
CA ASP A 482 7.92 21.82 30.53
C ASP A 482 7.56 20.34 30.50
N TRP A 483 8.44 19.51 29.91
CA TRP A 483 8.31 18.06 29.94
C TRP A 483 8.52 17.53 31.37
N PHE A 484 9.40 18.20 32.12
CA PHE A 484 9.88 17.66 33.39
C PHE A 484 8.94 18.05 34.53
N ALA A 485 8.59 17.05 35.35
CA ALA A 485 7.88 17.26 36.60
C ALA A 485 8.88 17.77 37.63
N VAL A 486 8.60 18.96 38.16
CA VAL A 486 9.56 19.69 38.98
C VAL A 486 9.06 19.83 40.43
N ASP A 487 7.75 19.65 40.65
CA ASP A 487 7.12 19.78 41.96
C ASP A 487 7.83 18.91 43.00
N GLU A 488 7.72 19.32 44.27
CA GLU A 488 8.50 18.76 45.37
C GLU A 488 7.83 17.51 45.94
N SER A 489 6.70 17.09 45.35
CA SER A 489 6.05 15.84 45.71
C SER A 489 6.95 14.65 45.36
N ASN A 490 7.52 14.67 44.14
CA ASN A 490 8.44 13.64 43.69
C ASN A 490 9.82 13.89 44.28
N GLU A 491 10.62 12.83 44.42
CA GLU A 491 11.99 12.95 44.91
C GLU A 491 12.91 13.33 43.76
N VAL A 492 12.83 14.61 43.36
CA VAL A 492 13.60 15.15 42.25
C VAL A 492 14.98 15.54 42.76
N ASP A 493 16.01 15.36 41.93
CA ASP A 493 17.36 15.80 42.24
C ASP A 493 17.30 17.31 42.55
N PRO A 494 17.71 17.75 43.77
CA PRO A 494 17.55 19.14 44.17
C PRO A 494 18.13 20.14 43.17
N GLU A 495 19.35 19.86 42.68
CA GLU A 495 20.04 20.73 41.74
C GLU A 495 19.22 20.83 40.45
N PHE A 496 18.89 19.67 39.88
CA PHE A 496 18.13 19.61 38.64
C PHE A 496 16.87 20.46 38.73
N SER A 497 16.20 20.40 39.88
CA SER A 497 14.92 21.05 40.06
C SER A 497 15.09 22.57 40.08
N ALA A 498 16.15 23.03 40.77
CA ALA A 498 16.42 24.46 40.91
C ALA A 498 16.84 25.05 39.56
N ARG A 499 17.69 24.33 38.82
CA ARG A 499 18.27 24.83 37.58
C ARG A 499 17.20 24.87 36.48
N LEU A 500 16.37 23.83 36.41
CA LEU A 500 15.31 23.75 35.41
C LEU A 500 14.32 24.90 35.63
N THR A 501 13.89 25.06 36.89
CA THR A 501 12.93 26.08 37.24
C THR A 501 13.49 27.45 36.90
N GLY A 502 14.82 27.59 37.00
CA GLY A 502 15.53 28.82 36.71
C GLY A 502 15.37 29.23 35.25
N ILE A 503 15.76 28.33 34.33
CA ILE A 503 15.74 28.62 32.92
C ILE A 503 14.30 28.56 32.39
N LYS A 504 13.44 27.76 33.02
CA LYS A 504 12.03 27.80 32.69
C LYS A 504 11.46 29.20 32.90
N LEU A 505 11.85 29.84 34.01
CA LEU A 505 11.36 31.17 34.33
C LEU A 505 11.89 32.20 33.34
N GLU A 506 13.12 31.99 32.83
CA GLU A 506 13.73 32.89 31.87
C GLU A 506 13.06 32.71 30.49
N MET A 507 12.51 31.52 30.23
CA MET A 507 11.96 31.19 28.91
C MET A 507 10.46 31.45 28.86
N GLU A 508 9.83 31.60 30.03
CA GLU A 508 8.37 31.70 30.14
C GLU A 508 7.82 32.82 29.25
N PRO A 509 8.47 34.00 29.15
CA PRO A 509 7.95 35.09 28.32
C PRO A 509 7.75 34.77 26.83
N SER A 510 8.39 33.70 26.34
CA SER A 510 8.20 33.23 24.98
C SER A 510 6.72 33.03 24.66
N LEU A 511 5.97 32.45 25.60
CA LEU A 511 4.53 32.27 25.44
C LEU A 511 3.87 33.61 25.12
N SER A 512 4.05 34.55 26.05
CA SER A 512 3.49 35.88 25.94
C SER A 512 3.86 36.51 24.59
N PHE A 513 5.14 36.39 24.20
CA PHE A 513 5.63 36.98 22.97
C PHE A 513 5.02 36.29 21.75
N TYR A 514 4.97 34.96 21.79
CA TYR A 514 4.43 34.18 20.69
C TYR A 514 3.02 34.69 20.37
N ASN A 515 2.18 34.75 21.41
CA ASN A 515 0.78 35.11 21.27
C ASN A 515 0.63 36.54 20.78
N LYS A 516 1.35 37.48 21.41
CA LYS A 516 1.22 38.89 21.05
C LYS A 516 1.63 39.09 19.60
N ALA A 517 2.75 38.48 19.20
CA ALA A 517 3.27 38.64 17.85
C ALA A 517 2.25 38.16 16.82
N ARG A 518 1.62 37.00 17.09
CA ARG A 518 0.64 36.41 16.21
C ARG A 518 -0.58 37.33 16.11
N ASN A 519 -1.02 37.83 17.26
CA ASN A 519 -2.23 38.61 17.35
C ASN A 519 -2.08 39.90 16.55
N TYR A 520 -0.84 40.42 16.50
CA TYR A 520 -0.52 41.59 15.71
C TYR A 520 -0.34 41.22 14.24
N ALA A 521 0.58 40.27 13.98
CA ALA A 521 1.02 39.97 12.62
C ALA A 521 -0.12 39.45 11.73
N THR A 522 -1.14 38.82 12.31
CA THR A 522 -2.21 38.24 11.51
C THR A 522 -3.35 39.23 11.30
N LYS A 523 -3.15 40.50 11.70
CA LYS A 523 -4.13 41.54 11.43
C LYS A 523 -4.19 41.79 9.94
N LYS A 524 -5.40 42.13 9.45
CA LYS A 524 -5.62 42.44 8.06
C LYS A 524 -5.42 43.94 7.85
N PRO A 525 -4.67 44.36 6.80
CA PRO A 525 -4.37 45.77 6.63
C PRO A 525 -5.57 46.55 6.09
N TYR A 526 -5.68 47.82 6.46
CA TYR A 526 -6.73 48.70 5.95
C TYR A 526 -6.73 48.64 4.42
N SER A 527 -7.79 48.04 3.87
CA SER A 527 -8.06 48.10 2.44
C SER A 527 -9.04 49.25 2.18
N VAL A 528 -8.90 49.85 1.00
CA VAL A 528 -9.69 51.03 0.62
C VAL A 528 -11.13 50.60 0.38
N GLU A 529 -12.08 51.44 0.79
CA GLU A 529 -13.49 51.14 0.60
C GLU A 529 -14.20 52.30 -0.12
N LYS A 530 -15.13 51.93 -1.00
CA LYS A 530 -16.00 52.91 -1.64
C LYS A 530 -16.82 53.61 -0.56
N PHE A 531 -17.15 54.89 -0.78
CA PHE A 531 -17.97 55.66 0.13
C PHE A 531 -19.08 56.35 -0.65
N LYS A 532 -20.20 56.60 0.04
CA LYS A 532 -21.40 57.19 -0.53
C LYS A 532 -21.15 58.65 -0.90
N LEU A 533 -21.67 59.04 -2.07
CA LEU A 533 -21.60 60.42 -2.53
C LEU A 533 -22.96 61.09 -2.29
N ASN A 534 -22.91 62.40 -2.01
CA ASN A 534 -24.10 63.19 -1.73
C ASN A 534 -24.14 64.47 -2.55
N PHE A 535 -22.97 64.98 -2.97
CA PHE A 535 -22.88 66.19 -3.77
C PHE A 535 -23.60 67.34 -3.06
N GLN A 536 -23.49 67.39 -1.72
CA GLN A 536 -24.10 68.42 -0.91
C GLN A 536 -25.63 68.41 -1.01
N ARG A 537 -26.22 67.22 -1.24
CA ARG A 537 -27.67 67.07 -1.32
C ARG A 537 -28.10 65.99 -0.33
N PRO A 538 -28.61 66.36 0.86
CA PRO A 538 -28.98 65.38 1.87
C PRO A 538 -29.92 64.28 1.40
N THR A 539 -30.83 64.58 0.46
CA THR A 539 -31.78 63.59 -0.04
C THR A 539 -31.40 63.15 -1.45
N LEU A 540 -30.11 63.02 -1.75
CA LEU A 540 -29.68 62.75 -3.11
C LEU A 540 -30.27 61.43 -3.58
N ALA A 541 -31.00 61.48 -4.70
CA ALA A 541 -31.48 60.31 -5.42
C ALA A 541 -32.41 59.50 -4.52
N SER A 542 -33.02 60.17 -3.55
CA SER A 542 -33.95 59.55 -2.64
C SER A 542 -35.20 59.03 -3.38
N GLY A 543 -35.48 59.63 -4.56
CA GLY A 543 -36.70 59.35 -5.30
C GLY A 543 -36.82 60.23 -6.55
N TRP A 544 -37.44 59.68 -7.59
CA TRP A 544 -37.27 60.19 -8.95
C TRP A 544 -38.37 61.18 -9.37
N ASP A 545 -39.43 61.32 -8.56
CA ASP A 545 -40.62 62.05 -8.94
C ASP A 545 -40.31 63.49 -9.37
N VAL A 546 -40.97 63.90 -10.47
CA VAL A 546 -40.87 65.24 -11.03
C VAL A 546 -40.98 66.30 -9.92
N ASN A 547 -41.88 66.09 -8.95
CA ASN A 547 -42.14 67.07 -7.91
C ASN A 547 -40.98 67.11 -6.92
N LYS A 548 -40.04 66.17 -7.01
CA LYS A 548 -38.97 66.08 -6.03
C LYS A 548 -37.60 66.32 -6.66
N GLU A 549 -37.56 66.53 -7.98
CA GLU A 549 -36.31 66.72 -8.69
C GLU A 549 -35.52 67.88 -8.10
N LYS A 550 -36.21 68.93 -7.66
CA LYS A 550 -35.53 70.12 -7.17
C LYS A 550 -34.91 69.89 -5.79
N ASN A 551 -35.34 68.84 -5.07
CA ASN A 551 -34.80 68.50 -3.75
C ASN A 551 -33.81 67.34 -3.81
N ASN A 552 -34.05 66.36 -4.69
CA ASN A 552 -33.34 65.09 -4.67
C ASN A 552 -32.18 65.07 -5.68
N GLY A 553 -32.20 65.95 -6.69
CA GLY A 553 -31.01 66.25 -7.46
C GLY A 553 -30.65 65.18 -8.49
N ALA A 554 -31.55 64.23 -8.77
CA ALA A 554 -31.23 63.13 -9.66
C ALA A 554 -32.30 62.97 -10.74
N ILE A 555 -31.85 62.84 -12.00
CA ILE A 555 -32.71 62.65 -13.15
C ILE A 555 -32.04 61.68 -14.11
N LEU A 556 -32.84 61.10 -15.03
CA LEU A 556 -32.36 60.11 -15.99
C LEU A 556 -32.58 60.62 -17.41
N PHE A 557 -31.68 60.22 -18.32
CA PHE A 557 -31.74 60.61 -19.72
C PHE A 557 -31.48 59.39 -20.60
N VAL A 558 -31.94 59.45 -21.85
CA VAL A 558 -31.64 58.46 -22.89
C VAL A 558 -31.27 59.18 -24.18
N LYS A 559 -30.23 58.72 -24.88
CA LYS A 559 -29.82 59.36 -26.12
C LYS A 559 -29.05 58.38 -27.01
N ASN A 560 -29.69 57.95 -28.10
CA ASN A 560 -29.12 57.05 -29.08
C ASN A 560 -28.72 55.71 -28.47
N GLY A 561 -29.59 55.18 -27.59
CA GLY A 561 -29.40 53.86 -27.03
C GLY A 561 -28.49 53.85 -25.80
N LEU A 562 -28.06 55.04 -25.35
CA LEU A 562 -27.20 55.15 -24.18
C LEU A 562 -27.97 55.85 -23.06
N TYR A 563 -27.63 55.53 -21.81
CA TYR A 563 -28.34 56.01 -20.64
C TYR A 563 -27.41 56.91 -19.83
N TYR A 564 -27.94 58.03 -19.34
CA TYR A 564 -27.15 58.97 -18.56
C TYR A 564 -27.85 59.28 -17.24
N LEU A 565 -27.04 59.48 -16.19
CA LEU A 565 -27.52 59.97 -14.91
C LEU A 565 -27.23 61.46 -14.81
N GLY A 566 -28.27 62.25 -14.56
CA GLY A 566 -28.11 63.67 -14.30
C GLY A 566 -28.09 63.92 -12.80
N ILE A 567 -26.98 64.45 -12.28
CA ILE A 567 -26.90 64.91 -10.91
C ILE A 567 -26.86 66.43 -10.91
N MET A 568 -27.66 67.04 -10.04
CA MET A 568 -27.70 68.49 -9.92
C MET A 568 -27.18 68.84 -8.54
N PRO A 569 -25.87 69.16 -8.41
CA PRO A 569 -25.26 69.44 -7.12
C PRO A 569 -25.67 70.80 -6.58
N LYS A 570 -25.43 71.01 -5.28
CA LYS A 570 -25.51 72.33 -4.67
C LYS A 570 -24.10 72.91 -4.63
N GLN A 571 -23.81 73.86 -5.53
CA GLN A 571 -22.47 74.41 -5.67
C GLN A 571 -22.20 75.40 -4.54
N LYS A 572 -20.93 75.85 -4.44
CA LYS A 572 -20.49 76.69 -3.35
C LYS A 572 -21.02 78.12 -3.49
N GLY A 573 -21.30 78.55 -4.73
CA GLY A 573 -21.77 79.90 -4.96
C GLY A 573 -23.29 79.99 -4.88
N ARG A 574 -23.82 81.17 -5.22
CA ARG A 574 -25.25 81.38 -5.30
C ARG A 574 -25.72 81.18 -6.73
N TYR A 575 -26.53 80.13 -6.94
CA TYR A 575 -27.00 79.76 -8.27
C TYR A 575 -28.48 79.43 -8.20
N LYS A 576 -29.22 79.88 -9.21
CA LYS A 576 -30.62 79.52 -9.39
C LYS A 576 -30.71 78.05 -9.78
N ALA A 577 -31.67 77.35 -9.16
CA ALA A 577 -31.90 75.93 -9.42
C ALA A 577 -32.09 75.71 -10.92
N LEU A 578 -31.55 74.59 -11.41
CA LEU A 578 -31.57 74.28 -12.83
C LEU A 578 -32.97 73.81 -13.25
N SER A 579 -33.44 74.39 -14.35
CA SER A 579 -34.74 74.12 -14.92
C SER A 579 -34.55 73.57 -16.34
N PHE A 580 -35.41 72.63 -16.76
CA PHE A 580 -35.32 72.04 -18.08
C PHE A 580 -36.61 72.30 -18.85
N GLU A 581 -36.48 72.78 -20.09
CA GLU A 581 -37.63 73.11 -20.92
C GLU A 581 -37.73 72.10 -22.07
N PRO A 582 -38.85 71.35 -22.20
CA PRO A 582 -39.02 70.43 -23.32
C PRO A 582 -39.03 71.13 -24.68
N THR A 583 -38.94 70.33 -25.75
CA THR A 583 -39.02 70.84 -27.10
C THR A 583 -39.54 69.72 -28.02
N GLU A 584 -39.83 70.07 -29.29
CA GLU A 584 -40.30 69.12 -30.29
C GLU A 584 -39.31 67.95 -30.39
N LYS A 585 -39.83 66.73 -30.53
CA LYS A 585 -39.03 65.52 -30.45
C LYS A 585 -38.06 65.39 -31.64
N THR A 586 -38.20 66.29 -32.62
CA THR A 586 -37.33 66.32 -33.80
C THR A 586 -35.96 66.89 -33.44
N SER A 587 -35.93 67.98 -32.67
CA SER A 587 -34.69 68.65 -32.28
C SER A 587 -33.70 67.65 -31.69
N GLU A 588 -32.40 67.85 -31.96
CA GLU A 588 -31.38 66.99 -31.38
C GLU A 588 -31.31 67.24 -29.88
N GLY A 589 -31.04 66.19 -29.10
CA GLY A 589 -30.85 66.34 -27.66
C GLY A 589 -31.03 65.02 -26.89
N PHE A 590 -31.37 65.16 -25.61
CA PHE A 590 -31.51 64.04 -24.69
C PHE A 590 -32.97 63.85 -24.29
N ASP A 591 -33.44 62.60 -24.29
CA ASP A 591 -34.78 62.29 -23.82
C ASP A 591 -34.74 62.14 -22.30
N LYS A 592 -35.42 63.06 -21.61
CA LYS A 592 -35.47 63.06 -20.16
C LYS A 592 -36.70 62.29 -19.66
N MET A 593 -36.49 61.49 -18.60
CA MET A 593 -37.55 60.75 -17.94
C MET A 593 -38.36 61.71 -17.06
N TYR A 594 -39.68 61.67 -17.24
CA TYR A 594 -40.61 62.28 -16.30
C TYR A 594 -41.29 61.15 -15.52
N TYR A 595 -40.90 61.02 -14.25
CA TYR A 595 -41.34 59.93 -13.40
C TYR A 595 -42.44 60.45 -12.48
N ASP A 596 -43.57 59.74 -12.43
CA ASP A 596 -44.74 60.23 -11.74
C ASP A 596 -45.28 59.15 -10.82
N TYR A 597 -45.01 59.26 -9.51
CA TYR A 597 -45.30 58.19 -8.58
C TYR A 597 -46.05 58.73 -7.36
N PHE A 598 -47.12 58.02 -6.96
CA PHE A 598 -47.73 58.19 -5.66
C PHE A 598 -47.50 56.90 -4.89
N PRO A 599 -46.54 56.87 -3.92
CA PRO A 599 -46.22 55.67 -3.15
C PRO A 599 -47.39 55.01 -2.41
N ASP A 600 -47.10 53.82 -1.89
CA ASP A 600 -48.04 52.94 -1.19
C ASP A 600 -49.23 53.74 -0.69
N ALA A 601 -50.37 53.56 -1.38
CA ALA A 601 -51.64 54.18 -1.03
C ALA A 601 -51.98 53.99 0.44
N ALA A 602 -51.66 52.81 0.98
CA ALA A 602 -52.07 52.42 2.33
C ALA A 602 -51.56 53.41 3.37
N LYS A 603 -50.42 54.05 3.09
CA LYS A 603 -49.82 54.98 4.02
C LYS A 603 -50.01 56.42 3.54
N MET A 604 -49.79 56.66 2.24
CA MET A 604 -49.77 58.02 1.71
C MET A 604 -51.15 58.66 1.82
N ILE A 605 -52.21 57.87 1.55
CA ILE A 605 -53.56 58.39 1.58
C ILE A 605 -53.85 58.94 2.98
N PRO A 606 -53.74 58.14 4.06
CA PRO A 606 -53.93 58.67 5.42
C PRO A 606 -53.00 59.83 5.78
N LYS A 607 -51.75 59.75 5.31
CA LYS A 607 -50.74 60.78 5.57
C LYS A 607 -51.23 62.14 5.05
N CYS A 608 -51.95 62.13 3.91
CA CYS A 608 -52.32 63.36 3.23
C CYS A 608 -53.76 63.80 3.55
N SER A 609 -54.52 62.97 4.30
CA SER A 609 -55.92 63.25 4.57
C SER A 609 -56.25 63.08 6.05
N THR A 610 -56.41 61.83 6.51
CA THR A 610 -56.99 61.54 7.82
C THR A 610 -56.00 61.92 8.91
N GLN A 611 -54.71 61.68 8.68
CA GLN A 611 -53.70 61.78 9.72
C GLN A 611 -53.15 63.19 9.84
N LEU A 612 -53.63 64.12 8.99
CA LEU A 612 -53.22 65.52 9.08
C LEU A 612 -53.42 66.00 10.52
N LYS A 613 -52.59 66.97 10.92
CA LYS A 613 -52.65 67.56 12.25
C LYS A 613 -54.01 68.23 12.48
N ALA A 614 -54.38 69.08 11.53
CA ALA A 614 -55.63 69.83 11.60
C ALA A 614 -56.83 68.90 11.73
N VAL A 615 -56.75 67.71 11.09
CA VAL A 615 -57.82 66.73 11.15
C VAL A 615 -57.86 66.11 12.56
N THR A 616 -56.70 65.69 13.07
CA THR A 616 -56.61 65.11 14.40
C THR A 616 -56.98 66.14 15.46
N ALA A 617 -56.63 67.40 15.21
CA ALA A 617 -56.90 68.49 16.15
C ALA A 617 -58.39 68.83 16.19
N HIS A 618 -59.08 68.60 15.06
CA HIS A 618 -60.49 68.93 14.94
C HIS A 618 -61.34 67.88 15.65
N PHE A 619 -61.05 66.60 15.38
CA PHE A 619 -61.85 65.48 15.87
C PHE A 619 -61.56 65.22 17.35
N GLN A 620 -60.57 65.92 17.91
CA GLN A 620 -60.25 65.81 19.32
C GLN A 620 -61.33 66.48 20.17
N THR A 621 -61.94 67.55 19.67
CA THR A 621 -62.94 68.27 20.44
C THR A 621 -64.23 68.50 19.64
N HIS A 622 -64.31 67.96 18.41
CA HIS A 622 -65.49 68.15 17.56
C HIS A 622 -65.92 66.79 17.00
N THR A 623 -67.18 66.75 16.52
CA THR A 623 -67.71 65.59 15.81
C THR A 623 -68.16 65.98 14.39
N THR A 624 -68.22 67.30 14.10
CA THR A 624 -68.62 67.79 12.80
C THR A 624 -67.55 67.42 11.77
N PRO A 625 -67.92 67.20 10.48
CA PRO A 625 -66.95 66.95 9.44
C PRO A 625 -66.00 68.12 9.17
N ILE A 626 -64.85 67.79 8.57
CA ILE A 626 -63.88 68.78 8.13
C ILE A 626 -63.64 68.58 6.62
N LEU A 627 -63.63 69.69 5.89
CA LEU A 627 -63.41 69.68 4.45
C LEU A 627 -62.00 70.18 4.15
N LEU A 628 -61.22 69.38 3.43
CA LEU A 628 -59.88 69.75 3.02
C LEU A 628 -59.95 70.35 1.62
N SER A 629 -59.24 71.46 1.42
CA SER A 629 -59.24 72.18 0.16
C SER A 629 -57.86 72.18 -0.49
N ASN A 630 -56.81 72.17 0.34
CA ASN A 630 -55.44 72.34 -0.12
C ASN A 630 -54.96 71.06 -0.80
N ASN A 631 -54.55 71.19 -2.07
CA ASN A 631 -54.13 70.08 -2.90
C ASN A 631 -55.31 69.18 -3.28
N PHE A 632 -56.50 69.77 -3.35
CA PHE A 632 -57.71 69.09 -3.80
C PHE A 632 -58.46 70.01 -4.76
N ILE A 633 -58.72 69.52 -5.98
CA ILE A 633 -59.42 70.34 -6.97
C ILE A 633 -60.83 70.60 -6.48
N GLU A 634 -61.43 69.61 -5.82
CA GLU A 634 -62.68 69.78 -5.10
C GLU A 634 -62.47 69.29 -3.67
N PRO A 635 -63.20 69.84 -2.66
CA PRO A 635 -62.96 69.50 -1.27
C PRO A 635 -63.23 68.04 -0.93
N LEU A 636 -62.34 67.46 -0.10
CA LEU A 636 -62.49 66.11 0.43
C LEU A 636 -63.08 66.18 1.84
N GLU A 637 -64.12 65.38 2.08
CA GLU A 637 -64.79 65.38 3.37
C GLU A 637 -64.16 64.32 4.25
N ILE A 638 -63.68 64.72 5.44
CA ILE A 638 -63.36 63.78 6.51
C ILE A 638 -64.47 63.85 7.55
N THR A 639 -65.21 62.75 7.69
CA THR A 639 -66.25 62.62 8.71
C THR A 639 -65.65 61.90 9.90
N LYS A 640 -66.32 62.01 11.06
CA LYS A 640 -65.85 61.35 12.27
C LYS A 640 -65.86 59.83 12.06
N GLU A 641 -66.89 59.32 11.37
CA GLU A 641 -66.99 57.91 11.09
C GLU A 641 -65.71 57.42 10.42
N ILE A 642 -65.23 58.17 9.42
CA ILE A 642 -64.08 57.77 8.63
C ILE A 642 -62.82 57.90 9.49
N TYR A 643 -62.68 59.03 10.19
CA TYR A 643 -61.51 59.27 11.03
C TYR A 643 -61.35 58.13 12.04
N ASP A 644 -62.41 57.89 12.82
CA ASP A 644 -62.41 56.87 13.86
C ASP A 644 -62.15 55.49 13.26
N LEU A 645 -62.42 55.32 11.96
CA LEU A 645 -62.24 54.03 11.29
C LEU A 645 -60.75 53.72 11.14
N ASN A 646 -59.93 54.73 10.81
CA ASN A 646 -58.49 54.55 10.66
C ASN A 646 -57.78 54.89 11.97
N ASN A 647 -58.49 55.52 12.91
CA ASN A 647 -57.92 55.92 14.19
C ASN A 647 -58.70 55.33 15.36
N PRO A 648 -58.68 53.99 15.56
CA PRO A 648 -59.45 53.37 16.65
C PRO A 648 -58.75 53.41 18.00
N GLU A 649 -59.52 53.18 19.06
CA GLU A 649 -58.98 52.70 20.32
C GLU A 649 -58.48 51.27 20.11
N LYS A 650 -59.37 50.43 19.52
CA LYS A 650 -59.17 48.99 19.40
C LYS A 650 -57.89 48.65 18.66
N GLU A 651 -57.36 47.45 18.91
CA GLU A 651 -56.08 47.03 18.38
C GLU A 651 -56.20 46.81 16.86
N PRO A 652 -57.08 45.91 16.36
CA PRO A 652 -57.32 45.82 14.93
C PRO A 652 -58.33 46.87 14.46
N LYS A 653 -58.08 47.41 13.26
CA LYS A 653 -59.00 48.34 12.62
C LYS A 653 -60.19 47.56 12.08
N LYS A 654 -61.31 48.26 11.90
CA LYS A 654 -62.57 47.62 11.59
C LYS A 654 -62.57 47.09 10.16
N PHE A 655 -61.64 47.60 9.31
CA PHE A 655 -61.57 47.22 7.92
C PHE A 655 -60.38 46.30 7.64
N GLN A 656 -59.60 45.94 8.67
CA GLN A 656 -58.57 44.92 8.54
C GLN A 656 -59.20 43.56 8.86
N THR A 657 -58.65 42.51 8.25
CA THR A 657 -59.21 41.17 8.36
C THR A 657 -58.99 40.63 9.78
N ALA A 658 -58.13 41.29 10.56
CA ALA A 658 -57.86 40.90 11.93
C ALA A 658 -59.06 41.15 12.83
N TYR A 659 -59.89 42.16 12.49
CA TYR A 659 -61.11 42.43 13.24
C TYR A 659 -62.13 41.33 12.96
N ALA A 660 -62.06 40.74 11.76
CA ALA A 660 -62.95 39.65 11.38
C ALA A 660 -62.58 38.36 12.11
N LYS A 661 -61.27 38.13 12.33
CA LYS A 661 -60.79 36.98 13.07
C LYS A 661 -61.16 37.15 14.55
N LYS A 662 -60.83 38.30 15.13
CA LYS A 662 -61.04 38.57 16.55
C LYS A 662 -62.53 38.48 16.88
N THR A 663 -63.39 39.13 16.09
CA THR A 663 -64.82 39.15 16.33
C THR A 663 -65.52 38.17 15.37
N GLY A 664 -66.84 38.32 15.22
CA GLY A 664 -67.59 37.55 14.24
C GLY A 664 -68.49 38.46 13.41
N ASP A 665 -68.02 39.70 13.17
CA ASP A 665 -68.79 40.73 12.49
C ASP A 665 -68.34 40.80 11.05
N GLN A 666 -68.80 39.86 10.23
CA GLN A 666 -68.51 39.86 8.80
C GLN A 666 -69.34 40.96 8.12
N LYS A 667 -70.50 41.29 8.69
CA LYS A 667 -71.28 42.42 8.21
C LYS A 667 -70.44 43.70 8.37
N GLY A 668 -70.11 44.03 9.63
CA GLY A 668 -69.46 45.28 9.98
C GLY A 668 -68.05 45.42 9.38
N TYR A 669 -67.40 44.27 9.18
CA TYR A 669 -66.12 44.22 8.49
C TYR A 669 -66.31 44.79 7.07
N ARG A 670 -67.13 44.11 6.27
CA ARG A 670 -67.30 44.44 4.87
C ARG A 670 -67.88 45.85 4.73
N GLU A 671 -68.68 46.28 5.71
CA GLU A 671 -69.25 47.62 5.73
C GLU A 671 -68.17 48.65 5.98
N ALA A 672 -67.27 48.37 6.94
CA ALA A 672 -66.14 49.24 7.21
C ALA A 672 -65.17 49.24 6.04
N LEU A 673 -64.99 48.06 5.42
CA LEU A 673 -64.07 47.88 4.30
C LEU A 673 -64.55 48.71 3.10
N CYS A 674 -65.86 48.66 2.84
CA CYS A 674 -66.44 49.39 1.73
C CYS A 674 -66.30 50.90 1.95
N LYS A 675 -66.64 51.36 3.16
CA LYS A 675 -66.62 52.80 3.42
C LYS A 675 -65.19 53.34 3.32
N TRP A 676 -64.16 52.52 3.63
CA TRP A 676 -62.78 52.99 3.58
C TRP A 676 -62.30 53.08 2.13
N ILE A 677 -62.54 52.03 1.35
CA ILE A 677 -62.18 52.00 -0.06
C ILE A 677 -62.90 53.16 -0.76
N ASP A 678 -64.22 53.26 -0.55
CA ASP A 678 -64.99 54.40 -1.05
C ASP A 678 -64.21 55.69 -0.80
N PHE A 679 -63.78 55.88 0.46
CA PHE A 679 -63.13 57.11 0.86
C PHE A 679 -61.79 57.27 0.14
N THR A 680 -61.04 56.17 -0.06
CA THR A 680 -59.77 56.25 -0.77
C THR A 680 -60.05 56.77 -2.18
N ARG A 681 -61.14 56.30 -2.80
CA ARG A 681 -61.45 56.64 -4.17
C ARG A 681 -61.83 58.11 -4.26
N ASP A 682 -62.41 58.61 -3.17
CA ASP A 682 -62.80 60.01 -3.06
C ASP A 682 -61.55 60.86 -2.98
N PHE A 683 -60.57 60.42 -2.19
CA PHE A 683 -59.29 61.10 -2.08
C PHE A 683 -58.63 61.15 -3.46
N LEU A 684 -58.52 59.98 -4.09
CA LEU A 684 -57.77 59.83 -5.33
C LEU A 684 -58.37 60.70 -6.43
N SER A 685 -59.70 60.89 -6.40
CA SER A 685 -60.39 61.68 -7.41
C SER A 685 -60.06 63.16 -7.26
N LYS A 686 -59.62 63.58 -6.07
CA LYS A 686 -59.57 64.98 -5.73
C LYS A 686 -58.13 65.46 -5.53
N TYR A 687 -57.28 64.62 -4.92
CA TYR A 687 -55.90 64.99 -4.63
C TYR A 687 -55.17 65.32 -5.93
N THR A 688 -54.30 66.35 -5.87
CA THR A 688 -53.69 66.92 -7.05
C THR A 688 -52.92 65.88 -7.86
N LYS A 689 -52.22 64.97 -7.18
CA LYS A 689 -51.29 64.08 -7.87
C LYS A 689 -52.01 62.88 -8.49
N THR A 690 -53.28 62.66 -8.11
CA THR A 690 -53.96 61.43 -8.48
C THR A 690 -55.23 61.68 -9.28
N THR A 691 -55.71 62.93 -9.29
CA THR A 691 -57.05 63.25 -9.79
C THR A 691 -57.17 62.86 -11.26
N SER A 692 -56.06 62.94 -11.99
CA SER A 692 -56.03 62.66 -13.42
C SER A 692 -55.71 61.19 -13.72
N ILE A 693 -55.64 60.34 -12.68
CA ILE A 693 -55.38 58.94 -12.93
C ILE A 693 -56.72 58.24 -13.15
N ASP A 694 -56.82 57.58 -14.30
CA ASP A 694 -57.98 56.78 -14.68
C ASP A 694 -58.01 55.54 -13.80
N LEU A 695 -59.02 55.45 -12.93
CA LEU A 695 -59.15 54.32 -12.01
C LEU A 695 -60.35 53.45 -12.37
N SER A 696 -60.81 53.56 -13.62
CA SER A 696 -62.00 52.85 -14.08
C SER A 696 -61.76 51.33 -14.11
N SER A 697 -60.50 50.91 -14.17
CA SER A 697 -60.17 49.49 -14.13
C SER A 697 -60.46 48.89 -12.75
N LEU A 698 -60.51 49.72 -11.71
CA LEU A 698 -60.86 49.26 -10.37
C LEU A 698 -62.28 48.73 -10.39
N ARG A 699 -62.58 47.82 -9.46
CA ARG A 699 -63.91 47.24 -9.32
C ARG A 699 -64.73 48.09 -8.35
N PRO A 700 -66.05 47.83 -8.23
CA PRO A 700 -66.84 48.46 -7.18
C PRO A 700 -66.40 48.05 -5.78
N SER A 701 -66.33 49.03 -4.88
CA SER A 701 -65.73 48.87 -3.57
C SER A 701 -66.24 47.62 -2.84
N SER A 702 -67.53 47.30 -3.06
CA SER A 702 -68.21 46.28 -2.30
C SER A 702 -67.69 44.87 -2.61
N GLN A 703 -67.02 44.69 -3.76
CA GLN A 703 -66.65 43.37 -4.23
C GLN A 703 -65.25 42.94 -3.77
N TYR A 704 -64.57 43.77 -2.98
CA TYR A 704 -63.22 43.45 -2.52
C TYR A 704 -63.30 42.65 -1.22
N LYS A 705 -62.59 41.52 -1.15
CA LYS A 705 -62.63 40.64 0.01
C LYS A 705 -61.77 41.24 1.13
N ASP A 706 -60.50 41.53 0.82
CA ASP A 706 -59.59 42.12 1.79
C ASP A 706 -59.08 43.46 1.27
N LEU A 707 -58.67 44.33 2.18
CA LEU A 707 -58.11 45.62 1.82
C LEU A 707 -56.86 45.41 0.95
N GLY A 708 -56.11 44.34 1.23
CA GLY A 708 -54.91 44.04 0.47
C GLY A 708 -55.19 43.83 -1.01
N GLU A 709 -56.29 43.13 -1.32
CA GLU A 709 -56.69 42.85 -2.68
C GLU A 709 -56.93 44.17 -3.41
N TYR A 710 -57.54 45.12 -2.69
CA TYR A 710 -57.81 46.45 -3.22
C TYR A 710 -56.50 47.17 -3.53
N TYR A 711 -55.66 47.33 -2.49
CA TYR A 711 -54.43 48.08 -2.62
C TYR A 711 -53.50 47.41 -3.63
N ALA A 712 -53.62 46.09 -3.81
CA ALA A 712 -52.84 45.37 -4.79
C ALA A 712 -53.20 45.80 -6.21
N GLU A 713 -54.49 46.01 -6.49
CA GLU A 713 -54.93 46.46 -7.79
C GLU A 713 -54.65 47.95 -7.97
N LEU A 714 -54.68 48.71 -6.87
CA LEU A 714 -54.62 50.16 -6.93
C LEU A 714 -53.20 50.65 -7.25
N ASN A 715 -52.21 50.13 -6.52
CA ASN A 715 -50.85 50.66 -6.58
C ASN A 715 -50.33 50.66 -8.01
N PRO A 716 -50.50 49.57 -8.82
CA PRO A 716 -50.03 49.55 -10.19
C PRO A 716 -50.48 50.72 -11.07
N LEU A 717 -51.59 51.36 -10.69
CA LEU A 717 -52.13 52.45 -11.48
C LEU A 717 -51.45 53.77 -11.12
N LEU A 718 -50.75 53.81 -9.97
CA LEU A 718 -50.30 55.06 -9.38
C LEU A 718 -48.83 55.35 -9.67
N TYR A 719 -48.29 54.75 -10.74
CA TYR A 719 -46.91 54.96 -11.16
C TYR A 719 -46.90 55.04 -12.68
N HIS A 720 -46.33 56.12 -13.23
CA HIS A 720 -46.21 56.27 -14.67
C HIS A 720 -44.84 56.85 -15.01
N ILE A 721 -44.31 56.45 -16.16
CA ILE A 721 -43.08 57.02 -16.70
C ILE A 721 -43.31 57.42 -18.16
N SER A 722 -42.80 58.61 -18.50
CA SER A 722 -42.80 59.08 -19.87
C SER A 722 -41.51 59.86 -20.12
N PHE A 723 -41.27 60.19 -21.40
CA PHE A 723 -40.09 60.93 -21.79
C PHE A 723 -40.48 62.15 -22.62
N GLN A 724 -39.70 63.22 -22.45
CA GLN A 724 -39.77 64.39 -23.32
C GLN A 724 -38.35 64.78 -23.69
N ARG A 725 -38.20 65.47 -24.82
CA ARG A 725 -36.88 65.81 -25.33
C ARG A 725 -36.43 67.17 -24.80
N ILE A 726 -35.19 67.20 -24.28
CA ILE A 726 -34.49 68.41 -23.94
C ILE A 726 -33.46 68.67 -25.03
N ALA A 727 -33.24 69.94 -25.40
CA ALA A 727 -32.34 70.26 -26.49
C ALA A 727 -30.89 70.04 -26.06
N GLU A 728 -30.02 69.79 -27.04
CA GLU A 728 -28.60 69.61 -26.79
C GLU A 728 -28.06 70.82 -26.04
N LYS A 729 -28.50 72.03 -26.44
CA LYS A 729 -27.97 73.27 -25.89
C LYS A 729 -28.16 73.29 -24.37
N GLU A 730 -29.40 73.09 -23.91
CA GLU A 730 -29.72 73.17 -22.50
C GLU A 730 -28.79 72.26 -21.69
N ILE A 731 -28.57 71.04 -22.20
CA ILE A 731 -27.84 70.00 -21.48
C ILE A 731 -26.33 70.33 -21.49
N MET A 732 -25.78 70.66 -22.66
CA MET A 732 -24.36 70.90 -22.80
C MET A 732 -23.92 72.11 -21.99
N ASP A 733 -24.76 73.17 -21.98
CA ASP A 733 -24.47 74.40 -21.25
C ASP A 733 -24.52 74.14 -19.75
N ALA A 734 -25.51 73.33 -19.34
CA ALA A 734 -25.69 72.98 -17.93
C ALA A 734 -24.45 72.27 -17.43
N VAL A 735 -23.94 71.33 -18.22
CA VAL A 735 -22.69 70.64 -17.91
C VAL A 735 -21.55 71.67 -17.87
N GLU A 736 -21.52 72.58 -18.86
CA GLU A 736 -20.45 73.55 -18.98
C GLU A 736 -20.38 74.43 -17.73
N THR A 737 -21.53 74.93 -17.28
CA THR A 737 -21.59 75.90 -16.19
C THR A 737 -21.46 75.21 -14.83
N GLY A 738 -21.53 73.87 -14.81
CA GLY A 738 -21.36 73.11 -13.59
C GLY A 738 -22.67 72.98 -12.80
N LYS A 739 -23.80 73.32 -13.45
CA LYS A 739 -25.11 73.19 -12.84
C LYS A 739 -25.62 71.75 -13.02
N LEU A 740 -24.99 70.99 -13.94
CA LEU A 740 -25.35 69.60 -14.15
C LEU A 740 -24.07 68.75 -14.23
N TYR A 741 -24.08 67.64 -13.49
CA TYR A 741 -23.10 66.58 -13.65
C TYR A 741 -23.75 65.46 -14.46
N LEU A 742 -23.18 65.15 -15.63
CA LEU A 742 -23.74 64.15 -16.51
C LEU A 742 -22.81 62.94 -16.56
N PHE A 743 -23.38 61.78 -16.22
CA PHE A 743 -22.66 60.52 -16.28
C PHE A 743 -23.37 59.56 -17.22
N GLN A 744 -22.60 58.82 -18.02
CA GLN A 744 -23.13 57.66 -18.71
C GLN A 744 -23.20 56.51 -17.71
N ILE A 745 -24.40 55.93 -17.57
CA ILE A 745 -24.61 54.70 -16.83
C ILE A 745 -24.04 53.58 -17.70
N TYR A 746 -23.03 52.86 -17.19
CA TYR A 746 -22.23 51.99 -18.05
C TYR A 746 -22.02 50.62 -17.42
N ASN A 747 -22.08 49.59 -18.27
CA ASN A 747 -21.42 48.31 -18.03
C ASN A 747 -20.87 47.82 -19.37
N LYS A 748 -20.22 46.64 -19.38
CA LYS A 748 -19.48 46.16 -20.54
C LYS A 748 -20.40 45.90 -21.72
N ASP A 749 -21.71 45.77 -21.49
CA ASP A 749 -22.65 45.58 -22.58
C ASP A 749 -22.82 46.87 -23.39
N PHE A 750 -22.14 47.95 -23.00
CA PHE A 750 -22.22 49.20 -23.74
C PHE A 750 -20.87 49.52 -24.40
N ALA A 751 -19.96 48.54 -24.44
CA ALA A 751 -18.65 48.75 -25.04
C ALA A 751 -18.77 48.84 -26.56
N LYS A 752 -17.93 49.69 -27.17
CA LYS A 752 -17.93 49.87 -28.62
C LYS A 752 -17.91 48.50 -29.32
N GLY A 753 -17.14 47.55 -28.76
CA GLY A 753 -16.93 46.25 -29.38
C GLY A 753 -17.82 45.14 -28.80
N HIS A 754 -18.86 45.50 -28.04
CA HIS A 754 -19.80 44.51 -27.53
C HIS A 754 -20.59 43.94 -28.68
N HIS A 755 -20.65 42.60 -28.76
CA HIS A 755 -21.30 41.93 -29.87
C HIS A 755 -21.88 40.57 -29.46
N GLY A 756 -22.10 40.37 -28.16
CA GLY A 756 -22.58 39.10 -27.64
C GLY A 756 -23.92 39.27 -26.93
N LYS A 757 -24.31 38.26 -26.17
CA LYS A 757 -25.47 38.36 -25.29
C LYS A 757 -25.15 39.31 -24.13
N PRO A 758 -26.15 40.08 -23.63
CA PRO A 758 -25.96 40.95 -22.49
C PRO A 758 -26.12 40.24 -21.16
N ASN A 759 -25.62 40.86 -20.09
CA ASN A 759 -25.85 40.40 -18.72
C ASN A 759 -27.35 40.43 -18.46
N LEU A 760 -27.84 39.54 -17.61
CA LEU A 760 -29.25 39.55 -17.23
C LEU A 760 -29.66 40.92 -16.72
N HIS A 761 -28.78 41.56 -15.94
CA HIS A 761 -29.10 42.85 -15.34
C HIS A 761 -29.29 43.91 -16.44
N THR A 762 -28.45 43.86 -17.48
CA THR A 762 -28.61 44.76 -18.61
C THR A 762 -29.99 44.55 -19.25
N LEU A 763 -30.43 43.30 -19.32
CA LEU A 763 -31.71 42.98 -19.93
C LEU A 763 -32.87 43.55 -19.12
N TYR A 764 -32.79 43.46 -17.78
CA TYR A 764 -33.78 44.05 -16.90
C TYR A 764 -33.90 45.55 -17.18
N TRP A 765 -32.75 46.22 -17.30
CA TRP A 765 -32.69 47.67 -17.41
C TRP A 765 -33.25 48.11 -18.76
N THR A 766 -32.84 47.43 -19.83
CA THR A 766 -33.33 47.75 -21.16
C THR A 766 -34.81 47.39 -21.26
N GLY A 767 -35.21 46.29 -20.63
CA GLY A 767 -36.61 45.90 -20.57
C GLY A 767 -37.45 46.95 -19.82
N LEU A 768 -36.83 47.56 -18.80
CA LEU A 768 -37.49 48.59 -18.00
C LEU A 768 -37.88 49.78 -18.87
N PHE A 769 -36.98 50.20 -19.77
CA PHE A 769 -37.22 51.37 -20.60
C PHE A 769 -37.74 50.98 -21.98
N SER A 770 -38.06 49.69 -22.20
CA SER A 770 -38.67 49.26 -23.44
C SER A 770 -40.06 49.88 -23.58
N PRO A 771 -40.54 50.13 -24.83
CA PRO A 771 -41.86 50.68 -25.05
C PRO A 771 -42.97 49.89 -24.36
N GLU A 772 -42.93 48.56 -24.45
CA GLU A 772 -43.95 47.73 -23.85
C GLU A 772 -44.05 48.04 -22.36
N ASN A 773 -42.89 48.16 -21.70
CA ASN A 773 -42.87 48.32 -20.24
C ASN A 773 -43.39 49.71 -19.86
N LEU A 774 -43.15 50.71 -20.71
CA LEU A 774 -43.61 52.06 -20.44
C LEU A 774 -45.14 52.11 -20.51
N ALA A 775 -45.71 51.28 -21.40
CA ALA A 775 -47.15 51.28 -21.66
C ALA A 775 -47.89 50.45 -20.60
N LYS A 776 -47.33 49.28 -20.29
CA LYS A 776 -47.82 48.44 -19.20
C LYS A 776 -46.64 48.07 -18.33
N THR A 777 -46.61 48.56 -17.09
CA THR A 777 -45.46 48.40 -16.22
C THR A 777 -45.37 46.95 -15.75
N SER A 778 -44.25 46.30 -16.07
CA SER A 778 -43.85 45.03 -15.44
C SER A 778 -42.68 45.27 -14.49
N ILE A 779 -41.69 46.03 -14.98
CA ILE A 779 -40.56 46.44 -14.17
C ILE A 779 -40.74 47.92 -13.82
N LYS A 780 -40.55 48.21 -12.53
CA LYS A 780 -40.61 49.57 -12.03
C LYS A 780 -39.19 50.00 -11.65
N LEU A 781 -38.87 51.27 -11.92
CA LEU A 781 -37.70 51.90 -11.36
C LEU A 781 -38.05 52.40 -9.95
N ASN A 782 -37.23 52.00 -8.97
CA ASN A 782 -37.46 52.40 -7.59
C ASN A 782 -36.52 53.53 -7.18
N GLY A 783 -36.90 54.21 -6.10
CA GLY A 783 -36.09 55.28 -5.54
C GLY A 783 -35.04 54.74 -4.58
N GLN A 784 -34.44 55.65 -3.82
CA GLN A 784 -33.34 55.30 -2.93
C GLN A 784 -32.20 54.68 -3.74
N ALA A 785 -31.85 55.30 -4.87
CA ALA A 785 -30.62 54.93 -5.56
C ALA A 785 -29.45 55.57 -4.82
N GLU A 786 -28.26 55.02 -5.02
CA GLU A 786 -27.07 55.48 -4.34
C GLU A 786 -25.92 55.62 -5.34
N LEU A 787 -25.08 56.63 -5.11
CA LEU A 787 -23.86 56.84 -5.88
C LEU A 787 -22.67 56.60 -4.95
N PHE A 788 -21.63 55.94 -5.46
CA PHE A 788 -20.42 55.69 -4.67
C PHE A 788 -19.19 56.12 -5.45
N TYR A 789 -18.14 56.46 -4.69
CA TYR A 789 -16.79 56.64 -5.22
C TYR A 789 -15.90 55.53 -4.70
N ARG A 790 -15.28 54.77 -5.61
CA ARG A 790 -14.37 53.70 -5.24
C ARG A 790 -12.97 54.06 -5.69
N PRO A 791 -12.06 54.39 -4.75
CA PRO A 791 -10.66 54.65 -5.09
C PRO A 791 -9.92 53.41 -5.60
N LYS A 792 -8.89 53.67 -6.43
CA LYS A 792 -7.98 52.65 -6.94
C LYS A 792 -7.51 51.79 -5.76
N SER A 793 -7.51 50.46 -5.96
CA SER A 793 -7.13 49.53 -4.91
C SER A 793 -5.99 48.61 -5.35
N ARG A 794 -5.50 48.75 -6.60
CA ARG A 794 -4.44 47.91 -7.12
C ARG A 794 -3.55 48.72 -8.08
N MET A 795 -2.35 48.18 -8.34
CA MET A 795 -1.35 48.87 -9.15
C MET A 795 -1.34 48.31 -10.57
N LYS A 796 -1.26 49.20 -11.57
CA LYS A 796 -1.27 48.84 -12.97
C LYS A 796 -0.07 47.95 -13.30
N ARG A 797 -0.35 46.71 -13.73
CA ARG A 797 0.67 45.77 -14.15
C ARG A 797 0.09 44.90 -15.28
N MET A 798 0.56 45.14 -16.52
CA MET A 798 0.06 44.44 -17.69
C MET A 798 0.44 42.96 -17.59
N ALA A 799 -0.49 42.07 -18.00
CA ALA A 799 -0.26 40.63 -17.98
C ALA A 799 0.45 40.19 -19.26
N HIS A 800 1.66 40.73 -19.46
CA HIS A 800 2.41 40.62 -20.70
C HIS A 800 3.66 41.50 -20.59
N ARG A 801 4.64 41.25 -21.48
CA ARG A 801 5.84 42.06 -21.51
C ARG A 801 6.61 41.79 -22.81
N LEU A 802 6.25 42.55 -23.86
CA LEU A 802 6.97 42.60 -25.12
C LEU A 802 6.26 41.70 -26.14
N GLY A 803 6.92 40.61 -26.58
CA GLY A 803 6.33 39.64 -27.49
C GLY A 803 6.00 38.34 -26.77
N GLU A 804 5.26 38.48 -25.66
CA GLU A 804 4.85 37.34 -24.86
C GLU A 804 3.78 36.58 -25.63
N LYS A 805 3.74 35.25 -25.44
CA LYS A 805 2.68 34.42 -25.97
C LYS A 805 1.80 33.98 -24.80
N MET A 806 0.48 34.02 -25.00
CA MET A 806 -0.47 33.59 -24.00
C MET A 806 -1.08 32.25 -24.41
N LEU A 807 -1.12 31.32 -23.46
CA LEU A 807 -1.57 29.96 -23.75
C LEU A 807 -3.02 29.82 -23.30
N ASN A 808 -3.90 29.53 -24.26
CA ASN A 808 -5.29 29.24 -23.99
C ASN A 808 -5.35 28.06 -23.04
N LYS A 809 -6.28 28.13 -22.07
CA LYS A 809 -6.45 27.09 -21.07
C LYS A 809 -7.04 25.83 -21.72
N LYS A 810 -7.61 25.97 -22.92
CA LYS A 810 -8.23 24.86 -23.62
C LYS A 810 -7.55 24.64 -24.97
N LEU A 811 -7.64 23.40 -25.46
CA LEU A 811 -7.05 22.99 -26.73
C LEU A 811 -7.93 23.51 -27.87
N LYS A 812 -7.55 23.22 -29.12
CA LYS A 812 -8.30 23.65 -30.29
C LYS A 812 -9.73 23.09 -30.25
N ASP A 813 -9.92 22.00 -29.50
CA ASP A 813 -11.23 21.50 -29.11
C ASP A 813 -12.18 22.63 -28.72
N GLN A 814 -11.66 23.61 -27.95
CA GLN A 814 -12.47 24.62 -27.28
C GLN A 814 -13.36 23.92 -26.26
N LYS A 815 -12.89 22.75 -25.81
CA LYS A 815 -13.60 21.89 -24.87
C LYS A 815 -12.58 21.35 -23.86
N THR A 816 -11.53 20.67 -24.34
CA THR A 816 -10.60 19.96 -23.47
C THR A 816 -9.65 20.95 -22.81
N PRO A 817 -9.60 21.00 -21.46
CA PRO A 817 -8.62 21.82 -20.75
C PRO A 817 -7.25 21.16 -20.63
N ILE A 818 -6.20 21.99 -20.64
CA ILE A 818 -4.85 21.55 -20.33
C ILE A 818 -4.81 21.26 -18.83
N PRO A 819 -4.33 20.07 -18.40
CA PRO A 819 -4.07 19.81 -16.98
C PRO A 819 -3.32 20.92 -16.25
N ASP A 820 -3.73 21.17 -15.00
CA ASP A 820 -3.11 22.17 -14.12
C ASP A 820 -1.61 21.89 -13.96
N THR A 821 -1.23 20.60 -13.97
CA THR A 821 0.12 20.17 -13.66
C THR A 821 1.04 20.37 -14.87
N LEU A 822 0.48 20.69 -16.04
CA LEU A 822 1.24 20.81 -17.27
C LEU A 822 1.28 22.24 -17.80
N TYR A 823 0.43 23.13 -17.26
CA TYR A 823 0.15 24.39 -17.91
C TYR A 823 1.42 25.24 -17.90
N GLN A 824 2.01 25.41 -16.72
CA GLN A 824 3.17 26.28 -16.55
C GLN A 824 4.33 25.79 -17.41
N GLU A 825 4.44 24.46 -17.57
CA GLU A 825 5.49 23.86 -18.37
C GLU A 825 5.30 24.26 -19.83
N LEU A 826 4.08 24.04 -20.35
CA LEU A 826 3.74 24.40 -21.72
C LEU A 826 3.83 25.90 -21.91
N TYR A 827 3.46 26.68 -20.88
CA TYR A 827 3.52 28.12 -20.94
C TYR A 827 4.97 28.56 -21.12
N ASP A 828 5.86 28.05 -20.26
CA ASP A 828 7.27 28.43 -20.29
C ASP A 828 7.90 27.98 -21.61
N TYR A 829 7.39 26.87 -22.19
CA TYR A 829 7.95 26.30 -23.40
C TYR A 829 7.68 27.19 -24.61
N VAL A 830 6.43 27.69 -24.74
CA VAL A 830 6.02 28.46 -25.90
C VAL A 830 6.58 29.88 -25.81
N ASN A 831 7.11 30.26 -24.63
CA ASN A 831 7.81 31.52 -24.47
C ASN A 831 9.32 31.30 -24.36
N HIS A 832 9.79 30.10 -24.68
CA HIS A 832 11.22 29.79 -24.79
C HIS A 832 11.97 30.10 -23.49
N ARG A 833 11.47 29.58 -22.35
CA ARG A 833 12.14 29.79 -21.07
C ARG A 833 12.03 28.53 -20.19
N LEU A 834 11.94 27.35 -20.83
CA LEU A 834 11.53 26.16 -20.10
C LEU A 834 12.58 25.78 -19.06
N SER A 835 13.87 25.88 -19.44
CA SER A 835 14.99 25.62 -18.53
C SER A 835 15.29 24.12 -18.45
N HIS A 836 14.41 23.28 -18.99
CA HIS A 836 14.66 21.85 -19.11
C HIS A 836 13.98 21.34 -20.37
N ASP A 837 14.15 20.04 -20.66
CA ASP A 837 13.50 19.43 -21.81
C ASP A 837 12.03 19.20 -21.50
N LEU A 838 11.18 19.32 -22.52
CA LEU A 838 9.74 19.21 -22.35
C LEU A 838 9.39 17.78 -21.98
N SER A 839 8.45 17.62 -21.04
CA SER A 839 7.97 16.31 -20.61
C SER A 839 7.22 15.64 -21.76
N ASP A 840 7.01 14.32 -21.65
CA ASP A 840 6.42 13.53 -22.72
C ASP A 840 4.94 13.87 -22.90
N GLU A 841 4.25 14.14 -21.78
CA GLU A 841 2.82 14.39 -21.78
C GLU A 841 2.56 15.79 -22.32
N ALA A 842 3.43 16.75 -21.95
CA ALA A 842 3.39 18.09 -22.51
C ALA A 842 3.65 18.04 -24.01
N ARG A 843 4.65 17.24 -24.43
CA ARG A 843 5.04 17.14 -25.83
C ARG A 843 3.91 16.52 -26.67
N ALA A 844 3.04 15.74 -26.02
CA ALA A 844 1.89 15.12 -26.69
C ALA A 844 0.80 16.16 -26.95
N LEU A 845 0.56 17.04 -25.97
CA LEU A 845 -0.47 18.08 -26.08
C LEU A 845 -0.02 19.18 -27.04
N LEU A 846 1.30 19.36 -27.15
CA LEU A 846 1.89 20.52 -27.82
C LEU A 846 1.21 20.80 -29.17
N PRO A 847 0.94 19.82 -30.05
CA PRO A 847 0.35 20.12 -31.35
C PRO A 847 -1.07 20.72 -31.33
N ASN A 848 -1.80 20.58 -30.21
CA ASN A 848 -3.20 21.00 -30.16
C ASN A 848 -3.41 22.21 -29.25
N VAL A 849 -2.33 22.87 -28.83
CA VAL A 849 -2.44 24.06 -28.01
C VAL A 849 -2.70 25.24 -28.95
N ILE A 850 -3.16 26.35 -28.36
CA ILE A 850 -3.34 27.61 -29.05
C ILE A 850 -2.55 28.66 -28.29
N THR A 851 -1.84 29.53 -29.03
CA THR A 851 -1.18 30.66 -28.42
C THR A 851 -1.72 31.94 -29.05
N LYS A 852 -1.57 33.05 -28.32
CA LYS A 852 -1.87 34.38 -28.82
C LYS A 852 -0.73 35.31 -28.40
N GLU A 853 -0.05 35.92 -29.38
CA GLU A 853 0.92 36.96 -29.08
C GLU A 853 0.19 38.19 -28.58
N VAL A 854 0.91 39.04 -27.84
CA VAL A 854 0.32 40.21 -27.21
C VAL A 854 0.56 41.42 -28.13
N SER A 855 -0.50 41.85 -28.82
CA SER A 855 -0.46 43.04 -29.66
C SER A 855 -0.96 44.25 -28.87
N HIS A 856 -2.07 44.08 -28.16
CA HIS A 856 -2.67 45.11 -27.33
C HIS A 856 -2.36 44.78 -25.87
N GLU A 857 -1.80 45.75 -25.13
CA GLU A 857 -1.51 45.56 -23.72
C GLU A 857 -2.83 45.65 -22.94
N ILE A 858 -3.19 44.54 -22.29
CA ILE A 858 -4.35 44.47 -21.42
C ILE A 858 -3.86 44.45 -19.97
N ILE A 859 -4.55 45.18 -19.11
CA ILE A 859 -4.10 45.42 -17.74
C ILE A 859 -4.77 44.42 -16.80
N LYS A 860 -3.97 43.72 -16.00
CA LYS A 860 -4.46 42.84 -14.95
C LYS A 860 -5.20 43.71 -13.93
N ASP A 861 -6.41 43.27 -13.54
CA ASP A 861 -7.20 43.93 -12.51
C ASP A 861 -7.45 45.40 -12.88
N ARG A 862 -7.64 45.68 -14.18
CA ARG A 862 -7.65 47.05 -14.64
C ARG A 862 -8.70 47.86 -13.89
N ARG A 863 -9.88 47.26 -13.72
CA ARG A 863 -11.01 47.92 -13.09
C ARG A 863 -10.63 48.54 -11.73
N PHE A 864 -9.57 48.04 -11.08
CA PHE A 864 -9.22 48.50 -9.75
C PHE A 864 -7.96 49.37 -9.76
N THR A 865 -7.47 49.76 -10.95
CA THR A 865 -6.22 50.51 -11.05
C THR A 865 -6.48 52.00 -11.21
N SER A 866 -7.75 52.42 -11.15
CA SER A 866 -8.09 53.83 -11.17
C SER A 866 -9.47 54.04 -10.55
N ASP A 867 -9.65 55.23 -9.96
CA ASP A 867 -10.87 55.59 -9.27
C ASP A 867 -12.07 55.41 -10.20
N LYS A 868 -13.19 54.93 -9.65
CA LYS A 868 -14.42 54.72 -10.41
C LYS A 868 -15.62 55.29 -9.68
N PHE A 869 -16.55 55.87 -10.44
CA PHE A 869 -17.86 56.25 -9.93
C PHE A 869 -18.82 55.07 -10.13
N LEU A 870 -19.49 54.67 -9.05
CA LEU A 870 -20.43 53.57 -9.11
C LEU A 870 -21.84 54.06 -8.78
N PHE A 871 -22.83 53.26 -9.16
CA PHE A 871 -24.23 53.63 -9.06
C PHE A 871 -25.04 52.37 -8.78
N HIS A 872 -25.75 52.36 -7.67
CA HIS A 872 -26.66 51.26 -7.34
C HIS A 872 -28.09 51.79 -7.46
N VAL A 873 -28.93 51.06 -8.21
CA VAL A 873 -30.29 51.50 -8.48
C VAL A 873 -31.22 50.31 -8.32
N PRO A 874 -32.25 50.39 -7.45
CA PRO A 874 -33.20 49.31 -7.25
C PRO A 874 -34.35 49.33 -8.23
N ILE A 875 -34.86 48.12 -8.57
CA ILE A 875 -36.00 47.94 -9.45
C ILE A 875 -36.94 46.94 -8.80
N THR A 876 -38.20 46.90 -9.26
CA THR A 876 -39.14 45.87 -8.86
C THR A 876 -39.70 45.22 -10.12
N LEU A 877 -39.74 43.88 -10.14
CA LEU A 877 -40.30 43.14 -11.25
C LEU A 877 -41.63 42.55 -10.81
N ASN A 878 -42.37 41.97 -11.78
CA ASN A 878 -43.75 41.55 -11.61
C ASN A 878 -44.53 42.62 -10.82
N TYR A 879 -44.52 43.87 -11.32
CA TYR A 879 -45.08 44.98 -10.56
C TYR A 879 -46.61 44.89 -10.54
N GLN A 880 -47.22 44.19 -11.49
CA GLN A 880 -48.68 44.11 -11.56
C GLN A 880 -49.23 43.26 -10.41
N ALA A 881 -48.37 42.40 -9.83
CA ALA A 881 -48.78 41.45 -8.82
C ALA A 881 -48.81 42.12 -7.45
N ALA A 882 -49.35 41.41 -6.47
CA ALA A 882 -49.25 41.83 -5.07
C ALA A 882 -47.79 41.81 -4.64
N ASN A 883 -47.52 42.24 -3.41
CA ASN A 883 -46.15 42.32 -2.92
C ASN A 883 -45.73 40.95 -2.38
N SER A 884 -46.71 40.19 -1.88
CA SER A 884 -46.48 38.79 -1.51
C SER A 884 -47.58 37.93 -2.13
N PRO A 885 -47.33 36.64 -2.44
CA PRO A 885 -48.32 35.81 -3.10
C PRO A 885 -49.37 35.23 -2.13
N SER A 886 -50.41 34.60 -2.69
CA SER A 886 -51.41 33.93 -1.88
C SER A 886 -51.51 32.47 -2.29
N LYS A 887 -51.21 31.57 -1.35
CA LYS A 887 -51.43 30.14 -1.50
C LYS A 887 -50.65 29.65 -2.72
N PHE A 888 -49.35 30.01 -2.77
CA PHE A 888 -48.48 29.71 -3.89
C PHE A 888 -48.31 28.20 -4.01
N ASN A 889 -48.11 27.53 -2.87
CA ASN A 889 -47.88 26.09 -2.83
C ASN A 889 -49.13 25.33 -3.28
N GLN A 890 -50.31 25.86 -2.94
CA GLN A 890 -51.55 25.23 -3.37
C GLN A 890 -51.69 25.29 -4.89
N ARG A 891 -51.23 26.40 -5.50
CA ARG A 891 -51.33 26.57 -6.93
C ARG A 891 -50.44 25.57 -7.66
N VAL A 892 -49.23 25.35 -7.12
CA VAL A 892 -48.32 24.33 -7.64
C VAL A 892 -48.95 22.96 -7.48
N ASN A 893 -49.43 22.65 -6.26
CA ASN A 893 -50.01 21.36 -5.96
C ASN A 893 -51.22 21.09 -6.86
N ALA A 894 -52.04 22.12 -7.09
CA ALA A 894 -53.14 22.01 -8.05
C ALA A 894 -52.59 21.59 -9.42
N TYR A 895 -51.55 22.28 -9.88
CA TYR A 895 -50.93 22.00 -11.18
C TYR A 895 -50.37 20.59 -11.21
N LEU A 896 -49.81 20.13 -10.09
CA LEU A 896 -49.15 18.84 -10.05
C LEU A 896 -50.19 17.72 -10.13
N LYS A 897 -51.32 17.87 -9.43
CA LYS A 897 -52.37 16.86 -9.46
C LYS A 897 -52.91 16.67 -10.89
N GLU A 898 -52.89 17.75 -11.68
CA GLU A 898 -53.36 17.70 -13.07
C GLU A 898 -52.21 17.40 -14.03
N HIS A 899 -50.99 17.18 -13.50
CA HIS A 899 -49.86 16.84 -14.33
C HIS A 899 -49.06 15.72 -13.67
N PRO A 900 -49.60 14.47 -13.63
CA PRO A 900 -48.89 13.36 -13.02
C PRO A 900 -47.64 12.93 -13.78
N GLU A 901 -47.46 13.44 -15.02
CA GLU A 901 -46.31 13.06 -15.82
C GLU A 901 -45.08 13.90 -15.45
N THR A 902 -45.19 14.70 -14.39
CA THR A 902 -44.14 15.62 -14.01
C THR A 902 -42.92 14.82 -13.56
N PRO A 903 -41.73 15.07 -14.16
CA PRO A 903 -40.48 14.48 -13.70
C PRO A 903 -39.93 15.14 -12.45
N ILE A 904 -38.97 14.45 -11.81
CA ILE A 904 -38.38 14.88 -10.55
C ILE A 904 -36.87 14.94 -10.70
N ILE A 905 -36.27 16.05 -10.27
CA ILE A 905 -34.83 16.18 -10.18
C ILE A 905 -34.44 16.03 -8.71
N GLY A 906 -33.76 14.92 -8.41
CA GLY A 906 -33.15 14.73 -7.10
C GLY A 906 -31.76 15.35 -7.06
N ILE A 907 -31.47 16.06 -5.96
CA ILE A 907 -30.17 16.69 -5.75
C ILE A 907 -29.65 16.28 -4.38
N ASP A 908 -28.38 15.86 -4.34
CA ASP A 908 -27.82 15.20 -3.18
C ASP A 908 -26.45 15.79 -2.92
N ARG A 909 -26.08 15.93 -1.65
CA ARG A 909 -24.69 16.17 -1.29
C ARG A 909 -24.08 14.79 -1.08
N GLY A 910 -22.94 14.56 -1.73
CA GLY A 910 -22.32 13.25 -1.74
C GLY A 910 -21.06 13.25 -0.88
N GLU A 911 -20.45 12.07 -0.75
CA GLU A 911 -19.23 11.88 0.00
C GLU A 911 -18.03 12.21 -0.89
N ARG A 912 -18.11 11.82 -2.17
CA ARG A 912 -17.03 12.09 -3.11
C ARG A 912 -17.47 13.10 -4.17
N ASN A 913 -18.73 13.55 -4.13
CA ASN A 913 -19.20 14.62 -5.02
C ASN A 913 -19.89 15.71 -4.21
N LEU A 914 -19.53 16.96 -4.50
CA LEU A 914 -20.14 18.10 -3.82
C LEU A 914 -21.64 18.04 -4.02
N ILE A 915 -22.05 17.87 -5.27
CA ILE A 915 -23.46 17.81 -5.63
C ILE A 915 -23.65 16.74 -6.68
N TYR A 916 -24.75 15.98 -6.58
CA TYR A 916 -25.05 14.93 -7.54
C TYR A 916 -26.53 15.01 -7.90
N ILE A 917 -26.82 14.99 -9.21
CA ILE A 917 -28.19 15.05 -9.68
C ILE A 917 -28.59 13.73 -10.33
N THR A 918 -29.86 13.37 -10.12
CA THR A 918 -30.50 12.25 -10.78
C THR A 918 -31.91 12.71 -11.16
N VAL A 919 -32.20 12.72 -12.46
CA VAL A 919 -33.52 13.09 -12.94
C VAL A 919 -34.31 11.81 -13.16
N ILE A 920 -35.52 11.74 -12.59
CA ILE A 920 -36.38 10.59 -12.81
C ILE A 920 -37.63 11.02 -13.56
N ASP A 921 -38.22 10.07 -14.29
CA ASP A 921 -39.52 10.26 -14.92
C ASP A 921 -40.57 9.97 -13.85
N SER A 922 -41.85 10.09 -14.24
CA SER A 922 -42.94 9.89 -13.30
C SER A 922 -43.14 8.41 -12.96
N THR A 923 -42.35 7.50 -13.52
CA THR A 923 -42.47 6.09 -13.15
C THR A 923 -41.28 5.66 -12.30
N GLY A 924 -40.42 6.60 -11.89
CA GLY A 924 -39.30 6.29 -11.03
C GLY A 924 -38.12 5.70 -11.79
N LYS A 925 -38.08 5.92 -13.10
CA LYS A 925 -36.96 5.50 -13.92
C LYS A 925 -36.02 6.68 -14.15
N ILE A 926 -34.72 6.41 -14.18
CA ILE A 926 -33.71 7.44 -14.31
C ILE A 926 -33.63 7.92 -15.76
N LEU A 927 -33.81 9.23 -15.95
CA LEU A 927 -33.61 9.87 -17.24
C LEU A 927 -32.13 10.22 -17.41
N GLU A 928 -31.59 10.96 -16.42
CA GLU A 928 -30.21 11.41 -16.41
C GLU A 928 -29.63 11.23 -15.01
N GLN A 929 -28.30 11.18 -14.93
CA GLN A 929 -27.61 11.16 -13.66
C GLN A 929 -26.17 11.62 -13.88
N ARG A 930 -25.66 12.51 -13.02
CA ARG A 930 -24.30 12.95 -13.13
C ARG A 930 -23.85 13.72 -11.88
N SER A 931 -22.54 13.63 -11.61
CA SER A 931 -21.84 14.47 -10.66
C SER A 931 -21.65 15.86 -11.25
N LEU A 932 -21.77 16.87 -10.38
CA LEU A 932 -21.52 18.26 -10.75
C LEU A 932 -20.23 18.75 -10.10
N ASN A 933 -19.26 17.85 -9.90
CA ASN A 933 -17.91 18.24 -9.52
C ASN A 933 -17.24 19.05 -10.63
N THR A 934 -17.65 18.81 -11.89
CA THR A 934 -17.08 19.49 -13.03
C THR A 934 -18.22 20.09 -13.84
N ILE A 935 -18.19 21.41 -14.08
CA ILE A 935 -19.08 22.02 -15.05
C ILE A 935 -18.25 22.93 -15.95
N GLN A 936 -18.61 22.97 -17.23
CA GLN A 936 -17.89 23.76 -18.23
C GLN A 936 -16.41 23.38 -18.21
N GLN A 937 -16.14 22.08 -18.05
CA GLN A 937 -14.80 21.52 -18.21
C GLN A 937 -13.84 21.96 -17.11
N PHE A 938 -14.36 22.47 -15.98
CA PHE A 938 -13.52 22.91 -14.89
C PHE A 938 -13.85 22.09 -13.63
N ASP A 939 -12.83 21.52 -12.99
CA ASP A 939 -13.03 20.74 -11.77
C ASP A 939 -13.08 21.68 -10.58
N TYR A 940 -14.30 22.14 -10.25
CA TYR A 940 -14.51 23.07 -9.15
C TYR A 940 -14.24 22.37 -7.81
N GLN A 941 -14.47 21.07 -7.76
CA GLN A 941 -14.31 20.33 -6.52
C GLN A 941 -12.84 20.32 -6.14
N LYS A 942 -11.95 20.20 -7.13
CA LYS A 942 -10.53 20.18 -6.87
C LYS A 942 -10.08 21.60 -6.51
N LYS A 943 -10.56 22.59 -7.25
CA LYS A 943 -10.16 23.98 -7.05
C LYS A 943 -10.54 24.42 -5.64
N LEU A 944 -11.78 24.11 -5.23
CA LEU A 944 -12.28 24.44 -3.90
C LEU A 944 -11.47 23.76 -2.80
N ASP A 945 -11.23 22.45 -2.93
CA ASP A 945 -10.46 21.73 -1.93
C ASP A 945 -9.05 22.33 -1.78
N ASN A 946 -8.41 22.71 -2.89
CA ASN A 946 -7.07 23.26 -2.86
C ASN A 946 -7.05 24.63 -2.18
N ARG A 947 -8.07 25.45 -2.49
CA ARG A 947 -8.17 26.79 -1.94
C ARG A 947 -8.48 26.71 -0.45
N GLU A 948 -9.22 25.69 -0.03
CA GLU A 948 -9.51 25.55 1.38
C GLU A 948 -8.24 25.21 2.14
N LYS A 949 -7.38 24.37 1.55
CA LYS A 949 -6.15 23.95 2.19
C LYS A 949 -5.15 25.11 2.26
N GLU A 950 -5.14 25.97 1.23
CA GLU A 950 -4.29 27.16 1.22
C GLU A 950 -4.65 28.08 2.38
N ARG A 951 -5.95 28.25 2.58
CA ARG A 951 -6.46 29.14 3.60
C ARG A 951 -6.07 28.65 4.99
N VAL A 952 -6.11 27.33 5.20
CA VAL A 952 -5.65 26.75 6.45
C VAL A 952 -4.16 27.01 6.58
N ALA A 953 -3.40 26.68 5.52
CA ALA A 953 -1.96 26.88 5.52
C ALA A 953 -1.62 28.33 5.84
N ALA A 954 -2.36 29.26 5.22
CA ALA A 954 -2.17 30.67 5.50
C ALA A 954 -2.32 30.92 7.00
N ARG A 955 -3.46 30.50 7.56
CA ARG A 955 -3.77 30.72 8.97
C ARG A 955 -2.59 30.27 9.84
N GLN A 956 -2.03 29.10 9.53
CA GLN A 956 -0.97 28.50 10.31
C GLN A 956 0.36 29.22 10.12
N ALA A 957 0.53 29.89 8.97
CA ALA A 957 1.80 30.51 8.61
C ALA A 957 1.75 32.03 8.83
N TRP A 958 0.67 32.50 9.48
CA TRP A 958 0.47 33.91 9.80
C TRP A 958 0.42 34.72 8.51
N SER A 959 -0.05 34.07 7.43
CA SER A 959 -0.05 34.66 6.11
C SER A 959 -1.48 35.13 5.77
N VAL A 960 -1.61 35.83 4.64
CA VAL A 960 -2.88 36.44 4.24
C VAL A 960 -3.87 35.33 3.91
N VAL A 961 -5.05 35.39 4.52
CA VAL A 961 -6.01 34.31 4.43
C VAL A 961 -6.77 34.42 3.12
N GLY A 962 -7.52 35.51 2.97
CA GLY A 962 -8.31 35.73 1.78
C GLY A 962 -9.66 35.05 1.88
N THR A 963 -10.37 35.00 0.75
CA THR A 963 -11.77 34.59 0.73
C THR A 963 -11.95 33.37 -0.16
N ILE A 964 -13.01 32.61 0.10
CA ILE A 964 -13.41 31.50 -0.74
C ILE A 964 -14.87 31.65 -1.18
N LYS A 965 -15.58 32.67 -0.67
CA LYS A 965 -17.00 32.84 -0.99
C LYS A 965 -17.18 33.15 -2.47
N ASP A 966 -16.20 33.85 -3.05
CA ASP A 966 -16.24 34.19 -4.47
C ASP A 966 -16.12 32.93 -5.32
N LEU A 967 -15.21 32.02 -4.97
CA LEU A 967 -15.06 30.78 -5.73
C LEU A 967 -16.33 29.96 -5.61
N LYS A 968 -16.89 29.89 -4.39
CA LYS A 968 -18.13 29.17 -4.17
C LYS A 968 -19.24 29.71 -5.06
N GLN A 969 -19.39 31.04 -5.14
CA GLN A 969 -20.41 31.64 -5.99
C GLN A 969 -20.13 31.30 -7.44
N GLY A 970 -18.88 31.47 -7.86
CA GLY A 970 -18.48 31.13 -9.21
C GLY A 970 -19.06 29.77 -9.61
N TYR A 971 -18.80 28.77 -8.76
CA TYR A 971 -19.23 27.40 -8.94
C TYR A 971 -20.75 27.31 -8.95
N LEU A 972 -21.39 27.74 -7.85
CA LEU A 972 -22.82 27.53 -7.66
C LEU A 972 -23.62 28.28 -8.73
N SER A 973 -23.05 29.35 -9.30
CA SER A 973 -23.71 30.05 -10.39
C SER A 973 -23.89 29.12 -11.59
N GLN A 974 -22.86 28.32 -11.86
CA GLN A 974 -22.87 27.36 -12.96
C GLN A 974 -23.85 26.23 -12.65
N VAL A 975 -23.86 25.77 -11.40
CA VAL A 975 -24.74 24.72 -10.96
C VAL A 975 -26.17 25.20 -11.11
N ILE A 976 -26.49 26.35 -10.49
CA ILE A 976 -27.81 26.93 -10.56
C ILE A 976 -28.27 26.97 -12.01
N HIS A 977 -27.34 27.35 -12.91
CA HIS A 977 -27.68 27.48 -14.32
C HIS A 977 -28.17 26.15 -14.88
N GLU A 978 -27.51 25.05 -14.47
CA GLU A 978 -27.77 23.74 -15.05
C GLU A 978 -29.05 23.15 -14.47
N ILE A 979 -29.31 23.40 -13.18
CA ILE A 979 -30.56 22.94 -12.57
C ILE A 979 -31.73 23.67 -13.20
N VAL A 980 -31.55 24.96 -13.50
CA VAL A 980 -32.62 25.79 -14.03
C VAL A 980 -33.00 25.30 -15.42
N ASP A 981 -32.00 24.96 -16.23
CA ASP A 981 -32.23 24.44 -17.58
C ASP A 981 -32.94 23.09 -17.50
N LEU A 982 -32.58 22.26 -16.52
CA LEU A 982 -33.22 20.96 -16.36
C LEU A 982 -34.68 21.14 -15.97
N MET A 983 -34.96 22.05 -15.03
CA MET A 983 -36.32 22.28 -14.57
C MET A 983 -37.20 22.70 -15.75
N ILE A 984 -36.70 23.64 -16.55
CA ILE A 984 -37.47 24.23 -17.64
C ILE A 984 -37.69 23.17 -18.72
N HIS A 985 -36.63 22.47 -19.10
CA HIS A 985 -36.71 21.46 -20.15
C HIS A 985 -37.68 20.34 -19.76
N TYR A 986 -37.67 19.91 -18.49
CA TYR A 986 -38.49 18.79 -18.05
C TYR A 986 -39.81 19.26 -17.45
N GLN A 987 -39.93 20.56 -17.18
CA GLN A 987 -41.03 21.09 -16.38
C GLN A 987 -41.17 20.25 -15.12
N ALA A 988 -40.14 20.31 -14.27
CA ALA A 988 -39.90 19.30 -13.25
C ALA A 988 -39.90 19.91 -11.85
N VAL A 989 -40.24 19.06 -10.88
CA VAL A 989 -40.05 19.34 -9.47
C VAL A 989 -38.58 19.14 -9.12
N VAL A 990 -38.09 19.88 -8.12
CA VAL A 990 -36.73 19.70 -7.62
C VAL A 990 -36.83 19.29 -6.15
N VAL A 991 -35.98 18.34 -5.76
CA VAL A 991 -36.04 17.76 -4.42
C VAL A 991 -34.65 17.80 -3.82
N LEU A 992 -34.54 18.39 -2.63
CA LEU A 992 -33.29 18.48 -1.90
C LEU A 992 -33.45 17.82 -0.54
N GLU A 993 -32.31 17.55 0.12
CA GLU A 993 -32.32 17.04 1.48
C GLU A 993 -32.71 18.17 2.42
N ASN A 994 -33.55 17.86 3.41
CA ASN A 994 -33.72 18.72 4.56
C ASN A 994 -32.54 18.45 5.48
N LEU A 995 -31.76 19.49 5.75
CA LEU A 995 -30.47 19.35 6.42
C LEU A 995 -30.66 19.39 7.94
N ASN A 996 -31.92 19.58 8.38
CA ASN A 996 -32.29 19.50 9.79
C ASN A 996 -32.34 18.04 10.25
N PHE A 997 -32.52 17.10 9.32
CA PHE A 997 -32.45 15.67 9.64
C PHE A 997 -31.01 15.18 9.44
N ALA A 1007 -19.51 20.15 8.02
CA ALA A 1007 -18.69 19.36 7.06
C ALA A 1007 -18.52 20.13 5.75
N GLU A 1008 -19.21 19.69 4.68
CA GLU A 1008 -19.33 20.47 3.46
C GLU A 1008 -20.81 20.79 3.23
N LYS A 1009 -21.53 21.01 4.35
CA LYS A 1009 -22.95 21.37 4.34
C LYS A 1009 -23.12 22.85 3.98
N ALA A 1010 -22.01 23.60 3.95
CA ALA A 1010 -22.01 25.01 3.58
C ALA A 1010 -22.31 25.19 2.10
N VAL A 1011 -21.63 24.40 1.25
CA VAL A 1011 -21.73 24.54 -0.20
C VAL A 1011 -23.15 24.21 -0.66
N TYR A 1012 -23.81 23.29 0.06
CA TYR A 1012 -25.16 22.85 -0.26
C TYR A 1012 -26.21 23.81 0.34
N GLN A 1013 -25.95 24.35 1.55
CA GLN A 1013 -26.79 25.40 2.10
C GLN A 1013 -26.77 26.64 1.20
N GLN A 1014 -25.57 27.01 0.73
CA GLN A 1014 -25.41 28.18 -0.11
C GLN A 1014 -26.19 27.95 -1.41
N PHE A 1015 -26.19 26.69 -1.86
CA PHE A 1015 -26.89 26.30 -3.07
C PHE A 1015 -28.40 26.48 -2.87
N GLU A 1016 -28.94 25.88 -1.81
CA GLU A 1016 -30.36 25.99 -1.51
C GLU A 1016 -30.82 27.43 -1.64
N LYS A 1017 -30.12 28.34 -0.94
CA LYS A 1017 -30.46 29.74 -0.93
C LYS A 1017 -30.50 30.28 -2.36
N MET A 1018 -29.41 30.09 -3.09
CA MET A 1018 -29.29 30.67 -4.42
C MET A 1018 -30.35 30.10 -5.35
N LEU A 1019 -30.67 28.81 -5.21
CA LEU A 1019 -31.63 28.17 -6.09
C LEU A 1019 -33.01 28.78 -5.89
N ILE A 1020 -33.41 28.98 -4.63
CA ILE A 1020 -34.70 29.56 -4.34
C ILE A 1020 -34.76 31.01 -4.84
N ASP A 1021 -33.74 31.81 -4.53
CA ASP A 1021 -33.72 33.22 -4.92
C ASP A 1021 -33.85 33.36 -6.44
N LYS A 1022 -33.18 32.46 -7.16
CA LYS A 1022 -33.26 32.45 -8.61
C LYS A 1022 -34.68 32.12 -9.06
N LEU A 1023 -35.29 31.11 -8.43
CA LEU A 1023 -36.58 30.60 -8.89
C LEU A 1023 -37.71 31.53 -8.44
N ASN A 1024 -37.41 32.47 -7.52
CA ASN A 1024 -38.36 33.51 -7.13
C ASN A 1024 -38.64 34.46 -8.28
N CYS A 1025 -37.68 34.60 -9.21
CA CYS A 1025 -37.81 35.50 -10.35
C CYS A 1025 -36.83 35.06 -11.42
N LEU A 1026 -37.29 34.17 -12.32
CA LEU A 1026 -36.46 33.48 -13.28
C LEU A 1026 -36.69 34.03 -14.68
N VAL A 1027 -35.62 34.60 -15.25
CA VAL A 1027 -35.64 35.14 -16.58
C VAL A 1027 -34.56 34.42 -17.40
N LEU A 1028 -34.95 33.90 -18.56
CA LEU A 1028 -34.01 33.24 -19.46
C LEU A 1028 -33.66 34.17 -20.61
N LYS A 1029 -32.36 34.48 -20.75
CA LYS A 1029 -31.87 35.53 -21.63
C LYS A 1029 -32.45 35.40 -23.04
N ASP A 1030 -32.52 34.15 -23.52
CA ASP A 1030 -32.83 33.86 -24.92
C ASP A 1030 -34.30 34.17 -25.23
N TYR A 1031 -35.19 33.87 -24.28
CA TYR A 1031 -36.62 34.01 -24.48
C TYR A 1031 -36.96 35.47 -24.82
N PRO A 1032 -37.86 35.73 -25.79
CA PRO A 1032 -38.37 37.08 -26.02
C PRO A 1032 -39.02 37.68 -24.78
N ALA A 1033 -39.00 39.02 -24.70
CA ALA A 1033 -39.49 39.78 -23.55
C ALA A 1033 -40.94 39.42 -23.22
N GLU A 1034 -41.75 39.11 -24.23
CA GLU A 1034 -43.19 38.97 -24.05
C GLU A 1034 -43.58 37.51 -23.80
N LYS A 1035 -42.64 36.59 -24.02
CA LYS A 1035 -42.85 35.17 -23.75
C LYS A 1035 -42.63 34.91 -22.25
N VAL A 1036 -43.44 34.02 -21.67
CA VAL A 1036 -43.29 33.66 -20.27
C VAL A 1036 -41.89 33.10 -20.10
N GLY A 1037 -41.14 33.66 -19.14
CA GLY A 1037 -39.73 33.36 -18.97
C GLY A 1037 -38.83 34.46 -19.54
N GLY A 1038 -39.45 35.41 -20.26
CA GLY A 1038 -38.77 36.61 -20.72
C GLY A 1038 -38.72 37.67 -19.61
N VAL A 1039 -38.15 38.84 -19.94
CA VAL A 1039 -37.80 39.84 -18.95
C VAL A 1039 -39.05 40.55 -18.42
N LEU A 1040 -40.13 40.59 -19.22
CA LEU A 1040 -41.35 41.25 -18.80
C LEU A 1040 -42.37 40.23 -18.28
N ASN A 1041 -42.00 38.93 -18.25
CA ASN A 1041 -42.84 37.89 -17.68
C ASN A 1041 -41.99 36.82 -16.98
N PRO A 1042 -41.22 37.16 -15.93
CA PRO A 1042 -40.36 36.17 -15.30
C PRO A 1042 -41.14 34.95 -14.81
N TYR A 1043 -40.49 33.78 -14.88
CA TYR A 1043 -41.00 32.59 -14.21
C TYR A 1043 -40.85 32.79 -12.70
N GLN A 1044 -41.85 32.36 -11.95
CA GLN A 1044 -41.80 32.31 -10.50
C GLN A 1044 -42.22 30.93 -10.05
N LEU A 1045 -41.23 30.08 -9.73
CA LEU A 1045 -41.45 28.67 -9.47
C LEU A 1045 -41.30 28.29 -8.00
N THR A 1046 -40.68 29.17 -7.19
CA THR A 1046 -40.60 28.94 -5.76
C THR A 1046 -41.40 30.02 -5.03
N ASP A 1047 -41.73 29.73 -3.77
CA ASP A 1047 -42.49 30.64 -2.93
C ASP A 1047 -41.57 31.80 -2.58
N GLN A 1048 -42.17 32.98 -2.39
CA GLN A 1048 -41.42 34.16 -2.02
C GLN A 1048 -40.58 33.84 -0.79
N PHE A 1049 -39.27 33.97 -0.92
CA PHE A 1049 -38.38 33.77 0.21
C PHE A 1049 -38.61 34.86 1.26
N THR A 1050 -38.73 34.45 2.51
CA THR A 1050 -38.87 35.40 3.60
C THR A 1050 -37.66 35.21 4.53
N SER A 1051 -37.57 34.02 5.12
CA SER A 1051 -36.44 33.61 5.96
C SER A 1051 -36.31 32.09 5.92
N PHE A 1052 -35.14 31.57 6.25
CA PHE A 1052 -34.97 30.13 6.38
C PHE A 1052 -35.80 29.67 7.58
N ALA A 1053 -35.90 30.52 8.59
CA ALA A 1053 -36.69 30.23 9.78
C ALA A 1053 -38.11 29.84 9.39
N LYS A 1054 -38.72 30.64 8.52
CA LYS A 1054 -40.13 30.49 8.18
C LYS A 1054 -40.33 29.46 7.06
N MET A 1055 -39.24 28.84 6.59
CA MET A 1055 -39.30 27.92 5.47
C MET A 1055 -39.88 26.59 5.92
N GLY A 1056 -40.78 26.03 5.12
CA GLY A 1056 -41.34 24.70 5.36
C GLY A 1056 -40.73 23.66 4.42
N THR A 1057 -41.40 22.50 4.27
CA THR A 1057 -40.89 21.41 3.45
C THR A 1057 -41.28 21.59 1.99
N GLN A 1058 -41.92 22.72 1.64
CA GLN A 1058 -42.23 23.03 0.26
C GLN A 1058 -42.07 24.52 0.03
N SER A 1059 -41.39 24.86 -1.08
CA SER A 1059 -41.34 26.19 -1.64
C SER A 1059 -41.66 26.08 -3.12
N GLY A 1060 -42.94 25.88 -3.42
CA GLY A 1060 -43.41 25.77 -4.79
C GLY A 1060 -42.98 24.45 -5.42
N PHE A 1061 -42.24 24.55 -6.53
CA PHE A 1061 -41.74 23.38 -7.23
C PHE A 1061 -40.53 22.77 -6.50
N LEU A 1062 -40.11 23.35 -5.38
CA LEU A 1062 -38.99 22.81 -4.62
C LEU A 1062 -39.49 22.11 -3.36
N PHE A 1063 -38.94 20.90 -3.10
CA PHE A 1063 -39.38 20.03 -2.03
C PHE A 1063 -38.18 19.56 -1.22
N TYR A 1064 -38.37 19.40 0.09
CA TYR A 1064 -37.35 18.93 1.00
C TYR A 1064 -37.75 17.59 1.59
N VAL A 1065 -36.80 16.66 1.63
CA VAL A 1065 -37.05 15.30 2.10
C VAL A 1065 -35.92 14.88 3.04
N PRO A 1066 -36.19 14.01 4.03
CA PRO A 1066 -35.14 13.48 4.91
C PRO A 1066 -34.10 12.65 4.16
N ALA A 1067 -32.83 12.81 4.53
CA ALA A 1067 -31.71 12.13 3.88
C ALA A 1067 -31.61 10.67 4.31
N PRO A 1068 -31.88 10.29 5.58
CA PRO A 1068 -31.78 8.89 6.00
C PRO A 1068 -32.33 7.91 4.97
N TYR A 1069 -31.61 6.78 4.80
CA TYR A 1069 -32.03 5.65 3.99
C TYR A 1069 -32.18 6.04 2.52
N THR A 1070 -31.29 6.89 2.01
CA THR A 1070 -31.31 7.25 0.61
C THR A 1070 -30.07 6.73 -0.13
N SER A 1071 -28.98 6.44 0.59
CA SER A 1071 -27.75 5.99 -0.04
C SER A 1071 -27.52 4.50 0.19
N LYS A 1072 -27.64 4.08 1.46
CA LYS A 1072 -27.41 2.72 1.88
C LYS A 1072 -28.70 1.92 1.75
N ILE A 1073 -29.18 1.75 0.52
CA ILE A 1073 -30.45 1.10 0.25
C ILE A 1073 -30.44 0.54 -1.17
N ASP A 1074 -30.97 -0.67 -1.32
CA ASP A 1074 -30.90 -1.37 -2.60
C ASP A 1074 -31.89 -0.71 -3.56
N PRO A 1075 -31.42 -0.19 -4.73
CA PRO A 1075 -32.32 0.40 -5.71
C PRO A 1075 -33.33 -0.57 -6.31
N LEU A 1076 -33.06 -1.88 -6.26
CA LEU A 1076 -33.95 -2.86 -6.89
C LEU A 1076 -34.98 -3.42 -5.92
N THR A 1077 -34.69 -3.48 -4.61
CA THR A 1077 -35.59 -4.10 -3.66
C THR A 1077 -36.09 -3.12 -2.59
N GLY A 1078 -35.25 -2.15 -2.17
CA GLY A 1078 -35.58 -1.29 -1.05
C GLY A 1078 -35.03 -1.85 0.27
N PHE A 1079 -34.27 -2.94 0.18
CA PHE A 1079 -33.67 -3.56 1.36
C PHE A 1079 -32.69 -2.58 2.01
N VAL A 1080 -32.67 -2.61 3.35
CA VAL A 1080 -31.68 -1.89 4.13
C VAL A 1080 -31.21 -2.83 5.23
N ASP A 1081 -29.94 -2.71 5.61
CA ASP A 1081 -29.42 -3.37 6.80
C ASP A 1081 -30.29 -3.00 7.99
N PRO A 1082 -31.05 -3.95 8.56
CA PRO A 1082 -31.98 -3.61 9.62
C PRO A 1082 -31.41 -3.66 11.04
N PHE A 1083 -30.10 -3.95 11.18
CA PHE A 1083 -29.54 -4.31 12.47
C PHE A 1083 -28.67 -3.18 13.03
N VAL A 1084 -28.61 -3.10 14.36
CA VAL A 1084 -27.81 -2.11 15.07
C VAL A 1084 -26.60 -2.84 15.65
N TRP A 1085 -25.44 -2.64 15.03
CA TRP A 1085 -24.26 -3.43 15.34
C TRP A 1085 -23.64 -2.99 16.68
N LYS A 1086 -24.04 -1.81 17.18
CA LYS A 1086 -23.70 -1.41 18.54
C LYS A 1086 -24.26 -2.42 19.54
N THR A 1087 -25.45 -3.01 19.26
CA THR A 1087 -26.09 -3.90 20.22
C THR A 1087 -25.62 -5.34 20.02
N ILE A 1088 -24.57 -5.55 19.22
CA ILE A 1088 -23.96 -6.85 19.09
C ILE A 1088 -22.48 -6.69 19.46
N LYS A 1089 -22.12 -7.12 20.68
CA LYS A 1089 -20.87 -6.72 21.31
C LYS A 1089 -20.20 -7.84 22.10
N ASN A 1090 -20.93 -8.89 22.48
CA ASN A 1090 -20.38 -9.97 23.29
C ASN A 1090 -20.56 -11.30 22.57
N HIS A 1091 -19.93 -12.36 23.10
CA HIS A 1091 -20.18 -13.71 22.65
C HIS A 1091 -21.66 -14.05 22.87
N GLU A 1092 -22.25 -13.48 23.92
CA GLU A 1092 -23.65 -13.75 24.24
C GLU A 1092 -24.58 -13.09 23.22
N SER A 1093 -24.35 -11.81 22.91
CA SER A 1093 -25.24 -11.08 22.02
C SER A 1093 -25.15 -11.64 20.60
N ARG A 1094 -23.92 -11.92 20.15
CA ARG A 1094 -23.66 -12.44 18.81
C ARG A 1094 -24.33 -13.80 18.59
N LYS A 1095 -24.36 -14.63 19.64
CA LYS A 1095 -24.91 -15.98 19.54
C LYS A 1095 -26.43 -15.93 19.49
N HIS A 1096 -27.05 -15.04 20.28
CA HIS A 1096 -28.48 -14.81 20.18
C HIS A 1096 -28.81 -14.32 18.78
N PHE A 1097 -27.95 -13.42 18.28
CA PHE A 1097 -28.09 -12.84 16.95
C PHE A 1097 -28.09 -13.95 15.91
N LEU A 1098 -27.16 -14.90 16.03
CA LEU A 1098 -27.09 -16.02 15.10
C LEU A 1098 -28.36 -16.86 15.17
N GLU A 1099 -28.83 -17.15 16.40
CA GLU A 1099 -29.98 -18.01 16.63
C GLU A 1099 -31.22 -17.47 15.92
N GLY A 1100 -31.22 -16.16 15.64
CA GLY A 1100 -32.37 -15.49 15.04
C GLY A 1100 -32.59 -15.84 13.56
N PHE A 1101 -31.53 -16.25 12.86
CA PHE A 1101 -31.66 -16.59 11.45
C PHE A 1101 -32.18 -18.02 11.35
N ASP A 1102 -33.01 -18.27 10.33
CA ASP A 1102 -33.68 -19.55 10.17
C ASP A 1102 -32.71 -20.60 9.65
N PHE A 1103 -31.96 -20.25 8.59
CA PHE A 1103 -30.96 -21.14 8.03
C PHE A 1103 -29.90 -20.33 7.30
N LEU A 1104 -28.70 -20.92 7.21
CA LEU A 1104 -27.66 -20.53 6.28
C LEU A 1104 -27.26 -21.79 5.52
N HIS A 1105 -27.43 -21.83 4.19
CA HIS A 1105 -27.00 -23.01 3.44
C HIS A 1105 -26.39 -22.67 2.08
N TYR A 1106 -25.53 -23.59 1.62
CA TYR A 1106 -24.75 -23.45 0.39
C TYR A 1106 -25.58 -23.95 -0.79
N ASP A 1107 -25.45 -23.26 -1.93
CA ASP A 1107 -26.11 -23.66 -3.16
C ASP A 1107 -25.03 -23.98 -4.19
N VAL A 1108 -24.86 -25.28 -4.48
CA VAL A 1108 -23.82 -25.77 -5.37
C VAL A 1108 -24.06 -25.26 -6.80
N LYS A 1109 -25.33 -25.05 -7.16
CA LYS A 1109 -25.67 -24.53 -8.47
C LYS A 1109 -24.98 -23.17 -8.70
N THR A 1110 -25.22 -22.21 -7.80
CA THR A 1110 -24.81 -20.83 -8.00
C THR A 1110 -23.44 -20.56 -7.40
N GLY A 1111 -23.11 -21.29 -6.33
CA GLY A 1111 -21.87 -21.07 -5.58
C GLY A 1111 -22.06 -20.12 -4.41
N ASP A 1112 -23.31 -19.65 -4.21
CA ASP A 1112 -23.65 -18.66 -3.21
C ASP A 1112 -24.20 -19.34 -1.97
N PHE A 1113 -24.01 -18.68 -0.82
CA PHE A 1113 -24.68 -19.05 0.42
C PHE A 1113 -25.93 -18.18 0.57
N ILE A 1114 -26.97 -18.75 1.20
CA ILE A 1114 -28.22 -18.05 1.44
C ILE A 1114 -28.55 -18.10 2.93
N LEU A 1115 -28.80 -16.91 3.49
CA LEU A 1115 -29.05 -16.72 4.91
C LEU A 1115 -30.45 -16.13 5.07
N HIS A 1116 -31.39 -16.93 5.58
CA HIS A 1116 -32.80 -16.54 5.60
C HIS A 1116 -33.15 -15.88 6.93
N PHE A 1117 -33.75 -14.68 6.83
CA PHE A 1117 -34.08 -13.87 7.98
C PHE A 1117 -35.54 -13.41 7.90
N LYS A 1118 -36.28 -13.63 8.99
CA LYS A 1118 -37.61 -13.05 9.17
C LYS A 1118 -37.49 -11.78 10.02
N MET A 1119 -38.19 -10.72 9.59
CA MET A 1119 -38.02 -9.41 10.19
C MET A 1119 -38.57 -9.40 11.62
N ASN A 1120 -39.42 -10.38 11.95
CA ASN A 1120 -40.05 -10.47 13.26
C ASN A 1120 -39.11 -11.06 14.30
N ARG A 1121 -37.92 -11.55 13.90
CA ARG A 1121 -36.92 -12.06 14.82
C ARG A 1121 -35.87 -11.00 15.07
N ASN A 1122 -35.09 -11.18 16.14
CA ASN A 1122 -33.96 -10.31 16.47
C ASN A 1122 -34.39 -8.87 16.67
N LEU A 1123 -35.55 -8.64 17.31
CA LEU A 1123 -36.07 -7.28 17.46
C LEU A 1123 -35.11 -6.51 18.35
N SER A 1124 -34.54 -7.18 19.35
CA SER A 1124 -33.59 -6.53 20.26
C SER A 1124 -32.47 -5.83 19.48
N PHE A 1125 -32.14 -6.36 18.28
CA PHE A 1125 -30.97 -5.91 17.56
C PHE A 1125 -31.35 -5.01 16.39
N GLN A 1126 -32.64 -4.78 16.18
CA GLN A 1126 -33.14 -4.00 15.04
C GLN A 1126 -33.35 -2.54 15.43
N ARG A 1127 -33.79 -1.74 14.44
CA ARG A 1127 -34.01 -0.31 14.63
C ARG A 1127 -35.50 0.03 14.67
N GLY A 1128 -36.36 -0.99 14.83
CA GLY A 1128 -37.79 -0.77 14.92
C GLY A 1128 -38.39 -0.35 13.57
N LEU A 1129 -37.70 -0.70 12.48
CA LEU A 1129 -38.15 -0.40 11.13
C LEU A 1129 -38.43 -1.71 10.41
N PRO A 1130 -39.66 -2.26 10.56
CA PRO A 1130 -40.04 -3.51 9.91
C PRO A 1130 -40.30 -3.40 8.40
N GLY A 1131 -40.36 -2.16 7.89
CA GLY A 1131 -40.55 -1.96 6.46
C GLY A 1131 -41.80 -2.68 5.96
N PHE A 1132 -41.68 -3.32 4.79
CA PHE A 1132 -42.83 -3.92 4.13
C PHE A 1132 -42.66 -5.42 3.96
N MET A 1133 -41.41 -5.90 3.87
CA MET A 1133 -41.15 -7.31 3.64
C MET A 1133 -41.04 -8.06 4.96
N PRO A 1134 -41.70 -9.24 5.11
CA PRO A 1134 -41.58 -10.03 6.33
C PRO A 1134 -40.26 -10.79 6.42
N ALA A 1135 -39.67 -11.15 5.27
CA ALA A 1135 -38.43 -11.90 5.26
C ALA A 1135 -37.52 -11.48 4.10
N TRP A 1136 -36.24 -11.83 4.23
CA TRP A 1136 -35.24 -11.60 3.20
C TRP A 1136 -34.31 -12.80 3.12
N ASP A 1137 -34.02 -13.24 1.89
CA ASP A 1137 -32.90 -14.13 1.66
C ASP A 1137 -31.65 -13.29 1.42
N ILE A 1138 -30.82 -13.17 2.46
CA ILE A 1138 -29.53 -12.49 2.37
C ILE A 1138 -28.54 -13.45 1.71
N VAL A 1139 -27.70 -12.90 0.81
CA VAL A 1139 -26.88 -13.72 -0.07
C VAL A 1139 -25.39 -13.39 0.10
N PHE A 1140 -24.60 -14.44 0.30
CA PHE A 1140 -23.15 -14.38 0.10
C PHE A 1140 -22.85 -14.79 -1.34
N GLU A 1141 -22.52 -13.80 -2.18
CA GLU A 1141 -22.26 -14.04 -3.59
C GLU A 1141 -20.88 -14.68 -3.77
N LYS A 1142 -20.85 -15.78 -4.53
CA LYS A 1142 -19.62 -16.35 -5.04
C LYS A 1142 -18.73 -15.21 -5.54
N ASN A 1143 -17.46 -15.24 -5.13
CA ASN A 1143 -16.54 -14.14 -5.42
C ASN A 1143 -15.92 -14.37 -6.80
N GLU A 1144 -16.75 -14.24 -7.83
CA GLU A 1144 -16.39 -14.55 -9.21
C GLU A 1144 -16.23 -13.26 -10.00
N THR A 1145 -15.51 -13.35 -11.12
CA THR A 1145 -15.31 -12.22 -12.01
C THR A 1145 -16.60 -11.94 -12.78
N GLN A 1146 -16.97 -10.66 -12.83
CA GLN A 1146 -18.06 -10.17 -13.67
C GLN A 1146 -17.53 -9.02 -14.51
N PHE A 1147 -18.27 -8.67 -15.57
CA PHE A 1147 -17.88 -7.59 -16.47
C PHE A 1147 -18.96 -6.51 -16.54
N ASP A 1148 -18.52 -5.25 -16.44
CA ASP A 1148 -19.41 -4.10 -16.54
C ASP A 1148 -19.71 -3.82 -18.01
N ALA A 1149 -20.51 -2.79 -18.26
CA ALA A 1149 -20.94 -2.42 -19.60
C ALA A 1149 -19.74 -2.08 -20.49
N LYS A 1150 -18.79 -1.31 -19.95
CA LYS A 1150 -17.60 -0.90 -20.69
C LYS A 1150 -16.62 -2.06 -20.87
N GLY A 1151 -16.87 -3.21 -20.21
CA GLY A 1151 -16.05 -4.39 -20.36
C GLY A 1151 -14.95 -4.52 -19.28
N THR A 1152 -14.95 -3.63 -18.29
CA THR A 1152 -14.05 -3.73 -17.15
C THR A 1152 -14.61 -4.76 -16.16
N PRO A 1153 -13.75 -5.64 -15.60
CA PRO A 1153 -14.21 -6.61 -14.60
C PRO A 1153 -14.15 -6.11 -13.16
N PHE A 1154 -14.80 -6.91 -12.32
CA PHE A 1154 -14.80 -6.73 -10.88
C PHE A 1154 -15.16 -8.07 -10.26
N ILE A 1155 -14.95 -8.21 -8.95
CA ILE A 1155 -15.26 -9.44 -8.25
C ILE A 1155 -16.58 -9.27 -7.50
N ALA A 1156 -17.54 -10.15 -7.80
CA ALA A 1156 -18.85 -10.08 -7.19
C ALA A 1156 -18.74 -10.21 -5.67
N GLY A 1157 -19.65 -9.54 -4.96
CA GLY A 1157 -19.81 -9.73 -3.54
C GLY A 1157 -18.67 -9.14 -2.71
N LYS A 1158 -17.72 -8.47 -3.39
CA LYS A 1158 -16.58 -7.90 -2.71
C LYS A 1158 -17.07 -6.85 -1.71
N ARG A 1159 -16.36 -6.75 -0.59
CA ARG A 1159 -16.62 -5.70 0.38
C ARG A 1159 -15.33 -4.97 0.66
N ILE A 1160 -15.45 -3.73 1.15
CA ILE A 1160 -14.30 -2.96 1.56
C ILE A 1160 -14.50 -2.53 3.01
N VAL A 1161 -13.71 -3.12 3.91
CA VAL A 1161 -13.95 -3.03 5.35
C VAL A 1161 -12.82 -2.24 6.01
N PRO A 1162 -13.08 -1.64 7.20
CA PRO A 1162 -12.14 -0.75 7.85
C PRO A 1162 -10.85 -1.41 8.37
N VAL A 1163 -9.73 -0.67 8.25
CA VAL A 1163 -8.43 -1.05 8.77
C VAL A 1163 -7.91 0.03 9.71
N ILE A 1164 -7.87 1.29 9.22
CA ILE A 1164 -7.39 2.45 9.97
C ILE A 1164 -5.91 2.26 10.30
N GLU A 1165 -5.06 2.28 9.26
CA GLU A 1165 -3.63 2.01 9.40
C GLU A 1165 -2.85 3.32 9.56
N ARG A 1172 -6.85 3.85 5.61
CA ARG A 1172 -6.60 2.67 4.73
C ARG A 1172 -7.71 1.63 4.97
N TYR A 1173 -8.05 0.89 3.91
CA TYR A 1173 -9.13 -0.10 3.96
C TYR A 1173 -8.63 -1.42 3.35
N ARG A 1174 -9.41 -2.48 3.58
CA ARG A 1174 -9.04 -3.83 3.16
C ARG A 1174 -10.15 -4.44 2.30
N ASP A 1175 -9.75 -5.09 1.20
CA ASP A 1175 -10.65 -5.89 0.39
C ASP A 1175 -10.99 -7.16 1.16
N LEU A 1176 -12.24 -7.61 1.03
CA LEU A 1176 -12.74 -8.77 1.75
C LEU A 1176 -13.74 -9.50 0.86
N TYR A 1177 -13.59 -10.82 0.78
CA TYR A 1177 -14.43 -11.66 -0.04
C TYR A 1177 -15.21 -12.60 0.88
N PRO A 1178 -16.40 -12.21 1.37
CA PRO A 1178 -17.16 -13.00 2.35
C PRO A 1178 -17.35 -14.48 2.03
N ALA A 1179 -17.91 -14.81 0.85
CA ALA A 1179 -18.18 -16.20 0.49
C ALA A 1179 -16.91 -17.05 0.58
N ASN A 1180 -15.80 -16.54 0.02
CA ASN A 1180 -14.52 -17.20 0.12
C ASN A 1180 -14.19 -17.44 1.59
N GLU A 1181 -14.30 -16.38 2.42
CA GLU A 1181 -13.92 -16.45 3.82
C GLU A 1181 -14.83 -17.39 4.61
N LEU A 1182 -16.11 -17.47 4.24
CA LEU A 1182 -17.03 -18.39 4.88
C LEU A 1182 -16.57 -19.83 4.60
N ILE A 1183 -16.27 -20.13 3.34
CA ILE A 1183 -15.75 -21.44 2.98
C ILE A 1183 -14.49 -21.74 3.80
N ALA A 1184 -13.63 -20.73 3.98
CA ALA A 1184 -12.41 -20.90 4.76
C ALA A 1184 -12.74 -21.34 6.18
N LEU A 1185 -13.64 -20.58 6.84
CA LEU A 1185 -14.04 -20.83 8.21
C LEU A 1185 -14.60 -22.24 8.35
N LEU A 1186 -15.56 -22.58 7.49
CA LEU A 1186 -16.21 -23.89 7.54
C LEU A 1186 -15.20 -25.01 7.32
N GLU A 1187 -14.15 -24.78 6.52
CA GLU A 1187 -13.18 -25.81 6.21
C GLU A 1187 -12.19 -25.97 7.37
N GLU A 1188 -11.82 -24.86 8.02
CA GLU A 1188 -11.01 -24.90 9.23
C GLU A 1188 -11.75 -25.65 10.33
N LYS A 1189 -13.05 -25.41 10.45
CA LYS A 1189 -13.87 -25.98 11.51
C LYS A 1189 -14.26 -27.41 11.15
N GLY A 1190 -14.19 -27.76 9.85
CA GLY A 1190 -14.43 -29.12 9.41
C GLY A 1190 -15.93 -29.41 9.31
N ILE A 1191 -16.71 -28.33 9.15
CA ILE A 1191 -18.16 -28.39 9.10
C ILE A 1191 -18.60 -28.68 7.67
N VAL A 1192 -19.31 -29.80 7.48
CA VAL A 1192 -19.82 -30.17 6.17
C VAL A 1192 -20.84 -29.13 5.72
N PHE A 1193 -20.80 -28.70 4.46
CA PHE A 1193 -21.74 -27.71 3.97
C PHE A 1193 -22.15 -27.92 2.52
N ARG A 1194 -21.37 -28.69 1.75
CA ARG A 1194 -21.56 -28.77 0.30
C ARG A 1194 -22.78 -29.65 -0.05
N ASP A 1195 -23.37 -30.30 0.95
CA ASP A 1195 -24.56 -31.11 0.76
C ASP A 1195 -25.81 -30.24 0.68
N GLY A 1196 -25.76 -29.02 1.24
CA GLY A 1196 -26.87 -28.09 1.20
C GLY A 1196 -27.56 -27.94 2.56
N SER A 1197 -26.93 -28.52 3.61
CA SER A 1197 -27.47 -28.55 4.96
C SER A 1197 -27.40 -27.17 5.60
N ASN A 1198 -28.10 -27.04 6.73
CA ASN A 1198 -28.12 -25.81 7.51
C ASN A 1198 -26.83 -25.75 8.33
N ILE A 1199 -26.09 -24.66 8.18
CA ILE A 1199 -24.79 -24.51 8.79
C ILE A 1199 -24.92 -23.97 10.22
N LEU A 1200 -26.06 -23.33 10.53
CA LEU A 1200 -26.17 -22.49 11.72
C LEU A 1200 -26.21 -23.31 13.01
N PRO A 1201 -27.04 -24.37 13.12
CA PRO A 1201 -26.98 -25.24 14.29
C PRO A 1201 -25.57 -25.77 14.58
N LYS A 1202 -24.82 -26.07 13.52
CA LYS A 1202 -23.52 -26.73 13.64
C LYS A 1202 -22.48 -25.75 14.18
N LEU A 1203 -22.54 -24.50 13.74
CA LEU A 1203 -21.69 -23.45 14.28
C LEU A 1203 -22.02 -23.21 15.74
N LEU A 1204 -23.31 -23.38 16.10
CA LEU A 1204 -23.81 -23.03 17.41
C LEU A 1204 -23.54 -24.15 18.41
N GLU A 1205 -23.87 -25.39 18.04
CA GLU A 1205 -23.67 -26.56 18.90
C GLU A 1205 -22.18 -26.69 19.26
N ASN A 1206 -21.31 -26.34 18.32
CA ASN A 1206 -19.87 -26.36 18.52
C ASN A 1206 -19.49 -25.34 19.60
N ASP A 1207 -20.14 -24.16 19.56
CA ASP A 1207 -19.96 -23.10 20.55
C ASP A 1207 -18.49 -22.66 20.62
N ASP A 1208 -17.86 -22.51 19.45
CA ASP A 1208 -16.56 -21.88 19.32
C ASP A 1208 -16.77 -20.39 19.12
N SER A 1209 -16.32 -19.57 20.09
CA SER A 1209 -16.66 -18.16 20.10
C SER A 1209 -15.98 -17.41 18.95
N HIS A 1210 -14.79 -17.87 18.55
CA HIS A 1210 -14.02 -17.22 17.50
C HIS A 1210 -14.68 -17.51 16.14
N ALA A 1211 -15.28 -18.71 16.01
CA ALA A 1211 -16.04 -19.08 14.82
C ALA A 1211 -17.35 -18.30 14.74
N ILE A 1212 -17.98 -18.06 15.91
CA ILE A 1212 -19.20 -17.30 16.00
C ILE A 1212 -18.91 -15.85 15.62
N ASP A 1213 -17.87 -15.27 16.24
CA ASP A 1213 -17.45 -13.91 15.94
C ASP A 1213 -17.24 -13.72 14.44
N THR A 1214 -16.44 -14.60 13.84
CA THR A 1214 -16.12 -14.52 12.43
C THR A 1214 -17.41 -14.55 11.62
N MET A 1215 -18.29 -15.52 11.90
CA MET A 1215 -19.52 -15.66 11.15
C MET A 1215 -20.30 -14.35 11.17
N VAL A 1216 -20.35 -13.72 12.34
CA VAL A 1216 -21.16 -12.52 12.53
C VAL A 1216 -20.46 -11.33 11.89
N ALA A 1217 -19.13 -11.28 12.01
CA ALA A 1217 -18.35 -10.28 11.30
C ALA A 1217 -18.63 -10.36 9.81
N LEU A 1218 -18.74 -11.61 9.29
CA LEU A 1218 -18.97 -11.84 7.88
C LEU A 1218 -20.38 -11.36 7.49
N ILE A 1219 -21.38 -11.69 8.31
CA ILE A 1219 -22.75 -11.29 8.02
C ILE A 1219 -22.81 -9.77 7.89
N ARG A 1220 -22.19 -9.07 8.84
CA ARG A 1220 -22.20 -7.62 8.88
C ARG A 1220 -21.58 -7.04 7.60
N SER A 1221 -20.49 -7.66 7.15
CA SER A 1221 -19.83 -7.23 5.93
C SER A 1221 -20.75 -7.39 4.73
N VAL A 1222 -21.39 -8.57 4.61
CA VAL A 1222 -22.28 -8.85 3.49
C VAL A 1222 -23.38 -7.79 3.44
N LEU A 1223 -23.84 -7.34 4.62
CA LEU A 1223 -24.92 -6.38 4.69
C LEU A 1223 -24.42 -4.95 4.47
N GLN A 1224 -23.10 -4.76 4.36
CA GLN A 1224 -22.56 -3.46 4.08
C GLN A 1224 -22.59 -3.20 2.57
N MET A 1225 -23.73 -2.66 2.11
CA MET A 1225 -24.00 -2.41 0.71
C MET A 1225 -23.00 -1.43 0.10
N ARG A 1226 -22.70 -0.34 0.82
CA ARG A 1226 -21.82 0.70 0.35
C ARG A 1226 -20.37 0.36 0.67
N ASN A 1227 -19.49 0.46 -0.34
CA ASN A 1227 -18.11 0.06 -0.21
C ASN A 1227 -17.22 1.10 -0.88
N SER A 1228 -16.40 1.79 -0.08
CA SER A 1228 -15.67 2.96 -0.53
C SER A 1228 -14.17 2.80 -0.30
N ASN A 1229 -13.39 3.35 -1.24
CA ASN A 1229 -11.94 3.41 -1.10
C ASN A 1229 -11.42 4.50 -2.01
N ALA A 1230 -11.10 5.65 -1.39
CA ALA A 1230 -10.68 6.84 -2.12
C ALA A 1230 -9.49 6.51 -3.03
N ALA A 1231 -8.56 5.69 -2.52
CA ALA A 1231 -7.36 5.29 -3.25
C ALA A 1231 -7.70 4.67 -4.60
N THR A 1232 -8.66 3.74 -4.62
CA THR A 1232 -9.04 3.03 -5.85
C THR A 1232 -10.15 3.78 -6.58
N GLY A 1233 -10.83 4.69 -5.87
CA GLY A 1233 -11.97 5.41 -6.44
C GLY A 1233 -13.25 4.57 -6.47
N GLU A 1234 -13.25 3.42 -5.77
CA GLU A 1234 -14.43 2.58 -5.64
C GLU A 1234 -15.40 3.27 -4.69
N ASP A 1235 -16.69 3.33 -5.07
CA ASP A 1235 -17.76 3.77 -4.18
C ASP A 1235 -19.08 3.21 -4.69
N TYR A 1236 -19.23 1.88 -4.57
CA TYR A 1236 -20.32 1.18 -5.24
C TYR A 1236 -21.37 0.73 -4.23
N ILE A 1237 -22.53 0.35 -4.76
CA ILE A 1237 -23.57 -0.33 -4.01
C ILE A 1237 -23.68 -1.74 -4.56
N ASN A 1238 -23.49 -2.74 -3.70
CA ASN A 1238 -23.79 -4.13 -4.03
C ASN A 1238 -24.83 -4.64 -3.03
N SER A 1239 -26.02 -4.99 -3.51
CA SER A 1239 -27.08 -5.41 -2.61
C SER A 1239 -26.86 -6.85 -2.18
N PRO A 1240 -27.10 -7.18 -0.89
CA PRO A 1240 -27.04 -8.56 -0.43
C PRO A 1240 -28.29 -9.39 -0.70
N VAL A 1241 -29.26 -8.85 -1.46
CA VAL A 1241 -30.51 -9.57 -1.69
C VAL A 1241 -30.87 -9.51 -3.17
N ARG A 1242 -31.41 -10.64 -3.68
CA ARG A 1242 -31.80 -10.76 -5.08
C ARG A 1242 -33.13 -10.05 -5.29
N ASP A 1243 -33.25 -9.33 -6.42
CA ASP A 1243 -34.50 -8.70 -6.80
C ASP A 1243 -35.42 -9.78 -7.36
N LEU A 1244 -36.65 -9.40 -7.67
CA LEU A 1244 -37.66 -10.35 -8.12
C LEU A 1244 -37.14 -11.22 -9.27
N ASN A 1245 -36.28 -10.67 -10.13
CA ASN A 1245 -35.80 -11.40 -11.29
C ASN A 1245 -34.60 -12.29 -10.95
N GLY A 1246 -34.16 -12.29 -9.68
CA GLY A 1246 -33.20 -13.25 -9.18
C GLY A 1246 -31.74 -12.79 -9.32
N VAL A 1247 -31.51 -11.47 -9.32
CA VAL A 1247 -30.17 -10.92 -9.46
C VAL A 1247 -29.93 -9.85 -8.38
N CYS A 1248 -28.72 -9.86 -7.82
CA CYS A 1248 -28.29 -8.82 -6.88
C CYS A 1248 -27.83 -7.57 -7.64
N PHE A 1249 -28.30 -6.42 -7.18
CA PHE A 1249 -27.86 -5.16 -7.76
C PHE A 1249 -26.37 -4.98 -7.50
N ASP A 1250 -25.65 -4.45 -8.50
CA ASP A 1250 -24.29 -3.98 -8.31
C ASP A 1250 -24.07 -2.79 -9.25
N SER A 1251 -23.78 -1.63 -8.66
CA SER A 1251 -23.51 -0.42 -9.42
C SER A 1251 -22.26 -0.61 -10.29
N ARG A 1252 -21.43 -1.58 -9.95
CA ARG A 1252 -20.20 -1.83 -10.68
C ARG A 1252 -20.48 -2.34 -12.10
N PHE A 1253 -21.69 -2.87 -12.35
CA PHE A 1253 -22.10 -3.31 -13.68
C PHE A 1253 -22.26 -2.10 -14.61
N GLN A 1254 -22.43 -0.90 -14.04
CA GLN A 1254 -22.46 0.35 -14.79
C GLN A 1254 -23.61 0.36 -15.79
N ASN A 1255 -24.74 -0.24 -15.41
CA ASN A 1255 -25.98 -0.16 -16.16
C ASN A 1255 -26.56 1.24 -16.05
N PRO A 1256 -26.68 2.02 -17.15
CA PRO A 1256 -27.12 3.42 -17.05
C PRO A 1256 -28.60 3.60 -16.72
N GLU A 1257 -29.38 2.51 -16.75
CA GLU A 1257 -30.76 2.52 -16.28
C GLU A 1257 -30.82 2.76 -14.76
N TRP A 1258 -29.70 2.50 -14.06
CA TRP A 1258 -29.70 2.48 -12.61
C TRP A 1258 -28.57 3.34 -12.06
N PRO A 1259 -28.53 3.60 -10.73
CA PRO A 1259 -27.45 4.35 -10.09
C PRO A 1259 -26.07 3.80 -10.44
N MET A 1260 -25.17 4.68 -10.90
CA MET A 1260 -23.86 4.28 -11.38
C MET A 1260 -22.84 4.20 -10.24
N ASP A 1261 -23.18 4.79 -9.09
CA ASP A 1261 -22.34 4.76 -7.91
C ASP A 1261 -23.21 5.10 -6.70
N ALA A 1262 -22.59 5.16 -5.52
CA ALA A 1262 -23.33 5.31 -4.27
C ALA A 1262 -23.93 6.70 -4.16
N ASP A 1263 -23.19 7.73 -4.57
CA ASP A 1263 -23.69 9.09 -4.49
C ASP A 1263 -24.91 9.25 -5.39
N ALA A 1264 -24.84 8.66 -6.60
CA ALA A 1264 -25.94 8.65 -7.56
C ALA A 1264 -27.16 7.95 -6.98
N ASN A 1265 -26.93 6.87 -6.24
CA ASN A 1265 -27.99 6.13 -5.57
C ASN A 1265 -28.70 7.06 -4.59
N GLY A 1266 -27.93 7.91 -3.92
CA GLY A 1266 -28.45 8.89 -2.98
C GLY A 1266 -29.44 9.84 -3.65
N ALA A 1267 -28.97 10.55 -4.67
CA ALA A 1267 -29.83 11.44 -5.45
C ALA A 1267 -31.10 10.70 -5.85
N TYR A 1268 -30.93 9.50 -6.43
CA TYR A 1268 -32.03 8.70 -6.97
C TYR A 1268 -33.13 8.55 -5.93
N HIS A 1269 -32.75 8.20 -4.70
CA HIS A 1269 -33.71 7.98 -3.63
C HIS A 1269 -34.18 9.30 -3.03
N ILE A 1270 -33.38 10.37 -3.11
CA ILE A 1270 -33.87 11.70 -2.77
C ILE A 1270 -35.05 12.00 -3.69
N ALA A 1271 -34.81 11.89 -5.00
CA ALA A 1271 -35.84 12.08 -6.00
C ALA A 1271 -37.08 11.23 -5.70
N LEU A 1272 -36.86 9.96 -5.34
CA LEU A 1272 -37.96 9.02 -5.16
C LEU A 1272 -38.78 9.37 -3.93
N LYS A 1273 -38.16 10.02 -2.93
CA LYS A 1273 -38.89 10.48 -1.77
C LYS A 1273 -39.82 11.62 -2.16
N GLY A 1274 -39.35 12.49 -3.04
CA GLY A 1274 -40.20 13.48 -3.67
C GLY A 1274 -41.40 12.82 -4.35
N GLN A 1275 -41.14 11.74 -5.09
CA GLN A 1275 -42.19 11.01 -5.80
C GLN A 1275 -43.22 10.51 -4.79
N LEU A 1276 -42.75 10.04 -3.63
CA LEU A 1276 -43.63 9.62 -2.57
C LEU A 1276 -44.58 10.76 -2.20
N LEU A 1277 -44.08 12.00 -2.17
CA LEU A 1277 -44.89 13.15 -1.82
C LEU A 1277 -45.92 13.45 -2.91
N LEU A 1278 -45.52 13.30 -4.18
CA LEU A 1278 -46.41 13.58 -5.31
C LEU A 1278 -47.50 12.51 -5.43
N ASN A 1279 -47.16 11.26 -5.13
CA ASN A 1279 -48.12 10.16 -5.17
CA ASN A 1279 -48.14 10.18 -5.19
C ASN A 1279 -49.17 10.36 -4.09
N HIS A 1280 -48.71 10.69 -2.86
CA HIS A 1280 -49.59 10.83 -1.71
C HIS A 1280 -50.43 12.11 -1.81
N LEU A 1281 -49.93 13.09 -2.57
CA LEU A 1281 -50.66 14.33 -2.81
C LEU A 1281 -51.84 14.03 -3.73
N LYS A 1282 -51.58 13.33 -4.83
CA LYS A 1282 -52.62 12.96 -5.79
C LYS A 1282 -53.77 12.25 -5.05
N GLU A 1283 -53.44 11.23 -4.25
CA GLU A 1283 -54.42 10.40 -3.57
C GLU A 1283 -55.23 11.23 -2.57
N SER A 1284 -54.57 12.24 -1.96
CA SER A 1284 -55.24 13.15 -1.05
C SER A 1284 -56.25 14.01 -1.82
N LYS A 1285 -57.35 14.37 -1.14
CA LYS A 1285 -58.41 15.19 -1.72
C LYS A 1285 -58.13 16.68 -1.49
N ASP A 1286 -57.06 16.99 -0.75
CA ASP A 1286 -56.65 18.38 -0.49
C ASP A 1286 -55.59 18.82 -1.50
N LEU A 1287 -55.14 20.07 -1.37
CA LEU A 1287 -53.97 20.56 -2.05
C LEU A 1287 -52.80 20.71 -1.06
N LYS A 1288 -52.84 19.90 0.01
CA LYS A 1288 -51.92 20.02 1.12
C LYS A 1288 -50.92 18.87 1.07
N LEU A 1289 -49.63 19.22 1.07
CA LEU A 1289 -48.55 18.24 1.08
C LEU A 1289 -48.37 17.70 2.49
N GLN A 1290 -48.01 16.41 2.60
CA GLN A 1290 -47.90 15.76 3.90
C GLN A 1290 -46.65 16.28 4.60
N ASN A 1291 -46.66 16.26 5.93
CA ASN A 1291 -45.62 16.94 6.69
C ASN A 1291 -44.50 15.95 7.01
N GLY A 1292 -43.47 15.96 6.18
CA GLY A 1292 -42.33 15.07 6.36
C GLY A 1292 -42.66 13.63 5.96
N ILE A 1293 -41.62 12.79 5.98
CA ILE A 1293 -41.73 11.37 5.69
C ILE A 1293 -40.97 10.61 6.77
N SER A 1294 -41.69 9.83 7.58
CA SER A 1294 -41.06 8.94 8.54
C SER A 1294 -40.30 7.87 7.79
N ASN A 1295 -39.16 7.45 8.34
CA ASN A 1295 -38.33 6.42 7.73
C ASN A 1295 -39.16 5.15 7.46
N GLN A 1296 -40.04 4.79 8.41
CA GLN A 1296 -40.82 3.57 8.26
C GLN A 1296 -41.79 3.69 7.09
N ASP A 1297 -42.37 4.89 6.91
CA ASP A 1297 -43.29 5.10 5.81
C ASP A 1297 -42.56 4.96 4.48
N TRP A 1298 -41.38 5.60 4.42
CA TRP A 1298 -40.50 5.52 3.26
C TRP A 1298 -40.18 4.07 2.90
N LEU A 1299 -39.61 3.32 3.85
CA LEU A 1299 -39.19 1.96 3.57
C LEU A 1299 -40.37 1.15 3.07
N ALA A 1300 -41.49 1.25 3.78
CA ALA A 1300 -42.70 0.50 3.42
C ALA A 1300 -43.14 0.85 2.01
N TYR A 1301 -43.09 2.14 1.67
CA TYR A 1301 -43.45 2.63 0.35
C TYR A 1301 -42.59 1.93 -0.69
N ILE A 1302 -41.26 2.13 -0.59
CA ILE A 1302 -40.34 1.77 -1.66
C ILE A 1302 -40.25 0.25 -1.78
N GLN A 1303 -40.36 -0.46 -0.65
CA GLN A 1303 -40.25 -1.90 -0.66
C GLN A 1303 -41.45 -2.51 -1.36
N GLU A 1304 -42.66 -1.99 -1.09
CA GLU A 1304 -43.85 -2.46 -1.76
C GLU A 1304 -43.76 -2.17 -3.26
N LEU A 1305 -43.27 -0.98 -3.60
CA LEU A 1305 -43.25 -0.54 -4.99
C LEU A 1305 -42.33 -1.45 -5.82
N ARG A 1306 -41.15 -1.78 -5.27
CA ARG A 1306 -40.10 -2.44 -6.03
C ARG A 1306 -40.40 -3.93 -6.19
N ASN A 1307 -41.20 -4.49 -5.27
CA ASN A 1307 -41.43 -5.92 -5.25
C ASN A 1307 -42.92 -6.22 -5.48
N MET E 1 39.00 -25.27 32.64
CA MET E 1 37.85 -24.94 31.75
C MET E 1 37.97 -25.75 30.47
N THR E 2 37.16 -25.41 29.44
CA THR E 2 37.17 -26.12 28.17
C THR E 2 38.46 -25.78 27.42
N GLN E 3 38.77 -26.57 26.40
CA GLN E 3 39.97 -26.36 25.60
C GLN E 3 39.71 -26.70 24.13
N PHE E 4 40.39 -25.99 23.24
CA PHE E 4 40.25 -26.17 21.81
C PHE E 4 40.70 -27.59 21.45
N GLU E 5 41.75 -28.08 22.13
CA GLU E 5 42.30 -29.42 21.92
C GLU E 5 41.35 -30.48 22.50
N GLY E 6 40.25 -30.06 23.13
CA GLY E 6 39.22 -30.98 23.60
C GLY E 6 38.36 -31.52 22.47
N PHE E 7 38.36 -30.84 21.32
CA PHE E 7 37.46 -31.17 20.23
C PHE E 7 38.08 -32.26 19.37
N THR E 8 38.03 -33.49 19.89
CA THR E 8 38.67 -34.62 19.25
C THR E 8 38.08 -35.91 19.82
N ASN E 9 37.99 -36.93 18.96
CA ASN E 9 37.49 -38.24 19.34
C ASN E 9 36.06 -38.12 19.87
N LEU E 10 35.22 -37.37 19.15
CA LEU E 10 33.86 -37.10 19.58
C LEU E 10 32.88 -37.99 18.80
N TYR E 11 33.24 -38.39 17.59
CA TYR E 11 32.46 -39.38 16.87
C TYR E 11 33.29 -40.05 15.78
N GLN E 12 32.91 -41.30 15.48
CA GLN E 12 33.57 -42.11 14.46
C GLN E 12 33.37 -41.50 13.08
N VAL E 13 34.37 -41.69 12.21
CA VAL E 13 34.31 -41.18 10.85
C VAL E 13 34.90 -42.24 9.92
N SER E 14 34.17 -42.55 8.84
CA SER E 14 34.61 -43.55 7.88
C SER E 14 35.17 -42.88 6.62
N LYS E 15 36.24 -43.46 6.07
CA LYS E 15 36.84 -42.99 4.83
C LYS E 15 37.27 -44.19 4.00
N THR E 16 37.29 -44.02 2.67
CA THR E 16 37.92 -45.01 1.81
C THR E 16 39.27 -44.48 1.34
N LEU E 17 40.30 -45.33 1.42
CA LEU E 17 41.60 -45.02 0.85
C LEU E 17 41.69 -45.74 -0.50
N ARG E 18 42.31 -45.08 -1.48
CA ARG E 18 42.49 -45.68 -2.80
C ARG E 18 43.97 -45.83 -3.11
N PHE E 19 44.32 -47.00 -3.64
CA PHE E 19 45.70 -47.35 -3.95
C PHE E 19 45.77 -48.06 -5.30
N GLU E 20 46.99 -48.08 -5.87
CA GLU E 20 47.32 -48.95 -6.98
C GLU E 20 47.88 -50.25 -6.42
N LEU E 21 47.61 -51.36 -7.12
CA LEU E 21 48.22 -52.65 -6.82
C LEU E 21 49.25 -52.98 -7.90
N ILE E 22 50.49 -53.22 -7.47
CA ILE E 22 51.55 -53.65 -8.38
C ILE E 22 51.78 -55.14 -8.17
N PRO E 23 51.46 -56.01 -9.16
CA PRO E 23 51.67 -57.44 -9.01
C PRO E 23 53.16 -57.79 -8.88
N GLN E 24 53.45 -58.88 -8.17
CA GLN E 24 54.82 -59.19 -7.81
C GLN E 24 55.22 -60.58 -8.35
N GLY E 25 56.40 -60.66 -8.95
CA GLY E 25 56.91 -61.91 -9.46
C GLY E 25 56.01 -62.47 -10.55
N LYS E 26 55.57 -63.72 -10.37
CA LYS E 26 54.80 -64.39 -11.42
C LYS E 26 53.30 -64.14 -11.28
N THR E 27 52.89 -63.20 -10.40
CA THR E 27 51.48 -62.96 -10.15
C THR E 27 50.75 -62.65 -11.46
N LEU E 28 51.23 -61.64 -12.19
CA LEU E 28 50.56 -61.21 -13.41
C LEU E 28 50.44 -62.37 -14.39
N LYS E 29 51.55 -63.10 -14.59
CA LYS E 29 51.56 -64.22 -15.52
C LYS E 29 50.47 -65.23 -15.14
N HIS E 30 50.37 -65.54 -13.85
CA HIS E 30 49.39 -66.50 -13.35
C HIS E 30 47.99 -65.96 -13.56
N ILE E 31 47.80 -64.66 -13.32
CA ILE E 31 46.50 -64.02 -13.51
C ILE E 31 46.09 -64.17 -14.98
N GLN E 32 47.06 -64.00 -15.89
CA GLN E 32 46.81 -64.11 -17.31
C GLN E 32 46.38 -65.54 -17.65
N GLU E 33 47.23 -66.51 -17.28
CA GLU E 33 46.99 -67.91 -17.59
C GLU E 33 45.59 -68.34 -17.17
N GLN E 34 45.16 -67.94 -15.97
CA GLN E 34 43.92 -68.42 -15.38
C GLN E 34 42.69 -67.76 -16.00
N GLY E 35 42.86 -66.62 -16.68
CA GLY E 35 41.76 -65.96 -17.36
C GLY E 35 40.81 -65.24 -16.39
N PHE E 36 41.37 -64.69 -15.31
CA PHE E 36 40.60 -64.06 -14.25
C PHE E 36 40.06 -62.70 -14.70
N ILE E 37 40.88 -61.94 -15.43
CA ILE E 37 40.50 -60.59 -15.81
C ILE E 37 39.29 -60.64 -16.75
N GLU E 38 39.32 -61.57 -17.71
CA GLU E 38 38.28 -61.73 -18.72
C GLU E 38 36.98 -62.23 -18.09
N GLU E 39 37.13 -63.15 -17.14
CA GLU E 39 36.04 -63.79 -16.43
C GLU E 39 35.28 -62.76 -15.59
N ASP E 40 36.03 -61.84 -14.98
CA ASP E 40 35.48 -60.81 -14.11
C ASP E 40 34.83 -59.71 -14.95
N LYS E 41 35.53 -59.28 -16.01
CA LYS E 41 34.94 -58.39 -16.99
C LYS E 41 33.58 -58.92 -17.42
N ALA E 42 33.54 -60.20 -17.81
CA ALA E 42 32.33 -60.83 -18.32
C ALA E 42 31.22 -60.81 -17.28
N ARG E 43 31.57 -61.02 -16.01
CA ARG E 43 30.61 -61.05 -14.91
CA ARG E 43 30.58 -61.06 -14.94
C ARG E 43 29.94 -59.68 -14.80
N ASN E 44 30.76 -58.62 -14.95
CA ASN E 44 30.27 -57.26 -14.94
C ASN E 44 29.28 -57.07 -16.08
N ASP E 45 29.67 -57.50 -17.28
CA ASP E 45 28.87 -57.32 -18.48
C ASP E 45 27.52 -57.99 -18.28
N HIS E 46 27.53 -59.20 -17.70
CA HIS E 46 26.33 -59.98 -17.47
C HIS E 46 25.42 -59.29 -16.46
N TYR E 47 26.03 -58.57 -15.50
CA TYR E 47 25.29 -57.88 -14.46
C TYR E 47 24.51 -56.71 -15.06
N LYS E 48 25.19 -55.87 -15.86
CA LYS E 48 24.54 -54.71 -16.48
C LYS E 48 23.40 -55.17 -17.38
N GLU E 49 23.52 -56.38 -17.93
CA GLU E 49 22.52 -56.92 -18.85
C GLU E 49 21.35 -57.53 -18.09
N LEU E 50 21.66 -58.30 -17.04
CA LEU E 50 20.66 -59.00 -16.25
C LEU E 50 19.89 -58.03 -15.35
N LYS E 51 20.46 -56.85 -15.06
CA LYS E 51 19.88 -55.94 -14.08
C LYS E 51 18.49 -55.48 -14.49
N PRO E 52 18.27 -54.91 -15.70
CA PRO E 52 16.94 -54.49 -16.12
C PRO E 52 15.91 -55.61 -16.14
N ILE E 53 16.37 -56.83 -16.42
CA ILE E 53 15.51 -58.00 -16.53
C ILE E 53 14.95 -58.35 -15.14
N ILE E 54 15.83 -58.34 -14.14
CA ILE E 54 15.44 -58.59 -12.77
C ILE E 54 14.56 -57.46 -12.24
N ASP E 55 14.79 -56.21 -12.72
CA ASP E 55 14.04 -55.06 -12.24
C ASP E 55 12.58 -55.14 -12.68
N ARG E 56 12.31 -55.84 -13.80
CA ARG E 56 10.94 -56.00 -14.30
C ARG E 56 10.09 -56.66 -13.22
N ILE E 57 10.73 -57.49 -12.39
CA ILE E 57 10.06 -58.17 -11.29
C ILE E 57 9.64 -57.14 -10.25
N TYR E 58 10.59 -56.26 -9.87
CA TYR E 58 10.33 -55.29 -8.83
C TYR E 58 9.23 -54.33 -9.29
N LYS E 59 9.42 -53.74 -10.47
CA LYS E 59 8.49 -52.79 -11.05
C LYS E 59 7.08 -53.38 -11.09
N THR E 60 6.96 -54.57 -11.67
CA THR E 60 5.67 -55.24 -11.87
C THR E 60 4.95 -55.39 -10.53
N TYR E 61 5.68 -55.88 -9.51
CA TYR E 61 5.08 -56.16 -8.22
C TYR E 61 4.64 -54.85 -7.57
N ALA E 62 5.52 -53.84 -7.59
CA ALA E 62 5.23 -52.53 -7.05
C ALA E 62 3.87 -52.04 -7.55
N ASP E 63 3.68 -52.06 -8.89
CA ASP E 63 2.46 -51.56 -9.51
C ASP E 63 1.24 -52.37 -9.08
N GLN E 64 1.36 -53.71 -9.10
CA GLN E 64 0.25 -54.57 -8.74
C GLN E 64 -0.24 -54.19 -7.34
N CYS E 65 0.69 -53.84 -6.45
CA CYS E 65 0.37 -53.43 -5.09
C CYS E 65 -0.21 -52.01 -5.08
N LEU E 66 0.34 -51.11 -5.89
CA LEU E 66 -0.06 -49.72 -5.84
C LEU E 66 -1.43 -49.52 -6.49
N GLN E 67 -1.78 -50.34 -7.48
CA GLN E 67 -3.09 -50.25 -8.13
C GLN E 67 -4.21 -50.49 -7.12
N LEU E 68 -3.93 -51.25 -6.06
CA LEU E 68 -4.92 -51.65 -5.08
C LEU E 68 -5.11 -50.60 -3.99
N VAL E 69 -4.19 -49.61 -3.91
CA VAL E 69 -4.15 -48.72 -2.77
C VAL E 69 -5.36 -47.81 -2.80
N GLN E 70 -5.92 -47.56 -1.61
CA GLN E 70 -7.03 -46.64 -1.44
C GLN E 70 -7.02 -46.09 -0.02
N LEU E 71 -6.50 -44.87 0.13
CA LEU E 71 -6.43 -44.19 1.42
C LEU E 71 -7.27 -42.91 1.40
N ASP E 72 -7.64 -42.47 2.60
CA ASP E 72 -8.18 -41.14 2.82
C ASP E 72 -7.03 -40.21 3.19
N TRP E 73 -6.92 -39.08 2.47
CA TRP E 73 -5.75 -38.23 2.54
C TRP E 73 -6.01 -36.96 3.35
N GLU E 74 -7.18 -36.88 4.01
CA GLU E 74 -7.58 -35.65 4.66
C GLU E 74 -6.70 -35.38 5.88
N ASN E 75 -6.41 -36.44 6.64
CA ASN E 75 -5.64 -36.30 7.86
C ASN E 75 -4.26 -35.73 7.55
N LEU E 76 -3.64 -36.25 6.49
CA LEU E 76 -2.32 -35.80 6.10
C LEU E 76 -2.37 -34.35 5.66
N SER E 77 -3.42 -33.99 4.95
CA SER E 77 -3.63 -32.61 4.54
C SER E 77 -3.70 -31.70 5.76
N ALA E 78 -4.40 -32.16 6.80
CA ALA E 78 -4.60 -31.39 8.02
C ALA E 78 -3.30 -31.25 8.80
N ALA E 79 -2.49 -32.31 8.85
CA ALA E 79 -1.18 -32.22 9.48
C ALA E 79 -0.35 -31.16 8.77
N ILE E 80 -0.37 -31.18 7.42
CA ILE E 80 0.41 -30.26 6.61
C ILE E 80 -0.10 -28.84 6.85
N ASP E 81 -1.42 -28.66 6.87
CA ASP E 81 -2.00 -27.35 7.09
C ASP E 81 -1.60 -26.80 8.44
N SER E 82 -1.59 -27.67 9.46
CA SER E 82 -1.37 -27.25 10.83
C SER E 82 0.06 -26.80 11.03
N TYR E 83 1.03 -27.59 10.52
CA TYR E 83 2.42 -27.19 10.57
C TYR E 83 2.61 -25.87 9.80
N ARG E 84 2.04 -25.78 8.60
CA ARG E 84 2.16 -24.57 7.81
C ARG E 84 1.72 -23.36 8.62
N LYS E 85 0.59 -23.47 9.32
CA LYS E 85 -0.04 -22.35 10.00
C LYS E 85 0.71 -21.99 11.30
N GLU E 86 1.22 -23.00 12.01
CA GLU E 86 1.71 -22.79 13.38
C GLU E 86 3.23 -22.68 13.42
N LYS E 87 3.94 -23.40 12.54
CA LYS E 87 5.39 -23.47 12.59
C LYS E 87 5.85 -23.66 14.04
N THR E 88 5.67 -24.86 14.58
CA THR E 88 6.10 -25.17 15.94
C THR E 88 6.68 -26.58 15.94
N GLU E 89 7.43 -26.91 16.99
CA GLU E 89 8.02 -28.24 17.12
C GLU E 89 6.88 -29.26 17.31
N GLU E 90 5.75 -28.83 17.89
CA GLU E 90 4.62 -29.73 18.14
C GLU E 90 3.96 -30.13 16.81
N THR E 91 3.58 -29.15 16.00
CA THR E 91 2.94 -29.44 14.72
C THR E 91 3.90 -30.12 13.75
N ARG E 92 5.20 -29.83 13.89
CA ARG E 92 6.20 -30.48 13.05
C ARG E 92 6.27 -31.98 13.36
N ASN E 93 6.22 -32.30 14.66
CA ASN E 93 6.36 -33.68 15.11
C ASN E 93 5.11 -34.47 14.78
N ALA E 94 3.94 -33.81 14.86
CA ALA E 94 2.69 -34.41 14.43
C ALA E 94 2.75 -34.77 12.94
N LEU E 95 3.20 -33.84 12.10
CA LEU E 95 3.32 -34.09 10.67
C LEU E 95 4.21 -35.30 10.40
N ILE E 96 5.35 -35.37 11.09
CA ILE E 96 6.33 -36.43 10.90
C ILE E 96 5.73 -37.80 11.23
N GLU E 97 4.94 -37.86 12.31
CA GLU E 97 4.33 -39.10 12.74
C GLU E 97 3.21 -39.48 11.78
N GLU E 98 2.46 -38.48 11.31
CA GLU E 98 1.37 -38.71 10.39
C GLU E 98 1.93 -39.25 9.07
N GLN E 99 3.03 -38.68 8.59
CA GLN E 99 3.70 -39.15 7.37
C GLN E 99 4.12 -40.61 7.54
N ALA E 100 4.68 -40.95 8.71
CA ALA E 100 5.05 -42.32 9.02
C ALA E 100 3.82 -43.22 8.97
N THR E 101 2.69 -42.76 9.50
CA THR E 101 1.47 -43.55 9.43
C THR E 101 1.13 -43.85 7.97
N TYR E 102 1.17 -42.82 7.12
CA TYR E 102 0.83 -43.00 5.72
C TYR E 102 1.86 -43.89 5.01
N ARG E 103 3.15 -43.74 5.33
CA ARG E 103 4.15 -44.58 4.70
C ARG E 103 3.89 -46.04 5.03
N ASN E 104 3.71 -46.34 6.32
CA ASN E 104 3.46 -47.71 6.75
C ASN E 104 2.20 -48.24 6.06
N ALA E 105 1.17 -47.39 5.95
CA ALA E 105 -0.08 -47.78 5.32
C ALA E 105 0.17 -48.28 3.89
N ILE E 106 1.02 -47.56 3.14
CA ILE E 106 1.38 -47.97 1.79
C ILE E 106 2.21 -49.25 1.88
N HIS E 107 3.16 -49.28 2.83
CA HIS E 107 4.10 -50.37 2.94
C HIS E 107 3.36 -51.67 3.24
N ASP E 108 2.22 -51.57 3.94
CA ASP E 108 1.44 -52.72 4.32
C ASP E 108 0.92 -53.45 3.07
N TYR E 109 0.70 -52.70 1.98
CA TYR E 109 0.25 -53.31 0.72
C TYR E 109 1.35 -54.21 0.17
N PHE E 110 2.62 -53.85 0.39
CA PHE E 110 3.74 -54.60 -0.17
C PHE E 110 3.95 -55.89 0.60
N ILE E 111 3.82 -55.85 1.93
CA ILE E 111 4.22 -56.97 2.78
C ILE E 111 2.99 -57.80 3.16
N GLY E 112 1.82 -57.42 2.64
CA GLY E 112 0.59 -58.17 2.87
C GLY E 112 0.14 -58.11 4.32
N ARG E 113 -0.04 -56.89 4.84
CA ARG E 113 -0.48 -56.67 6.20
C ARG E 113 -1.45 -55.49 6.26
N THR E 114 -2.23 -55.28 5.19
CA THR E 114 -3.20 -54.20 5.15
C THR E 114 -4.60 -54.79 5.32
N ASP E 115 -5.41 -54.16 6.17
CA ASP E 115 -6.74 -54.65 6.47
C ASP E 115 -7.72 -54.30 5.35
N ASN E 116 -7.23 -53.61 4.31
CA ASN E 116 -8.07 -53.18 3.20
C ASN E 116 -8.28 -54.31 2.19
N LEU E 117 -7.52 -55.41 2.30
CA LEU E 117 -7.52 -56.47 1.30
C LEU E 117 -7.90 -57.81 1.91
N THR E 118 -8.29 -58.76 1.04
CA THR E 118 -8.69 -60.09 1.46
C THR E 118 -7.45 -60.85 1.94
N ASP E 119 -7.62 -61.61 3.03
CA ASP E 119 -6.52 -62.27 3.72
C ASP E 119 -5.73 -63.19 2.79
N ALA E 120 -6.37 -63.66 1.71
CA ALA E 120 -5.71 -64.50 0.73
C ALA E 120 -4.65 -63.70 -0.05
N ILE E 121 -5.00 -62.48 -0.45
CA ILE E 121 -4.12 -61.61 -1.23
C ILE E 121 -2.92 -61.20 -0.37
N ASN E 122 -3.17 -60.92 0.91
CA ASN E 122 -2.09 -60.60 1.84
C ASN E 122 -1.09 -61.75 1.88
N LYS E 123 -1.60 -62.99 1.83
CA LYS E 123 -0.76 -64.18 1.87
C LYS E 123 0.11 -64.26 0.62
N ARG E 124 -0.45 -63.92 -0.55
CA ARG E 124 0.32 -63.90 -1.79
C ARG E 124 1.40 -62.83 -1.70
N HIS E 125 1.01 -61.62 -1.26
CA HIS E 125 1.91 -60.48 -1.16
C HIS E 125 3.05 -60.77 -0.18
N ALA E 126 2.75 -61.45 0.93
CA ALA E 126 3.74 -61.75 1.94
C ALA E 126 4.73 -62.80 1.43
N GLU E 127 4.24 -63.79 0.67
CA GLU E 127 5.08 -64.82 0.09
C GLU E 127 6.10 -64.19 -0.85
N ILE E 128 5.62 -63.30 -1.72
CA ILE E 128 6.43 -62.69 -2.77
C ILE E 128 7.50 -61.81 -2.13
N TYR E 129 7.12 -61.08 -1.07
CA TYR E 129 7.99 -60.11 -0.44
C TYR E 129 9.17 -60.80 0.25
N LYS E 130 8.94 -62.01 0.77
CA LYS E 130 9.96 -62.78 1.47
C LYS E 130 11.08 -63.19 0.52
N GLY E 131 10.82 -63.21 -0.80
CA GLY E 131 11.80 -63.69 -1.76
C GLY E 131 12.29 -62.63 -2.75
N LEU E 132 12.17 -61.34 -2.40
CA LEU E 132 12.47 -60.26 -3.33
C LEU E 132 13.92 -59.80 -3.19
N PHE E 133 14.58 -60.13 -2.06
CA PHE E 133 15.89 -59.57 -1.78
C PHE E 133 16.88 -60.70 -1.48
N LYS E 134 16.79 -61.78 -2.26
CA LYS E 134 17.63 -62.95 -2.08
C LYS E 134 17.61 -63.77 -3.36
N ALA E 135 18.23 -64.95 -3.35
CA ALA E 135 18.49 -65.72 -4.55
C ALA E 135 17.20 -66.25 -5.19
N GLU E 136 16.05 -66.13 -4.51
CA GLU E 136 14.78 -66.55 -5.09
C GLU E 136 14.43 -65.77 -6.35
N LEU E 137 15.06 -64.60 -6.57
CA LEU E 137 14.84 -63.83 -7.78
C LEU E 137 15.31 -64.59 -9.02
N PHE E 138 16.28 -65.49 -8.83
CA PHE E 138 16.98 -66.11 -9.95
C PHE E 138 16.31 -67.43 -10.33
N ASN E 139 15.60 -68.07 -9.39
CA ASN E 139 15.07 -69.40 -9.60
C ASN E 139 13.82 -69.35 -10.48
N GLY E 140 13.12 -68.21 -10.48
CA GLY E 140 11.89 -68.05 -11.22
C GLY E 140 10.64 -68.39 -10.39
N LYS E 141 10.84 -68.66 -9.09
CA LYS E 141 9.72 -68.90 -8.18
C LYS E 141 8.88 -67.62 -8.08
N VAL E 142 9.55 -66.49 -7.86
CA VAL E 142 8.89 -65.21 -7.67
C VAL E 142 8.09 -64.86 -8.93
N LEU E 143 8.67 -65.14 -10.11
CA LEU E 143 8.08 -64.78 -11.39
C LEU E 143 6.84 -65.62 -11.67
N LYS E 144 6.79 -66.85 -11.13
CA LYS E 144 5.63 -67.71 -11.26
C LYS E 144 4.45 -67.12 -10.48
N GLN E 145 4.73 -66.58 -9.30
CA GLN E 145 3.72 -66.04 -8.39
C GLN E 145 3.19 -64.69 -8.87
N LEU E 146 3.75 -64.17 -9.97
CA LEU E 146 3.62 -62.76 -10.29
C LEU E 146 2.84 -62.56 -11.59
N GLY E 147 3.15 -63.38 -12.60
CA GLY E 147 2.43 -63.35 -13.87
C GLY E 147 2.68 -64.61 -14.68
N THR E 148 1.96 -64.74 -15.81
CA THR E 148 2.13 -65.84 -16.73
C THR E 148 3.16 -65.47 -17.80
N VAL E 149 4.12 -64.60 -17.44
CA VAL E 149 5.26 -64.32 -18.29
C VAL E 149 6.36 -65.31 -17.94
N THR E 150 7.15 -65.70 -18.94
CA THR E 150 8.29 -66.59 -18.75
C THR E 150 9.54 -65.87 -19.24
N THR E 151 10.70 -66.52 -19.06
CA THR E 151 11.99 -65.95 -19.43
C THR E 151 12.43 -66.51 -20.77
N THR E 152 13.16 -65.71 -21.55
CA THR E 152 13.66 -66.14 -22.85
C THR E 152 14.86 -67.06 -22.63
N GLU E 153 15.35 -67.68 -23.72
CA GLU E 153 16.53 -68.52 -23.66
C GLU E 153 17.73 -67.68 -23.23
N HIS E 154 17.86 -66.46 -23.79
CA HIS E 154 18.98 -65.59 -23.49
C HIS E 154 18.88 -65.04 -22.06
N GLU E 155 17.66 -64.87 -21.55
CA GLU E 155 17.44 -64.39 -20.19
C GLU E 155 17.89 -65.46 -19.19
N ASN E 156 17.61 -66.72 -19.53
CA ASN E 156 17.94 -67.84 -18.66
C ASN E 156 19.44 -68.08 -18.65
N ALA E 157 20.11 -67.85 -19.77
CA ALA E 157 21.56 -68.00 -19.82
C ALA E 157 22.21 -67.00 -18.86
N LEU E 158 21.64 -65.79 -18.79
CA LEU E 158 22.15 -64.73 -17.92
C LEU E 158 21.95 -65.12 -16.46
N LEU E 159 20.75 -65.65 -16.15
CA LEU E 159 20.46 -66.07 -14.78
C LEU E 159 21.42 -67.18 -14.35
N ARG E 160 21.66 -68.16 -15.23
CA ARG E 160 22.53 -69.29 -14.92
C ARG E 160 23.99 -68.87 -14.91
N SER E 161 24.33 -67.70 -15.48
CA SER E 161 25.70 -67.21 -15.48
C SER E 161 26.14 -66.77 -14.07
N PHE E 162 25.17 -66.56 -13.17
CA PHE E 162 25.45 -66.17 -11.79
C PHE E 162 25.28 -67.36 -10.85
N ASP E 163 25.21 -68.57 -11.39
CA ASP E 163 25.14 -69.78 -10.59
C ASP E 163 26.31 -69.77 -9.60
N LYS E 164 26.01 -70.06 -8.32
CA LYS E 164 26.99 -70.11 -7.26
C LYS E 164 27.74 -68.78 -7.11
N PHE E 165 27.10 -67.67 -7.51
CA PHE E 165 27.75 -66.37 -7.46
C PHE E 165 26.73 -65.25 -7.29
N THR E 166 25.55 -65.59 -6.76
CA THR E 166 24.43 -64.65 -6.69
C THR E 166 24.73 -63.60 -5.64
N THR E 167 25.71 -63.88 -4.77
CA THR E 167 26.19 -62.96 -3.75
C THR E 167 26.75 -61.69 -4.38
N TYR E 168 27.10 -61.74 -5.68
CA TYR E 168 27.49 -60.56 -6.43
C TYR E 168 26.38 -59.50 -6.41
N PHE E 169 25.16 -59.89 -6.00
CA PHE E 169 24.02 -58.97 -5.97
C PHE E 169 23.71 -58.50 -4.54
N SER E 170 24.67 -58.64 -3.62
CA SER E 170 24.43 -58.29 -2.22
C SER E 170 23.96 -56.85 -2.09
N GLY E 171 24.73 -55.91 -2.63
CA GLY E 171 24.39 -54.50 -2.59
C GLY E 171 23.08 -54.23 -3.32
N PHE E 172 22.92 -54.86 -4.50
CA PHE E 172 21.72 -54.65 -5.30
C PHE E 172 20.50 -54.90 -4.44
N TYR E 173 20.54 -55.94 -3.59
CA TYR E 173 19.42 -56.28 -2.72
C TYR E 173 19.13 -55.12 -1.77
N GLU E 174 20.20 -54.55 -1.17
CA GLU E 174 20.07 -53.41 -0.29
C GLU E 174 19.47 -52.22 -1.04
N ASN E 175 19.91 -52.01 -2.29
CA ASN E 175 19.38 -50.95 -3.14
C ASN E 175 17.88 -51.12 -3.36
N ARG E 176 17.39 -52.36 -3.38
CA ARG E 176 16.00 -52.62 -3.72
C ARG E 176 15.13 -52.59 -2.47
N LYS E 177 15.71 -52.97 -1.33
CA LYS E 177 15.08 -52.72 -0.05
C LYS E 177 14.82 -51.22 0.09
N ASN E 178 15.73 -50.42 -0.43
CA ASN E 178 15.65 -48.97 -0.34
C ASN E 178 14.47 -48.44 -1.15
N VAL E 179 14.01 -49.19 -2.15
CA VAL E 179 12.85 -48.79 -2.93
C VAL E 179 11.57 -49.01 -2.13
N PHE E 180 11.48 -50.13 -1.38
CA PHE E 180 10.21 -50.55 -0.80
C PHE E 180 10.06 -50.13 0.66
N SER E 181 11.12 -49.54 1.24
CA SER E 181 11.17 -49.22 2.67
C SER E 181 10.00 -48.33 3.08
N ALA E 182 9.55 -48.47 4.32
CA ALA E 182 8.57 -47.58 4.90
C ALA E 182 9.26 -46.44 5.63
N GLU E 183 10.60 -46.47 5.61
CA GLU E 183 11.39 -45.48 6.32
C GLU E 183 11.26 -44.13 5.62
N ASP E 184 11.60 -43.07 6.35
CA ASP E 184 11.61 -41.73 5.81
C ASP E 184 12.88 -41.53 4.97
N ILE E 185 12.94 -42.17 3.81
CA ILE E 185 14.13 -42.07 2.97
C ILE E 185 13.72 -41.73 1.53
N SER E 186 14.58 -40.95 0.87
CA SER E 186 14.33 -40.46 -0.48
C SER E 186 14.25 -41.57 -1.51
N THR E 187 14.85 -42.73 -1.22
CA THR E 187 14.96 -43.78 -2.22
C THR E 187 13.66 -44.56 -2.36
N ALA E 188 12.68 -44.30 -1.49
CA ALA E 188 11.58 -45.26 -1.28
C ALA E 188 10.24 -44.77 -1.83
N ILE E 189 9.44 -45.74 -2.32
CA ILE E 189 8.18 -45.49 -2.98
C ILE E 189 7.19 -44.86 -2.00
N PRO E 190 7.01 -45.37 -0.76
CA PRO E 190 6.08 -44.73 0.16
C PRO E 190 6.45 -43.27 0.47
N HIS E 191 7.75 -42.99 0.59
CA HIS E 191 8.21 -41.62 0.81
C HIS E 191 7.84 -40.76 -0.38
N ARG E 192 7.96 -41.33 -1.57
CA ARG E 192 7.70 -40.60 -2.81
C ARG E 192 6.21 -40.26 -2.85
N ILE E 193 5.36 -41.24 -2.55
CA ILE E 193 3.92 -41.05 -2.56
C ILE E 193 3.51 -40.01 -1.52
N VAL E 194 4.06 -40.10 -0.30
CA VAL E 194 3.47 -39.42 0.84
C VAL E 194 4.07 -38.03 1.03
N GLN E 195 5.38 -37.89 0.80
CA GLN E 195 6.08 -36.67 1.17
C GLN E 195 6.45 -35.82 -0.06
N ASP E 196 6.65 -36.43 -1.23
CA ASP E 196 6.96 -35.66 -2.42
C ASP E 196 5.68 -35.32 -3.18
N ASN E 197 4.98 -36.33 -3.69
CA ASN E 197 3.90 -36.12 -4.64
C ASN E 197 2.64 -35.61 -3.95
N PHE E 198 2.27 -36.15 -2.79
CA PHE E 198 0.97 -35.78 -2.23
C PHE E 198 0.94 -34.28 -2.00
N PRO E 199 1.97 -33.66 -1.37
CA PRO E 199 1.97 -32.22 -1.15
C PRO E 199 1.76 -31.40 -2.43
N LYS E 200 2.36 -31.87 -3.53
CA LYS E 200 2.20 -31.22 -4.82
C LYS E 200 0.77 -31.38 -5.33
N PHE E 201 0.24 -32.59 -5.27
CA PHE E 201 -1.13 -32.83 -5.70
C PHE E 201 -2.10 -31.95 -4.88
N LYS E 202 -1.89 -31.93 -3.56
CA LYS E 202 -2.68 -31.10 -2.65
C LYS E 202 -2.64 -29.64 -3.07
N GLU E 203 -1.43 -29.11 -3.34
CA GLU E 203 -1.27 -27.74 -3.76
C GLU E 203 -2.05 -27.47 -5.06
N ASN E 204 -2.03 -28.43 -6.00
CA ASN E 204 -2.68 -28.25 -7.29
C ASN E 204 -4.19 -28.12 -7.13
N CYS E 205 -4.77 -28.93 -6.23
CA CYS E 205 -6.21 -28.88 -5.96
C CYS E 205 -6.62 -27.51 -5.44
N HIS E 206 -5.79 -26.94 -4.55
CA HIS E 206 -6.00 -25.61 -4.01
C HIS E 206 -5.94 -24.59 -5.15
N ILE E 207 -4.89 -24.66 -5.98
CA ILE E 207 -4.67 -23.73 -7.07
C ILE E 207 -5.87 -23.74 -8.01
N PHE E 208 -6.36 -24.94 -8.31
CA PHE E 208 -7.50 -25.14 -9.19
C PHE E 208 -8.70 -24.39 -8.66
N THR E 209 -9.00 -24.61 -7.38
CA THR E 209 -10.18 -24.04 -6.75
C THR E 209 -10.12 -22.51 -6.80
N ARG E 210 -8.94 -21.94 -6.56
CA ARG E 210 -8.86 -20.49 -6.51
C ARG E 210 -9.10 -19.94 -7.92
N LEU E 211 -8.52 -20.58 -8.93
CA LEU E 211 -8.67 -20.15 -10.31
C LEU E 211 -10.14 -20.22 -10.75
N ILE E 212 -10.82 -21.35 -10.53
CA ILE E 212 -12.13 -21.54 -11.15
C ILE E 212 -13.22 -20.84 -10.34
N THR E 213 -12.90 -20.39 -9.12
CA THR E 213 -13.82 -19.55 -8.36
C THR E 213 -13.68 -18.10 -8.82
N ALA E 214 -12.45 -17.65 -9.10
CA ALA E 214 -12.19 -16.28 -9.50
C ALA E 214 -12.55 -16.06 -10.96
N VAL E 215 -12.31 -17.07 -11.80
CA VAL E 215 -12.57 -16.99 -13.23
C VAL E 215 -13.22 -18.29 -13.69
N PRO E 216 -14.52 -18.50 -13.44
CA PRO E 216 -15.19 -19.77 -13.73
C PRO E 216 -15.03 -20.27 -15.16
N SER E 217 -14.92 -19.35 -16.13
CA SER E 217 -14.74 -19.72 -17.51
C SER E 217 -13.57 -20.69 -17.69
N LEU E 218 -12.59 -20.64 -16.77
CA LEU E 218 -11.41 -21.49 -16.85
C LEU E 218 -11.78 -22.96 -16.69
N ARG E 219 -12.88 -23.26 -15.97
CA ARG E 219 -13.27 -24.64 -15.75
C ARG E 219 -13.53 -25.32 -17.09
N GLU E 220 -14.28 -24.66 -17.96
CA GLU E 220 -14.60 -25.22 -19.26
C GLU E 220 -13.29 -25.40 -20.04
N HIS E 221 -12.47 -24.35 -20.10
CA HIS E 221 -11.21 -24.40 -20.80
C HIS E 221 -10.41 -25.65 -20.39
N PHE E 222 -10.37 -25.94 -19.08
CA PHE E 222 -9.55 -27.03 -18.56
C PHE E 222 -10.19 -28.37 -18.91
N GLU E 223 -11.51 -28.44 -18.79
CA GLU E 223 -12.23 -29.65 -19.18
C GLU E 223 -11.89 -29.97 -20.63
N ASN E 224 -11.84 -28.95 -21.49
CA ASN E 224 -11.62 -29.16 -22.91
C ASN E 224 -10.20 -29.64 -23.19
N VAL E 225 -9.22 -29.16 -22.41
CA VAL E 225 -7.85 -29.62 -22.53
C VAL E 225 -7.81 -31.13 -22.28
N LYS E 226 -8.50 -31.57 -21.23
CA LYS E 226 -8.57 -32.98 -20.87
C LYS E 226 -9.15 -33.81 -22.02
N LYS E 227 -10.19 -33.28 -22.68
CA LYS E 227 -10.84 -33.97 -23.79
C LYS E 227 -9.89 -34.04 -24.99
N ALA E 228 -9.18 -32.93 -25.25
CA ALA E 228 -8.34 -32.82 -26.43
C ALA E 228 -7.11 -33.72 -26.31
N ILE E 229 -6.77 -34.14 -25.09
CA ILE E 229 -5.66 -35.06 -24.87
C ILE E 229 -6.20 -36.48 -24.82
N GLY E 230 -7.46 -36.63 -24.41
CA GLY E 230 -8.15 -37.92 -24.45
C GLY E 230 -7.84 -38.79 -23.23
N ILE E 231 -7.48 -38.17 -22.11
CA ILE E 231 -7.17 -38.92 -20.91
C ILE E 231 -8.25 -38.70 -19.86
N PHE E 232 -8.26 -39.56 -18.84
CA PHE E 232 -9.13 -39.43 -17.69
C PHE E 232 -10.58 -39.23 -18.15
N VAL E 233 -11.03 -40.11 -19.05
CA VAL E 233 -12.24 -39.87 -19.83
C VAL E 233 -13.46 -39.99 -18.92
N SER E 234 -13.39 -40.87 -17.92
CA SER E 234 -14.53 -41.14 -17.04
C SER E 234 -14.43 -40.31 -15.76
N THR E 235 -13.43 -39.42 -15.67
CA THR E 235 -13.21 -38.60 -14.48
C THR E 235 -13.43 -37.13 -14.82
N SER E 236 -14.22 -36.44 -14.01
CA SER E 236 -14.45 -35.01 -14.19
C SER E 236 -13.17 -34.23 -13.90
N ILE E 237 -13.09 -33.00 -14.40
CA ILE E 237 -11.92 -32.16 -14.13
C ILE E 237 -11.93 -31.78 -12.66
N GLU E 238 -13.11 -31.62 -12.07
CA GLU E 238 -13.25 -31.36 -10.65
C GLU E 238 -12.70 -32.54 -9.86
N GLU E 239 -13.04 -33.76 -10.31
CA GLU E 239 -12.63 -34.98 -9.63
C GLU E 239 -11.11 -35.12 -9.70
N VAL E 240 -10.51 -34.70 -10.82
CA VAL E 240 -9.06 -34.76 -11.04
C VAL E 240 -8.33 -33.90 -10.01
N PHE E 241 -8.98 -32.81 -9.56
CA PHE E 241 -8.42 -31.94 -8.54
C PHE E 241 -9.10 -32.13 -7.18
N SER E 242 -9.30 -33.40 -6.78
CA SER E 242 -9.82 -33.75 -5.46
C SER E 242 -9.01 -34.92 -4.88
N PHE E 243 -8.97 -35.00 -3.55
CA PHE E 243 -8.07 -35.91 -2.86
C PHE E 243 -8.36 -37.38 -3.21
N PRO E 244 -9.62 -37.82 -3.40
CA PRO E 244 -9.85 -39.22 -3.76
C PRO E 244 -9.11 -39.70 -5.00
N PHE E 245 -8.91 -38.80 -5.97
CA PHE E 245 -8.30 -39.18 -7.23
C PHE E 245 -6.81 -39.47 -7.05
N TYR E 246 -6.19 -38.93 -6.00
CA TYR E 246 -4.77 -39.16 -5.73
C TYR E 246 -4.47 -40.65 -5.59
N ASN E 247 -5.48 -41.48 -5.24
CA ASN E 247 -5.29 -42.91 -5.10
C ASN E 247 -5.05 -43.55 -6.47
N GLN E 248 -5.44 -42.85 -7.53
CA GLN E 248 -5.15 -43.28 -8.90
C GLN E 248 -3.97 -42.51 -9.49
N LEU E 249 -3.10 -41.93 -8.65
CA LEU E 249 -1.93 -41.20 -9.14
C LEU E 249 -0.65 -41.76 -8.52
N LEU E 250 -0.62 -43.09 -8.29
CA LEU E 250 0.47 -43.73 -7.59
C LEU E 250 1.40 -44.46 -8.55
N THR E 251 0.86 -45.01 -9.64
CA THR E 251 1.68 -45.74 -10.60
C THR E 251 2.20 -44.79 -11.65
N GLN E 252 3.33 -45.15 -12.28
CA GLN E 252 4.03 -44.28 -13.21
C GLN E 252 3.15 -43.93 -14.41
N THR E 253 2.30 -44.87 -14.87
CA THR E 253 1.50 -44.66 -16.06
C THR E 253 0.47 -43.55 -15.81
N GLN E 254 -0.02 -43.45 -14.58
CA GLN E 254 -1.02 -42.46 -14.23
C GLN E 254 -0.37 -41.11 -14.01
N ILE E 255 0.81 -41.12 -13.37
CA ILE E 255 1.55 -39.90 -13.13
C ILE E 255 1.87 -39.23 -14.47
N ASP E 256 2.29 -40.04 -15.43
CA ASP E 256 2.66 -39.55 -16.74
C ASP E 256 1.45 -38.94 -17.43
N LEU E 257 0.25 -39.47 -17.17
CA LEU E 257 -0.95 -38.96 -17.79
C LEU E 257 -1.33 -37.63 -17.14
N TYR E 258 -1.15 -37.54 -15.82
CA TYR E 258 -1.44 -36.33 -15.07
C TYR E 258 -0.49 -35.22 -15.50
N ASN E 259 0.78 -35.59 -15.72
CA ASN E 259 1.78 -34.61 -16.11
C ASN E 259 1.51 -34.11 -17.52
N GLN E 260 0.91 -34.95 -18.38
CA GLN E 260 0.62 -34.57 -19.76
C GLN E 260 -0.64 -33.70 -19.83
N LEU E 261 -1.57 -33.92 -18.89
CA LEU E 261 -2.71 -33.02 -18.75
C LEU E 261 -2.18 -31.62 -18.44
N LEU E 262 -1.17 -31.55 -17.57
CA LEU E 262 -0.56 -30.29 -17.16
C LEU E 262 0.27 -29.69 -18.31
N GLY E 263 0.96 -30.55 -19.07
CA GLY E 263 2.08 -30.11 -19.91
C GLY E 263 1.84 -30.27 -21.41
N GLY E 264 0.84 -31.05 -21.81
CA GLY E 264 0.49 -31.22 -23.21
C GLY E 264 1.32 -32.30 -23.91
N ILE E 265 1.16 -32.38 -25.24
CA ILE E 265 1.72 -33.45 -26.07
C ILE E 265 2.19 -32.87 -27.40
N SER E 266 3.45 -33.14 -27.76
CA SER E 266 3.97 -32.77 -29.07
C SER E 266 3.89 -33.95 -30.04
N ARG E 267 4.00 -33.65 -31.34
CA ARG E 267 4.09 -34.65 -32.38
C ARG E 267 5.41 -34.43 -33.11
N GLU E 268 5.44 -34.66 -34.43
CA GLU E 268 6.64 -34.44 -35.22
C GLU E 268 7.03 -32.96 -35.11
N ALA E 269 8.34 -32.69 -35.09
CA ALA E 269 8.83 -31.32 -35.09
C ALA E 269 8.27 -30.57 -36.29
N GLY E 270 7.67 -29.39 -36.04
CA GLY E 270 7.03 -28.61 -37.08
C GLY E 270 5.50 -28.74 -37.07
N THR E 271 4.99 -29.66 -36.24
CA THR E 271 3.55 -29.86 -36.09
C THR E 271 3.07 -29.06 -34.89
N GLU E 272 1.83 -28.58 -34.94
CA GLU E 272 1.27 -27.86 -33.81
C GLU E 272 1.20 -28.78 -32.59
N LYS E 273 1.53 -28.20 -31.42
CA LYS E 273 1.55 -28.95 -30.18
C LYS E 273 0.21 -28.82 -29.48
N ILE E 274 -0.26 -29.94 -28.89
CA ILE E 274 -1.45 -29.92 -28.04
C ILE E 274 -1.10 -29.29 -26.70
N LYS E 275 -1.92 -28.31 -26.30
CA LYS E 275 -1.64 -27.51 -25.11
C LYS E 275 -2.08 -28.25 -23.84
N GLY E 276 -1.31 -28.05 -22.77
CA GLY E 276 -1.70 -28.44 -21.44
C GLY E 276 -2.28 -27.26 -20.66
N LEU E 277 -2.72 -27.54 -19.43
CA LEU E 277 -3.40 -26.56 -18.60
C LEU E 277 -2.45 -25.40 -18.31
N ASN E 278 -1.16 -25.72 -18.08
CA ASN E 278 -0.17 -24.70 -17.79
C ASN E 278 0.04 -23.77 -18.98
N GLU E 279 -0.04 -24.30 -20.21
CA GLU E 279 0.10 -23.48 -21.41
C GLU E 279 -1.12 -22.59 -21.59
N VAL E 280 -2.30 -23.12 -21.27
CA VAL E 280 -3.54 -22.39 -21.41
C VAL E 280 -3.54 -21.19 -20.48
N LEU E 281 -3.05 -21.41 -19.25
CA LEU E 281 -3.00 -20.36 -18.25
C LEU E 281 -2.03 -19.28 -18.68
N ASN E 282 -0.89 -19.69 -19.25
CA ASN E 282 0.15 -18.78 -19.69
C ASN E 282 -0.39 -17.86 -20.78
N LEU E 283 -1.03 -18.45 -21.79
CA LEU E 283 -1.59 -17.70 -22.91
C LEU E 283 -2.59 -16.66 -22.42
N ALA E 284 -3.46 -17.05 -21.47
CA ALA E 284 -4.51 -16.16 -20.97
C ALA E 284 -3.89 -14.97 -20.24
N ILE E 285 -2.82 -15.22 -19.47
CA ILE E 285 -2.12 -14.16 -18.76
C ILE E 285 -1.41 -13.25 -19.75
N GLN E 286 -0.95 -13.81 -20.88
CA GLN E 286 -0.21 -13.02 -21.85
C GLN E 286 -1.14 -12.18 -22.73
N LYS E 287 -2.45 -12.26 -22.53
CA LYS E 287 -3.35 -11.35 -23.24
C LYS E 287 -3.28 -9.95 -22.65
N ASN E 288 -2.72 -9.82 -21.44
CA ASN E 288 -2.49 -8.54 -20.80
C ASN E 288 -3.78 -7.71 -20.75
N ASP E 289 -4.94 -8.35 -20.86
CA ASP E 289 -6.23 -7.69 -20.65
C ASP E 289 -6.54 -7.72 -19.16
N GLU E 290 -7.76 -7.37 -18.80
CA GLU E 290 -8.13 -7.21 -17.40
C GLU E 290 -8.19 -8.58 -16.73
N THR E 291 -8.74 -9.57 -17.44
CA THR E 291 -8.85 -10.94 -16.96
C THR E 291 -7.47 -11.46 -16.59
N ALA E 292 -6.51 -11.22 -17.50
CA ALA E 292 -5.13 -11.63 -17.32
C ALA E 292 -4.56 -11.14 -15.99
N HIS E 293 -4.83 -9.87 -15.67
CA HIS E 293 -4.31 -9.27 -14.44
C HIS E 293 -4.85 -10.04 -13.23
N ILE E 294 -6.14 -10.39 -13.29
CA ILE E 294 -6.78 -11.12 -12.21
C ILE E 294 -6.19 -12.52 -12.12
N ILE E 295 -6.03 -13.21 -13.25
CA ILE E 295 -5.51 -14.57 -13.24
C ILE E 295 -4.07 -14.56 -12.70
N ALA E 296 -3.27 -13.57 -13.10
CA ALA E 296 -1.85 -13.50 -12.71
C ALA E 296 -1.68 -13.22 -11.22
N SER E 297 -2.66 -12.53 -10.61
CA SER E 297 -2.61 -12.21 -9.18
C SER E 297 -2.66 -13.50 -8.36
N LEU E 298 -3.30 -14.53 -8.92
CA LEU E 298 -3.42 -15.84 -8.30
C LEU E 298 -2.28 -16.76 -8.73
N PRO E 299 -1.99 -17.85 -7.98
CA PRO E 299 -1.17 -18.93 -8.52
C PRO E 299 -1.75 -19.45 -9.84
N HIS E 300 -0.90 -19.56 -10.87
CA HIS E 300 -1.38 -19.83 -12.22
C HIS E 300 -0.50 -20.88 -12.91
N ARG E 301 0.04 -21.82 -12.13
CA ARG E 301 0.84 -22.88 -12.69
C ARG E 301 0.77 -24.11 -11.77
N PHE E 302 0.33 -25.23 -12.34
CA PHE E 302 0.20 -26.48 -11.63
C PHE E 302 1.57 -27.15 -11.53
N ILE E 303 1.80 -27.87 -10.43
CA ILE E 303 3.08 -28.52 -10.18
C ILE E 303 3.01 -29.95 -10.69
N PRO E 304 3.86 -30.34 -11.66
CA PRO E 304 3.88 -31.72 -12.12
C PRO E 304 4.38 -32.62 -11.00
N LEU E 305 3.99 -33.90 -11.04
CA LEU E 305 4.38 -34.85 -10.01
C LEU E 305 5.75 -35.42 -10.35
N PHE E 306 6.50 -35.86 -9.33
CA PHE E 306 7.72 -36.61 -9.55
C PHE E 306 7.34 -38.01 -9.97
N LYS E 307 8.30 -38.73 -10.54
CA LYS E 307 8.06 -40.06 -11.05
C LYS E 307 8.00 -41.03 -9.89
N GLN E 308 7.45 -42.23 -10.16
CA GLN E 308 7.49 -43.31 -9.20
C GLN E 308 8.88 -43.94 -9.26
N ILE E 309 9.36 -44.44 -8.11
CA ILE E 309 10.72 -44.96 -8.03
C ILE E 309 10.81 -46.22 -8.88
N LEU E 310 11.90 -46.32 -9.66
CA LEU E 310 12.22 -47.49 -10.46
C LEU E 310 11.47 -47.50 -11.78
N SER E 311 10.25 -46.97 -11.81
CA SER E 311 9.33 -47.23 -12.90
C SER E 311 9.79 -46.56 -14.20
N ASP E 312 9.42 -47.20 -15.32
CA ASP E 312 9.82 -46.77 -16.65
C ASP E 312 8.98 -45.57 -17.11
N ARG E 313 9.65 -44.56 -17.69
CA ARG E 313 8.98 -43.41 -18.25
C ARG E 313 8.15 -43.86 -19.45
N ASN E 314 7.03 -43.16 -19.68
CA ASN E 314 6.21 -43.34 -20.87
CA ASN E 314 6.24 -43.34 -20.89
C ASN E 314 5.63 -41.99 -21.24
N THR E 315 5.49 -41.73 -22.55
CA THR E 315 5.04 -40.45 -23.06
C THR E 315 4.14 -40.65 -24.28
N LEU E 316 3.18 -39.74 -24.43
CA LEU E 316 2.30 -39.72 -25.59
C LEU E 316 2.90 -38.83 -26.68
N SER E 317 3.91 -38.04 -26.33
CA SER E 317 4.64 -37.26 -27.32
C SER E 317 5.39 -38.20 -28.26
N PHE E 318 5.62 -37.73 -29.50
CA PHE E 318 6.37 -38.47 -30.50
C PHE E 318 7.84 -38.49 -30.12
N ILE E 319 8.49 -39.65 -30.31
CA ILE E 319 9.92 -39.80 -30.12
C ILE E 319 10.55 -40.20 -31.45
N LEU E 320 11.67 -39.55 -31.78
CA LEU E 320 12.38 -39.77 -33.03
C LEU E 320 13.08 -41.13 -33.03
N GLU E 321 13.26 -41.68 -34.23
CA GLU E 321 14.08 -42.87 -34.44
C GLU E 321 15.54 -42.46 -34.23
N GLU E 322 16.32 -43.30 -33.55
CA GLU E 322 17.71 -43.01 -33.30
C GLU E 322 18.54 -43.53 -34.48
N PHE E 323 19.66 -42.85 -34.78
CA PHE E 323 20.70 -43.39 -35.65
C PHE E 323 21.67 -44.22 -34.81
N LYS E 324 22.09 -45.37 -35.34
CA LYS E 324 22.91 -46.31 -34.58
C LYS E 324 24.38 -46.23 -34.98
N SER E 325 24.70 -45.98 -36.25
CA SER E 325 26.08 -46.03 -36.69
C SER E 325 26.50 -44.72 -37.32
N ASP E 326 27.81 -44.46 -37.33
CA ASP E 326 28.38 -43.39 -38.12
C ASP E 326 28.05 -43.59 -39.59
N GLU E 327 28.08 -44.85 -40.05
CA GLU E 327 27.81 -45.16 -41.44
C GLU E 327 26.34 -44.89 -41.76
N GLU E 328 25.44 -45.17 -40.80
CA GLU E 328 24.00 -45.02 -41.01
C GLU E 328 23.63 -43.55 -41.20
N VAL E 329 24.33 -42.64 -40.50
CA VAL E 329 24.11 -41.21 -40.65
C VAL E 329 24.53 -40.81 -42.07
N ILE E 330 25.78 -41.13 -42.41
CA ILE E 330 26.39 -40.62 -43.63
C ILE E 330 25.66 -41.17 -44.86
N GLN E 331 25.27 -42.45 -44.81
CA GLN E 331 24.58 -43.10 -45.92
C GLN E 331 23.23 -42.44 -46.16
N SER E 332 22.45 -42.29 -45.09
CA SER E 332 21.12 -41.72 -45.16
C SER E 332 21.20 -40.30 -45.73
N PHE E 333 22.08 -39.49 -45.17
CA PHE E 333 22.16 -38.08 -45.51
C PHE E 333 22.74 -37.90 -46.91
N CYS E 334 23.52 -38.87 -47.40
CA CYS E 334 24.04 -38.83 -48.76
C CYS E 334 22.93 -39.19 -49.75
N LYS E 335 22.10 -40.18 -49.40
CA LYS E 335 20.97 -40.58 -50.24
C LYS E 335 20.02 -39.39 -50.42
N TYR E 336 19.72 -38.71 -49.30
CA TYR E 336 18.79 -37.58 -49.28
C TYR E 336 19.42 -36.35 -49.93
N LYS E 337 20.76 -36.22 -49.85
CA LYS E 337 21.46 -35.13 -50.52
C LYS E 337 21.45 -35.35 -52.03
N THR E 338 21.72 -36.59 -52.46
CA THR E 338 21.77 -36.90 -53.89
C THR E 338 20.36 -36.81 -54.45
N LEU E 339 19.37 -37.12 -53.61
CA LEU E 339 17.96 -37.04 -53.96
C LEU E 339 17.54 -35.57 -54.14
N LEU E 340 18.10 -34.67 -53.32
CA LEU E 340 17.76 -33.25 -53.42
C LEU E 340 18.27 -32.67 -54.74
N ARG E 341 19.41 -33.19 -55.23
CA ARG E 341 19.97 -32.71 -56.47
C ARG E 341 19.15 -33.22 -57.65
N ASN E 342 18.75 -34.49 -57.59
CA ASN E 342 17.97 -35.11 -58.65
C ASN E 342 16.58 -34.49 -58.71
N GLU E 343 16.13 -33.89 -57.59
CA GLU E 343 14.84 -33.24 -57.53
C GLU E 343 14.95 -31.77 -57.93
N ASN E 344 16.17 -31.27 -58.13
CA ASN E 344 16.41 -29.90 -58.54
C ASN E 344 15.69 -28.93 -57.61
N VAL E 345 15.93 -29.03 -56.29
CA VAL E 345 15.17 -28.26 -55.33
C VAL E 345 15.70 -26.82 -55.28
N LEU E 346 17.00 -26.63 -55.54
CA LEU E 346 17.63 -25.34 -55.34
C LEU E 346 17.31 -24.41 -56.51
N GLU E 347 17.07 -24.99 -57.69
CA GLU E 347 16.80 -24.22 -58.90
C GLU E 347 15.33 -23.81 -58.89
N THR E 348 14.45 -24.72 -58.44
CA THR E 348 13.06 -24.39 -58.19
C THR E 348 13.03 -23.16 -57.29
N ALA E 349 13.75 -23.23 -56.17
CA ALA E 349 13.80 -22.16 -55.18
C ALA E 349 14.28 -20.86 -55.82
N GLU E 350 15.46 -20.88 -56.44
CA GLU E 350 16.07 -19.68 -57.01
C GLU E 350 15.09 -18.99 -57.98
N ALA E 351 14.20 -19.77 -58.60
CA ALA E 351 13.21 -19.27 -59.54
C ALA E 351 11.97 -18.72 -58.83
N LEU E 352 11.52 -19.42 -57.77
CA LEU E 352 10.45 -18.93 -56.91
C LEU E 352 10.74 -17.50 -56.44
N PHE E 353 11.98 -17.25 -56.02
CA PHE E 353 12.34 -15.96 -55.44
C PHE E 353 12.51 -14.90 -56.51
N ASN E 354 12.75 -15.32 -57.76
CA ASN E 354 12.87 -14.40 -58.88
C ASN E 354 11.48 -13.99 -59.39
N GLU E 355 10.47 -14.86 -59.20
CA GLU E 355 9.10 -14.52 -59.47
C GLU E 355 8.73 -13.27 -58.66
N LEU E 356 9.25 -13.18 -57.43
CA LEU E 356 9.00 -12.08 -56.51
C LEU E 356 9.41 -10.72 -57.11
N ASN E 357 10.22 -10.71 -58.17
CA ASN E 357 10.63 -9.46 -58.79
C ASN E 357 9.64 -9.01 -59.86
N SER E 358 8.63 -9.85 -60.17
CA SER E 358 7.73 -9.58 -61.28
C SER E 358 6.27 -9.76 -60.86
N ILE E 359 5.96 -10.91 -60.25
CA ILE E 359 4.60 -11.31 -59.95
C ILE E 359 3.93 -10.25 -59.07
N ASP E 360 2.60 -10.27 -59.04
CA ASP E 360 1.80 -9.42 -58.18
C ASP E 360 1.96 -9.88 -56.73
N LEU E 361 2.64 -9.05 -55.91
CA LEU E 361 2.99 -9.41 -54.54
C LEU E 361 1.81 -9.15 -53.59
N THR E 362 0.67 -8.74 -54.15
CA THR E 362 -0.59 -8.62 -53.40
C THR E 362 -1.10 -10.02 -53.03
N HIS E 363 -0.71 -11.03 -53.81
CA HIS E 363 -1.16 -12.40 -53.59
C HIS E 363 -0.01 -13.27 -53.10
N ILE E 364 1.03 -12.65 -52.53
CA ILE E 364 2.12 -13.35 -51.89
C ILE E 364 2.08 -13.01 -50.40
N PHE E 365 1.94 -14.04 -49.55
CA PHE E 365 1.62 -13.79 -48.15
C PHE E 365 2.72 -14.30 -47.22
N ILE E 366 3.08 -13.45 -46.25
CA ILE E 366 3.97 -13.80 -45.15
C ILE E 366 3.11 -14.21 -43.94
N SER E 367 3.51 -15.29 -43.27
CA SER E 367 2.81 -15.79 -42.10
C SER E 367 3.07 -14.87 -40.90
N HIS E 368 1.99 -14.46 -40.22
CA HIS E 368 2.06 -13.54 -39.10
C HIS E 368 3.00 -14.07 -38.02
N LYS E 369 3.15 -15.39 -37.94
CA LYS E 369 4.00 -16.01 -36.93
C LYS E 369 5.48 -15.77 -37.23
N LYS E 370 5.82 -15.45 -38.49
CA LYS E 370 7.21 -15.30 -38.88
C LYS E 370 7.58 -13.84 -39.10
N LEU E 371 6.71 -12.89 -38.72
CA LEU E 371 6.92 -11.49 -39.06
C LEU E 371 8.10 -10.89 -38.28
N GLU E 372 8.32 -11.33 -37.03
CA GLU E 372 9.37 -10.78 -36.20
C GLU E 372 10.70 -11.47 -36.50
N THR E 373 10.63 -12.72 -37.00
CA THR E 373 11.80 -13.46 -37.45
C THR E 373 12.39 -12.77 -38.68
N ILE E 374 11.52 -12.28 -39.56
CA ILE E 374 11.93 -11.65 -40.81
C ILE E 374 12.43 -10.24 -40.52
N SER E 375 11.80 -9.58 -39.55
CA SER E 375 12.22 -8.26 -39.12
C SER E 375 13.64 -8.33 -38.55
N SER E 376 13.98 -9.44 -37.88
CA SER E 376 15.30 -9.59 -37.31
C SER E 376 16.34 -9.91 -38.38
N ALA E 377 16.00 -10.81 -39.31
CA ALA E 377 16.92 -11.21 -40.36
C ALA E 377 17.26 -10.01 -41.26
N LEU E 378 16.23 -9.32 -41.76
CA LEU E 378 16.38 -8.40 -42.87
C LEU E 378 16.33 -6.94 -42.44
N CYS E 379 16.04 -6.68 -41.16
CA CYS E 379 15.83 -5.31 -40.72
C CYS E 379 16.65 -5.02 -39.48
N ASP E 380 16.64 -3.75 -39.07
CA ASP E 380 17.42 -3.24 -37.95
C ASP E 380 17.08 -4.03 -36.69
N HIS E 381 15.81 -4.02 -36.29
CA HIS E 381 15.35 -4.62 -35.06
C HIS E 381 14.19 -5.59 -35.33
N TRP E 382 13.78 -6.33 -34.28
CA TRP E 382 12.70 -7.31 -34.33
C TRP E 382 11.34 -6.62 -34.53
N ASP E 383 11.22 -5.39 -34.01
CA ASP E 383 9.97 -4.66 -34.01
C ASP E 383 9.84 -3.77 -35.25
N THR E 384 10.85 -3.76 -36.13
CA THR E 384 10.91 -2.77 -37.20
C THR E 384 9.67 -2.89 -38.10
N LEU E 385 9.37 -4.12 -38.56
CA LEU E 385 8.29 -4.34 -39.50
C LEU E 385 6.94 -4.09 -38.84
N ARG E 386 6.71 -4.77 -37.71
CA ARG E 386 5.47 -4.62 -36.97
C ARG E 386 5.14 -3.13 -36.79
N ASN E 387 6.15 -2.34 -36.41
CA ASN E 387 5.95 -0.92 -36.18
C ASN E 387 5.68 -0.19 -37.49
N ALA E 388 6.37 -0.60 -38.56
CA ALA E 388 6.17 -0.02 -39.87
C ALA E 388 4.73 -0.24 -40.31
N LEU E 389 4.29 -1.52 -40.27
CA LEU E 389 2.97 -1.93 -40.70
C LEU E 389 1.89 -1.21 -39.88
N TYR E 390 2.14 -1.07 -38.58
CA TYR E 390 1.22 -0.40 -37.67
C TYR E 390 1.03 1.05 -38.07
N GLU E 391 2.14 1.79 -38.24
CA GLU E 391 2.10 3.21 -38.52
C GLU E 391 1.42 3.47 -39.87
N ARG E 392 1.61 2.57 -40.85
CA ARG E 392 1.03 2.75 -42.17
C ARG E 392 -0.48 2.49 -42.13
N ARG E 393 -0.91 1.56 -41.26
CA ARG E 393 -2.31 1.18 -41.19
C ARG E 393 -3.12 2.24 -40.45
N ILE E 394 -2.60 2.75 -39.33
CA ILE E 394 -3.35 3.72 -38.55
C ILE E 394 -3.51 5.01 -39.35
N SER E 395 -2.67 5.20 -40.38
CA SER E 395 -2.78 6.35 -41.27
C SER E 395 -3.86 6.12 -42.34
N GLU E 396 -4.37 4.88 -42.43
CA GLU E 396 -5.37 4.52 -43.43
C GLU E 396 -6.79 4.53 -42.82
N LEU E 397 -6.91 4.81 -41.52
CA LEU E 397 -8.19 4.89 -40.84
C LEU E 397 -8.91 6.18 -41.23
N THR E 398 -10.25 6.17 -41.14
CA THR E 398 -11.06 7.36 -41.36
C THR E 398 -11.51 7.91 -40.01
N GLY E 399 -11.67 9.24 -39.94
CA GLY E 399 -12.32 9.91 -38.83
C GLY E 399 -11.45 9.93 -37.57
N LYS E 400 -12.11 10.15 -36.43
CA LYS E 400 -11.44 10.20 -35.14
C LYS E 400 -10.73 8.86 -34.91
N ILE E 401 -9.40 8.91 -34.97
CA ILE E 401 -8.57 7.76 -34.69
C ILE E 401 -8.59 7.55 -33.18
N THR E 402 -9.51 6.72 -32.68
CA THR E 402 -9.71 6.54 -31.25
C THR E 402 -8.65 5.59 -30.71
N LYS E 403 -8.65 5.39 -29.38
CA LYS E 403 -7.78 4.40 -28.76
C LYS E 403 -8.25 3.01 -29.16
N SER E 404 -9.56 2.83 -29.35
CA SER E 404 -10.12 1.53 -29.70
C SER E 404 -9.71 1.14 -31.11
N ALA E 405 -9.68 2.11 -32.03
CA ALA E 405 -9.23 1.87 -33.39
C ALA E 405 -7.77 1.42 -33.38
N LYS E 406 -6.93 2.16 -32.65
CA LYS E 406 -5.50 1.88 -32.59
C LYS E 406 -5.30 0.45 -32.09
N GLU E 407 -6.14 0.02 -31.14
CA GLU E 407 -6.04 -1.31 -30.55
C GLU E 407 -6.43 -2.39 -31.55
N LYS E 408 -7.48 -2.13 -32.34
CA LYS E 408 -7.95 -3.09 -33.34
C LYS E 408 -6.87 -3.34 -34.38
N VAL E 409 -6.16 -2.27 -34.78
CA VAL E 409 -5.09 -2.37 -35.76
C VAL E 409 -3.99 -3.29 -35.22
N GLN E 410 -3.60 -3.12 -33.95
CA GLN E 410 -2.60 -3.97 -33.35
C GLN E 410 -3.05 -5.43 -33.36
N ARG E 411 -4.27 -5.68 -32.89
CA ARG E 411 -4.81 -7.03 -32.84
C ARG E 411 -4.74 -7.64 -34.24
N SER E 412 -5.12 -6.87 -35.26
CA SER E 412 -5.14 -7.38 -36.62
C SER E 412 -3.76 -7.91 -37.03
N LEU E 413 -2.69 -7.23 -36.61
CA LEU E 413 -1.34 -7.58 -37.05
C LEU E 413 -0.94 -8.95 -36.50
N LYS E 414 -1.65 -9.44 -35.47
CA LYS E 414 -1.36 -10.74 -34.89
C LYS E 414 -2.22 -11.85 -35.50
N HIS E 415 -3.38 -11.47 -36.09
CA HIS E 415 -4.38 -12.46 -36.48
C HIS E 415 -4.38 -12.74 -37.98
N GLU E 416 -3.89 -11.80 -38.81
CA GLU E 416 -3.96 -11.95 -40.24
C GLU E 416 -2.57 -11.93 -40.86
N ASP E 417 -2.43 -12.65 -41.97
CA ASP E 417 -1.19 -12.80 -42.70
C ASP E 417 -1.02 -11.61 -43.63
N ILE E 418 0.23 -11.16 -43.83
CA ILE E 418 0.49 -9.90 -44.51
C ILE E 418 1.02 -10.19 -45.92
N ASN E 419 0.60 -9.36 -46.90
CA ASN E 419 1.10 -9.49 -48.26
C ASN E 419 2.41 -8.71 -48.39
N LEU E 420 3.34 -9.24 -49.19
CA LEU E 420 4.66 -8.64 -49.36
C LEU E 420 4.55 -7.18 -49.79
N GLN E 421 3.59 -6.87 -50.67
CA GLN E 421 3.40 -5.50 -51.14
C GLN E 421 3.42 -4.56 -49.95
N GLU E 422 2.50 -4.80 -49.00
CA GLU E 422 2.28 -3.88 -47.88
C GLU E 422 3.53 -3.78 -47.03
N ILE E 423 4.29 -4.88 -46.93
CA ILE E 423 5.51 -4.91 -46.14
C ILE E 423 6.55 -3.99 -46.80
N ILE E 424 6.73 -4.17 -48.12
CA ILE E 424 7.71 -3.40 -48.88
C ILE E 424 7.32 -1.92 -48.84
N SER E 425 6.02 -1.63 -48.98
CA SER E 425 5.54 -0.25 -48.99
C SER E 425 5.75 0.41 -47.64
N ALA E 426 5.55 -0.36 -46.56
CA ALA E 426 5.61 0.15 -45.20
C ALA E 426 7.06 0.36 -44.77
N ALA E 427 7.90 -0.65 -44.99
CA ALA E 427 9.34 -0.51 -44.77
C ALA E 427 9.94 0.23 -45.96
N GLY E 428 11.27 0.20 -46.09
CA GLY E 428 11.94 0.86 -47.20
C GLY E 428 12.10 -0.06 -48.41
N LYS E 429 12.90 0.40 -49.39
CA LYS E 429 13.36 -0.44 -50.48
C LYS E 429 14.51 -1.33 -49.98
N GLU E 430 15.15 -0.91 -48.88
CA GLU E 430 16.21 -1.69 -48.26
C GLU E 430 15.71 -3.08 -47.84
N LEU E 431 14.39 -3.26 -47.76
CA LEU E 431 13.83 -4.57 -47.44
C LEU E 431 13.94 -5.48 -48.66
N SER E 432 13.54 -4.98 -49.83
CA SER E 432 13.60 -5.79 -51.04
C SER E 432 15.03 -6.18 -51.37
N GLU E 433 16.00 -5.31 -51.02
CA GLU E 433 17.41 -5.59 -51.26
C GLU E 433 17.92 -6.66 -50.28
N ALA E 434 17.72 -6.42 -48.98
CA ALA E 434 18.16 -7.33 -47.94
C ALA E 434 17.60 -8.73 -48.18
N PHE E 435 16.38 -8.81 -48.74
CA PHE E 435 15.72 -10.08 -49.03
C PHE E 435 16.51 -10.83 -50.11
N LYS E 436 16.86 -10.12 -51.19
CA LYS E 436 17.62 -10.72 -52.28
C LYS E 436 18.96 -11.23 -51.76
N GLN E 437 19.68 -10.38 -51.01
CA GLN E 437 20.95 -10.74 -50.40
C GLN E 437 20.79 -11.99 -49.55
N LYS E 438 19.86 -11.94 -48.59
CA LYS E 438 19.61 -13.05 -47.66
C LYS E 438 19.19 -14.30 -48.43
N THR E 439 18.41 -14.13 -49.51
CA THR E 439 17.96 -15.25 -50.31
C THR E 439 19.16 -15.93 -50.96
N SER E 440 20.11 -15.14 -51.48
CA SER E 440 21.21 -15.68 -52.26
C SER E 440 22.23 -16.34 -51.33
N GLU E 441 22.50 -15.70 -50.18
CA GLU E 441 23.38 -16.26 -49.16
C GLU E 441 22.94 -17.68 -48.81
N ILE E 442 21.64 -17.83 -48.50
CA ILE E 442 21.10 -19.10 -48.04
C ILE E 442 21.27 -20.15 -49.14
N LEU E 443 20.98 -19.78 -50.39
CA LEU E 443 21.08 -20.70 -51.51
C LEU E 443 22.55 -21.01 -51.80
N SER E 444 23.39 -19.96 -51.79
CA SER E 444 24.83 -20.13 -51.87
C SER E 444 25.31 -21.21 -50.90
N HIS E 445 24.93 -21.08 -49.62
CA HIS E 445 25.34 -22.02 -48.58
C HIS E 445 24.71 -23.39 -48.84
N ALA E 446 23.45 -23.40 -49.29
CA ALA E 446 22.77 -24.64 -49.62
C ALA E 446 23.54 -25.36 -50.73
N HIS E 447 23.77 -24.65 -51.85
CA HIS E 447 24.58 -25.16 -52.95
C HIS E 447 25.85 -25.81 -52.44
N ALA E 448 26.68 -25.02 -51.74
CA ALA E 448 27.97 -25.46 -51.25
C ALA E 448 27.85 -26.75 -50.45
N ALA E 449 26.79 -26.85 -49.64
CA ALA E 449 26.54 -28.02 -48.82
C ALA E 449 26.34 -29.26 -49.70
N LEU E 450 25.46 -29.16 -50.70
CA LEU E 450 25.10 -30.33 -51.50
C LEU E 450 26.26 -30.72 -52.42
N ASP E 451 27.11 -29.74 -52.78
CA ASP E 451 28.27 -29.98 -53.63
C ASP E 451 29.43 -30.57 -52.83
N GLN E 452 29.52 -30.22 -51.54
CA GLN E 452 30.60 -30.69 -50.68
C GLN E 452 30.40 -32.16 -50.33
N PRO E 453 31.43 -33.03 -50.46
CA PRO E 453 31.31 -34.42 -50.01
C PRO E 453 31.31 -34.55 -48.50
N LEU E 454 30.61 -35.58 -48.01
CA LEU E 454 30.60 -35.95 -46.60
C LEU E 454 31.90 -36.65 -46.25
N PRO E 455 32.31 -36.67 -44.96
CA PRO E 455 33.45 -37.45 -44.52
C PRO E 455 33.20 -38.97 -44.53
N THR E 456 34.23 -39.74 -44.19
CA THR E 456 34.19 -41.19 -44.31
C THR E 456 33.55 -41.78 -43.04
N THR E 457 33.86 -41.21 -41.87
CA THR E 457 33.12 -41.51 -40.64
C THR E 457 32.95 -40.22 -39.83
N LEU E 458 32.54 -40.36 -38.56
CA LEU E 458 32.40 -39.23 -37.65
C LEU E 458 33.21 -39.48 -36.38
N LYS E 459 34.48 -39.85 -36.53
CA LYS E 459 35.35 -40.08 -35.39
C LYS E 459 35.89 -38.75 -34.87
N LYS E 460 36.43 -37.92 -35.77
CA LYS E 460 37.03 -36.65 -35.40
C LYS E 460 35.98 -35.55 -35.47
N GLN E 461 36.21 -34.48 -34.69
CA GLN E 461 35.31 -33.34 -34.58
C GLN E 461 35.24 -32.56 -35.89
N GLU E 462 36.29 -32.71 -36.73
CA GLU E 462 36.37 -31.98 -37.98
C GLU E 462 35.36 -32.57 -38.97
N GLU E 463 35.12 -33.88 -38.84
CA GLU E 463 34.12 -34.58 -39.64
C GLU E 463 32.72 -34.21 -39.16
N LYS E 464 32.53 -34.18 -37.85
CA LYS E 464 31.27 -33.76 -37.27
C LYS E 464 30.92 -32.35 -37.75
N GLU E 465 31.93 -31.46 -37.84
CA GLU E 465 31.68 -30.06 -38.14
C GLU E 465 31.21 -29.91 -39.58
N ILE E 466 31.69 -30.81 -40.45
CA ILE E 466 31.28 -30.84 -41.84
C ILE E 466 29.81 -31.27 -41.92
N LEU E 467 29.44 -32.33 -41.19
CA LEU E 467 28.07 -32.83 -41.19
C LEU E 467 27.13 -31.72 -40.72
N LYS E 468 27.50 -31.07 -39.63
CA LYS E 468 26.67 -30.04 -39.02
C LYS E 468 26.59 -28.80 -39.91
N SER E 469 27.73 -28.39 -40.47
CA SER E 469 27.79 -27.20 -41.29
C SER E 469 26.81 -27.29 -42.46
N GLN E 470 26.69 -28.49 -43.03
CA GLN E 470 25.81 -28.76 -44.15
C GLN E 470 24.34 -28.75 -43.71
N LEU E 471 24.03 -29.50 -42.65
CA LEU E 471 22.68 -29.54 -42.11
C LEU E 471 22.20 -28.11 -41.83
N ASP E 472 23.05 -27.30 -41.20
CA ASP E 472 22.74 -25.90 -40.90
C ASP E 472 22.31 -25.16 -42.16
N SER E 473 22.93 -25.47 -43.30
CA SER E 473 22.65 -24.78 -44.55
C SER E 473 21.30 -25.19 -45.12
N LEU E 474 20.98 -26.50 -45.03
CA LEU E 474 19.68 -27.00 -45.47
C LEU E 474 18.59 -26.46 -44.56
N LEU E 475 18.90 -26.40 -43.26
CA LEU E 475 17.95 -25.90 -42.27
C LEU E 475 17.67 -24.41 -42.53
N GLY E 476 18.72 -23.67 -42.91
CA GLY E 476 18.58 -22.25 -43.23
C GLY E 476 17.56 -22.01 -44.34
N LEU E 477 17.51 -22.95 -45.30
CA LEU E 477 16.62 -22.87 -46.44
C LEU E 477 15.21 -23.28 -46.02
N TYR E 478 15.10 -24.33 -45.19
CA TYR E 478 13.82 -24.81 -44.69
C TYR E 478 13.12 -23.70 -43.92
N HIS E 479 13.89 -22.91 -43.15
CA HIS E 479 13.38 -21.76 -42.45
C HIS E 479 12.85 -20.72 -43.44
N LEU E 480 13.66 -20.42 -44.47
CA LEU E 480 13.35 -19.36 -45.43
C LEU E 480 12.02 -19.63 -46.13
N LEU E 481 11.81 -20.89 -46.53
CA LEU E 481 10.56 -21.31 -47.15
C LEU E 481 9.42 -21.18 -46.15
N ASP E 482 9.68 -21.48 -44.87
CA ASP E 482 8.66 -21.43 -43.84
C ASP E 482 8.27 -19.99 -43.51
N TRP E 483 8.84 -19.01 -44.19
CA TRP E 483 8.43 -17.63 -44.02
C TRP E 483 7.04 -17.39 -44.64
N PHE E 484 6.73 -18.15 -45.71
CA PHE E 484 5.56 -17.85 -46.53
C PHE E 484 4.35 -18.63 -46.05
N ALA E 485 3.21 -17.94 -45.99
CA ALA E 485 1.94 -18.57 -45.66
C ALA E 485 1.31 -19.13 -46.93
N VAL E 486 1.06 -20.45 -46.91
CA VAL E 486 0.48 -21.16 -48.04
C VAL E 486 -1.02 -21.40 -47.80
N ASP E 487 -1.45 -21.27 -46.53
CA ASP E 487 -2.83 -21.45 -46.09
C ASP E 487 -3.82 -20.91 -47.11
N GLU E 488 -4.97 -21.60 -47.23
CA GLU E 488 -6.00 -21.29 -48.21
C GLU E 488 -6.93 -20.20 -47.70
N SER E 489 -6.65 -19.66 -46.51
CA SER E 489 -7.38 -18.53 -45.95
C SER E 489 -7.20 -17.31 -46.85
N ASN E 490 -5.96 -17.13 -47.33
CA ASN E 490 -5.59 -16.00 -48.17
C ASN E 490 -5.82 -16.36 -49.64
N GLU E 491 -5.82 -15.33 -50.50
CA GLU E 491 -5.95 -15.52 -51.93
C GLU E 491 -4.55 -15.51 -52.54
N VAL E 492 -3.78 -16.57 -52.28
CA VAL E 492 -2.43 -16.69 -52.80
C VAL E 492 -2.48 -17.02 -54.29
N ASP E 493 -1.41 -16.68 -55.00
CA ASP E 493 -1.20 -17.12 -56.37
C ASP E 493 -1.19 -18.66 -56.38
N PRO E 494 -1.99 -19.32 -57.24
CA PRO E 494 -2.13 -20.78 -57.18
C PRO E 494 -0.85 -21.54 -57.55
N GLU E 495 -0.17 -21.09 -58.60
CA GLU E 495 1.09 -21.70 -59.03
C GLU E 495 2.14 -21.55 -57.94
N PHE E 496 2.39 -20.30 -57.52
CA PHE E 496 3.37 -20.01 -56.48
C PHE E 496 3.14 -20.94 -55.29
N SER E 497 1.86 -21.07 -54.90
CA SER E 497 1.48 -21.88 -53.76
C SER E 497 1.79 -23.35 -54.01
N ALA E 498 1.61 -23.81 -55.26
CA ALA E 498 1.86 -25.19 -55.63
C ALA E 498 3.36 -25.48 -55.63
N ARG E 499 4.13 -24.60 -56.29
CA ARG E 499 5.55 -24.82 -56.51
C ARG E 499 6.31 -24.71 -55.19
N LEU E 500 5.90 -23.78 -54.33
CA LEU E 500 6.50 -23.60 -53.02
C LEU E 500 6.22 -24.83 -52.16
N THR E 501 4.95 -25.25 -52.09
CA THR E 501 4.57 -26.41 -51.29
C THR E 501 5.27 -27.66 -51.82
N GLY E 502 5.62 -27.66 -53.11
CA GLY E 502 6.40 -28.73 -53.68
C GLY E 502 7.75 -28.89 -52.98
N ILE E 503 8.50 -27.79 -52.89
CA ILE E 503 9.87 -27.81 -52.39
C ILE E 503 9.88 -27.91 -50.87
N LYS E 504 8.85 -27.38 -50.19
CA LYS E 504 8.68 -27.54 -48.76
C LYS E 504 8.63 -29.03 -48.37
N LEU E 505 7.85 -29.82 -49.12
CA LEU E 505 7.69 -31.24 -48.83
C LEU E 505 9.00 -31.99 -49.09
N GLU E 506 9.82 -31.47 -50.02
CA GLU E 506 11.10 -32.08 -50.36
C GLU E 506 12.19 -31.64 -49.38
N MET E 507 11.96 -30.53 -48.68
CA MET E 507 12.90 -29.98 -47.72
C MET E 507 12.54 -30.37 -46.29
N GLU E 508 11.35 -30.94 -46.08
CA GLU E 508 10.84 -31.20 -44.74
C GLU E 508 11.75 -32.14 -43.97
N PRO E 509 12.27 -33.24 -44.56
CA PRO E 509 13.11 -34.18 -43.82
C PRO E 509 14.38 -33.58 -43.24
N SER E 510 14.78 -32.38 -43.72
CA SER E 510 15.97 -31.70 -43.23
C SER E 510 15.90 -31.47 -41.72
N LEU E 511 14.69 -31.22 -41.21
CA LEU E 511 14.48 -30.97 -39.80
C LEU E 511 14.67 -32.27 -39.02
N SER E 512 13.98 -33.33 -39.48
CA SER E 512 14.13 -34.66 -38.93
C SER E 512 15.60 -35.09 -38.94
N PHE E 513 16.31 -34.76 -40.03
CA PHE E 513 17.71 -35.15 -40.18
C PHE E 513 18.60 -34.38 -39.20
N TYR E 514 18.37 -33.07 -39.08
CA TYR E 514 19.11 -32.22 -38.18
C TYR E 514 19.10 -32.80 -36.76
N ASN E 515 17.90 -33.10 -36.27
CA ASN E 515 17.72 -33.54 -34.89
C ASN E 515 18.35 -34.90 -34.68
N LYS E 516 18.23 -35.79 -35.67
CA LYS E 516 18.75 -37.14 -35.55
C LYS E 516 20.27 -37.14 -35.53
N ALA E 517 20.89 -36.37 -36.43
CA ALA E 517 22.34 -36.25 -36.49
C ALA E 517 22.88 -35.75 -35.15
N ARG E 518 22.32 -34.63 -34.66
CA ARG E 518 22.75 -34.05 -33.40
C ARG E 518 22.58 -35.05 -32.28
N ASN E 519 21.38 -35.64 -32.18
CA ASN E 519 21.07 -36.62 -31.16
C ASN E 519 22.09 -37.77 -31.18
N TYR E 520 22.69 -38.03 -32.34
CA TYR E 520 23.65 -39.11 -32.45
C TYR E 520 25.08 -38.58 -32.22
N ALA E 521 25.39 -37.43 -32.82
CA ALA E 521 26.77 -36.94 -32.88
C ALA E 521 27.24 -36.39 -31.52
N THR E 522 26.31 -36.01 -30.65
CA THR E 522 26.66 -35.41 -29.38
C THR E 522 26.75 -36.47 -28.29
N LYS E 523 26.64 -37.75 -28.68
CA LYS E 523 26.78 -38.85 -27.73
C LYS E 523 28.16 -38.81 -27.10
N LYS E 524 28.26 -39.33 -25.88
CA LYS E 524 29.54 -39.42 -25.20
C LYS E 524 30.36 -40.52 -25.87
N PRO E 525 31.66 -40.27 -26.14
CA PRO E 525 32.52 -41.30 -26.71
C PRO E 525 32.79 -42.43 -25.71
N TYR E 526 32.68 -43.68 -26.19
CA TYR E 526 32.83 -44.87 -25.36
C TYR E 526 34.12 -44.78 -24.54
N SER E 527 34.00 -45.03 -23.22
CA SER E 527 35.11 -45.07 -22.29
C SER E 527 35.27 -46.50 -21.76
N VAL E 528 36.46 -46.77 -21.20
CA VAL E 528 36.79 -48.07 -20.64
C VAL E 528 36.64 -48.00 -19.13
N GLU E 529 35.47 -48.42 -18.63
CA GLU E 529 35.15 -48.25 -17.22
C GLU E 529 35.76 -49.39 -16.41
N LYS E 530 36.43 -49.04 -15.31
CA LYS E 530 37.05 -50.03 -14.44
C LYS E 530 35.97 -50.97 -13.91
N PHE E 531 36.35 -52.22 -13.63
CA PHE E 531 35.40 -53.23 -13.20
C PHE E 531 35.99 -54.01 -12.02
N LYS E 532 35.07 -54.59 -11.23
CA LYS E 532 35.38 -55.32 -10.01
C LYS E 532 36.09 -56.64 -10.35
N LEU E 533 37.02 -57.03 -9.47
CA LEU E 533 37.71 -58.29 -9.55
C LEU E 533 37.25 -59.19 -8.41
N ASN E 534 37.01 -60.47 -8.71
CA ASN E 534 36.66 -61.43 -7.69
C ASN E 534 37.68 -62.56 -7.62
N PHE E 535 38.42 -62.79 -8.70
CA PHE E 535 39.32 -63.93 -8.79
C PHE E 535 38.59 -65.21 -8.41
N GLN E 536 37.32 -65.32 -8.82
CA GLN E 536 36.54 -66.53 -8.67
C GLN E 536 36.13 -66.75 -7.20
N ARG E 537 36.09 -65.66 -6.42
CA ARG E 537 35.74 -65.70 -5.00
C ARG E 537 34.52 -64.81 -4.74
N PRO E 538 33.31 -65.37 -4.58
CA PRO E 538 32.11 -64.57 -4.35
C PRO E 538 32.18 -63.57 -3.20
N THR E 539 33.06 -63.79 -2.20
CA THR E 539 33.13 -62.88 -1.06
C THR E 539 34.55 -62.34 -0.91
N LEU E 540 35.27 -62.18 -2.03
CA LEU E 540 36.60 -61.62 -2.00
C LEU E 540 36.60 -60.33 -1.17
N ALA E 541 37.53 -60.26 -0.21
CA ALA E 541 37.83 -59.04 0.54
C ALA E 541 36.63 -58.55 1.34
N SER E 542 35.66 -59.44 1.55
CA SER E 542 34.45 -59.13 2.32
C SER E 542 34.78 -58.76 3.76
N GLY E 543 35.81 -59.40 4.32
CA GLY E 543 36.25 -59.15 5.69
C GLY E 543 37.61 -59.80 5.95
N TRP E 544 38.38 -59.20 6.86
CA TRP E 544 39.78 -59.55 7.04
C TRP E 544 40.01 -60.59 8.13
N ASP E 545 38.98 -60.89 8.94
CA ASP E 545 39.14 -61.71 10.14
C ASP E 545 39.83 -63.03 9.81
N VAL E 546 40.66 -63.48 10.76
CA VAL E 546 41.49 -64.66 10.60
C VAL E 546 40.64 -65.92 10.35
N ASN E 547 39.43 -65.99 10.91
CA ASN E 547 38.55 -67.13 10.69
C ASN E 547 38.04 -67.19 9.25
N LYS E 548 38.15 -66.06 8.53
CA LYS E 548 37.45 -65.86 7.27
C LYS E 548 38.40 -65.79 6.08
N GLU E 549 39.71 -65.98 6.33
CA GLU E 549 40.71 -65.92 5.28
C GLU E 549 40.50 -67.05 4.28
N LYS E 550 40.07 -68.21 4.78
CA LYS E 550 39.78 -69.36 3.93
C LYS E 550 38.71 -69.01 2.89
N ASN E 551 37.70 -68.24 3.28
CA ASN E 551 36.57 -67.93 2.40
C ASN E 551 36.83 -66.67 1.56
N ASN E 552 37.50 -65.67 2.14
CA ASN E 552 37.52 -64.32 1.59
C ASN E 552 38.78 -64.02 0.78
N GLY E 553 39.85 -64.80 0.97
CA GLY E 553 40.96 -64.81 0.03
C GLY E 553 41.85 -63.57 0.10
N ALA E 554 41.74 -62.75 1.14
CA ALA E 554 42.50 -61.51 1.22
C ALA E 554 43.30 -61.43 2.52
N ILE E 555 44.59 -61.08 2.40
CA ILE E 555 45.49 -60.88 3.53
C ILE E 555 46.40 -59.69 3.28
N LEU E 556 46.93 -59.14 4.39
CA LEU E 556 47.88 -58.04 4.32
C LEU E 556 49.23 -58.47 4.88
N PHE E 557 50.31 -58.02 4.23
CA PHE E 557 51.66 -58.19 4.72
C PHE E 557 52.37 -56.83 4.82
N VAL E 558 53.43 -56.78 5.62
CA VAL E 558 54.34 -55.63 5.69
C VAL E 558 55.77 -56.18 5.67
N LYS E 559 56.64 -55.54 4.89
CA LYS E 559 58.04 -55.96 4.83
C LYS E 559 58.90 -54.75 4.46
N ASN E 560 59.75 -54.33 5.40
CA ASN E 560 60.68 -53.22 5.21
C ASN E 560 59.95 -51.95 4.77
N GLY E 561 58.81 -51.67 5.39
CA GLY E 561 58.14 -50.38 5.22
C GLY E 561 57.20 -50.36 4.02
N LEU E 562 57.13 -51.45 3.25
CA LEU E 562 56.20 -51.52 2.12
C LEU E 562 55.07 -52.50 2.44
N TYR E 563 53.85 -52.16 1.99
CA TYR E 563 52.66 -52.94 2.31
C TYR E 563 52.27 -53.78 1.11
N TYR E 564 51.73 -54.98 1.38
CA TYR E 564 51.40 -55.92 0.32
C TYR E 564 50.02 -56.52 0.57
N LEU E 565 49.30 -56.75 -0.52
CA LEU E 565 48.01 -57.43 -0.51
C LEU E 565 48.20 -58.82 -1.07
N GLY E 566 47.97 -59.84 -0.24
CA GLY E 566 47.89 -61.21 -0.69
C GLY E 566 46.47 -61.55 -1.11
N ILE E 567 46.30 -62.08 -2.32
CA ILE E 567 45.01 -62.57 -2.77
C ILE E 567 45.17 -64.06 -3.05
N MET E 568 44.17 -64.84 -2.63
CA MET E 568 44.24 -66.28 -2.76
C MET E 568 43.09 -66.72 -3.66
N PRO E 569 43.37 -66.85 -4.97
CA PRO E 569 42.34 -67.19 -5.95
C PRO E 569 41.92 -68.65 -5.86
N LYS E 570 40.70 -68.97 -6.30
CA LYS E 570 40.32 -70.34 -6.56
C LYS E 570 40.68 -70.63 -8.02
N GLN E 571 41.79 -71.35 -8.24
CA GLN E 571 42.32 -71.52 -9.59
C GLN E 571 41.74 -72.78 -10.24
N LYS E 572 41.91 -72.88 -11.57
CA LYS E 572 41.46 -74.04 -12.34
C LYS E 572 42.18 -75.26 -11.79
N GLY E 573 41.40 -76.25 -11.34
CA GLY E 573 41.95 -77.52 -10.87
C GLY E 573 41.74 -77.72 -9.37
N ARG E 574 42.52 -78.62 -8.78
CA ARG E 574 42.36 -78.99 -7.40
C ARG E 574 43.66 -78.71 -6.65
N TYR E 575 43.56 -77.77 -5.69
CA TYR E 575 44.67 -77.40 -4.84
C TYR E 575 44.19 -77.39 -3.39
N LYS E 576 45.12 -77.70 -2.48
CA LYS E 576 44.89 -77.56 -1.05
C LYS E 576 44.99 -76.08 -0.69
N ALA E 577 44.00 -75.58 0.05
CA ALA E 577 44.05 -74.22 0.56
C ALA E 577 45.42 -73.93 1.16
N LEU E 578 45.94 -72.74 0.84
CA LEU E 578 47.21 -72.25 1.35
C LEU E 578 47.07 -71.90 2.82
N SER E 579 48.10 -72.23 3.62
CA SER E 579 48.14 -71.86 5.03
C SER E 579 49.56 -71.45 5.39
N PHE E 580 49.67 -70.42 6.23
CA PHE E 580 50.95 -69.81 6.58
C PHE E 580 51.38 -70.29 7.96
N GLU E 581 52.64 -70.74 8.04
CA GLU E 581 53.26 -71.18 9.27
C GLU E 581 54.10 -70.04 9.82
N PRO E 582 53.71 -69.41 10.96
CA PRO E 582 54.56 -68.42 11.59
C PRO E 582 55.94 -68.97 11.95
N THR E 583 56.91 -68.07 12.12
CA THR E 583 58.29 -68.45 12.39
C THR E 583 58.89 -67.46 13.39
N GLU E 584 60.14 -67.71 13.80
CA GLU E 584 60.90 -66.80 14.65
C GLU E 584 60.98 -65.45 13.94
N LYS E 585 60.82 -64.36 14.69
CA LYS E 585 60.75 -63.03 14.09
C LYS E 585 62.12 -62.59 13.57
N THR E 586 63.19 -63.33 13.92
CA THR E 586 64.50 -63.16 13.32
C THR E 586 64.47 -63.48 11.82
N SER E 587 63.87 -64.63 11.47
CA SER E 587 63.89 -65.15 10.10
C SER E 587 63.38 -64.09 9.12
N GLU E 588 63.99 -64.05 7.93
CA GLU E 588 63.66 -63.05 6.93
C GLU E 588 62.32 -63.42 6.29
N GLY E 589 61.48 -62.40 6.01
CA GLY E 589 60.19 -62.63 5.38
C GLY E 589 59.19 -61.49 5.62
N PHE E 590 57.92 -61.85 5.64
CA PHE E 590 56.81 -60.90 5.67
C PHE E 590 56.09 -60.98 7.01
N ASP E 591 55.74 -59.81 7.57
CA ASP E 591 54.88 -59.79 8.72
C ASP E 591 53.44 -59.82 8.22
N LYS E 592 52.74 -60.94 8.46
CA LYS E 592 51.36 -61.07 8.04
C LYS E 592 50.46 -60.49 9.11
N MET E 593 49.40 -59.78 8.68
CA MET E 593 48.36 -59.29 9.58
C MET E 593 47.57 -60.46 10.15
N TYR E 594 47.24 -60.35 11.44
CA TYR E 594 46.27 -61.24 12.07
C TYR E 594 45.16 -60.39 12.68
N TYR E 595 44.00 -60.41 12.04
CA TYR E 595 42.90 -59.51 12.34
C TYR E 595 41.79 -60.31 13.04
N ASP E 596 41.56 -60.02 14.32
CA ASP E 596 40.47 -60.62 15.09
C ASP E 596 39.37 -59.58 15.31
N TYR E 597 38.16 -59.88 14.84
CA TYR E 597 37.06 -58.93 14.93
C TYR E 597 35.77 -59.67 15.23
N PHE E 598 35.04 -59.18 16.24
CA PHE E 598 33.65 -59.55 16.44
C PHE E 598 32.81 -58.33 16.11
N PRO E 599 32.10 -58.29 14.96
CA PRO E 599 31.36 -57.09 14.54
C PRO E 599 30.27 -56.68 15.52
N ASP E 600 29.70 -55.49 15.29
CA ASP E 600 28.77 -54.86 16.21
C ASP E 600 28.04 -55.89 17.07
N ALA E 601 28.23 -55.79 18.39
CA ALA E 601 27.73 -56.78 19.34
C ALA E 601 26.22 -56.77 19.42
N ALA E 602 25.60 -55.59 19.24
CA ALA E 602 24.16 -55.44 19.31
C ALA E 602 23.46 -56.43 18.39
N LYS E 603 23.99 -56.64 17.18
CA LYS E 603 23.38 -57.54 16.23
C LYS E 603 23.97 -58.95 16.38
N MET E 604 25.30 -59.03 16.49
CA MET E 604 26.03 -60.30 16.38
C MET E 604 25.66 -61.23 17.53
N ILE E 605 25.46 -60.67 18.73
CA ILE E 605 25.21 -61.48 19.91
C ILE E 605 23.85 -62.16 19.79
N PRO E 606 22.76 -61.42 19.44
CA PRO E 606 21.49 -62.08 19.15
C PRO E 606 21.57 -63.08 17.99
N LYS E 607 22.28 -62.70 16.92
CA LYS E 607 22.50 -63.56 15.77
C LYS E 607 22.97 -64.94 16.24
N CYS E 608 23.93 -64.96 17.17
CA CYS E 608 24.61 -66.18 17.56
C CYS E 608 23.98 -66.82 18.80
N SER E 609 22.86 -66.27 19.30
CA SER E 609 22.24 -66.77 20.50
C SER E 609 20.71 -66.79 20.38
N THR E 610 20.06 -65.65 20.66
CA THR E 610 18.63 -65.61 20.89
C THR E 610 17.90 -65.85 19.57
N GLN E 611 18.44 -65.33 18.46
CA GLN E 611 17.76 -65.41 17.18
C GLN E 611 18.15 -66.67 16.40
N LEU E 612 18.77 -67.66 17.05
CA LEU E 612 19.03 -68.92 16.40
C LEU E 612 17.69 -69.56 16.05
N LYS E 613 17.60 -70.21 14.88
CA LYS E 613 16.36 -70.84 14.44
C LYS E 613 15.86 -71.84 15.48
N ALA E 614 16.76 -72.65 16.04
CA ALA E 614 16.38 -73.69 16.98
C ALA E 614 15.83 -73.10 18.29
N VAL E 615 16.28 -71.89 18.64
CA VAL E 615 15.84 -71.20 19.84
C VAL E 615 14.43 -70.66 19.61
N THR E 616 14.27 -69.86 18.54
CA THR E 616 12.98 -69.34 18.12
C THR E 616 11.96 -70.48 18.07
N ALA E 617 12.34 -71.56 17.39
CA ALA E 617 11.48 -72.73 17.24
C ALA E 617 11.01 -73.20 18.61
N HIS E 618 11.96 -73.43 19.52
CA HIS E 618 11.72 -74.04 20.83
C HIS E 618 10.74 -73.21 21.67
N PHE E 619 10.96 -71.88 21.68
CA PHE E 619 10.20 -70.97 22.53
C PHE E 619 8.83 -70.65 21.94
N GLN E 620 8.50 -71.27 20.80
CA GLN E 620 7.20 -71.08 20.18
C GLN E 620 6.21 -72.06 20.83
N THR E 621 6.69 -73.25 21.20
CA THR E 621 5.88 -74.24 21.90
C THR E 621 6.17 -74.20 23.40
N HIS E 622 7.47 -74.22 23.76
CA HIS E 622 7.92 -74.50 25.11
C HIS E 622 8.18 -73.23 25.90
N THR E 623 8.28 -73.39 27.22
CA THR E 623 8.43 -72.31 28.18
C THR E 623 9.75 -72.46 28.96
N THR E 624 10.38 -73.64 28.84
CA THR E 624 11.55 -74.02 29.61
C THR E 624 12.79 -73.32 29.05
N PRO E 625 13.93 -73.31 29.78
CA PRO E 625 15.19 -72.84 29.22
C PRO E 625 15.78 -73.75 28.13
N ILE E 626 16.71 -73.18 27.35
CA ILE E 626 17.41 -73.91 26.30
C ILE E 626 18.92 -73.66 26.44
N LEU E 627 19.71 -74.75 26.33
CA LEU E 627 21.16 -74.71 26.53
C LEU E 627 21.88 -74.86 25.19
N LEU E 628 22.70 -73.87 24.83
CA LEU E 628 23.55 -73.94 23.64
C LEU E 628 24.93 -74.46 24.03
N SER E 629 25.42 -75.44 23.27
CA SER E 629 26.74 -76.02 23.48
C SER E 629 27.69 -75.71 22.32
N ASN E 630 27.16 -75.61 21.10
CA ASN E 630 27.96 -75.47 19.90
C ASN E 630 28.53 -74.05 19.82
N ASN E 631 29.87 -73.94 19.81
CA ASN E 631 30.61 -72.70 19.81
C ASN E 631 30.56 -72.02 21.18
N PHE E 632 30.30 -72.82 22.22
CA PHE E 632 30.36 -72.37 23.60
C PHE E 632 31.23 -73.35 24.38
N ILE E 633 32.27 -72.83 25.05
CA ILE E 633 33.15 -73.69 25.83
C ILE E 633 32.37 -74.25 27.02
N GLU E 634 31.37 -73.48 27.48
CA GLU E 634 30.50 -73.90 28.56
C GLU E 634 29.08 -73.48 28.17
N PRO E 635 28.02 -74.28 28.46
CA PRO E 635 26.72 -74.06 27.84
C PRO E 635 26.12 -72.69 28.15
N LEU E 636 25.58 -72.03 27.12
CA LEU E 636 24.89 -70.77 27.31
C LEU E 636 23.39 -71.03 27.45
N GLU E 637 22.84 -70.68 28.62
CA GLU E 637 21.43 -70.85 28.90
C GLU E 637 20.66 -69.66 28.33
N ILE E 638 19.51 -69.96 27.74
CA ILE E 638 18.58 -68.93 27.31
C ILE E 638 17.21 -69.23 27.91
N THR E 639 16.65 -68.23 28.60
CA THR E 639 15.35 -68.37 29.26
C THR E 639 14.31 -67.64 28.41
N LYS E 640 13.03 -68.00 28.63
CA LYS E 640 11.93 -67.30 28.02
C LYS E 640 12.06 -65.80 28.26
N GLU E 641 12.47 -65.42 29.49
CA GLU E 641 12.59 -64.03 29.86
C GLU E 641 13.54 -63.31 28.90
N ILE E 642 14.74 -63.88 28.72
CA ILE E 642 15.74 -63.30 27.85
C ILE E 642 15.17 -63.23 26.43
N TYR E 643 14.64 -64.36 25.95
CA TYR E 643 14.14 -64.47 24.58
C TYR E 643 13.08 -63.39 24.33
N ASP E 644 12.14 -63.25 25.28
CA ASP E 644 11.04 -62.30 25.18
C ASP E 644 11.58 -60.87 25.16
N LEU E 645 12.59 -60.62 25.99
CA LEU E 645 13.18 -59.29 26.10
C LEU E 645 13.68 -58.80 24.74
N ASN E 646 14.16 -59.71 23.88
CA ASN E 646 14.72 -59.33 22.58
C ASN E 646 13.78 -59.68 21.43
N ASN E 647 12.74 -60.47 21.71
CA ASN E 647 11.70 -60.76 20.72
C ASN E 647 10.34 -60.35 21.29
N PRO E 648 9.99 -59.04 21.27
CA PRO E 648 8.76 -58.57 21.89
C PRO E 648 7.56 -58.67 20.97
N GLU E 649 6.36 -58.75 21.57
CA GLU E 649 5.11 -58.74 20.83
C GLU E 649 5.10 -57.53 19.89
N LYS E 650 5.52 -56.37 20.38
CA LYS E 650 5.66 -55.18 19.56
C LYS E 650 6.81 -54.30 20.07
N GLU E 651 7.52 -53.67 19.13
CA GLU E 651 8.54 -52.69 19.45
C GLU E 651 7.92 -51.62 20.35
N PRO E 652 8.68 -51.00 21.29
CA PRO E 652 10.10 -51.27 21.47
C PRO E 652 10.37 -52.37 22.49
N LYS E 653 11.63 -52.82 22.53
CA LYS E 653 12.12 -53.72 23.55
C LYS E 653 12.25 -52.95 24.86
N LYS E 654 12.13 -53.66 25.98
CA LYS E 654 12.15 -53.02 27.29
C LYS E 654 13.45 -52.23 27.50
N PHE E 655 14.57 -52.67 26.91
CA PHE E 655 15.87 -52.11 27.24
C PHE E 655 16.28 -51.01 26.26
N GLN E 656 15.35 -50.57 25.39
CA GLN E 656 15.57 -49.43 24.52
C GLN E 656 14.99 -48.18 25.18
N THR E 657 15.61 -47.02 24.93
CA THR E 657 15.19 -45.77 25.54
C THR E 657 13.75 -45.46 25.13
N ALA E 658 13.42 -45.67 23.86
CA ALA E 658 12.09 -45.38 23.33
C ALA E 658 10.99 -46.00 24.20
N TYR E 659 11.28 -47.12 24.89
CA TYR E 659 10.34 -47.71 25.83
C TYR E 659 10.18 -46.79 27.03
N ALA E 660 11.30 -46.30 27.59
CA ALA E 660 11.28 -45.37 28.71
C ALA E 660 10.62 -44.06 28.30
N LYS E 661 10.83 -43.64 27.04
CA LYS E 661 10.15 -42.48 26.48
C LYS E 661 8.64 -42.73 26.44
N LYS E 662 8.23 -43.94 26.03
CA LYS E 662 6.82 -44.29 25.95
C LYS E 662 6.31 -44.66 27.35
N THR E 663 6.58 -45.88 27.81
CA THR E 663 5.94 -46.46 29.00
C THR E 663 6.16 -45.59 30.23
N GLY E 664 7.33 -44.94 30.32
CA GLY E 664 7.68 -44.15 31.49
C GLY E 664 8.13 -45.03 32.66
N ASP E 665 8.13 -46.36 32.44
CA ASP E 665 8.52 -47.31 33.46
C ASP E 665 10.04 -47.33 33.55
N GLN E 666 10.61 -46.28 34.14
CA GLN E 666 12.05 -46.15 34.29
C GLN E 666 12.58 -47.13 35.34
N LYS E 667 11.68 -47.75 36.12
CA LYS E 667 12.07 -48.86 36.99
C LYS E 667 12.18 -50.14 36.15
N GLY E 668 11.34 -50.23 35.11
CA GLY E 668 11.30 -51.40 34.25
C GLY E 668 12.47 -51.42 33.27
N TYR E 669 12.67 -50.28 32.60
CA TYR E 669 13.76 -50.07 31.65
C TYR E 669 15.07 -50.61 32.21
N ARG E 670 15.38 -50.21 33.45
CA ARG E 670 16.67 -50.49 34.06
C ARG E 670 16.75 -51.96 34.46
N GLU E 671 15.59 -52.57 34.76
CA GLU E 671 15.54 -53.97 35.17
C GLU E 671 15.81 -54.86 33.97
N ALA E 672 15.32 -54.43 32.80
CA ALA E 672 15.61 -55.09 31.54
C ALA E 672 17.08 -54.88 31.17
N LEU E 673 17.45 -53.60 31.01
CA LEU E 673 18.80 -53.22 30.60
C LEU E 673 19.83 -54.06 31.34
N CYS E 674 19.63 -54.22 32.66
CA CYS E 674 20.58 -54.93 33.49
C CYS E 674 20.54 -56.42 33.16
N LYS E 675 19.34 -56.96 32.92
CA LYS E 675 19.18 -58.36 32.56
C LYS E 675 19.88 -58.67 31.23
N TRP E 676 19.72 -57.78 30.25
CA TRP E 676 20.24 -58.01 28.90
C TRP E 676 21.76 -57.90 28.88
N ILE E 677 22.27 -56.83 29.49
CA ILE E 677 23.71 -56.61 29.58
C ILE E 677 24.36 -57.80 30.27
N ASP E 678 23.76 -58.27 31.37
CA ASP E 678 24.24 -59.47 32.03
C ASP E 678 24.25 -60.63 31.04
N PHE E 679 23.23 -60.68 30.17
CA PHE E 679 23.12 -61.77 29.21
C PHE E 679 24.27 -61.68 28.21
N THR E 680 24.63 -60.47 27.78
CA THR E 680 25.70 -60.28 26.81
C THR E 680 27.03 -60.71 27.44
N ARG E 681 27.19 -60.50 28.75
CA ARG E 681 28.39 -60.85 29.48
C ARG E 681 28.50 -62.37 29.56
N ASP E 682 27.37 -63.05 29.78
CA ASP E 682 27.34 -64.50 29.85
C ASP E 682 27.74 -65.07 28.49
N PHE E 683 27.17 -64.51 27.43
CA PHE E 683 27.53 -64.87 26.06
C PHE E 683 29.04 -64.72 25.89
N LEU E 684 29.53 -63.49 26.07
CA LEU E 684 30.89 -63.14 25.69
C LEU E 684 31.92 -64.03 26.40
N SER E 685 31.58 -64.52 27.60
CA SER E 685 32.49 -65.34 28.37
C SER E 685 32.60 -66.75 27.77
N LYS E 686 31.59 -67.15 26.97
CA LYS E 686 31.41 -68.54 26.60
C LYS E 686 31.58 -68.77 25.10
N TYR E 687 31.28 -67.77 24.27
CA TYR E 687 31.36 -67.95 22.83
C TYR E 687 32.83 -68.01 22.44
N THR E 688 33.19 -69.01 21.62
CA THR E 688 34.59 -69.31 21.33
C THR E 688 35.32 -68.05 20.87
N LYS E 689 34.65 -67.17 20.12
CA LYS E 689 35.28 -66.01 19.51
C LYS E 689 35.65 -64.92 20.53
N THR E 690 34.96 -64.86 21.67
CA THR E 690 35.12 -63.74 22.60
C THR E 690 35.53 -64.21 23.99
N THR E 691 35.69 -65.52 24.18
CA THR E 691 35.89 -66.09 25.51
C THR E 691 37.19 -65.59 26.11
N SER E 692 38.21 -65.36 25.28
CA SER E 692 39.53 -65.05 25.79
C SER E 692 39.75 -63.56 25.94
N ILE E 693 38.80 -62.74 25.44
CA ILE E 693 38.92 -61.29 25.47
C ILE E 693 38.73 -60.78 26.89
N ASP E 694 39.59 -59.84 27.30
CA ASP E 694 39.58 -59.29 28.65
C ASP E 694 38.54 -58.17 28.74
N LEU E 695 37.40 -58.47 29.40
CA LEU E 695 36.29 -57.53 29.50
C LEU E 695 36.32 -56.78 30.83
N SER E 696 37.45 -56.78 31.55
CA SER E 696 37.50 -56.26 32.91
C SER E 696 37.32 -54.74 32.95
N SER E 697 37.48 -54.06 31.82
CA SER E 697 37.30 -52.62 31.75
C SER E 697 35.86 -52.23 32.07
N LEU E 698 34.90 -53.09 31.68
CA LEU E 698 33.49 -52.74 31.70
C LEU E 698 32.96 -52.72 33.13
N ARG E 699 32.17 -51.68 33.42
CA ARG E 699 31.61 -51.45 34.74
C ARG E 699 30.48 -52.46 35.00
N PRO E 700 30.02 -52.66 36.25
CA PRO E 700 28.81 -53.43 36.50
C PRO E 700 27.61 -52.93 35.67
N SER E 701 26.70 -53.85 35.39
CA SER E 701 25.68 -53.65 34.37
C SER E 701 24.71 -52.54 34.76
N SER E 702 24.41 -52.45 36.06
CA SER E 702 23.45 -51.49 36.58
C SER E 702 23.92 -50.05 36.38
N GLN E 703 25.23 -49.85 36.16
CA GLN E 703 25.79 -48.51 36.10
C GLN E 703 25.65 -47.91 34.69
N TYR E 704 24.98 -48.61 33.79
CA TYR E 704 24.85 -48.13 32.42
C TYR E 704 23.48 -47.46 32.26
N LYS E 705 23.48 -46.23 31.72
CA LYS E 705 22.27 -45.44 31.58
C LYS E 705 21.47 -45.92 30.37
N ASP E 706 22.12 -45.98 29.20
CA ASP E 706 21.49 -46.50 27.99
C ASP E 706 22.38 -47.57 27.40
N LEU E 707 21.78 -48.44 26.58
CA LEU E 707 22.46 -49.58 25.99
C LEU E 707 23.59 -49.10 25.07
N GLY E 708 23.30 -48.07 24.27
CA GLY E 708 24.27 -47.48 23.35
C GLY E 708 25.55 -47.03 24.05
N GLU E 709 25.43 -46.66 25.33
CA GLU E 709 26.58 -46.36 26.16
C GLU E 709 27.40 -47.63 26.37
N TYR E 710 26.73 -48.76 26.59
CA TYR E 710 27.40 -50.02 26.92
C TYR E 710 28.08 -50.63 25.68
N TYR E 711 27.43 -50.57 24.51
CA TYR E 711 28.01 -51.12 23.29
C TYR E 711 29.21 -50.26 22.85
N ALA E 712 29.23 -48.99 23.26
CA ALA E 712 30.28 -48.06 22.83
C ALA E 712 31.58 -48.30 23.61
N GLU E 713 31.46 -48.79 24.85
CA GLU E 713 32.61 -49.22 25.63
C GLU E 713 33.03 -50.63 25.23
N LEU E 714 32.04 -51.49 24.93
CA LEU E 714 32.29 -52.89 24.59
C LEU E 714 32.97 -53.04 23.23
N ASN E 715 32.39 -52.47 22.17
CA ASN E 715 32.80 -52.80 20.81
C ASN E 715 34.30 -52.60 20.60
N PRO E 716 34.97 -51.53 21.08
CA PRO E 716 36.41 -51.39 20.93
C PRO E 716 37.22 -52.61 21.37
N LEU E 717 36.75 -53.32 22.41
CA LEU E 717 37.49 -54.44 22.99
C LEU E 717 37.33 -55.69 22.12
N LEU E 718 36.46 -55.63 21.11
CA LEU E 718 36.18 -56.78 20.26
C LEU E 718 36.93 -56.66 18.93
N TYR E 719 38.02 -55.88 18.88
CA TYR E 719 38.76 -55.71 17.64
C TYR E 719 40.25 -55.57 17.94
N HIS E 720 41.04 -56.45 17.34
CA HIS E 720 42.47 -56.47 17.59
C HIS E 720 43.20 -56.82 16.30
N ILE E 721 44.38 -56.23 16.14
CA ILE E 721 45.29 -56.57 15.06
C ILE E 721 46.66 -56.88 15.66
N SER E 722 47.29 -57.91 15.11
CA SER E 722 48.65 -58.29 15.45
C SER E 722 49.33 -58.84 14.21
N PHE E 723 50.65 -59.03 14.29
CA PHE E 723 51.46 -59.48 13.17
C PHE E 723 52.33 -60.65 13.62
N GLN E 724 52.66 -61.53 12.68
CA GLN E 724 53.58 -62.64 12.90
C GLN E 724 54.36 -62.87 11.62
N ARG E 725 55.66 -63.13 11.78
CA ARG E 725 56.55 -63.29 10.64
C ARG E 725 56.22 -64.58 9.88
N ILE E 726 56.21 -64.48 8.54
CA ILE E 726 56.08 -65.63 7.66
C ILE E 726 57.36 -65.72 6.84
N ALA E 727 57.94 -66.92 6.75
CA ALA E 727 59.23 -67.08 6.12
C ALA E 727 59.14 -66.65 4.66
N GLU E 728 60.23 -66.03 4.17
CA GLU E 728 60.33 -65.55 2.80
C GLU E 728 60.06 -66.71 1.83
N LYS E 729 60.65 -67.88 2.10
CA LYS E 729 60.52 -69.02 1.21
C LYS E 729 59.06 -69.41 1.02
N GLU E 730 58.28 -69.30 2.08
CA GLU E 730 56.90 -69.76 2.11
C GLU E 730 56.04 -68.89 1.19
N ILE E 731 56.26 -67.57 1.27
CA ILE E 731 55.57 -66.58 0.46
C ILE E 731 55.98 -66.73 -0.99
N MET E 732 57.28 -66.66 -1.25
CA MET E 732 57.81 -66.61 -2.60
C MET E 732 57.41 -67.87 -3.38
N ASP E 733 57.47 -69.03 -2.71
CA ASP E 733 57.05 -70.29 -3.29
C ASP E 733 55.56 -70.25 -3.64
N ALA E 734 54.76 -69.57 -2.82
CA ALA E 734 53.31 -69.54 -3.04
C ALA E 734 52.97 -68.71 -4.28
N VAL E 735 53.76 -67.66 -4.53
CA VAL E 735 53.61 -66.86 -5.73
C VAL E 735 54.02 -67.70 -6.95
N GLU E 736 55.14 -68.42 -6.82
CA GLU E 736 55.64 -69.29 -7.87
C GLU E 736 54.59 -70.30 -8.32
N THR E 737 53.91 -70.96 -7.38
CA THR E 737 52.92 -71.98 -7.73
C THR E 737 51.61 -71.31 -8.13
N GLY E 738 51.34 -70.10 -7.62
CA GLY E 738 50.16 -69.37 -8.01
C GLY E 738 49.03 -69.49 -6.98
N LYS E 739 49.34 -70.12 -5.84
CA LYS E 739 48.39 -70.23 -4.74
C LYS E 739 48.19 -68.86 -4.11
N LEU E 740 49.16 -67.95 -4.29
CA LEU E 740 49.09 -66.59 -3.79
C LEU E 740 49.43 -65.60 -4.90
N TYR E 741 48.54 -64.61 -5.09
CA TYR E 741 48.83 -63.43 -5.89
C TYR E 741 49.23 -62.30 -4.96
N LEU E 742 50.46 -61.80 -5.11
CA LEU E 742 50.99 -60.78 -4.21
C LEU E 742 51.04 -59.44 -4.94
N PHE E 743 50.40 -58.42 -4.36
CA PHE E 743 50.44 -57.08 -4.90
C PHE E 743 51.05 -56.13 -3.87
N GLN E 744 51.95 -55.25 -4.33
CA GLN E 744 52.36 -54.14 -3.50
C GLN E 744 51.21 -53.15 -3.48
N ILE E 745 50.78 -52.77 -2.29
CA ILE E 745 49.82 -51.69 -2.12
C ILE E 745 50.62 -50.40 -2.31
N TYR E 746 50.27 -49.65 -3.36
CA TYR E 746 51.16 -48.60 -3.84
C TYR E 746 50.44 -47.28 -4.07
N ASN E 747 51.08 -46.21 -3.60
CA ASN E 747 50.92 -44.86 -4.13
C ASN E 747 52.30 -44.21 -4.17
N LYS E 748 52.37 -42.95 -4.64
CA LYS E 748 53.64 -42.33 -5.03
C LYS E 748 54.48 -41.94 -3.82
N ASP E 749 53.92 -42.01 -2.61
CA ASP E 749 54.72 -41.80 -1.42
C ASP E 749 55.69 -42.98 -1.20
N PHE E 750 55.53 -44.07 -1.96
CA PHE E 750 56.39 -45.25 -1.84
C PHE E 750 57.39 -45.35 -3.00
N ALA E 751 57.53 -44.28 -3.79
CA ALA E 751 58.46 -44.26 -4.91
C ALA E 751 59.90 -44.15 -4.42
N LYS E 752 60.84 -44.62 -5.25
CA LYS E 752 62.27 -44.55 -4.93
C LYS E 752 62.67 -43.11 -4.57
N GLY E 753 62.12 -42.13 -5.29
CA GLY E 753 62.57 -40.74 -5.20
C GLY E 753 61.69 -39.85 -4.33
N HIS E 754 60.67 -40.43 -3.69
CA HIS E 754 59.85 -39.67 -2.76
C HIS E 754 60.76 -39.04 -1.72
N HIS E 755 60.56 -37.76 -1.40
CA HIS E 755 61.41 -37.12 -0.40
C HIS E 755 60.72 -35.92 0.27
N GLY E 756 59.41 -35.77 0.08
CA GLY E 756 58.68 -34.66 0.65
C GLY E 756 57.58 -35.13 1.60
N LYS E 757 56.61 -34.26 1.86
CA LYS E 757 55.47 -34.61 2.69
C LYS E 757 54.61 -35.63 1.96
N PRO E 758 54.08 -36.63 2.70
CA PRO E 758 53.17 -37.61 2.13
C PRO E 758 51.74 -37.08 1.99
N ASN E 759 50.92 -37.79 1.22
CA ASN E 759 49.49 -37.54 1.16
C ASN E 759 48.90 -37.81 2.55
N LEU E 760 47.81 -37.11 2.89
CA LEU E 760 47.04 -37.39 4.10
C LEU E 760 46.64 -38.86 4.14
N HIS E 761 46.25 -39.42 3.00
CA HIS E 761 45.81 -40.81 2.95
C HIS E 761 46.97 -41.74 3.31
N THR E 762 48.19 -41.41 2.90
CA THR E 762 49.35 -42.19 3.28
C THR E 762 49.52 -42.13 4.81
N LEU E 763 49.28 -40.95 5.40
CA LEU E 763 49.31 -40.76 6.85
C LEU E 763 48.29 -41.66 7.56
N TYR E 764 47.06 -41.72 7.04
CA TYR E 764 46.03 -42.56 7.64
C TYR E 764 46.52 -44.01 7.65
N TRP E 765 47.15 -44.45 6.55
CA TRP E 765 47.52 -45.84 6.40
C TRP E 765 48.67 -46.21 7.33
N THR E 766 49.73 -45.38 7.36
CA THR E 766 50.88 -45.73 8.18
C THR E 766 50.54 -45.51 9.65
N GLY E 767 49.61 -44.59 9.91
CA GLY E 767 49.11 -44.38 11.26
C GLY E 767 48.35 -45.61 11.76
N LEU E 768 47.61 -46.25 10.84
CA LEU E 768 46.82 -47.42 11.16
C LEU E 768 47.76 -48.53 11.63
N PHE E 769 48.89 -48.70 10.92
CA PHE E 769 49.77 -49.81 11.22
C PHE E 769 50.91 -49.40 12.14
N SER E 770 50.86 -48.19 12.71
CA SER E 770 51.88 -47.77 13.66
C SER E 770 51.75 -48.56 14.98
N PRO E 771 52.85 -48.73 15.75
CA PRO E 771 52.79 -49.39 17.05
C PRO E 771 51.73 -48.82 18.00
N GLU E 772 51.61 -47.48 18.05
CA GLU E 772 50.73 -46.81 19.00
C GLU E 772 49.28 -47.16 18.69
N ASN E 773 48.93 -47.20 17.40
CA ASN E 773 47.57 -47.50 16.96
C ASN E 773 47.24 -48.98 17.19
N LEU E 774 48.26 -49.85 17.15
CA LEU E 774 48.05 -51.27 17.39
C LEU E 774 47.86 -51.52 18.88
N ALA E 775 48.55 -50.73 19.71
CA ALA E 775 48.42 -50.84 21.16
C ALA E 775 47.05 -50.32 21.62
N LYS E 776 46.54 -49.30 20.93
CA LYS E 776 45.28 -48.65 21.27
C LYS E 776 44.63 -48.12 19.99
N THR E 777 43.47 -48.67 19.62
CA THR E 777 42.89 -48.43 18.31
C THR E 777 42.33 -47.01 18.23
N SER E 778 42.96 -46.18 17.38
CA SER E 778 42.36 -44.91 16.96
C SER E 778 41.70 -45.09 15.61
N ILE E 779 42.40 -45.80 14.72
CA ILE E 779 41.95 -46.08 13.38
C ILE E 779 41.79 -47.58 13.23
N LYS E 780 40.67 -48.00 12.65
CA LYS E 780 40.40 -49.40 12.40
C LYS E 780 40.39 -49.64 10.90
N LEU E 781 40.95 -50.78 10.50
CA LEU E 781 40.82 -51.30 9.14
C LEU E 781 39.48 -52.03 9.01
N ASN E 782 38.71 -51.65 7.99
CA ASN E 782 37.38 -52.19 7.79
C ASN E 782 37.35 -53.17 6.63
N GLY E 783 36.33 -54.04 6.65
CA GLY E 783 36.13 -55.00 5.59
C GLY E 783 35.43 -54.36 4.40
N GLN E 784 34.89 -55.22 3.52
CA GLN E 784 34.30 -54.81 2.26
C GLN E 784 35.29 -53.92 1.50
N ALA E 785 36.53 -54.38 1.38
CA ALA E 785 37.47 -53.80 0.43
C ALA E 785 37.13 -54.30 -0.97
N GLU E 786 37.65 -53.62 -1.98
CA GLU E 786 37.30 -53.93 -3.36
C GLU E 786 38.55 -53.80 -4.22
N LEU E 787 38.72 -54.73 -5.17
CA LEU E 787 39.79 -54.68 -6.14
C LEU E 787 39.16 -54.37 -7.49
N PHE E 788 39.93 -53.68 -8.36
CA PHE E 788 39.46 -53.36 -9.69
C PHE E 788 40.58 -53.51 -10.72
N TYR E 789 40.18 -53.88 -11.93
CA TYR E 789 41.01 -53.73 -13.13
C TYR E 789 40.51 -52.53 -13.93
N ARG E 790 41.43 -51.63 -14.30
CA ARG E 790 41.12 -50.46 -15.10
C ARG E 790 41.98 -50.50 -16.35
N PRO E 791 41.40 -50.85 -17.52
CA PRO E 791 42.16 -50.86 -18.76
C PRO E 791 42.70 -49.47 -19.16
N LYS E 792 43.78 -49.47 -19.95
CA LYS E 792 44.35 -48.25 -20.52
C LYS E 792 43.28 -47.50 -21.30
N SER E 793 43.26 -46.16 -21.14
CA SER E 793 42.24 -45.32 -21.75
C SER E 793 42.82 -44.21 -22.64
N ARG E 794 44.11 -43.90 -22.54
CA ARG E 794 44.73 -42.86 -23.36
CA ARG E 794 44.76 -42.84 -23.31
C ARG E 794 45.99 -43.42 -23.99
N MET E 795 46.27 -43.00 -25.23
CA MET E 795 47.33 -43.59 -26.04
C MET E 795 48.69 -43.08 -25.57
N LYS E 796 49.72 -43.94 -25.67
CA LYS E 796 51.01 -43.69 -25.05
C LYS E 796 51.86 -42.75 -25.90
N ARG E 797 51.28 -41.62 -26.34
CA ARG E 797 52.02 -40.61 -27.08
C ARG E 797 52.81 -39.77 -26.08
N MET E 798 54.15 -39.83 -26.17
CA MET E 798 55.03 -39.17 -25.22
C MET E 798 54.92 -37.65 -25.37
N ALA E 799 54.81 -36.96 -24.22
CA ALA E 799 54.63 -35.51 -24.19
C ALA E 799 55.94 -34.80 -23.89
N HIS E 800 57.06 -35.43 -24.28
CA HIS E 800 58.39 -34.89 -24.07
C HIS E 800 59.39 -35.74 -24.86
N ARG E 801 59.58 -35.40 -26.14
CA ARG E 801 60.62 -35.99 -26.96
C ARG E 801 61.97 -35.53 -26.40
N LEU E 802 63.03 -36.32 -26.69
CA LEU E 802 64.33 -36.14 -26.04
C LEU E 802 64.85 -34.72 -26.23
N GLY E 803 64.74 -34.18 -27.46
CA GLY E 803 65.30 -32.88 -27.81
C GLY E 803 64.49 -31.70 -27.25
N GLU E 804 63.18 -31.91 -27.04
CA GLU E 804 62.27 -30.85 -26.62
C GLU E 804 62.66 -30.28 -25.25
N LYS E 805 62.22 -29.03 -25.02
CA LYS E 805 62.36 -28.33 -23.76
C LYS E 805 60.98 -28.10 -23.17
N MET E 806 60.94 -27.98 -21.84
CA MET E 806 59.70 -27.65 -21.17
C MET E 806 59.88 -26.30 -20.49
N LEU E 807 58.76 -25.58 -20.39
CA LEU E 807 58.79 -24.19 -19.99
C LEU E 807 57.99 -24.10 -18.70
N ASN E 808 58.66 -23.68 -17.62
CA ASN E 808 57.99 -23.40 -16.37
C ASN E 808 56.95 -22.31 -16.58
N LYS E 809 55.80 -22.49 -15.92
CA LYS E 809 54.69 -21.55 -15.97
C LYS E 809 55.02 -20.30 -15.16
N LYS E 810 56.07 -20.36 -14.34
CA LYS E 810 56.53 -19.21 -13.57
C LYS E 810 57.94 -18.84 -14.01
N LEU E 811 58.31 -17.58 -13.76
CA LEU E 811 59.58 -17.02 -14.22
C LEU E 811 60.71 -17.43 -13.28
N LYS E 812 61.87 -16.79 -13.43
CA LYS E 812 63.01 -17.03 -12.56
C LYS E 812 62.66 -16.63 -11.12
N ASP E 813 61.76 -15.64 -10.97
CA ASP E 813 61.22 -15.22 -9.68
C ASP E 813 60.64 -16.40 -8.90
N GLN E 814 60.26 -17.47 -9.60
CA GLN E 814 59.61 -18.64 -9.00
C GLN E 814 58.30 -18.20 -8.33
N LYS E 815 57.81 -17.01 -8.70
CA LYS E 815 56.60 -16.44 -8.12
C LYS E 815 55.71 -15.84 -9.21
N THR E 816 56.30 -15.08 -10.14
CA THR E 816 55.56 -14.35 -11.16
C THR E 816 55.20 -15.26 -12.33
N PRO E 817 53.89 -15.52 -12.59
CA PRO E 817 53.50 -16.42 -13.66
C PRO E 817 53.52 -15.76 -15.04
N ILE E 818 53.87 -16.55 -16.05
CA ILE E 818 53.78 -16.10 -17.43
C ILE E 818 52.30 -15.91 -17.76
N PRO E 819 51.90 -14.76 -18.36
CA PRO E 819 50.55 -14.61 -18.88
C PRO E 819 50.09 -15.76 -19.77
N ASP E 820 48.80 -16.12 -19.67
CA ASP E 820 48.23 -17.21 -20.45
C ASP E 820 48.47 -16.98 -21.95
N THR E 821 48.31 -15.73 -22.39
CA THR E 821 48.36 -15.38 -23.80
C THR E 821 49.78 -15.49 -24.34
N LEU E 822 50.79 -15.57 -23.45
CA LEU E 822 52.18 -15.59 -23.89
C LEU E 822 52.82 -16.96 -23.67
N TYR E 823 52.11 -17.88 -22.99
CA TYR E 823 52.75 -19.10 -22.54
C TYR E 823 52.97 -20.03 -23.74
N GLN E 824 51.91 -20.22 -24.52
CA GLN E 824 51.95 -21.06 -25.70
C GLN E 824 52.96 -20.54 -26.73
N GLU E 825 53.02 -19.21 -26.90
CA GLU E 825 53.90 -18.61 -27.90
C GLU E 825 55.36 -18.84 -27.50
N LEU E 826 55.63 -18.72 -26.20
CA LEU E 826 56.99 -18.86 -25.70
C LEU E 826 57.41 -20.32 -25.72
N TYR E 827 56.46 -21.22 -25.41
CA TYR E 827 56.71 -22.65 -25.48
C TYR E 827 57.23 -23.00 -26.87
N ASP E 828 56.47 -22.57 -27.88
CA ASP E 828 56.82 -22.84 -29.26
C ASP E 828 58.20 -22.25 -29.59
N TYR E 829 58.48 -21.05 -29.07
CA TYR E 829 59.67 -20.30 -29.43
C TYR E 829 60.92 -21.04 -28.95
N VAL E 830 60.93 -21.42 -27.66
CA VAL E 830 62.08 -22.05 -27.04
C VAL E 830 62.28 -23.46 -27.59
N ASN E 831 61.21 -24.04 -28.18
CA ASN E 831 61.30 -25.30 -28.90
C ASN E 831 61.43 -25.09 -30.41
N HIS E 832 61.77 -23.86 -30.85
CA HIS E 832 62.16 -23.59 -32.23
C HIS E 832 61.07 -24.03 -33.21
N ARG E 833 59.80 -23.74 -32.87
CA ARG E 833 58.68 -24.14 -33.70
C ARG E 833 57.65 -23.01 -33.82
N LEU E 834 58.12 -21.75 -33.70
CA LEU E 834 57.26 -20.61 -33.93
C LEU E 834 57.37 -20.23 -35.40
N SER E 835 56.21 -20.03 -36.04
CA SER E 835 56.13 -19.86 -37.49
C SER E 835 56.23 -18.38 -37.86
N HIS E 836 56.41 -17.51 -36.85
CA HIS E 836 56.36 -16.08 -37.02
C HIS E 836 57.15 -15.41 -35.90
N ASP E 837 57.29 -14.08 -36.00
CA ASP E 837 57.98 -13.28 -35.01
C ASP E 837 57.42 -13.50 -33.61
N LEU E 838 58.28 -13.23 -32.61
CA LEU E 838 57.89 -13.29 -31.22
C LEU E 838 57.22 -11.97 -30.86
N SER E 839 56.03 -12.06 -30.27
CA SER E 839 55.42 -10.96 -29.56
C SER E 839 56.50 -10.13 -28.85
N ASP E 840 56.33 -8.81 -28.85
CA ASP E 840 57.25 -7.93 -28.13
C ASP E 840 57.19 -8.20 -26.63
N GLU E 841 55.97 -8.34 -26.08
CA GLU E 841 55.80 -8.63 -24.66
C GLU E 841 56.53 -9.92 -24.31
N ALA E 842 56.40 -10.93 -25.19
CA ALA E 842 56.99 -12.24 -24.98
C ALA E 842 58.52 -12.20 -25.11
N ARG E 843 59.03 -11.37 -26.03
CA ARG E 843 60.46 -11.22 -26.19
C ARG E 843 61.04 -10.53 -24.95
N ALA E 844 60.24 -9.68 -24.30
CA ALA E 844 60.66 -9.02 -23.07
C ALA E 844 60.80 -10.04 -21.94
N LEU E 845 59.87 -11.00 -21.85
CA LEU E 845 59.90 -12.05 -20.83
C LEU E 845 61.02 -13.05 -21.08
N LEU E 846 61.49 -13.15 -22.32
CA LEU E 846 62.31 -14.28 -22.73
C LEU E 846 63.50 -14.48 -21.78
N PRO E 847 64.28 -13.44 -21.43
CA PRO E 847 65.49 -13.67 -20.63
C PRO E 847 65.24 -13.98 -19.16
N ASN E 848 63.95 -14.16 -18.77
CA ASN E 848 63.63 -14.57 -17.42
C ASN E 848 62.70 -15.78 -17.42
N VAL E 849 62.72 -16.59 -18.47
CA VAL E 849 61.98 -17.84 -18.47
C VAL E 849 62.92 -18.94 -18.01
N ILE E 850 62.33 -20.06 -17.58
CA ILE E 850 63.09 -21.24 -17.19
C ILE E 850 62.64 -22.41 -18.06
N THR E 851 63.57 -22.95 -18.85
CA THR E 851 63.32 -24.15 -19.64
C THR E 851 64.08 -25.32 -19.01
N LYS E 852 63.66 -26.54 -19.36
CA LYS E 852 64.30 -27.75 -18.86
C LYS E 852 64.40 -28.79 -19.96
N GLU E 853 65.64 -29.21 -20.23
CA GLU E 853 65.94 -30.19 -21.25
C GLU E 853 65.45 -31.54 -20.75
N VAL E 854 64.59 -32.19 -21.54
CA VAL E 854 63.97 -33.45 -21.19
C VAL E 854 65.06 -34.52 -21.12
N SER E 855 65.48 -34.87 -19.90
CA SER E 855 66.54 -35.85 -19.65
C SER E 855 65.99 -37.27 -19.78
N HIS E 856 64.84 -37.52 -19.14
CA HIS E 856 64.11 -38.76 -19.28
C HIS E 856 62.77 -38.46 -19.93
N GLU E 857 62.26 -39.41 -20.73
CA GLU E 857 60.93 -39.32 -21.30
C GLU E 857 59.90 -39.38 -20.17
N ILE E 858 58.85 -38.57 -20.28
CA ILE E 858 57.73 -38.61 -19.36
C ILE E 858 56.45 -38.48 -20.17
N ILE E 859 55.52 -39.41 -19.94
CA ILE E 859 54.31 -39.51 -20.75
C ILE E 859 53.21 -38.72 -20.06
N LYS E 860 52.47 -37.92 -20.84
CA LYS E 860 51.29 -37.25 -20.34
C LYS E 860 50.22 -38.30 -20.06
N ASP E 861 49.58 -38.22 -18.88
CA ASP E 861 48.55 -39.18 -18.51
C ASP E 861 49.12 -40.60 -18.56
N ARG E 862 50.36 -40.77 -18.10
CA ARG E 862 51.00 -42.08 -18.12
C ARG E 862 50.14 -43.09 -17.37
N ARG E 863 49.62 -42.69 -16.20
CA ARG E 863 48.77 -43.54 -15.39
C ARG E 863 47.68 -44.20 -16.24
N PHE E 864 47.19 -43.53 -17.29
CA PHE E 864 46.09 -44.06 -18.08
C PHE E 864 46.57 -44.77 -19.35
N THR E 865 47.89 -44.78 -19.60
CA THR E 865 48.45 -45.37 -20.82
C THR E 865 48.74 -46.86 -20.61
N SER E 866 48.40 -47.38 -19.44
CA SER E 866 48.63 -48.78 -19.13
C SER E 866 47.45 -49.29 -18.31
N ASP E 867 47.06 -50.55 -18.55
CA ASP E 867 46.09 -51.23 -17.70
C ASP E 867 46.62 -51.16 -16.27
N LYS E 868 45.70 -51.08 -15.29
CA LYS E 868 46.11 -50.92 -13.91
CA LYS E 868 46.08 -50.87 -13.90
C LYS E 868 45.17 -51.67 -12.97
N PHE E 869 45.78 -52.23 -11.91
CA PHE E 869 45.05 -52.85 -10.82
C PHE E 869 44.88 -51.83 -9.70
N LEU E 870 43.65 -51.67 -9.20
CA LEU E 870 43.38 -50.69 -8.14
C LEU E 870 42.72 -51.40 -6.96
N PHE E 871 42.85 -50.75 -5.80
CA PHE E 871 42.39 -51.28 -4.54
C PHE E 871 41.79 -50.14 -3.71
N HIS E 872 40.59 -50.37 -3.20
CA HIS E 872 39.87 -49.41 -2.37
C HIS E 872 39.61 -50.11 -1.03
N VAL E 873 40.02 -49.45 0.06
CA VAL E 873 39.99 -50.07 1.36
C VAL E 873 39.45 -49.06 2.36
N PRO E 874 38.34 -49.35 3.05
CA PRO E 874 37.75 -48.42 4.00
C PRO E 874 38.36 -48.56 5.38
N ILE E 875 38.49 -47.42 6.09
CA ILE E 875 38.98 -47.39 7.45
C ILE E 875 37.99 -46.59 8.29
N THR E 876 38.10 -46.67 9.61
CA THR E 876 37.32 -45.82 10.50
C THR E 876 38.26 -45.10 11.45
N LEU E 877 38.12 -43.77 11.52
CA LEU E 877 38.89 -42.95 12.44
C LEU E 877 38.04 -42.66 13.67
N ASN E 878 38.72 -42.28 14.76
CA ASN E 878 38.11 -42.03 16.07
C ASN E 878 37.31 -43.27 16.51
N TYR E 879 37.94 -44.45 16.46
CA TYR E 879 37.22 -45.70 16.63
C TYR E 879 36.69 -45.85 18.06
N GLN E 880 37.42 -45.32 19.06
CA GLN E 880 37.00 -45.42 20.45
C GLN E 880 35.69 -44.68 20.69
N ALA E 881 35.40 -43.67 19.85
CA ALA E 881 34.22 -42.83 20.03
C ALA E 881 32.96 -43.58 19.63
N ALA E 882 31.80 -42.94 19.84
CA ALA E 882 30.52 -43.47 19.41
C ALA E 882 30.35 -43.26 17.92
N ASN E 883 29.32 -43.92 17.34
CA ASN E 883 29.01 -43.80 15.93
CA ASN E 883 29.01 -43.80 15.93
C ASN E 883 28.47 -42.39 15.64
N SER E 884 27.76 -41.82 16.63
CA SER E 884 27.21 -40.47 16.50
C SER E 884 27.56 -39.63 17.72
N PRO E 885 27.84 -38.32 17.56
CA PRO E 885 28.14 -37.47 18.69
C PRO E 885 26.93 -37.24 19.59
N SER E 886 27.20 -36.76 20.80
CA SER E 886 26.14 -36.39 21.73
C SER E 886 26.24 -34.90 22.05
N LYS E 887 25.21 -34.15 21.64
CA LYS E 887 25.07 -32.74 22.00
C LYS E 887 26.31 -31.97 21.58
N PHE E 888 26.71 -32.12 20.30
CA PHE E 888 27.97 -31.58 19.82
C PHE E 888 27.95 -30.06 19.90
N ASN E 889 26.86 -29.44 19.45
CA ASN E 889 26.75 -27.99 19.40
C ASN E 889 26.87 -27.40 20.81
N GLN E 890 26.35 -28.12 21.81
CA GLN E 890 26.40 -27.64 23.19
C GLN E 890 27.82 -27.66 23.72
N ARG E 891 28.61 -28.68 23.36
CA ARG E 891 30.01 -28.72 23.75
C ARG E 891 30.73 -27.48 23.23
N VAL E 892 30.41 -27.09 21.99
CA VAL E 892 31.00 -25.92 21.35
C VAL E 892 30.53 -24.64 22.05
N ASN E 893 29.22 -24.51 22.23
CA ASN E 893 28.66 -23.31 22.83
C ASN E 893 29.22 -23.10 24.23
N ALA E 894 29.56 -24.19 24.94
CA ALA E 894 30.19 -24.08 26.24
C ALA E 894 31.61 -23.52 26.09
N TYR E 895 32.38 -24.07 25.14
CA TYR E 895 33.71 -23.57 24.85
C TYR E 895 33.64 -22.08 24.53
N LEU E 896 32.63 -21.69 23.75
CA LEU E 896 32.54 -20.32 23.26
C LEU E 896 32.21 -19.36 24.41
N LYS E 897 31.22 -19.71 25.25
CA LYS E 897 30.88 -18.87 26.38
C LYS E 897 32.11 -18.64 27.26
N GLU E 898 32.95 -19.67 27.39
CA GLU E 898 34.17 -19.59 28.20
C GLU E 898 35.34 -18.97 27.42
N HIS E 899 35.19 -18.72 26.12
CA HIS E 899 36.26 -18.13 25.34
C HIS E 899 35.75 -16.95 24.52
N PRO E 900 35.43 -15.80 25.16
CA PRO E 900 34.80 -14.69 24.46
C PRO E 900 35.76 -13.90 23.58
N GLU E 901 37.05 -14.27 23.61
CA GLU E 901 38.06 -13.62 22.77
C GLU E 901 38.15 -14.31 21.41
N THR E 902 37.29 -15.31 21.16
CA THR E 902 37.31 -16.07 19.92
C THR E 902 37.09 -15.13 18.74
N PRO E 903 38.00 -15.12 17.73
CA PRO E 903 37.75 -14.39 16.49
C PRO E 903 36.80 -15.12 15.55
N ILE E 904 36.42 -14.43 14.47
CA ILE E 904 35.39 -14.91 13.56
C ILE E 904 35.83 -14.69 12.11
N ILE E 905 35.61 -15.72 11.29
CA ILE E 905 35.89 -15.66 9.87
C ILE E 905 34.55 -15.61 9.15
N GLY E 906 34.32 -14.52 8.43
CA GLY E 906 33.16 -14.39 7.57
C GLY E 906 33.52 -14.76 6.14
N ILE E 907 32.72 -15.64 5.53
CA ILE E 907 32.97 -16.08 4.17
C ILE E 907 31.71 -15.76 3.35
N ASP E 908 31.92 -14.95 2.31
CA ASP E 908 30.84 -14.46 1.48
C ASP E 908 31.07 -14.98 0.07
N ARG E 909 29.97 -15.28 -0.62
CA ARG E 909 30.01 -15.38 -2.08
C ARG E 909 29.75 -13.98 -2.61
N GLY E 910 30.61 -13.53 -3.52
CA GLY E 910 30.58 -12.17 -3.99
C GLY E 910 30.09 -12.09 -5.44
N GLU E 911 29.73 -10.86 -5.85
CA GLU E 911 29.34 -10.58 -7.22
C GLU E 911 30.57 -10.62 -8.13
N ARG E 912 31.70 -10.06 -7.67
CA ARG E 912 32.92 -9.97 -8.47
C ARG E 912 34.00 -10.91 -7.94
N ASN E 913 33.69 -11.71 -6.91
CA ASN E 913 34.65 -12.57 -6.26
C ASN E 913 33.98 -13.89 -5.90
N LEU E 914 34.58 -15.01 -6.31
CA LEU E 914 33.96 -16.31 -6.08
C LEU E 914 33.73 -16.49 -4.58
N ILE E 915 34.80 -16.27 -3.80
CA ILE E 915 34.75 -16.37 -2.34
C ILE E 915 35.59 -15.23 -1.77
N TYR E 916 35.08 -14.60 -0.70
CA TYR E 916 35.76 -13.49 -0.06
C TYR E 916 35.75 -13.74 1.44
N ILE E 917 36.92 -13.62 2.09
CA ILE E 917 37.04 -13.86 3.52
C ILE E 917 37.35 -12.53 4.23
N THR E 918 36.72 -12.33 5.39
CA THR E 918 37.08 -11.25 6.29
C THR E 918 37.15 -11.85 7.70
N VAL E 919 38.29 -11.69 8.36
CA VAL E 919 38.45 -12.15 9.73
C VAL E 919 38.32 -10.94 10.67
N ILE E 920 37.48 -11.09 11.69
CA ILE E 920 37.31 -10.06 12.71
C ILE E 920 37.76 -10.59 14.06
N ASP E 921 38.26 -9.68 14.90
CA ASP E 921 38.49 -9.97 16.31
C ASP E 921 37.15 -9.86 17.04
N SER E 922 37.17 -10.16 18.35
CA SER E 922 35.96 -10.22 19.14
C SER E 922 35.37 -8.84 19.42
N THR E 923 36.10 -7.75 19.10
CA THR E 923 35.57 -6.40 19.28
C THR E 923 35.01 -5.85 17.96
N GLY E 924 34.96 -6.69 16.92
CA GLY E 924 34.32 -6.31 15.66
C GLY E 924 35.30 -5.73 14.63
N LYS E 925 36.60 -5.67 14.94
CA LYS E 925 37.56 -5.04 14.06
C LYS E 925 38.18 -6.08 13.13
N ILE E 926 38.46 -5.66 11.88
CA ILE E 926 38.97 -6.56 10.86
C ILE E 926 40.45 -6.85 11.12
N LEU E 927 40.78 -8.15 11.17
CA LEU E 927 42.16 -8.62 11.29
C LEU E 927 42.78 -8.86 9.92
N GLU E 928 41.98 -9.46 9.02
CA GLU E 928 42.41 -9.84 7.68
C GLU E 928 41.21 -9.79 6.73
N GLN E 929 41.44 -9.47 5.45
CA GLN E 929 40.41 -9.54 4.43
C GLN E 929 41.06 -9.80 3.07
N ARG E 930 40.54 -10.77 2.30
CA ARG E 930 41.00 -10.96 0.94
C ARG E 930 40.02 -11.76 0.10
N SER E 931 40.08 -11.50 -1.22
CA SER E 931 39.45 -12.31 -2.24
C SER E 931 40.22 -13.62 -2.38
N LEU E 932 39.52 -14.69 -2.75
CA LEU E 932 40.15 -15.97 -3.02
C LEU E 932 39.94 -16.35 -4.49
N ASN E 933 39.87 -15.36 -5.38
CA ASN E 933 39.86 -15.60 -6.81
C ASN E 933 41.21 -16.17 -7.24
N THR E 934 42.30 -15.65 -6.66
CA THR E 934 43.63 -16.10 -6.97
C THR E 934 44.21 -16.78 -5.74
N ILE E 935 44.64 -18.04 -5.92
CA ILE E 935 45.34 -18.80 -4.90
C ILE E 935 46.56 -19.47 -5.55
N GLN E 936 47.73 -19.31 -4.91
CA GLN E 936 48.97 -19.87 -5.42
C GLN E 936 49.25 -19.29 -6.81
N GLN E 937 49.05 -17.98 -6.93
CA GLN E 937 49.33 -17.22 -8.14
C GLN E 937 48.55 -17.78 -9.33
N PHE E 938 47.41 -18.44 -9.08
CA PHE E 938 46.59 -18.98 -10.14
C PHE E 938 45.18 -18.38 -10.02
N ASP E 939 44.67 -17.83 -11.14
CA ASP E 939 43.39 -17.15 -11.14
C ASP E 939 42.28 -18.15 -11.45
N TYR E 940 41.76 -18.78 -10.40
CA TYR E 940 40.79 -19.85 -10.57
C TYR E 940 39.47 -19.28 -11.10
N GLN E 941 39.20 -18.00 -10.85
CA GLN E 941 37.97 -17.39 -11.34
C GLN E 941 38.01 -17.33 -12.86
N LYS E 942 39.09 -16.79 -13.42
CA LYS E 942 39.20 -16.66 -14.86
C LYS E 942 39.14 -18.04 -15.50
N LYS E 943 39.74 -19.04 -14.84
CA LYS E 943 39.85 -20.37 -15.41
C LYS E 943 38.47 -21.01 -15.45
N LEU E 944 37.71 -20.90 -14.36
CA LEU E 944 36.37 -21.45 -14.30
C LEU E 944 35.48 -20.75 -15.33
N ASP E 945 35.68 -19.44 -15.49
CA ASP E 945 34.85 -18.65 -16.39
C ASP E 945 35.07 -19.14 -17.82
N ASN E 946 36.34 -19.23 -18.25
CA ASN E 946 36.68 -19.69 -19.58
C ASN E 946 36.19 -21.11 -19.82
N ARG E 947 36.40 -22.00 -18.84
CA ARG E 947 36.03 -23.39 -18.98
C ARG E 947 34.52 -23.50 -19.25
N GLU E 948 33.71 -22.70 -18.56
CA GLU E 948 32.26 -22.80 -18.71
C GLU E 948 31.84 -22.22 -20.04
N LYS E 949 32.62 -21.26 -20.56
CA LYS E 949 32.40 -20.75 -21.92
C LYS E 949 32.70 -21.86 -22.93
N GLU E 950 33.83 -22.55 -22.76
CA GLU E 950 34.23 -23.63 -23.63
C GLU E 950 33.15 -24.70 -23.68
N ARG E 951 32.59 -25.00 -22.51
CA ARG E 951 31.58 -26.05 -22.39
C ARG E 951 30.34 -25.67 -23.19
N VAL E 952 29.85 -24.43 -22.98
CA VAL E 952 28.71 -23.92 -23.72
C VAL E 952 29.03 -23.97 -25.22
N ALA E 953 30.18 -23.40 -25.59
CA ALA E 953 30.61 -23.40 -26.98
C ALA E 953 30.61 -24.82 -27.53
N ALA E 954 31.06 -25.78 -26.71
CA ALA E 954 31.16 -27.16 -27.13
C ALA E 954 29.76 -27.70 -27.46
N ARG E 955 28.83 -27.55 -26.52
CA ARG E 955 27.48 -28.07 -26.70
C ARG E 955 26.91 -27.61 -28.05
N GLN E 956 27.17 -26.34 -28.40
CA GLN E 956 26.62 -25.71 -29.58
C GLN E 956 27.28 -26.23 -30.86
N ALA E 957 28.52 -26.71 -30.75
CA ALA E 957 29.29 -27.13 -31.91
C ALA E 957 29.34 -28.65 -32.01
N TRP E 958 28.59 -29.34 -31.14
CA TRP E 958 28.53 -30.80 -31.12
C TRP E 958 29.90 -31.41 -30.85
N SER E 959 30.76 -30.70 -30.10
CA SER E 959 32.04 -31.27 -29.68
C SER E 959 31.92 -31.74 -28.23
N VAL E 960 33.01 -32.29 -27.71
CA VAL E 960 33.00 -32.98 -26.43
C VAL E 960 32.91 -31.94 -25.31
N VAL E 961 31.95 -32.14 -24.40
CA VAL E 961 31.70 -31.15 -23.37
C VAL E 961 32.75 -31.28 -22.27
N GLY E 962 32.81 -32.44 -21.63
CA GLY E 962 33.79 -32.66 -20.59
C GLY E 962 33.27 -32.18 -19.25
N THR E 963 34.18 -32.03 -18.28
CA THR E 963 33.82 -31.84 -16.89
C THR E 963 34.31 -30.46 -16.40
N ILE E 964 33.65 -29.92 -15.37
CA ILE E 964 34.12 -28.74 -14.69
C ILE E 964 34.29 -29.02 -13.20
N LYS E 965 33.71 -30.11 -12.70
CA LYS E 965 33.78 -30.45 -11.28
C LYS E 965 35.24 -30.71 -10.87
N ASP E 966 36.04 -31.28 -11.78
CA ASP E 966 37.43 -31.54 -11.47
C ASP E 966 38.14 -30.23 -11.15
N LEU E 967 37.85 -29.17 -11.92
CA LEU E 967 38.52 -27.90 -11.73
C LEU E 967 37.96 -27.18 -10.51
N LYS E 968 36.64 -27.29 -10.30
CA LYS E 968 36.00 -26.77 -9.11
C LYS E 968 36.60 -27.40 -7.86
N GLN E 969 36.69 -28.74 -7.83
CA GLN E 969 37.25 -29.45 -6.69
C GLN E 969 38.68 -28.99 -6.46
N GLY E 970 39.46 -28.85 -7.54
CA GLY E 970 40.80 -28.30 -7.48
C GLY E 970 40.85 -26.99 -6.69
N TYR E 971 40.08 -26.01 -7.14
CA TYR E 971 40.02 -24.69 -6.52
C TYR E 971 39.63 -24.82 -5.06
N LEU E 972 38.47 -25.43 -4.80
CA LEU E 972 37.89 -25.47 -3.47
C LEU E 972 38.83 -26.19 -2.51
N SER E 973 39.57 -27.18 -3.01
CA SER E 973 40.56 -27.87 -2.19
C SER E 973 41.51 -26.86 -1.56
N GLN E 974 41.94 -25.86 -2.36
CA GLN E 974 42.89 -24.85 -1.92
C GLN E 974 42.22 -23.86 -0.96
N VAL E 975 40.98 -23.47 -1.29
CA VAL E 975 40.20 -22.61 -0.43
C VAL E 975 40.03 -23.27 0.94
N ILE E 976 39.73 -24.57 0.94
CA ILE E 976 39.55 -25.32 2.18
C ILE E 976 40.83 -25.26 3.00
N HIS E 977 41.98 -25.39 2.34
CA HIS E 977 43.25 -25.43 3.02
C HIS E 977 43.47 -24.10 3.73
N GLU E 978 43.13 -23.01 3.04
CA GLU E 978 43.39 -21.69 3.57
C GLU E 978 42.47 -21.42 4.77
N ILE E 979 41.19 -21.80 4.66
CA ILE E 979 40.23 -21.55 5.73
C ILE E 979 40.66 -22.36 6.96
N VAL E 980 40.88 -23.66 6.77
CA VAL E 980 41.25 -24.55 7.85
C VAL E 980 42.46 -23.98 8.60
N ASP E 981 43.48 -23.53 7.86
CA ASP E 981 44.68 -22.96 8.47
C ASP E 981 44.32 -21.73 9.30
N LEU E 982 43.47 -20.86 8.76
CA LEU E 982 42.98 -19.71 9.51
C LEU E 982 42.24 -20.17 10.77
N MET E 983 41.38 -21.19 10.65
CA MET E 983 40.57 -21.60 11.79
C MET E 983 41.45 -22.06 12.95
N ILE E 984 42.48 -22.85 12.62
CA ILE E 984 43.36 -23.41 13.62
C ILE E 984 44.21 -22.29 14.22
N HIS E 985 44.71 -21.40 13.37
CA HIS E 985 45.62 -20.35 13.81
C HIS E 985 44.90 -19.34 14.70
N TYR E 986 43.65 -19.03 14.39
CA TYR E 986 42.91 -18.03 15.13
C TYR E 986 42.07 -18.70 16.21
N GLN E 987 41.88 -20.02 16.10
CA GLN E 987 40.89 -20.73 16.88
C GLN E 987 39.53 -20.04 16.74
N ALA E 988 39.15 -19.85 15.47
CA ALA E 988 38.03 -18.99 15.12
C ALA E 988 36.80 -19.82 14.79
N VAL E 989 35.65 -19.16 14.91
CA VAL E 989 34.40 -19.62 14.34
C VAL E 989 34.39 -19.25 12.87
N VAL E 990 33.66 -20.02 12.05
CA VAL E 990 33.47 -19.69 10.65
C VAL E 990 31.97 -19.51 10.38
N VAL E 991 31.65 -18.47 9.60
CA VAL E 991 30.30 -18.02 9.41
C VAL E 991 30.00 -17.91 7.92
N LEU E 992 29.08 -18.75 7.43
CA LEU E 992 28.70 -18.77 6.03
C LEU E 992 27.32 -18.15 5.86
N GLU E 993 27.00 -17.80 4.60
CA GLU E 993 25.68 -17.38 4.19
C GLU E 993 24.73 -18.57 4.17
N ASN E 994 23.47 -18.32 4.51
CA ASN E 994 22.43 -19.32 4.41
C ASN E 994 21.76 -19.18 3.04
N LEU E 995 21.83 -20.26 2.25
CA LEU E 995 21.36 -20.27 0.86
C LEU E 995 19.84 -20.43 0.80
N ASN E 996 19.23 -20.77 1.94
CA ASN E 996 17.77 -20.82 2.07
C ASN E 996 17.22 -19.42 2.36
N PHE E 997 17.92 -18.36 1.91
CA PHE E 997 17.52 -16.98 2.10
C PHE E 997 17.94 -16.15 0.88
N ALA E 1010 26.41 -23.16 -6.22
CA ALA E 1010 27.46 -23.61 -7.16
C ALA E 1010 28.75 -23.87 -6.39
N VAL E 1011 29.81 -23.08 -6.65
CA VAL E 1011 31.05 -23.14 -5.90
C VAL E 1011 30.77 -23.05 -4.39
N TYR E 1012 29.81 -22.20 -3.98
CA TYR E 1012 29.58 -21.95 -2.57
C TYR E 1012 28.90 -23.17 -1.92
N GLN E 1013 27.83 -23.68 -2.52
CA GLN E 1013 27.23 -24.91 -2.02
C GLN E 1013 28.27 -26.03 -1.98
N GLN E 1014 29.10 -26.15 -3.02
CA GLN E 1014 30.11 -27.19 -3.04
C GLN E 1014 31.09 -26.95 -1.88
N PHE E 1015 31.55 -25.70 -1.77
CA PHE E 1015 32.45 -25.25 -0.71
C PHE E 1015 31.92 -25.65 0.67
N GLU E 1016 30.62 -25.47 0.90
CA GLU E 1016 30.04 -25.73 2.20
C GLU E 1016 30.21 -27.20 2.58
N LYS E 1017 29.89 -28.09 1.64
CA LYS E 1017 29.96 -29.53 1.84
C LYS E 1017 31.40 -29.93 2.13
N MET E 1018 32.32 -29.44 1.29
CA MET E 1018 33.73 -29.77 1.43
C MET E 1018 34.27 -29.29 2.77
N LEU E 1019 33.84 -28.09 3.21
CA LEU E 1019 34.36 -27.52 4.44
C LEU E 1019 33.81 -28.29 5.63
N ILE E 1020 32.51 -28.57 5.61
CA ILE E 1020 31.89 -29.31 6.70
C ILE E 1020 32.59 -30.67 6.85
N ASP E 1021 32.76 -31.40 5.75
CA ASP E 1021 33.37 -32.72 5.76
C ASP E 1021 34.79 -32.66 6.33
N LYS E 1022 35.61 -31.75 5.80
CA LYS E 1022 36.97 -31.58 6.28
C LYS E 1022 36.97 -31.53 7.81
N LEU E 1023 36.13 -30.65 8.37
CA LEU E 1023 36.14 -30.38 9.79
C LEU E 1023 35.38 -31.45 10.57
N ASN E 1024 34.78 -32.42 9.88
CA ASN E 1024 34.29 -33.62 10.54
C ASN E 1024 35.46 -34.46 11.05
N CYS E 1025 36.65 -34.29 10.46
CA CYS E 1025 37.79 -35.14 10.75
C CYS E 1025 39.08 -34.54 10.19
N LEU E 1026 39.68 -33.63 10.98
CA LEU E 1026 40.71 -32.72 10.51
C LEU E 1026 42.09 -33.16 11.00
N VAL E 1027 42.95 -33.58 10.08
CA VAL E 1027 44.32 -33.96 10.39
C VAL E 1027 45.25 -33.01 9.63
N LEU E 1028 46.22 -32.46 10.36
CA LEU E 1028 47.21 -31.54 9.82
C LEU E 1028 48.54 -32.27 9.64
N LYS E 1029 49.08 -32.27 8.42
CA LYS E 1029 50.19 -33.16 8.06
C LYS E 1029 51.36 -33.00 9.01
N ASP E 1030 51.67 -31.75 9.38
CA ASP E 1030 52.90 -31.44 10.09
C ASP E 1030 52.82 -31.84 11.56
N TYR E 1031 51.60 -31.98 12.10
CA TYR E 1031 51.43 -32.28 13.52
C TYR E 1031 51.83 -33.73 13.81
N PRO E 1032 52.49 -34.01 14.95
CA PRO E 1032 52.77 -35.37 15.36
C PRO E 1032 51.50 -36.17 15.69
N ALA E 1033 51.56 -37.49 15.49
CA ALA E 1033 50.39 -38.35 15.51
C ALA E 1033 49.68 -38.33 16.87
N GLU E 1034 50.46 -38.13 17.94
CA GLU E 1034 49.94 -38.19 19.30
C GLU E 1034 49.53 -36.80 19.78
N LYS E 1035 49.64 -35.78 18.91
CA LYS E 1035 49.13 -34.46 19.22
C LYS E 1035 47.71 -34.33 18.65
N VAL E 1036 46.91 -33.45 19.23
CA VAL E 1036 45.55 -33.21 18.72
C VAL E 1036 45.70 -32.43 17.43
N GLY E 1037 45.10 -32.97 16.36
CA GLY E 1037 45.40 -32.56 15.00
C GLY E 1037 46.29 -33.58 14.28
N GLY E 1038 46.80 -34.56 15.03
CA GLY E 1038 47.57 -35.62 14.44
C GLY E 1038 46.67 -36.77 14.01
N VAL E 1039 47.24 -37.69 13.21
CA VAL E 1039 46.46 -38.70 12.55
C VAL E 1039 45.73 -39.60 13.57
N LEU E 1040 46.25 -39.70 14.81
CA LEU E 1040 45.62 -40.53 15.83
C LEU E 1040 44.71 -39.71 16.74
N ASN E 1041 44.56 -38.40 16.47
CA ASN E 1041 43.67 -37.54 17.23
C ASN E 1041 43.10 -36.47 16.32
N PRO E 1042 42.38 -36.84 15.24
CA PRO E 1042 41.79 -35.84 14.37
C PRO E 1042 41.01 -34.80 15.15
N TYR E 1043 41.17 -33.54 14.78
CA TYR E 1043 40.24 -32.51 15.19
C TYR E 1043 38.87 -32.83 14.63
N GLN E 1044 37.83 -32.45 15.39
CA GLN E 1044 36.46 -32.48 14.90
C GLN E 1044 35.78 -31.19 15.34
N LEU E 1045 35.55 -30.27 14.39
CA LEU E 1045 35.12 -28.92 14.70
C LEU E 1045 33.70 -28.65 14.22
N THR E 1046 33.24 -29.46 13.26
CA THR E 1046 31.87 -29.38 12.80
C THR E 1046 31.13 -30.63 13.26
N ASP E 1047 29.81 -30.52 13.27
CA ASP E 1047 28.96 -31.61 13.72
C ASP E 1047 28.97 -32.68 12.64
N GLN E 1048 28.66 -33.91 13.03
CA GLN E 1048 28.69 -35.03 12.11
C GLN E 1048 27.68 -34.78 11.00
N PHE E 1049 28.17 -34.78 9.76
CA PHE E 1049 27.32 -34.54 8.60
C PHE E 1049 26.41 -35.74 8.36
N THR E 1050 25.10 -35.48 8.23
CA THR E 1050 24.16 -36.52 7.87
C THR E 1050 23.61 -36.23 6.48
N SER E 1051 22.93 -35.08 6.34
CA SER E 1051 22.40 -34.62 5.07
C SER E 1051 22.16 -33.12 5.17
N PHE E 1052 22.11 -32.44 4.01
CA PHE E 1052 21.81 -31.02 4.00
C PHE E 1052 20.43 -30.78 4.59
N ALA E 1053 19.48 -31.65 4.23
CA ALA E 1053 18.11 -31.50 4.68
C ALA E 1053 18.02 -31.49 6.19
N LYS E 1054 18.95 -32.18 6.88
CA LYS E 1054 18.88 -32.28 8.34
C LYS E 1054 19.70 -31.20 9.03
N MET E 1055 20.30 -30.27 8.28
CA MET E 1055 21.32 -29.41 8.89
C MET E 1055 20.66 -28.15 9.45
N GLY E 1056 21.04 -27.79 10.68
CA GLY E 1056 20.53 -26.58 11.31
C GLY E 1056 21.35 -25.36 10.92
N THR E 1057 21.20 -24.28 11.71
CA THR E 1057 21.95 -23.05 11.53
C THR E 1057 23.33 -23.14 12.18
N GLN E 1058 23.55 -24.16 13.00
CA GLN E 1058 24.86 -24.40 13.61
C GLN E 1058 25.33 -25.81 13.29
N SER E 1059 26.58 -25.92 12.80
CA SER E 1059 27.30 -27.19 12.75
C SER E 1059 28.62 -27.02 13.46
N GLY E 1060 28.59 -27.11 14.79
CA GLY E 1060 29.76 -26.93 15.61
C GLY E 1060 30.28 -25.51 15.51
N PHE E 1061 31.52 -25.36 15.08
CA PHE E 1061 32.15 -24.07 14.92
C PHE E 1061 31.65 -23.36 13.66
N LEU E 1062 30.92 -24.07 12.79
CA LEU E 1062 30.38 -23.47 11.59
C LEU E 1062 28.99 -22.90 11.88
N PHE E 1063 28.76 -21.64 11.51
CA PHE E 1063 27.50 -20.96 11.75
C PHE E 1063 26.95 -20.41 10.43
N TYR E 1064 25.64 -20.49 10.27
CA TYR E 1064 24.95 -19.96 9.11
C TYR E 1064 24.12 -18.76 9.52
N VAL E 1065 24.18 -17.68 8.73
CA VAL E 1065 23.43 -16.45 9.00
C VAL E 1065 22.73 -16.01 7.71
N PRO E 1066 21.62 -15.24 7.79
CA PRO E 1066 20.97 -14.71 6.60
C PRO E 1066 21.76 -13.61 5.89
N ALA E 1067 21.65 -13.60 4.55
CA ALA E 1067 22.42 -12.74 3.68
C ALA E 1067 21.95 -11.29 3.68
N PRO E 1068 20.65 -10.99 3.78
CA PRO E 1068 20.16 -9.60 3.74
C PRO E 1068 20.90 -8.61 4.64
N TYR E 1069 21.17 -7.42 4.08
CA TYR E 1069 21.72 -6.26 4.77
C TYR E 1069 23.11 -6.56 5.31
N THR E 1070 23.93 -7.21 4.49
CA THR E 1070 25.31 -7.49 4.81
C THR E 1070 26.25 -6.77 3.85
N SER E 1071 25.80 -6.51 2.62
CA SER E 1071 26.57 -5.80 1.61
C SER E 1071 26.18 -4.33 1.55
N LYS E 1072 24.87 -4.07 1.36
CA LYS E 1072 24.37 -2.73 1.15
C LYS E 1072 24.14 -2.09 2.51
N ILE E 1073 25.23 -1.95 3.28
CA ILE E 1073 25.15 -1.43 4.63
C ILE E 1073 26.44 -0.68 4.92
N ASP E 1074 26.31 0.45 5.64
CA ASP E 1074 27.45 1.27 5.99
C ASP E 1074 28.24 0.58 7.10
N PRO E 1075 29.54 0.27 6.94
CA PRO E 1075 30.29 -0.39 8.01
C PRO E 1075 30.58 0.52 9.21
N LEU E 1076 30.33 1.83 9.08
CA LEU E 1076 30.64 2.77 10.14
C LEU E 1076 29.41 3.12 10.97
N THR E 1077 28.20 2.90 10.44
CA THR E 1077 26.98 3.32 11.13
C THR E 1077 25.91 2.23 11.13
N GLY E 1078 25.94 1.31 10.15
CA GLY E 1078 24.89 0.33 10.00
C GLY E 1078 23.68 0.90 9.26
N PHE E 1079 23.84 2.08 8.65
CA PHE E 1079 22.78 2.68 7.87
C PHE E 1079 22.45 1.77 6.70
N VAL E 1080 21.15 1.63 6.41
CA VAL E 1080 20.65 0.97 5.22
C VAL E 1080 19.58 1.86 4.61
N ASP E 1081 19.49 1.84 3.27
CA ASP E 1081 18.44 2.52 2.54
C ASP E 1081 17.08 2.01 3.03
N PRO E 1082 16.27 2.84 3.72
CA PRO E 1082 15.05 2.37 4.35
C PRO E 1082 13.77 2.56 3.53
N PHE E 1083 13.86 2.42 2.20
CA PHE E 1083 12.76 2.80 1.33
C PHE E 1083 12.50 1.72 0.30
N VAL E 1084 11.20 1.46 0.07
CA VAL E 1084 10.75 0.61 -1.03
C VAL E 1084 10.36 1.54 -2.17
N TRP E 1085 11.05 1.41 -3.31
CA TRP E 1085 10.85 2.33 -4.42
C TRP E 1085 9.71 1.86 -5.32
N LYS E 1086 9.09 0.73 -4.94
CA LYS E 1086 7.77 0.38 -5.43
C LYS E 1086 6.77 1.44 -4.96
N THR E 1087 6.76 1.75 -3.66
CA THR E 1087 5.72 2.58 -3.07
C THR E 1087 5.97 4.06 -3.38
N ILE E 1088 6.92 4.37 -4.27
CA ILE E 1088 7.12 5.71 -4.81
C ILE E 1088 7.06 5.63 -6.33
N LYS E 1089 5.84 5.76 -6.88
CA LYS E 1089 5.59 5.59 -8.30
C LYS E 1089 4.86 6.78 -8.93
N ASN E 1090 4.09 7.53 -8.12
CA ASN E 1090 3.19 8.55 -8.64
C ASN E 1090 3.58 9.93 -8.12
N HIS E 1091 3.05 10.95 -8.80
CA HIS E 1091 3.35 12.35 -8.48
C HIS E 1091 3.01 12.64 -7.02
N GLU E 1092 1.82 12.22 -6.58
CA GLU E 1092 1.32 12.50 -5.24
C GLU E 1092 2.15 11.75 -4.19
N SER E 1093 2.70 10.59 -4.57
CA SER E 1093 3.58 9.83 -3.68
C SER E 1093 4.91 10.53 -3.54
N ARG E 1094 5.51 10.90 -4.68
CA ARG E 1094 6.81 11.58 -4.70
C ARG E 1094 6.77 12.82 -3.83
N LYS E 1095 5.66 13.57 -3.88
CA LYS E 1095 5.51 14.79 -3.11
C LYS E 1095 5.50 14.47 -1.61
N HIS E 1096 4.64 13.53 -1.21
CA HIS E 1096 4.55 13.12 0.19
C HIS E 1096 5.90 12.62 0.69
N PHE E 1097 6.64 11.93 -0.21
CA PHE E 1097 7.97 11.46 0.10
C PHE E 1097 8.85 12.64 0.53
N LEU E 1098 8.91 13.68 -0.29
CA LEU E 1098 9.73 14.86 -0.02
C LEU E 1098 9.24 15.58 1.24
N GLU E 1099 7.93 15.54 1.50
CA GLU E 1099 7.36 16.21 2.66
C GLU E 1099 7.72 15.44 3.94
N GLY E 1100 8.13 14.17 3.79
CA GLY E 1100 8.59 13.35 4.90
C GLY E 1100 9.87 13.88 5.53
N PHE E 1101 10.73 14.51 4.73
CA PHE E 1101 12.01 15.01 5.22
C PHE E 1101 11.81 16.37 5.87
N ASP E 1102 12.56 16.63 6.95
CA ASP E 1102 12.42 17.85 7.72
C ASP E 1102 13.08 19.02 6.99
N PHE E 1103 14.32 18.83 6.52
CA PHE E 1103 15.00 19.92 5.82
C PHE E 1103 16.03 19.39 4.82
N LEU E 1104 16.38 20.28 3.88
CA LEU E 1104 17.53 20.11 2.99
C LEU E 1104 18.27 21.44 2.94
N HIS E 1105 19.45 21.51 3.59
CA HIS E 1105 20.24 22.73 3.58
C HIS E 1105 21.65 22.43 3.05
N TYR E 1106 22.28 23.46 2.47
CA TYR E 1106 23.66 23.37 1.98
C TYR E 1106 24.60 23.84 3.09
N ASP E 1107 25.71 23.10 3.25
CA ASP E 1107 26.70 23.37 4.28
C ASP E 1107 27.93 23.99 3.63
N VAL E 1108 28.10 25.30 3.80
CA VAL E 1108 29.07 26.05 3.01
C VAL E 1108 30.48 25.71 3.46
N LYS E 1109 30.63 25.13 4.66
CA LYS E 1109 31.92 24.66 5.15
C LYS E 1109 32.41 23.48 4.30
N THR E 1110 31.54 22.49 4.07
CA THR E 1110 31.93 21.25 3.40
C THR E 1110 31.56 21.26 1.92
N GLY E 1111 30.43 21.89 1.57
CA GLY E 1111 29.95 21.89 0.20
C GLY E 1111 29.00 20.72 -0.06
N ASP E 1112 28.79 19.88 0.96
CA ASP E 1112 27.79 18.82 0.89
C ASP E 1112 26.41 19.44 1.12
N PHE E 1113 25.37 18.75 0.67
CA PHE E 1113 24.01 19.03 1.10
C PHE E 1113 23.62 18.01 2.18
N ILE E 1114 22.75 18.45 3.08
CA ILE E 1114 22.33 17.65 4.22
C ILE E 1114 20.82 17.50 4.15
N LEU E 1115 20.35 16.25 4.00
CA LEU E 1115 18.93 15.92 3.99
C LEU E 1115 18.58 15.18 5.28
N HIS E 1116 17.77 15.83 6.13
CA HIS E 1116 17.41 15.27 7.43
C HIS E 1116 16.15 14.42 7.30
N PHE E 1117 16.23 13.19 7.83
CA PHE E 1117 15.09 12.29 7.90
C PHE E 1117 14.94 11.76 9.32
N LYS E 1118 13.77 12.04 9.93
CA LYS E 1118 13.37 11.39 11.18
C LYS E 1118 12.81 10.01 10.83
N MET E 1119 13.19 8.99 11.62
CA MET E 1119 12.88 7.61 11.29
C MET E 1119 11.42 7.29 11.63
N ASN E 1120 10.88 8.00 12.64
CA ASN E 1120 9.45 7.98 12.96
C ASN E 1120 8.68 8.88 11.99
N ARG E 1121 8.96 8.78 10.69
CA ARG E 1121 8.34 9.62 9.68
C ARG E 1121 8.34 8.88 8.34
N ASN E 1122 7.50 9.36 7.42
CA ASN E 1122 7.26 8.73 6.14
C ASN E 1122 7.38 7.22 6.29
N LEU E 1123 6.44 6.64 7.06
CA LEU E 1123 6.48 5.23 7.40
C LEU E 1123 5.80 4.42 6.29
N SER E 1124 5.16 5.11 5.34
CA SER E 1124 4.38 4.48 4.29
C SER E 1124 5.31 3.88 3.22
N PHE E 1125 6.56 4.36 3.19
CA PHE E 1125 7.50 3.98 2.15
C PHE E 1125 8.67 3.18 2.73
N GLN E 1126 8.66 2.99 4.06
CA GLN E 1126 9.70 2.24 4.75
C GLN E 1126 9.41 0.73 4.66
N ARG E 1127 10.47 -0.08 4.78
CA ARG E 1127 10.34 -1.53 4.69
C ARG E 1127 9.88 -2.08 6.05
N GLY E 1128 9.75 -1.20 7.04
CA GLY E 1128 9.34 -1.59 8.37
C GLY E 1128 10.54 -2.00 9.23
N LEU E 1129 11.72 -1.45 8.89
CA LEU E 1129 12.95 -1.76 9.61
C LEU E 1129 13.49 -0.49 10.25
N PRO E 1130 12.91 -0.05 11.39
CA PRO E 1130 13.34 1.17 12.08
C PRO E 1130 14.81 1.18 12.47
N GLY E 1131 15.37 0.00 12.76
CA GLY E 1131 16.70 -0.08 13.35
C GLY E 1131 16.72 0.67 14.68
N PHE E 1132 17.91 1.09 15.10
CA PHE E 1132 18.10 1.65 16.43
C PHE E 1132 17.99 3.19 16.41
N MET E 1133 18.32 3.81 15.26
CA MET E 1133 18.54 5.24 15.23
C MET E 1133 17.23 5.98 14.95
N PRO E 1134 17.02 7.16 15.59
CA PRO E 1134 15.81 7.95 15.36
C PRO E 1134 15.83 8.77 14.08
N ALA E 1135 17.02 9.21 13.64
CA ALA E 1135 17.13 10.13 12.54
C ALA E 1135 18.49 10.01 11.86
N TRP E 1136 18.51 10.36 10.56
CA TRP E 1136 19.72 10.33 9.77
C TRP E 1136 19.90 11.66 9.04
N ASP E 1137 21.14 12.15 9.04
CA ASP E 1137 21.55 13.25 8.17
C ASP E 1137 22.11 12.65 6.89
N ILE E 1138 21.24 12.47 5.89
CA ILE E 1138 21.63 12.01 4.57
C ILE E 1138 22.43 13.13 3.90
N VAL E 1139 23.59 12.77 3.34
CA VAL E 1139 24.51 13.75 2.83
C VAL E 1139 24.72 13.55 1.33
N PHE E 1140 24.50 14.63 0.57
CA PHE E 1140 24.94 14.70 -0.82
C PHE E 1140 26.40 15.17 -0.82
N GLU E 1141 27.35 14.23 -0.86
CA GLU E 1141 28.77 14.56 -0.78
C GLU E 1141 29.17 15.39 -1.99
N LYS E 1142 29.89 16.49 -1.72
CA LYS E 1142 30.47 17.34 -2.75
C LYS E 1142 31.32 16.50 -3.70
N ASN E 1143 31.18 16.74 -5.00
CA ASN E 1143 31.88 15.95 -6.01
C ASN E 1143 33.28 16.53 -6.21
N GLU E 1144 34.16 16.28 -5.24
CA GLU E 1144 35.54 16.71 -5.31
C GLU E 1144 36.42 15.48 -5.44
N THR E 1145 37.70 15.71 -5.75
CA THR E 1145 38.65 14.62 -5.93
C THR E 1145 39.26 14.24 -4.58
N GLN E 1146 39.24 12.94 -4.28
CA GLN E 1146 39.91 12.39 -3.12
C GLN E 1146 40.96 11.39 -3.61
N PHE E 1147 41.85 10.96 -2.69
CA PHE E 1147 42.93 10.07 -3.07
C PHE E 1147 43.04 8.89 -2.09
N ASP E 1148 43.11 7.67 -2.65
CA ASP E 1148 43.28 6.45 -1.88
C ASP E 1148 44.72 6.37 -1.36
N ALA E 1149 45.03 5.28 -0.63
CA ALA E 1149 46.33 5.10 0.00
C ALA E 1149 47.44 4.91 -1.04
N LYS E 1150 47.16 4.13 -2.10
CA LYS E 1150 48.10 3.89 -3.19
C LYS E 1150 48.39 5.21 -3.90
N GLY E 1151 47.43 6.14 -3.90
CA GLY E 1151 47.60 7.45 -4.51
C GLY E 1151 46.61 7.70 -5.66
N THR E 1152 45.87 6.66 -6.06
CA THR E 1152 44.89 6.75 -7.14
C THR E 1152 43.81 7.77 -6.78
N PRO E 1153 43.40 8.63 -7.75
CA PRO E 1153 42.27 9.54 -7.53
C PRO E 1153 40.91 8.90 -7.81
N PHE E 1154 39.88 9.40 -7.10
CA PHE E 1154 38.49 9.06 -7.37
C PHE E 1154 37.63 10.27 -7.01
N ILE E 1155 36.43 10.33 -7.57
CA ILE E 1155 35.51 11.42 -7.28
C ILE E 1155 34.57 10.98 -6.16
N ALA E 1156 34.57 11.76 -5.06
CA ALA E 1156 33.71 11.50 -3.92
C ALA E 1156 32.24 11.59 -4.34
N GLY E 1157 31.39 10.85 -3.63
CA GLY E 1157 29.95 11.01 -3.78
C GLY E 1157 29.43 10.48 -5.11
N LYS E 1158 30.33 9.98 -5.96
CA LYS E 1158 29.97 9.48 -7.28
C LYS E 1158 29.02 8.29 -7.12
N ARG E 1159 28.00 8.23 -7.99
CA ARG E 1159 27.10 7.10 -8.06
C ARG E 1159 27.14 6.50 -9.46
N ILE E 1160 26.92 5.17 -9.53
CA ILE E 1160 26.85 4.44 -10.78
C ILE E 1160 25.46 3.85 -10.92
N VAL E 1161 24.70 4.42 -11.87
CA VAL E 1161 23.28 4.18 -12.01
C VAL E 1161 23.01 3.64 -13.41
N PRO E 1162 22.01 2.73 -13.61
CA PRO E 1162 21.64 2.29 -14.95
C PRO E 1162 21.16 3.41 -15.86
N VAL E 1163 21.64 3.41 -17.12
CA VAL E 1163 21.13 4.28 -18.16
C VAL E 1163 19.77 3.73 -18.60
N ILE E 1164 18.76 4.59 -18.64
CA ILE E 1164 17.38 4.18 -18.89
C ILE E 1164 16.89 4.79 -20.20
N GLU E 1165 16.55 3.92 -21.17
CA GLU E 1165 15.84 4.33 -22.37
C GLU E 1165 14.34 4.33 -22.08
N ASN E 1166 13.59 5.18 -22.80
CA ASN E 1166 12.20 5.50 -22.48
C ASN E 1166 11.43 4.26 -22.05
N HIS E 1167 10.62 4.41 -20.99
CA HIS E 1167 9.84 3.33 -20.40
C HIS E 1167 10.72 2.52 -19.45
N ARG E 1168 11.27 1.39 -19.91
CA ARG E 1168 12.07 0.50 -19.08
C ARG E 1168 13.05 -0.29 -19.96
N PHE E 1169 14.28 0.24 -20.12
CA PHE E 1169 15.32 -0.40 -20.90
C PHE E 1169 16.69 -0.02 -20.32
N THR E 1170 17.46 -1.02 -19.87
CA THR E 1170 18.70 -0.78 -19.16
C THR E 1170 19.74 -1.83 -19.55
N GLY E 1171 20.65 -1.46 -20.46
CA GLY E 1171 21.75 -2.32 -20.86
C GLY E 1171 23.06 -1.91 -20.18
N ARG E 1172 23.43 -0.63 -20.36
CA ARG E 1172 24.68 -0.09 -19.85
C ARG E 1172 24.40 0.75 -18.61
N TYR E 1173 25.48 1.21 -17.94
CA TYR E 1173 25.40 2.05 -16.76
C TYR E 1173 26.16 3.34 -17.01
N ARG E 1174 25.94 4.35 -16.14
CA ARG E 1174 26.52 5.68 -16.29
C ARG E 1174 26.88 6.29 -14.94
N ASP E 1175 27.91 7.15 -14.94
CA ASP E 1175 28.39 7.88 -13.77
C ASP E 1175 27.49 9.09 -13.50
N LEU E 1176 26.97 9.18 -12.26
CA LEU E 1176 26.17 10.30 -11.81
C LEU E 1176 26.89 10.99 -10.64
N TYR E 1177 26.75 12.32 -10.55
CA TYR E 1177 27.32 13.10 -9.48
C TYR E 1177 26.21 13.89 -8.80
N PRO E 1178 25.54 13.33 -7.77
CA PRO E 1178 24.31 13.91 -7.24
C PRO E 1178 24.43 15.37 -6.82
N ALA E 1179 25.46 15.70 -6.03
CA ALA E 1179 25.64 17.05 -5.53
C ALA E 1179 25.64 18.06 -6.67
N ASN E 1180 26.39 17.77 -7.74
CA ASN E 1180 26.54 18.68 -8.86
C ASN E 1180 25.23 18.84 -9.62
N GLU E 1181 24.51 17.73 -9.79
CA GLU E 1181 23.23 17.75 -10.48
C GLU E 1181 22.20 18.54 -9.67
N LEU E 1182 22.28 18.48 -8.34
CA LEU E 1182 21.40 19.27 -7.50
C LEU E 1182 21.70 20.76 -7.69
N ILE E 1183 22.99 21.11 -7.69
CA ILE E 1183 23.43 22.48 -7.95
C ILE E 1183 22.87 22.94 -9.30
N ALA E 1184 22.91 22.05 -10.29
CA ALA E 1184 22.36 22.35 -11.61
C ALA E 1184 20.88 22.68 -11.50
N LEU E 1185 20.12 21.82 -10.82
CA LEU E 1185 18.67 21.93 -10.74
C LEU E 1185 18.24 23.19 -9.98
N LEU E 1186 19.00 23.59 -8.96
CA LEU E 1186 18.64 24.75 -8.15
C LEU E 1186 18.88 26.01 -8.95
N GLU E 1187 20.04 26.07 -9.64
CA GLU E 1187 20.43 27.24 -10.41
C GLU E 1187 19.51 27.40 -11.62
N GLU E 1188 19.09 26.28 -12.21
CA GLU E 1188 18.02 26.28 -13.21
C GLU E 1188 16.88 27.16 -12.72
N LYS E 1189 16.35 26.81 -11.54
CA LYS E 1189 15.10 27.38 -11.04
C LYS E 1189 15.36 28.64 -10.20
N GLY E 1190 16.63 29.05 -10.10
CA GLY E 1190 16.99 30.32 -9.47
C GLY E 1190 16.83 30.29 -7.95
N ILE E 1191 16.88 29.10 -7.35
CA ILE E 1191 16.77 28.98 -5.90
C ILE E 1191 18.12 29.30 -5.28
N VAL E 1192 18.11 30.18 -4.27
CA VAL E 1192 19.30 30.56 -3.54
C VAL E 1192 19.56 29.51 -2.47
N PHE E 1193 20.79 29.00 -2.40
CA PHE E 1193 21.11 27.89 -1.51
C PHE E 1193 22.39 28.11 -0.71
N ARG E 1194 23.27 29.03 -1.14
CA ARG E 1194 24.55 29.21 -0.45
C ARG E 1194 24.40 30.03 0.83
N ASP E 1195 23.15 30.44 1.15
CA ASP E 1195 22.85 31.12 2.39
C ASP E 1195 22.79 30.11 3.55
N GLY E 1196 22.56 28.83 3.22
CA GLY E 1196 22.39 27.76 4.20
C GLY E 1196 20.91 27.44 4.45
N SER E 1197 20.02 28.02 3.62
CA SER E 1197 18.59 27.98 3.86
C SER E 1197 18.00 26.65 3.41
N ASN E 1198 16.82 26.34 3.98
CA ASN E 1198 16.09 25.13 3.65
C ASN E 1198 15.58 25.25 2.21
N ILE E 1199 15.83 24.20 1.43
CA ILE E 1199 15.54 24.18 0.00
C ILE E 1199 14.23 23.45 -0.27
N LEU E 1200 13.84 22.53 0.63
CA LEU E 1200 12.74 21.61 0.37
C LEU E 1200 11.45 22.36 0.09
N PRO E 1201 11.03 23.33 0.94
CA PRO E 1201 9.79 24.05 0.69
C PRO E 1201 9.79 24.75 -0.67
N LYS E 1202 10.96 25.27 -1.05
CA LYS E 1202 11.15 26.02 -2.29
C LYS E 1202 11.05 25.09 -3.50
N LEU E 1203 11.44 23.82 -3.33
CA LEU E 1203 11.41 22.86 -4.42
C LEU E 1203 9.97 22.47 -4.77
N LEU E 1204 9.10 22.36 -3.75
CA LEU E 1204 7.75 21.88 -3.96
C LEU E 1204 6.73 23.00 -3.68
N GLU E 1205 7.18 24.25 -3.79
CA GLU E 1205 6.33 25.42 -3.51
C GLU E 1205 5.41 25.70 -4.70
N ASN E 1206 5.77 25.17 -5.87
CA ASN E 1206 5.09 25.46 -7.12
C ASN E 1206 4.61 24.18 -7.82
N ASP E 1207 4.99 23.02 -7.27
CA ASP E 1207 4.53 21.73 -7.77
C ASP E 1207 5.05 21.46 -9.18
N ASP E 1208 6.34 21.70 -9.41
CA ASP E 1208 6.97 21.38 -10.68
C ASP E 1208 7.30 19.88 -10.70
N SER E 1209 6.75 19.17 -11.69
CA SER E 1209 6.85 17.71 -11.76
C SER E 1209 8.27 17.27 -12.05
N HIS E 1210 8.96 17.97 -12.96
CA HIS E 1210 10.36 17.68 -13.27
C HIS E 1210 11.24 17.90 -12.03
N ALA E 1211 10.96 18.98 -11.30
CA ALA E 1211 11.82 19.43 -10.21
C ALA E 1211 11.82 18.45 -9.03
N ILE E 1212 10.64 17.91 -8.69
CA ILE E 1212 10.49 16.99 -7.58
C ILE E 1212 10.69 15.54 -8.05
N ASP E 1213 10.62 15.31 -9.37
CA ASP E 1213 10.96 14.01 -9.94
C ASP E 1213 12.48 13.85 -9.94
N THR E 1214 13.18 14.88 -10.46
CA THR E 1214 14.63 14.91 -10.45
C THR E 1214 15.13 14.72 -9.03
N MET E 1215 14.48 15.38 -8.07
CA MET E 1215 14.86 15.27 -6.67
C MET E 1215 14.80 13.82 -6.25
N VAL E 1216 13.62 13.20 -6.36
CA VAL E 1216 13.40 11.82 -5.95
C VAL E 1216 14.50 10.93 -6.49
N ALA E 1217 14.83 11.07 -7.78
CA ALA E 1217 15.85 10.23 -8.39
C ALA E 1217 17.18 10.43 -7.69
N LEU E 1218 17.53 11.69 -7.41
CA LEU E 1218 18.81 12.04 -6.82
C LEU E 1218 18.89 11.46 -5.42
N ILE E 1219 17.82 11.62 -4.63
CA ILE E 1219 17.76 11.09 -3.29
C ILE E 1219 17.98 9.57 -3.31
N ARG E 1220 17.31 8.88 -4.23
CA ARG E 1220 17.41 7.43 -4.31
C ARG E 1220 18.85 7.03 -4.67
N SER E 1221 19.44 7.75 -5.63
CA SER E 1221 20.80 7.47 -6.07
C SER E 1221 21.80 7.63 -4.93
N VAL E 1222 21.65 8.72 -4.16
CA VAL E 1222 22.50 8.98 -3.01
C VAL E 1222 22.45 7.77 -2.07
N LEU E 1223 21.23 7.26 -1.81
CA LEU E 1223 21.02 6.15 -0.90
C LEU E 1223 21.52 4.84 -1.50
N GLN E 1224 21.95 4.85 -2.76
CA GLN E 1224 22.51 3.65 -3.37
C GLN E 1224 23.99 3.58 -3.00
N MET E 1225 24.26 2.89 -1.89
CA MET E 1225 25.59 2.75 -1.32
C MET E 1225 26.49 1.97 -2.27
N ARG E 1226 25.95 0.86 -2.79
CA ARG E 1226 26.72 -0.05 -3.63
C ARG E 1226 26.66 0.40 -5.08
N ASN E 1227 27.82 0.72 -5.64
CA ASN E 1227 27.94 1.30 -6.97
C ASN E 1227 28.99 0.53 -7.77
N SER E 1228 28.51 -0.31 -8.69
CA SER E 1228 29.35 -1.25 -9.42
C SER E 1228 29.12 -1.13 -10.93
N ASN E 1229 30.19 -1.38 -11.69
CA ASN E 1229 30.18 -1.30 -13.14
C ASN E 1229 31.29 -2.22 -13.66
N ALA E 1230 30.89 -3.40 -14.15
CA ALA E 1230 31.80 -4.48 -14.50
C ALA E 1230 32.83 -4.02 -15.54
N ALA E 1231 32.41 -3.16 -16.48
CA ALA E 1231 33.30 -2.62 -17.50
C ALA E 1231 34.62 -2.15 -16.90
N THR E 1232 34.56 -1.47 -15.74
CA THR E 1232 35.72 -0.80 -15.17
C THR E 1232 36.21 -1.49 -13.90
N GLY E 1233 35.39 -2.38 -13.32
CA GLY E 1233 35.77 -3.10 -12.11
C GLY E 1233 35.63 -2.25 -10.86
N GLU E 1234 34.70 -1.28 -10.88
CA GLU E 1234 34.27 -0.57 -9.69
C GLU E 1234 33.23 -1.44 -8.99
N ASP E 1235 33.35 -1.57 -7.66
CA ASP E 1235 32.35 -2.23 -6.85
C ASP E 1235 32.54 -1.74 -5.42
N TYR E 1236 32.22 -0.47 -5.19
CA TYR E 1236 32.52 0.19 -3.94
C TYR E 1236 31.27 0.39 -3.08
N ILE E 1237 31.50 0.78 -1.82
CA ILE E 1237 30.49 1.25 -0.90
C ILE E 1237 30.84 2.69 -0.53
N ASN E 1238 29.95 3.62 -0.87
CA ASN E 1238 30.03 4.98 -0.38
C ASN E 1238 28.75 5.27 0.39
N SER E 1239 28.89 5.62 1.67
CA SER E 1239 27.74 5.80 2.56
C SER E 1239 27.13 7.18 2.38
N PRO E 1240 25.79 7.31 2.49
CA PRO E 1240 25.12 8.61 2.45
C PRO E 1240 25.03 9.35 3.78
N VAL E 1241 25.59 8.76 4.85
CA VAL E 1241 25.52 9.38 6.17
C VAL E 1241 26.93 9.41 6.76
N ARG E 1242 27.18 10.42 7.60
CA ARG E 1242 28.46 10.54 8.30
C ARG E 1242 28.36 9.74 9.60
N ASP E 1243 29.51 9.22 10.07
CA ASP E 1243 29.58 8.51 11.33
C ASP E 1243 29.71 9.53 12.46
N LEU E 1244 30.06 9.06 13.67
CA LEU E 1244 30.07 9.91 14.84
C LEU E 1244 31.22 10.91 14.81
N ASN E 1245 32.28 10.62 14.03
CA ASN E 1245 33.42 11.51 13.95
C ASN E 1245 33.36 12.37 12.68
N GLY E 1246 32.25 12.27 11.94
CA GLY E 1246 31.93 13.20 10.87
C GLY E 1246 32.51 12.78 9.52
N VAL E 1247 32.66 11.46 9.29
CA VAL E 1247 33.20 10.96 8.03
C VAL E 1247 32.15 10.06 7.38
N CYS E 1248 31.94 10.28 6.08
CA CYS E 1248 31.24 9.33 5.22
C CYS E 1248 32.19 8.23 4.82
N PHE E 1249 31.73 6.98 4.92
CA PHE E 1249 32.55 5.87 4.49
C PHE E 1249 32.62 5.86 2.98
N ASP E 1250 33.85 5.83 2.45
CA ASP E 1250 34.08 5.39 1.09
C ASP E 1250 35.11 4.26 1.11
N SER E 1251 34.76 3.14 0.49
CA SER E 1251 35.68 2.01 0.42
C SER E 1251 36.83 2.32 -0.55
N ARG E 1252 36.66 3.36 -1.37
CA ARG E 1252 37.62 3.63 -2.41
C ARG E 1252 38.90 4.23 -1.83
N PHE E 1253 38.83 4.77 -0.61
CA PHE E 1253 40.00 5.27 0.10
C PHE E 1253 40.99 4.13 0.34
N GLN E 1254 40.48 2.89 0.40
CA GLN E 1254 41.29 1.69 0.50
C GLN E 1254 42.01 1.66 1.84
N ASN E 1255 41.35 2.16 2.89
CA ASN E 1255 41.82 2.01 4.26
C ASN E 1255 41.71 0.54 4.66
N PRO E 1256 42.82 -0.15 5.00
CA PRO E 1256 42.78 -1.58 5.30
C PRO E 1256 42.13 -1.97 6.63
N GLU E 1257 41.82 -0.97 7.48
CA GLU E 1257 41.11 -1.24 8.72
C GLU E 1257 39.63 -1.53 8.46
N TRP E 1258 39.16 -1.26 7.23
CA TRP E 1258 37.75 -1.41 6.90
C TRP E 1258 37.60 -2.21 5.60
N PRO E 1259 36.36 -2.63 5.24
CA PRO E 1259 36.11 -3.22 3.93
C PRO E 1259 36.68 -2.40 2.78
N MET E 1260 37.14 -3.10 1.74
CA MET E 1260 37.85 -2.43 0.65
C MET E 1260 37.09 -2.51 -0.67
N ASP E 1261 35.98 -3.26 -0.65
CA ASP E 1261 35.04 -3.29 -1.76
C ASP E 1261 33.72 -3.82 -1.21
N ALA E 1262 32.70 -3.84 -2.06
CA ALA E 1262 31.37 -4.22 -1.64
C ALA E 1262 31.36 -5.66 -1.14
N ASP E 1263 32.14 -6.53 -1.80
CA ASP E 1263 32.09 -7.95 -1.45
C ASP E 1263 32.75 -8.15 -0.09
N ALA E 1264 33.81 -7.39 0.18
CA ALA E 1264 34.51 -7.45 1.45
C ALA E 1264 33.58 -7.00 2.56
N ASN E 1265 32.78 -5.97 2.25
CA ASN E 1265 31.78 -5.46 3.17
C ASN E 1265 30.81 -6.57 3.54
N GLY E 1266 30.42 -7.37 2.54
CA GLY E 1266 29.57 -8.52 2.76
C GLY E 1266 30.18 -9.49 3.77
N ALA E 1267 31.42 -9.89 3.51
CA ALA E 1267 32.12 -10.86 4.35
C ALA E 1267 32.16 -10.37 5.79
N TYR E 1268 32.42 -9.08 5.95
CA TYR E 1268 32.55 -8.45 7.25
C TYR E 1268 31.22 -8.52 8.02
N HIS E 1269 30.11 -8.16 7.37
CA HIS E 1269 28.83 -8.15 8.03
C HIS E 1269 28.32 -9.58 8.25
N ILE E 1270 28.78 -10.54 7.45
CA ILE E 1270 28.44 -11.92 7.73
C ILE E 1270 29.12 -12.34 9.02
N ALA E 1271 30.42 -12.06 9.11
CA ALA E 1271 31.14 -12.27 10.36
C ALA E 1271 30.39 -11.64 11.54
N LEU E 1272 29.93 -10.40 11.37
CA LEU E 1272 29.39 -9.61 12.46
C LEU E 1272 28.03 -10.16 12.92
N LYS E 1273 27.30 -10.79 11.99
CA LYS E 1273 26.06 -11.47 12.33
C LYS E 1273 26.38 -12.68 13.20
N GLY E 1274 27.48 -13.37 12.85
CA GLY E 1274 27.99 -14.43 13.69
C GLY E 1274 28.34 -13.92 15.08
N GLN E 1275 28.93 -12.71 15.13
CA GLN E 1275 29.29 -12.10 16.40
C GLN E 1275 28.03 -11.77 17.20
N LEU E 1276 26.93 -11.41 16.51
CA LEU E 1276 25.64 -11.19 17.14
C LEU E 1276 25.22 -12.45 17.87
N LEU E 1277 25.23 -13.59 17.15
CA LEU E 1277 24.87 -14.90 17.70
C LEU E 1277 25.71 -15.19 18.95
N LEU E 1278 27.03 -15.05 18.81
CA LEU E 1278 27.96 -15.28 19.90
C LEU E 1278 27.67 -14.36 21.09
N ASN E 1279 27.38 -13.08 20.85
CA ASN E 1279 27.09 -12.13 21.90
CA ASN E 1279 27.10 -12.14 21.93
C ASN E 1279 25.81 -12.55 22.64
N HIS E 1280 24.84 -13.06 21.88
CA HIS E 1280 23.56 -13.50 22.45
C HIS E 1280 23.76 -14.80 23.23
N LEU E 1281 24.79 -15.57 22.89
CA LEU E 1281 25.10 -16.82 23.57
C LEU E 1281 25.57 -16.53 25.00
N LYS E 1282 26.50 -15.59 25.18
CA LYS E 1282 27.10 -15.34 26.48
C LYS E 1282 26.03 -14.87 27.46
N GLU E 1283 25.12 -14.02 26.95
CA GLU E 1283 24.05 -13.45 27.76
C GLU E 1283 23.01 -14.51 28.09
N SER E 1284 22.88 -15.53 27.22
CA SER E 1284 21.95 -16.62 27.40
C SER E 1284 22.29 -17.42 28.66
N LYS E 1285 21.27 -18.05 29.24
CA LYS E 1285 21.44 -18.97 30.37
C LYS E 1285 21.78 -20.37 29.85
N ASP E 1286 21.39 -20.66 28.61
CA ASP E 1286 21.46 -21.99 28.02
C ASP E 1286 22.69 -22.11 27.12
N LEU E 1287 22.88 -23.32 26.56
CA LEU E 1287 23.88 -23.58 25.54
C LEU E 1287 23.19 -23.71 24.17
N LYS E 1288 22.06 -23.00 24.00
CA LYS E 1288 21.31 -23.03 22.76
C LYS E 1288 21.52 -21.71 22.03
N LEU E 1289 21.79 -21.81 20.71
CA LEU E 1289 21.96 -20.66 19.84
C LEU E 1289 20.59 -20.20 19.36
N GLN E 1290 20.39 -18.88 19.20
CA GLN E 1290 19.13 -18.39 18.70
C GLN E 1290 18.97 -18.82 17.24
N ASN E 1291 17.73 -19.07 16.84
CA ASN E 1291 17.44 -19.67 15.55
C ASN E 1291 17.03 -18.57 14.58
N GLY E 1292 17.98 -18.14 13.74
CA GLY E 1292 17.75 -17.08 12.78
C GLY E 1292 18.06 -15.70 13.36
N ILE E 1293 18.10 -14.70 12.48
CA ILE E 1293 18.31 -13.31 12.86
C ILE E 1293 17.39 -12.46 11.98
N SER E 1294 16.38 -11.85 12.59
CA SER E 1294 15.49 -10.99 11.83
C SER E 1294 16.25 -9.72 11.48
N ASN E 1295 16.05 -9.26 10.24
CA ASN E 1295 16.63 -8.02 9.75
C ASN E 1295 16.56 -6.93 10.82
N GLN E 1296 15.44 -6.84 11.54
CA GLN E 1296 15.28 -5.77 12.51
C GLN E 1296 16.29 -5.94 13.65
N ASP E 1297 16.42 -7.17 14.17
CA ASP E 1297 17.33 -7.43 15.27
C ASP E 1297 18.74 -7.03 14.82
N TRP E 1298 19.11 -7.53 13.63
CA TRP E 1298 20.39 -7.25 13.00
C TRP E 1298 20.67 -5.75 13.04
N LEU E 1299 19.72 -4.96 12.56
CA LEU E 1299 19.94 -3.54 12.35
C LEU E 1299 20.03 -2.81 13.69
N ALA E 1300 19.15 -3.14 14.65
CA ALA E 1300 19.18 -2.49 15.95
C ALA E 1300 20.48 -2.82 16.67
N TYR E 1301 20.95 -4.06 16.50
CA TYR E 1301 22.18 -4.54 17.10
C TYR E 1301 23.34 -3.68 16.60
N ILE E 1302 23.55 -3.68 15.28
CA ILE E 1302 24.76 -3.13 14.68
C ILE E 1302 24.73 -1.60 14.75
N GLN E 1303 23.54 -1.00 14.60
CA GLN E 1303 23.41 0.45 14.66
C GLN E 1303 23.75 0.94 16.07
N GLU E 1304 23.33 0.18 17.09
CA GLU E 1304 23.60 0.56 18.47
C GLU E 1304 25.10 0.46 18.75
N LEU E 1305 25.77 -0.53 18.15
CA LEU E 1305 27.20 -0.72 18.39
C LEU E 1305 27.99 0.47 17.86
N ARG E 1306 27.50 1.08 16.77
CA ARG E 1306 28.33 2.00 16.00
C ARG E 1306 27.97 3.45 16.29
N ASN E 1307 27.02 3.70 17.21
CA ASN E 1307 26.54 5.05 17.45
C ASN E 1307 26.48 5.35 18.96
#